data_1OJD
#
_entry.id   1OJD
#
_cell.length_a   108.405
_cell.length_b   132.431
_cell.length_c   154.838
_cell.angle_alpha   90.14
_cell.angle_beta   90.45
_cell.angle_gamma   114.02
#
_symmetry.space_group_name_H-M   'P 1'
#
loop_
_entity.id
_entity.type
_entity.pdbx_description
1 polymer 'AMINE OXIDASE [FLAVIN-CONTAINING] B'
2 non-polymer 'FLAVIN-ADENINE DINUCLEOTIDE'
3 non-polymer 'LAURYL DIMETHYLAMINE-N-OXIDE'
#
_entity_poly.entity_id   1
_entity_poly.type   'polypeptide(L)'
_entity_poly.pdbx_seq_one_letter_code
;MSNKCDVVVVGGGISGMAAAKLLHDSGLNVVVLEARDRVGGRTYTLRNQKVKYVDLGGSYVGPTQNRILRLAKELGLETY
KVNEVERLIHHVKGKSYPFRGPFPPVWNPITYLDHNNFWRTMDDMGREIPSDAPWKAPLAEEWDNMTMKELLDKLCWTES
AKQLATLFVNLCVTAETHEVSALWFLWYVKQCGGTTRIISTTNGGQERKFVGGSGQVSERIMDLLGDRVKLERPVIYIDQ
TRENVLVETLNHEMYEAKYVISAIPPTLGMKIHFNPPLPMMRNQMITRVPLGSVIKCIVYYKEPFWRKKDYCGTMIIDGE
EAPVAYTLDDTKPEGNYAAIMGFILAHKARKLARLTKEERLKKLCELYAKVLGSLEALEPVHYEEKNWCEEQYSGGCYTT
YFPPGILTQYGRVLRQPVDRIYFAGTETATHWSGYMEGAVEAGERAAREILHAMGKIPEDEIWQSEPESVDVPAQPITTT
FLERHLPSVPGLLRLIGLTTIFSATALGFLAHKRGLLVRV
;
_entity_poly.pdbx_strand_id   A,B,C,D,E,F,G,H,I,L
#
# COMPACT_ATOMS: atom_id res chain seq x y z
N LYS A 4 24.76 37.31 58.59
CA LYS A 4 24.79 38.48 57.69
C LYS A 4 23.45 38.38 57.11
N CYS A 5 22.61 39.33 57.46
CA CYS A 5 21.22 39.16 57.10
C CYS A 5 20.47 40.51 56.85
N ASP A 6 20.18 40.78 55.57
CA ASP A 6 19.16 41.73 55.13
C ASP A 6 17.76 41.13 55.26
N VAL A 7 17.54 39.96 54.66
CA VAL A 7 16.29 39.23 54.70
C VAL A 7 16.52 37.85 55.31
N VAL A 8 15.70 37.44 56.27
CA VAL A 8 15.68 36.05 56.74
C VAL A 8 14.53 35.31 56.05
N VAL A 9 14.83 34.22 55.36
CA VAL A 9 13.79 33.42 54.74
C VAL A 9 13.48 32.23 55.67
N VAL A 10 12.24 32.13 56.14
CA VAL A 10 11.80 30.95 56.85
C VAL A 10 11.21 30.04 55.82
N GLY A 11 11.65 28.79 55.81
CA GLY A 11 11.19 27.85 54.79
C GLY A 11 12.23 27.52 53.73
N GLY A 12 12.70 26.29 53.77
CA GLY A 12 13.71 25.87 52.82
C GLY A 12 13.20 25.03 51.65
N GLY A 13 11.93 25.17 51.28
CA GLY A 13 11.39 24.46 50.12
C GLY A 13 11.60 25.22 48.83
N ILE A 14 10.89 24.84 47.77
CA ILE A 14 11.17 25.45 46.47
C ILE A 14 10.89 26.94 46.53
N SER A 15 9.80 27.33 47.19
CA SER A 15 9.41 28.74 47.30
C SER A 15 10.44 29.59 48.07
N GLY A 16 10.81 29.15 49.27
CA GLY A 16 11.85 29.83 50.03
C GLY A 16 13.13 29.95 49.27
N MET A 17 13.59 28.87 48.64
CA MET A 17 14.83 28.90 47.85
C MET A 17 14.70 29.82 46.61
N ALA A 18 13.64 29.63 45.84
CA ALA A 18 13.39 30.49 44.69
C ALA A 18 13.57 31.95 45.07
N ALA A 19 13.10 32.28 46.27
CA ALA A 19 13.15 33.63 46.81
C ALA A 19 14.53 33.98 47.27
N ALA A 20 15.11 33.12 48.10
CA ALA A 20 16.46 33.30 48.60
C ALA A 20 17.43 33.61 47.46
N LYS A 21 17.29 32.88 46.37
CA LYS A 21 18.11 33.11 45.19
C LYS A 21 17.85 34.45 44.54
N LEU A 22 16.59 34.85 44.37
CA LEU A 22 16.31 36.11 43.67
C LEU A 22 16.96 37.28 44.39
N LEU A 23 16.87 37.26 45.70
CA LEU A 23 17.42 38.30 46.53
C LEU A 23 18.94 38.24 46.44
N HIS A 24 19.49 37.04 46.59
CA HIS A 24 20.93 36.85 46.52
C HIS A 24 21.49 37.37 45.20
N ASP A 25 20.83 37.07 44.09
CA ASP A 25 21.31 37.46 42.77
C ASP A 25 21.29 38.98 42.66
N SER A 26 20.46 39.62 43.48
CA SER A 26 20.32 41.08 43.44
C SER A 26 21.21 41.77 44.45
N GLY A 27 22.21 41.05 44.94
CA GLY A 27 23.21 41.59 45.84
C GLY A 27 22.79 41.86 47.27
N LEU A 28 21.84 41.08 47.80
CA LEU A 28 21.46 41.20 49.21
C LEU A 28 21.99 40.04 50.03
N ASN A 29 22.25 40.29 51.29
CA ASN A 29 22.66 39.17 52.17
C ASN A 29 21.45 38.46 52.72
N VAL A 30 21.21 37.21 52.29
CA VAL A 30 20.07 36.45 52.79
C VAL A 30 20.46 35.31 53.71
N VAL A 31 19.48 34.68 54.33
CA VAL A 31 19.68 33.46 55.11
C VAL A 31 18.42 32.64 55.04
N VAL A 32 18.58 31.35 54.79
CA VAL A 32 17.46 30.44 54.79
C VAL A 32 17.54 29.60 56.06
N LEU A 33 16.47 29.62 56.84
CA LEU A 33 16.40 28.82 58.05
C LEU A 33 15.45 27.70 57.78
N GLU A 34 15.95 26.47 57.85
CA GLU A 34 15.15 25.31 57.52
C GLU A 34 15.08 24.28 58.64
N ALA A 35 13.87 23.89 59.01
CA ALA A 35 13.60 23.06 60.17
C ALA A 35 14.15 21.66 60.04
N ARG A 36 13.98 21.09 58.84
CA ARG A 36 14.38 19.72 58.51
C ARG A 36 15.88 19.60 58.27
N ASP A 37 16.39 18.37 58.16
CA ASP A 37 17.79 18.16 57.81
C ASP A 37 18.03 18.05 56.30
N ARG A 38 17.14 18.65 55.50
CA ARG A 38 17.20 18.63 54.04
C ARG A 38 16.38 19.80 53.48
N VAL A 39 16.77 20.34 52.34
CA VAL A 39 15.88 21.30 51.69
C VAL A 39 14.89 20.48 50.85
N GLY A 40 13.95 21.15 50.18
CA GLY A 40 12.96 20.46 49.36
C GLY A 40 11.51 20.48 49.86
N GLY A 41 11.31 20.21 51.15
CA GLY A 41 9.99 20.30 51.75
C GLY A 41 9.02 19.26 51.24
N ARG A 42 8.08 19.71 50.46
CA ARG A 42 7.09 18.79 49.93
C ARG A 42 7.55 18.12 48.66
N THR A 43 8.76 18.46 48.21
CA THR A 43 9.51 17.65 47.26
C THR A 43 10.59 16.97 48.05
N TYR A 44 10.78 15.68 47.77
CA TYR A 44 11.83 14.86 48.40
C TYR A 44 12.23 13.80 47.41
N THR A 45 13.49 13.81 47.00
CA THR A 45 13.95 12.78 46.06
C THR A 45 14.80 11.74 46.77
N LEU A 46 14.25 10.53 46.92
CA LEU A 46 14.97 9.43 47.58
C LEU A 46 15.96 8.85 46.60
N ARG A 47 17.17 8.64 47.10
CA ARG A 47 18.20 8.03 46.29
C ARG A 47 18.69 6.80 47.04
N ASN A 48 18.58 5.65 46.35
CA ASN A 48 19.14 4.37 46.80
C ASN A 48 19.31 3.40 45.65
N GLN A 49 19.92 2.26 45.91
CA GLN A 49 20.42 1.39 44.85
C GLN A 49 19.33 0.65 44.07
N LYS A 50 18.26 0.32 44.78
CA LYS A 50 17.17 -0.45 44.22
C LYS A 50 16.33 0.41 43.32
N VAL A 51 16.50 1.72 43.43
CA VAL A 51 15.56 2.71 42.94
C VAL A 51 16.21 3.73 42.04
N LYS A 52 17.54 3.79 42.10
CA LYS A 52 18.34 4.90 41.56
C LYS A 52 17.93 6.21 42.24
N TYR A 53 16.90 6.86 41.70
CA TYR A 53 16.23 7.99 42.36
C TYR A 53 14.70 7.81 42.29
N VAL A 54 13.97 8.31 43.28
CA VAL A 54 12.49 8.38 43.22
C VAL A 54 11.90 9.64 43.87
N ASP A 55 10.93 10.27 43.21
CA ASP A 55 10.24 11.40 43.83
C ASP A 55 9.14 10.89 44.71
N LEU A 56 9.32 11.05 46.01
CA LEU A 56 8.32 10.64 46.97
C LEU A 56 7.35 11.79 47.26
N GLY A 57 7.72 13.01 46.83
CA GLY A 57 6.91 14.20 47.01
C GLY A 57 6.51 14.75 45.66
N GLY A 58 6.58 16.07 45.52
CA GLY A 58 6.17 16.79 44.32
C GLY A 58 7.01 16.41 43.15
N SER A 59 6.38 16.16 42.00
CA SER A 59 7.04 15.47 40.88
C SER A 59 6.76 15.96 39.46
N TYR A 60 5.50 15.99 39.04
CA TYR A 60 5.19 16.28 37.63
C TYR A 60 5.23 17.79 37.34
N VAL A 61 5.65 18.12 36.12
CA VAL A 61 5.58 19.50 35.58
C VAL A 61 5.00 19.46 34.17
N GLY A 62 4.37 20.53 33.74
CA GLY A 62 3.76 20.50 32.42
C GLY A 62 3.80 21.82 31.66
N PRO A 63 3.25 21.80 30.44
CA PRO A 63 3.07 23.05 29.68
C PRO A 63 2.28 24.09 30.51
N THR A 64 2.65 25.37 30.36
CA THR A 64 2.14 26.55 31.09
C THR A 64 2.76 26.71 32.48
N GLN A 65 3.54 25.73 32.89
CA GLN A 65 4.21 25.84 34.20
C GLN A 65 5.57 26.40 33.96
N ASN A 66 5.61 27.57 33.32
CA ASN A 66 6.86 28.14 32.83
C ASN A 66 7.89 28.54 33.88
N ARG A 67 7.46 28.95 35.05
CA ARG A 67 8.41 29.42 36.03
C ARG A 67 9.31 28.30 36.53
N ILE A 68 8.71 27.20 37.00
CA ILE A 68 9.51 26.10 37.54
C ILE A 68 10.37 25.50 36.41
N LEU A 69 9.79 25.41 35.21
CA LEU A 69 10.51 24.97 34.04
C LEU A 69 11.75 25.82 33.79
N ARG A 70 11.61 27.14 33.83
CA ARG A 70 12.76 28.07 33.68
C ARG A 70 13.81 27.95 34.79
N LEU A 71 13.38 27.97 36.04
CA LEU A 71 14.30 27.91 37.18
C LEU A 71 15.03 26.59 37.11
N ALA A 72 14.34 25.54 36.69
CA ALA A 72 14.96 24.22 36.57
C ALA A 72 16.04 24.16 35.50
N LYS A 73 15.73 24.73 34.34
CA LYS A 73 16.67 24.77 33.23
C LYS A 73 17.97 25.46 33.62
N GLU A 74 17.85 26.70 34.09
CA GLU A 74 18.99 27.51 34.54
C GLU A 74 19.83 26.80 35.59
N LEU A 75 19.19 25.98 36.42
CA LEU A 75 19.89 25.22 37.44
C LEU A 75 20.59 23.96 36.86
N GLY A 76 20.36 23.70 35.57
CA GLY A 76 21.02 22.61 34.88
C GLY A 76 20.16 21.40 34.55
N LEU A 77 18.88 21.42 34.94
CA LEU A 77 18.05 20.21 34.90
C LEU A 77 17.35 19.99 33.56
N GLU A 78 16.97 18.74 33.31
CA GLU A 78 16.27 18.34 32.08
C GLU A 78 15.00 17.55 32.39
N THR A 79 13.99 17.60 31.53
CA THR A 79 12.77 16.80 31.77
C THR A 79 12.63 15.65 30.79
N TYR A 80 11.75 14.72 31.11
CA TYR A 80 11.42 13.66 30.17
C TYR A 80 9.94 13.41 30.20
N LYS A 81 9.37 12.90 29.12
CA LYS A 81 7.92 12.68 29.09
C LYS A 81 7.47 11.46 29.89
N VAL A 82 6.48 11.67 30.75
CA VAL A 82 5.80 10.57 31.45
C VAL A 82 5.22 9.67 30.36
N ASN A 83 5.24 8.36 30.57
CA ASN A 83 4.79 7.46 29.53
C ASN A 83 3.29 7.46 29.26
N GLU A 84 2.90 7.91 28.07
CA GLU A 84 1.52 7.72 27.64
C GLU A 84 1.33 7.13 26.25
N VAL A 85 2.28 6.33 25.78
CA VAL A 85 2.22 5.83 24.40
C VAL A 85 1.05 4.88 24.18
N GLU A 86 0.85 3.94 25.12
CA GLU A 86 -0.15 2.89 24.99
C GLU A 86 -1.51 3.31 25.56
N ARG A 87 -2.36 2.36 25.91
CA ARG A 87 -3.74 2.70 26.21
C ARG A 87 -3.90 2.96 27.69
N LEU A 88 -4.80 3.86 28.09
CA LEU A 88 -5.10 4.04 29.51
C LEU A 88 -6.21 3.10 29.92
N ILE A 89 -6.37 2.85 31.20
CA ILE A 89 -7.46 2.01 31.69
C ILE A 89 -8.39 2.74 32.66
N HIS A 90 -9.68 2.73 32.34
CA HIS A 90 -10.73 3.07 33.26
C HIS A 90 -11.25 1.72 33.81
N HIS A 91 -11.10 1.50 35.11
CA HIS A 91 -11.57 0.29 35.73
C HIS A 91 -12.82 0.59 36.52
N VAL A 92 -13.97 0.13 36.02
CA VAL A 92 -15.25 0.42 36.66
C VAL A 92 -16.18 -0.76 36.82
N LYS A 93 -16.78 -0.84 38.01
CA LYS A 93 -17.62 -1.95 38.48
C LYS A 93 -16.98 -3.31 38.24
N GLY A 94 -15.74 -3.42 38.68
CA GLY A 94 -15.00 -4.65 38.59
C GLY A 94 -14.34 -5.02 37.27
N LYS A 95 -14.42 -4.17 36.24
CA LYS A 95 -13.95 -4.55 34.90
C LYS A 95 -13.04 -3.45 34.34
N SER A 96 -12.11 -3.80 33.45
CA SER A 96 -11.21 -2.79 32.84
C SER A 96 -11.52 -2.42 31.41
N TYR A 97 -11.71 -1.13 31.14
CA TYR A 97 -12.01 -0.65 29.78
C TYR A 97 -10.89 0.26 29.33
N PRO A 98 -10.14 -0.17 28.33
CA PRO A 98 -9.04 0.62 27.77
C PRO A 98 -9.55 1.77 26.94
N PHE A 99 -8.77 2.83 26.82
CA PHE A 99 -9.17 3.99 26.05
C PHE A 99 -7.99 4.88 25.70
N ARG A 100 -8.25 5.92 24.90
CA ARG A 100 -7.26 6.94 24.52
C ARG A 100 -7.81 8.34 24.80
N GLY A 101 -6.96 9.36 24.70
CA GLY A 101 -7.35 10.74 25.05
C GLY A 101 -7.44 10.95 26.56
N PRO A 102 -7.75 12.15 27.01
CA PRO A 102 -7.70 12.50 28.44
C PRO A 102 -8.84 11.91 29.28
N PHE A 103 -10.02 11.79 28.68
CA PHE A 103 -11.24 11.43 29.38
C PHE A 103 -11.65 10.06 28.96
N PRO A 104 -12.01 9.21 29.94
CA PRO A 104 -12.51 7.87 29.65
C PRO A 104 -13.84 8.04 28.98
N PRO A 105 -14.13 7.25 27.95
CA PRO A 105 -15.32 7.49 27.12
C PRO A 105 -16.55 6.93 27.80
N VAL A 106 -17.70 7.52 27.49
CA VAL A 106 -18.94 7.05 28.06
C VAL A 106 -19.94 6.83 26.92
N TRP A 107 -20.71 5.74 26.99
CA TRP A 107 -21.43 5.29 25.80
C TRP A 107 -22.89 5.63 25.81
N ASN A 108 -23.51 5.44 26.97
CA ASN A 108 -24.90 5.83 27.19
C ASN A 108 -25.14 7.32 26.83
N PRO A 109 -26.10 7.65 25.97
CA PRO A 109 -26.21 9.03 25.47
C PRO A 109 -26.64 10.02 26.57
N ILE A 110 -27.51 9.58 27.47
CA ILE A 110 -27.95 10.41 28.59
C ILE A 110 -26.75 10.71 29.48
N THR A 111 -26.17 9.68 30.10
CA THR A 111 -24.92 9.83 30.84
C THR A 111 -23.88 10.71 30.12
N TYR A 112 -23.74 10.54 28.82
CA TYR A 112 -22.80 11.34 28.08
C TYR A 112 -23.14 12.81 28.22
N LEU A 113 -24.41 13.16 28.14
CA LEU A 113 -24.78 14.57 28.16
C LEU A 113 -24.37 15.17 29.52
N ASP A 114 -24.67 14.42 30.57
CA ASP A 114 -24.45 14.77 31.96
C ASP A 114 -22.98 14.98 32.24
N HIS A 115 -22.15 14.03 31.78
CA HIS A 115 -20.70 14.11 31.95
C HIS A 115 -20.20 15.35 31.25
N ASN A 116 -20.57 15.52 30.00
CA ASN A 116 -20.01 16.60 29.25
C ASN A 116 -20.43 17.94 29.89
N ASN A 117 -21.66 17.99 30.35
CA ASN A 117 -22.09 19.20 31.01
C ASN A 117 -21.36 19.50 32.32
N PHE A 118 -21.10 18.48 33.16
CA PHE A 118 -20.28 18.64 34.38
C PHE A 118 -18.91 19.29 34.14
N TRP A 119 -18.11 18.70 33.29
CA TRP A 119 -16.78 19.24 33.02
C TRP A 119 -16.89 20.67 32.50
N ARG A 120 -17.96 20.93 31.78
CA ARG A 120 -18.06 22.18 31.07
C ARG A 120 -18.48 23.28 32.03
N THR A 121 -19.27 22.90 33.01
CA THR A 121 -19.80 23.83 33.99
C THR A 121 -18.75 24.17 35.03
N MET A 122 -17.85 23.25 35.35
CA MET A 122 -16.71 23.54 36.21
C MET A 122 -16.04 24.71 35.60
N ASP A 123 -15.83 24.63 34.30
CA ASP A 123 -15.04 25.60 33.59
C ASP A 123 -15.82 26.89 33.41
N ASP A 124 -17.14 26.76 33.24
CA ASP A 124 -18.02 27.94 33.06
C ASP A 124 -18.03 28.80 34.32
N MET A 125 -18.37 28.18 35.44
CA MET A 125 -18.24 28.76 36.75
C MET A 125 -16.86 29.35 37.05
N GLY A 126 -15.81 28.71 36.57
CA GLY A 126 -14.48 29.18 36.81
C GLY A 126 -14.22 30.49 36.14
N ARG A 127 -14.79 30.70 34.96
CA ARG A 127 -14.49 31.89 34.17
C ARG A 127 -14.89 33.17 34.90
N GLU A 128 -15.74 32.97 35.91
CA GLU A 128 -16.30 34.01 36.75
C GLU A 128 -15.43 34.33 37.98
N ILE A 129 -14.35 33.59 38.18
CA ILE A 129 -13.56 33.74 39.40
C ILE A 129 -12.17 34.24 39.06
N PRO A 130 -11.79 35.40 39.57
CA PRO A 130 -10.44 35.95 39.35
C PRO A 130 -9.34 35.26 40.14
N SER A 131 -8.22 34.91 39.51
CA SER A 131 -7.17 34.16 40.16
C SER A 131 -6.59 34.95 41.31
N ASP A 132 -6.09 36.13 40.93
CA ASP A 132 -5.95 37.36 41.69
C ASP A 132 -6.70 37.46 43.02
N ALA A 133 -8.02 37.25 42.98
CA ALA A 133 -8.90 37.45 44.15
C ALA A 133 -10.25 36.71 43.99
N PRO A 134 -10.27 35.40 44.27
CA PRO A 134 -11.47 34.59 44.06
C PRO A 134 -12.67 35.08 44.85
N TRP A 135 -12.43 35.77 45.94
CA TRP A 135 -13.48 36.27 46.78
C TRP A 135 -14.27 37.43 46.17
N LYS A 136 -13.79 37.95 45.04
CA LYS A 136 -14.46 39.03 44.29
C LYS A 136 -15.36 38.51 43.18
N ALA A 137 -15.53 37.21 43.12
CA ALA A 137 -16.47 36.60 42.20
C ALA A 137 -17.85 37.12 42.50
N PRO A 138 -18.62 37.37 41.45
CA PRO A 138 -20.00 37.78 41.62
C PRO A 138 -20.76 36.92 42.60
N LEU A 139 -20.59 35.60 42.59
CA LEU A 139 -21.35 34.78 43.51
C LEU A 139 -20.53 34.19 44.65
N ALA A 140 -19.45 34.89 45.01
CA ALA A 140 -18.51 34.41 45.99
C ALA A 140 -19.19 33.84 47.23
N GLU A 141 -20.09 34.60 47.85
CA GLU A 141 -20.75 34.15 49.09
C GLU A 141 -21.43 32.86 48.88
N GLU A 142 -22.29 32.81 47.87
CA GLU A 142 -23.13 31.64 47.66
C GLU A 142 -22.28 30.42 47.44
N TRP A 143 -21.27 30.57 46.57
CA TRP A 143 -20.44 29.46 46.15
C TRP A 143 -19.56 29.01 47.29
N ASP A 144 -19.00 29.98 48.04
CA ASP A 144 -18.13 29.68 49.17
C ASP A 144 -18.89 29.12 50.35
N ASN A 145 -20.20 29.37 50.44
CA ASN A 145 -20.99 28.93 51.59
C ASN A 145 -21.45 27.49 51.41
N MET A 146 -20.97 26.85 50.36
CA MET A 146 -21.52 25.60 49.90
C MET A 146 -20.39 24.64 49.56
N THR A 147 -20.52 23.35 49.87
CA THR A 147 -19.41 22.41 49.70
C THR A 147 -19.37 21.87 48.28
N MET A 148 -18.27 21.21 47.91
CA MET A 148 -18.20 20.60 46.57
C MET A 148 -19.21 19.46 46.38
N LYS A 149 -19.54 18.77 47.48
CA LYS A 149 -20.47 17.67 47.50
C LYS A 149 -21.84 18.17 47.21
N GLU A 150 -22.15 19.34 47.74
CA GLU A 150 -23.42 20.00 47.51
C GLU A 150 -23.55 20.34 46.07
N LEU A 151 -22.53 21.02 45.51
CA LEU A 151 -22.55 21.43 44.12
C LEU A 151 -22.69 20.22 43.22
N LEU A 152 -22.00 19.14 43.57
CA LEU A 152 -22.06 17.94 42.77
C LEU A 152 -23.43 17.33 42.85
N ASP A 153 -24.00 17.26 44.03
CA ASP A 153 -25.33 16.68 44.20
C ASP A 153 -26.34 17.43 43.34
N LYS A 154 -26.11 18.71 43.13
CA LYS A 154 -26.99 19.59 42.39
C LYS A 154 -26.80 19.47 40.90
N LEU A 155 -25.55 19.37 40.47
CA LEU A 155 -25.15 19.44 39.08
C LEU A 155 -25.26 18.14 38.28
N CYS A 156 -25.21 17.00 38.97
CA CYS A 156 -25.02 15.69 38.35
C CYS A 156 -26.27 14.86 38.40
N TRP A 157 -26.81 14.57 37.22
CA TRP A 157 -28.06 13.83 37.15
C TRP A 157 -27.85 12.31 37.16
N THR A 158 -26.60 11.87 36.90
CA THR A 158 -26.25 10.46 36.86
C THR A 158 -25.28 10.11 37.95
N GLU A 159 -25.44 8.94 38.56
CA GLU A 159 -24.46 8.44 39.51
C GLU A 159 -23.09 8.28 38.88
N SER A 160 -23.03 7.92 37.60
CA SER A 160 -21.74 7.75 36.94
C SER A 160 -20.94 9.04 36.93
N ALA A 161 -21.61 10.17 36.79
CA ALA A 161 -20.91 11.46 36.75
C ALA A 161 -20.54 11.97 38.15
N LYS A 162 -21.39 11.70 39.12
CA LYS A 162 -21.12 12.08 40.49
C LYS A 162 -19.84 11.40 40.93
N GLN A 163 -19.70 10.15 40.53
CA GLN A 163 -18.54 9.37 40.94
C GLN A 163 -17.22 9.84 40.32
N LEU A 164 -17.22 10.08 39.02
CA LEU A 164 -16.05 10.61 38.34
C LEU A 164 -15.66 11.98 38.85
N ALA A 165 -16.64 12.84 39.08
CA ALA A 165 -16.44 14.17 39.63
C ALA A 165 -15.80 14.11 41.02
N THR A 166 -16.34 13.26 41.90
CA THR A 166 -15.75 12.98 43.22
C THR A 166 -14.28 12.53 43.15
N LEU A 167 -13.99 11.50 42.35
CA LEU A 167 -12.63 11.07 42.12
C LEU A 167 -11.82 12.26 41.67
N PHE A 168 -12.29 13.01 40.68
CA PHE A 168 -11.64 14.21 40.26
C PHE A 168 -11.29 15.17 41.41
N VAL A 169 -12.23 15.37 42.32
CA VAL A 169 -11.95 16.24 43.46
C VAL A 169 -10.94 15.59 44.37
N ASN A 170 -11.22 14.39 44.85
CA ASN A 170 -10.25 13.62 45.63
C ASN A 170 -8.82 13.66 45.09
N LEU A 171 -8.68 13.50 43.80
CA LEU A 171 -7.39 13.42 43.18
C LEU A 171 -6.70 14.78 43.06
N CYS A 172 -7.45 15.85 42.86
CA CYS A 172 -6.83 17.15 42.74
C CYS A 172 -6.38 17.79 44.05
N VAL A 173 -7.14 17.57 45.11
CA VAL A 173 -6.95 18.33 46.34
C VAL A 173 -6.88 17.45 47.59
N THR A 174 -6.84 16.14 47.40
CA THR A 174 -6.58 15.16 48.47
C THR A 174 -7.50 15.41 49.65
N ALA A 175 -8.76 15.66 49.32
CA ALA A 175 -9.76 15.92 50.33
C ALA A 175 -11.09 15.44 49.82
N GLU A 176 -12.06 15.36 50.73
CA GLU A 176 -13.39 14.87 50.37
C GLU A 176 -14.22 16.01 49.82
N THR A 177 -15.24 15.71 49.04
CA THR A 177 -15.96 16.80 48.42
C THR A 177 -16.69 17.52 49.50
N HIS A 178 -17.08 16.80 50.56
CA HIS A 178 -17.81 17.41 51.66
C HIS A 178 -16.90 18.20 52.57
N GLU A 179 -15.60 18.15 52.32
CA GLU A 179 -14.63 18.86 53.16
C GLU A 179 -14.37 20.26 52.66
N VAL A 180 -14.56 20.47 51.36
CA VAL A 180 -14.03 21.67 50.73
C VAL A 180 -15.10 22.63 50.23
N SER A 181 -14.80 23.91 50.26
CA SER A 181 -15.71 24.88 49.69
C SER A 181 -15.72 24.87 48.19
N ALA A 182 -16.89 24.88 47.59
CA ALA A 182 -17.07 24.98 46.15
C ALA A 182 -16.34 26.17 45.52
N LEU A 183 -16.48 27.35 46.10
CA LEU A 183 -15.83 28.50 45.54
C LEU A 183 -14.34 28.22 45.38
N TRP A 184 -13.70 27.72 46.45
CA TRP A 184 -12.27 27.51 46.49
C TRP A 184 -11.90 26.46 45.47
N PHE A 185 -12.66 25.38 45.41
CA PHE A 185 -12.28 24.30 44.50
C PHE A 185 -12.33 24.78 43.06
N LEU A 186 -13.34 25.56 42.72
CA LEU A 186 -13.51 26.03 41.37
C LEU A 186 -12.41 26.98 41.04
N TRP A 187 -11.99 27.78 42.02
CA TRP A 187 -10.83 28.65 41.86
C TRP A 187 -9.57 27.87 41.56
N TYR A 188 -9.33 26.86 42.38
CA TYR A 188 -8.17 26.01 42.25
C TYR A 188 -7.97 25.48 40.83
N VAL A 189 -9.06 24.90 40.28
CA VAL A 189 -9.02 24.23 39.01
C VAL A 189 -8.79 25.25 37.95
N LYS A 190 -9.48 26.38 38.04
CA LYS A 190 -9.34 27.43 37.02
C LYS A 190 -7.98 28.12 36.99
N GLN A 191 -7.31 28.28 38.13
CA GLN A 191 -5.99 28.91 38.18
C GLN A 191 -4.92 27.98 37.67
N CYS A 192 -5.30 26.76 37.31
CA CYS A 192 -4.38 25.87 36.59
C CYS A 192 -4.63 25.85 35.06
N GLY A 193 -5.77 26.37 34.62
CA GLY A 193 -6.10 26.42 33.22
C GLY A 193 -7.30 25.56 32.84
N GLY A 194 -8.14 25.27 33.83
CA GLY A 194 -9.36 24.51 33.63
C GLY A 194 -9.16 23.02 33.70
N THR A 195 -10.28 22.31 33.57
CA THR A 195 -10.30 20.88 33.70
C THR A 195 -9.36 20.10 32.76
N THR A 196 -9.39 20.38 31.47
CA THR A 196 -8.51 19.66 30.55
C THR A 196 -7.07 19.82 30.94
N ARG A 197 -6.65 21.04 31.22
CA ARG A 197 -5.23 21.24 31.55
C ARG A 197 -4.82 20.45 32.82
N ILE A 198 -5.66 20.51 33.84
CA ILE A 198 -5.29 19.92 35.10
C ILE A 198 -5.27 18.42 35.03
N ILE A 199 -6.19 17.81 34.26
CA ILE A 199 -6.33 16.36 34.26
C ILE A 199 -5.44 15.67 33.24
N SER A 200 -4.91 16.44 32.28
CA SER A 200 -4.13 15.86 31.18
C SER A 200 -2.70 15.48 31.48
N THR A 201 -2.31 14.28 31.05
CA THR A 201 -0.90 13.90 30.98
C THR A 201 -0.24 14.55 29.76
N THR A 202 -0.40 13.97 28.57
CA THR A 202 0.04 14.63 27.34
C THR A 202 -0.65 15.99 27.29
N ASN A 203 0.14 17.04 27.09
CA ASN A 203 -0.33 18.43 27.04
C ASN A 203 -1.09 18.91 28.29
N GLY A 204 -0.70 18.44 29.46
CA GLY A 204 -1.23 18.95 30.69
C GLY A 204 -0.27 18.85 31.87
N GLY A 205 -0.84 18.84 33.06
CA GLY A 205 -0.08 19.02 34.27
C GLY A 205 0.83 17.86 34.59
N GLN A 206 0.47 16.68 34.10
CA GLN A 206 1.29 15.51 34.39
C GLN A 206 2.18 15.06 33.22
N GLU A 207 2.53 15.99 32.32
CA GLU A 207 3.24 15.62 31.10
C GLU A 207 4.64 15.06 31.34
N ARG A 208 5.34 15.67 32.28
CA ARG A 208 6.77 15.42 32.42
C ARG A 208 7.24 15.34 33.88
N LYS A 209 8.43 14.77 34.04
CA LYS A 209 9.15 14.76 35.32
C LYS A 209 10.57 15.22 35.06
N PHE A 210 11.27 15.60 36.12
CA PHE A 210 12.68 16.00 35.99
C PHE A 210 13.55 14.76 36.04
N VAL A 211 14.51 14.69 35.11
CA VAL A 211 15.55 13.68 35.14
C VAL A 211 16.33 13.84 36.43
N GLY A 212 16.34 12.79 37.24
CA GLY A 212 17.16 12.77 38.44
C GLY A 212 16.46 13.29 39.69
N GLY A 213 15.24 13.78 39.51
CA GLY A 213 14.40 14.13 40.64
C GLY A 213 14.10 15.61 40.72
N SER A 214 13.11 16.00 41.51
CA SER A 214 12.85 17.42 41.69
C SER A 214 13.50 18.00 42.94
N GLY A 215 13.92 17.13 43.87
CA GLY A 215 14.68 17.56 45.02
C GLY A 215 15.86 18.35 44.52
N GLN A 216 16.34 17.96 43.33
CA GLN A 216 17.45 18.63 42.68
C GLN A 216 17.28 20.12 42.61
N VAL A 217 16.05 20.61 42.46
CA VAL A 217 15.80 22.04 42.29
C VAL A 217 16.26 22.85 43.48
N SER A 218 15.82 22.47 44.67
CA SER A 218 16.18 23.24 45.86
C SER A 218 17.58 22.91 46.34
N GLU A 219 18.00 21.68 46.07
CA GLU A 219 19.35 21.22 46.37
C GLU A 219 20.40 22.08 45.68
N ARG A 220 20.23 22.25 44.38
CA ARG A 220 21.17 23.00 43.58
C ARG A 220 21.19 24.47 43.95
N ILE A 221 20.07 25.02 44.42
CA ILE A 221 20.04 26.38 44.96
C ILE A 221 20.81 26.45 46.27
N MET A 222 20.69 25.42 47.12
CA MET A 222 21.47 25.37 48.37
C MET A 222 22.96 25.43 48.06
N ASP A 223 23.35 24.88 46.92
CA ASP A 223 24.76 24.88 46.48
C ASP A 223 25.20 26.29 46.16
N LEU A 224 24.39 27.00 45.39
CA LEU A 224 24.69 28.38 45.00
C LEU A 224 24.81 29.31 46.18
N LEU A 225 24.25 28.90 47.32
CA LEU A 225 24.19 29.77 48.48
C LEU A 225 25.25 29.45 49.52
N GLY A 226 26.06 28.42 49.29
CA GLY A 226 27.06 28.00 50.26
C GLY A 226 26.44 27.84 51.64
N ASP A 227 27.15 28.34 52.64
CA ASP A 227 26.80 28.20 54.06
C ASP A 227 25.55 28.99 54.48
N ARG A 228 24.88 29.65 53.54
CA ARG A 228 23.73 30.50 53.89
C ARG A 228 22.45 29.76 54.29
N VAL A 229 22.27 28.54 53.81
CA VAL A 229 21.12 27.74 54.23
C VAL A 229 21.49 27.02 55.50
N LYS A 230 20.68 27.20 56.55
CA LYS A 230 20.97 26.59 57.83
C LYS A 230 19.97 25.51 58.10
N LEU A 231 20.39 24.26 57.94
CA LEU A 231 19.51 23.12 58.20
C LEU A 231 19.31 22.85 59.69
N GLU A 232 18.33 22.03 60.03
CA GLU A 232 18.00 21.74 61.41
C GLU A 232 17.77 22.96 62.27
N ARG A 233 17.17 23.99 61.67
CA ARG A 233 16.86 25.27 62.32
C ARG A 233 15.34 25.65 62.25
N PRO A 234 14.48 25.00 63.04
CA PRO A 234 13.06 25.34 63.05
C PRO A 234 12.85 26.67 63.75
N VAL A 235 12.28 27.66 63.07
CA VAL A 235 11.96 28.95 63.69
C VAL A 235 10.88 28.78 64.75
N ILE A 236 11.03 29.43 65.89
CA ILE A 236 10.01 29.32 66.94
C ILE A 236 9.50 30.64 67.48
N TYR A 237 10.12 31.75 67.09
CA TYR A 237 9.75 33.02 67.65
C TYR A 237 10.18 34.08 66.66
N ILE A 238 9.24 34.95 66.27
CA ILE A 238 9.60 36.16 65.55
C ILE A 238 9.18 37.40 66.35
N ASP A 239 10.10 38.35 66.54
CA ASP A 239 9.90 39.53 67.38
C ASP A 239 10.10 40.83 66.56
N GLN A 240 9.06 41.65 66.45
CA GLN A 240 9.11 42.82 65.60
C GLN A 240 9.05 44.12 66.38
N THR A 241 9.25 44.03 67.69
CA THR A 241 9.18 45.19 68.59
C THR A 241 10.20 46.26 68.26
N ARG A 242 11.44 45.83 68.03
CA ARG A 242 12.58 46.72 67.83
C ARG A 242 12.69 47.25 66.38
N GLU A 243 13.84 47.89 66.09
CA GLU A 243 14.21 48.38 64.74
C GLU A 243 14.44 47.20 63.75
N ASN A 244 15.27 46.23 64.14
CA ASN A 244 15.45 45.02 63.36
C ASN A 244 14.58 43.85 63.85
N VAL A 245 14.15 43.00 62.92
CA VAL A 245 13.34 41.84 63.25
C VAL A 245 14.24 40.77 63.78
N LEU A 246 13.92 40.22 64.95
CA LEU A 246 14.67 39.11 65.53
C LEU A 246 13.91 37.85 65.23
N VAL A 247 14.61 36.83 64.71
CA VAL A 247 14.04 35.51 64.44
C VAL A 247 14.82 34.43 65.23
N GLU A 248 14.15 33.63 66.03
CA GLU A 248 14.83 32.68 66.91
C GLU A 248 14.46 31.23 66.58
N THR A 249 15.45 30.35 66.64
CA THR A 249 15.26 28.94 66.29
C THR A 249 15.15 28.03 67.50
N LEU A 250 14.74 26.80 67.29
CA LEU A 250 14.50 25.89 68.40
C LEU A 250 15.74 25.55 69.20
N ASN A 251 16.89 25.58 68.54
CA ASN A 251 18.19 25.31 69.16
C ASN A 251 18.84 26.54 69.80
N HIS A 252 18.20 27.69 69.66
CA HIS A 252 18.52 28.88 70.46
C HIS A 252 19.26 29.98 69.76
N GLU A 253 19.66 29.74 68.52
CA GLU A 253 20.30 30.78 67.70
C GLU A 253 19.41 32.00 67.43
N MET A 254 19.99 33.19 67.36
CA MET A 254 19.23 34.38 67.03
C MET A 254 19.70 34.95 65.71
N TYR A 255 18.77 35.33 64.85
CA TYR A 255 19.09 35.97 63.60
C TYR A 255 18.36 37.29 63.52
N GLU A 256 19.01 38.31 62.96
CA GLU A 256 18.45 39.66 62.91
C GLU A 256 18.32 40.11 61.48
N ALA A 257 17.20 40.72 61.09
CA ALA A 257 17.05 41.14 59.69
C ALA A 257 16.16 42.33 59.51
N LYS A 258 16.36 43.03 58.40
CA LYS A 258 15.49 44.13 58.04
C LYS A 258 14.10 43.60 57.65
N TYR A 259 14.04 42.41 57.04
CA TYR A 259 12.80 41.83 56.51
C TYR A 259 12.72 40.32 56.70
N VAL A 260 11.52 39.76 56.62
CA VAL A 260 11.35 38.31 56.70
C VAL A 260 10.37 37.82 55.63
N ILE A 261 10.77 36.78 54.88
CA ILE A 261 9.84 36.01 54.04
C ILE A 261 9.47 34.72 54.79
N SER A 262 8.19 34.51 55.02
CA SER A 262 7.71 33.26 55.56
C SER A 262 7.24 32.44 54.37
N ALA A 263 7.90 31.30 54.16
CA ALA A 263 7.62 30.50 52.99
C ALA A 263 7.24 29.13 53.41
N ILE A 264 6.52 29.03 54.51
CA ILE A 264 6.03 27.75 55.02
C ILE A 264 4.54 27.71 54.84
N PRO A 265 3.95 26.53 54.85
CA PRO A 265 2.51 26.39 54.61
C PRO A 265 1.73 27.23 55.58
N PRO A 266 0.69 27.95 55.14
CA PRO A 266 0.02 28.97 55.95
C PRO A 266 -0.19 28.50 57.36
N THR A 267 -0.94 27.41 57.54
CA THR A 267 -1.27 26.93 58.87
C THR A 267 -0.06 26.69 59.75
N LEU A 268 1.11 26.48 59.16
CA LEU A 268 2.28 26.10 59.93
C LEU A 268 2.94 27.29 60.59
N GLY A 269 2.32 28.46 60.45
CA GLY A 269 2.81 29.66 61.11
C GLY A 269 2.45 29.56 62.56
N MET A 270 1.46 28.71 62.83
CA MET A 270 0.99 28.42 64.17
C MET A 270 2.15 27.99 65.02
N LYS A 271 3.17 27.44 64.38
CA LYS A 271 4.30 26.86 65.06
C LYS A 271 5.30 27.91 65.51
N ILE A 272 5.03 29.19 65.23
CA ILE A 272 5.91 30.30 65.58
C ILE A 272 5.18 31.20 66.57
N HIS A 273 5.85 31.61 67.65
CA HIS A 273 5.26 32.54 68.61
C HIS A 273 5.57 33.95 68.17
N PHE A 274 4.57 34.82 68.10
CA PHE A 274 4.78 36.18 67.57
C PHE A 274 4.79 37.31 68.61
N ASN A 275 5.57 38.35 68.36
CA ASN A 275 5.56 39.50 69.23
C ASN A 275 5.83 40.76 68.38
N PRO A 276 4.89 41.69 68.30
CA PRO A 276 3.61 41.63 69.01
C PRO A 276 2.75 40.54 68.41
N PRO A 277 1.70 40.11 69.10
CA PRO A 277 0.71 39.18 68.53
C PRO A 277 0.37 39.54 67.08
N LEU A 278 -0.01 38.55 66.28
CA LEU A 278 -0.46 38.82 64.92
C LEU A 278 -1.80 39.56 64.93
N PRO A 279 -2.06 40.34 63.89
CA PRO A 279 -3.39 40.92 63.68
C PRO A 279 -4.44 39.83 63.82
N MET A 280 -5.61 40.18 64.36
CA MET A 280 -6.68 39.20 64.55
C MET A 280 -6.92 38.35 63.31
N MET A 281 -7.11 38.98 62.16
CA MET A 281 -7.40 38.21 60.94
C MET A 281 -6.42 37.05 60.68
N ARG A 282 -5.12 37.33 60.67
CA ARG A 282 -4.13 36.26 60.45
C ARG A 282 -4.16 35.25 61.58
N ASN A 283 -4.06 35.72 62.81
CA ASN A 283 -4.13 34.83 63.95
C ASN A 283 -5.20 33.77 63.80
N GLN A 284 -6.36 34.14 63.32
CA GLN A 284 -7.42 33.15 63.19
C GLN A 284 -7.39 32.41 61.83
N MET A 285 -6.93 33.10 60.78
CA MET A 285 -6.87 32.52 59.46
C MET A 285 -6.05 31.26 59.50
N ILE A 286 -4.88 31.35 60.13
CA ILE A 286 -3.94 30.24 60.19
C ILE A 286 -4.45 29.09 61.03
N THR A 287 -5.67 29.12 61.59
CA THR A 287 -6.21 27.91 62.21
C THR A 287 -7.29 27.31 61.34
N ARG A 288 -7.60 27.99 60.24
CA ARG A 288 -8.74 27.61 59.45
C ARG A 288 -8.33 27.01 58.12
N VAL A 289 -7.04 26.70 57.95
CA VAL A 289 -6.52 26.33 56.63
C VAL A 289 -5.69 25.02 56.57
N PRO A 290 -6.38 23.87 56.61
CA PRO A 290 -5.72 22.55 56.69
C PRO A 290 -5.14 22.09 55.39
N LEU A 291 -4.24 21.12 55.46
CA LEU A 291 -3.67 20.53 54.25
C LEU A 291 -4.31 19.18 54.05
N GLY A 292 -4.22 18.68 52.82
CA GLY A 292 -4.81 17.41 52.45
C GLY A 292 -4.09 16.18 52.94
N SER A 293 -4.64 15.02 52.59
CA SER A 293 -4.13 13.73 53.07
C SER A 293 -3.87 12.79 51.89
N VAL A 294 -2.65 12.27 51.82
CA VAL A 294 -2.20 11.43 50.73
C VAL A 294 -1.03 10.56 51.14
N ILE A 295 -1.00 9.32 50.61
CA ILE A 295 0.19 8.48 50.68
C ILE A 295 0.68 8.24 49.26
N LYS A 296 1.93 8.58 48.94
CA LYS A 296 2.46 8.29 47.62
C LYS A 296 3.13 6.95 47.67
N CYS A 297 2.77 6.06 46.74
CA CYS A 297 3.23 4.66 46.70
C CYS A 297 3.75 4.22 45.35
N ILE A 298 4.99 3.73 45.36
CA ILE A 298 5.65 3.24 44.15
C ILE A 298 6.04 1.74 44.25
N VAL A 299 5.55 0.94 43.30
CA VAL A 299 5.83 -0.49 43.23
C VAL A 299 6.67 -0.78 42.00
N TYR A 300 7.85 -1.37 42.26
CA TYR A 300 8.89 -1.67 41.30
C TYR A 300 8.78 -3.07 40.78
N TYR A 301 8.95 -3.21 39.47
CA TYR A 301 8.80 -4.50 38.78
C TYR A 301 9.98 -4.79 37.86
N LYS A 302 10.31 -6.07 37.66
CA LYS A 302 11.39 -6.49 36.78
C LYS A 302 11.37 -5.83 35.41
N GLU A 303 10.18 -5.61 34.85
CA GLU A 303 10.02 -5.08 33.52
C GLU A 303 8.73 -4.23 33.49
N PRO A 304 8.62 -3.26 32.60
CA PRO A 304 7.33 -2.61 32.35
C PRO A 304 6.30 -3.50 31.61
N PHE A 305 5.88 -4.59 32.27
CA PHE A 305 5.02 -5.61 31.68
C PHE A 305 3.73 -5.11 31.07
N TRP A 306 3.13 -4.12 31.69
CA TRP A 306 1.93 -3.53 31.14
C TRP A 306 2.08 -3.18 29.68
N ARG A 307 3.23 -2.64 29.25
CA ARG A 307 3.37 -2.15 27.88
C ARG A 307 3.21 -3.26 26.82
N LYS A 308 3.70 -4.44 27.15
CA LYS A 308 3.51 -5.59 26.28
C LYS A 308 2.02 -5.92 26.09
N LYS A 309 1.18 -5.56 27.04
CA LYS A 309 -0.26 -5.73 26.89
C LYS A 309 -0.91 -4.51 26.27
N ASP A 310 -0.10 -3.58 25.73
CA ASP A 310 -0.58 -2.32 25.15
C ASP A 310 -1.36 -1.41 26.14
N TYR A 311 -0.95 -1.44 27.41
CA TYR A 311 -1.44 -0.55 28.45
C TYR A 311 -0.26 0.36 28.78
N CYS A 312 -0.49 1.66 28.94
CA CYS A 312 0.63 2.55 29.19
C CYS A 312 1.02 2.60 30.64
N GLY A 313 0.11 2.26 31.53
CA GLY A 313 0.39 2.28 32.97
C GLY A 313 -0.58 3.12 33.79
N THR A 314 -1.31 4.00 33.09
CA THR A 314 -2.36 4.82 33.67
C THR A 314 -3.60 4.02 34.03
N MET A 315 -4.03 4.12 35.27
CA MET A 315 -5.25 3.49 35.68
C MET A 315 -6.11 4.50 36.42
N ILE A 316 -7.40 4.60 36.08
CA ILE A 316 -8.35 5.44 36.81
C ILE A 316 -9.28 4.44 37.44
N ILE A 317 -9.34 4.36 38.76
CA ILE A 317 -10.05 3.27 39.40
C ILE A 317 -11.20 3.71 40.30
N ASP A 318 -12.41 3.52 39.82
CA ASP A 318 -13.61 3.88 40.57
C ASP A 318 -13.85 2.98 41.75
N GLY A 319 -14.59 3.44 42.73
CA GLY A 319 -15.02 2.58 43.81
C GLY A 319 -14.35 2.76 45.15
N GLU A 320 -15.09 2.45 46.19
CA GLU A 320 -14.61 2.58 47.55
C GLU A 320 -13.55 1.54 47.90
N GLU A 321 -13.68 0.30 47.44
CA GLU A 321 -12.82 -0.80 47.90
C GLU A 321 -11.39 -0.66 47.43
N ALA A 322 -11.19 0.01 46.29
CA ALA A 322 -9.85 0.15 45.74
C ALA A 322 -9.02 1.12 46.57
N PRO A 323 -7.85 0.70 47.09
CA PRO A 323 -6.98 1.59 47.87
C PRO A 323 -6.42 2.76 47.07
N VAL A 324 -6.30 2.62 45.77
CA VAL A 324 -5.72 3.68 44.97
C VAL A 324 -6.65 4.00 43.83
N ALA A 325 -6.90 5.27 43.55
CA ALA A 325 -7.81 5.60 42.46
C ALA A 325 -7.12 5.93 41.15
N TYR A 326 -5.85 6.32 41.22
CA TYR A 326 -5.15 6.82 40.06
C TYR A 326 -3.70 6.39 40.10
N THR A 327 -3.22 5.83 38.98
CA THR A 327 -1.82 5.47 38.85
C THR A 327 -1.25 6.03 37.58
N LEU A 328 0.06 6.22 37.60
CA LEU A 328 0.84 6.59 36.43
C LEU A 328 2.05 5.66 36.33
N ASP A 329 2.61 5.55 35.15
CA ASP A 329 3.79 4.74 34.94
C ASP A 329 5.00 5.52 35.42
N ASP A 330 5.79 4.93 36.29
CA ASP A 330 7.01 5.56 36.80
C ASP A 330 8.39 5.02 36.29
N THR A 331 8.37 4.20 35.25
CA THR A 331 9.60 3.71 34.65
C THR A 331 10.54 4.83 34.16
N LYS A 332 11.84 4.75 34.51
CA LYS A 332 12.80 5.77 34.10
C LYS A 332 12.86 5.85 32.58
N PRO A 333 13.32 6.98 32.04
CA PRO A 333 13.22 7.21 30.60
C PRO A 333 13.95 6.18 29.75
N GLU A 334 14.79 5.36 30.39
CA GLU A 334 15.57 4.38 29.67
C GLU A 334 14.75 3.16 29.35
N GLY A 335 14.03 2.67 30.35
CA GLY A 335 13.32 1.41 30.26
C GLY A 335 13.63 0.72 31.57
N ASN A 336 14.57 1.33 32.27
CA ASN A 336 15.05 0.91 33.56
C ASN A 336 14.09 1.00 34.70
N TYR A 337 14.34 0.20 35.74
CA TYR A 337 13.65 0.33 37.00
C TYR A 337 12.14 0.53 36.80
N ALA A 338 11.45 -0.44 36.23
CA ALA A 338 10.03 -0.26 35.93
C ALA A 338 9.27 -0.10 37.20
N ALA A 339 8.22 0.73 37.17
CA ALA A 339 7.45 0.98 38.38
C ALA A 339 6.10 1.56 38.07
N ILE A 340 5.17 1.45 39.01
CA ILE A 340 3.85 2.04 38.88
C ILE A 340 3.68 2.95 40.08
N MET A 341 3.30 4.20 39.84
CA MET A 341 3.07 5.20 40.89
C MET A 341 1.57 5.30 41.18
N GLY A 342 1.21 5.40 42.45
CA GLY A 342 -0.19 5.56 42.81
C GLY A 342 -0.40 6.34 44.11
N PHE A 343 -1.56 7.00 44.24
CA PHE A 343 -1.85 7.82 45.38
C PHE A 343 -2.89 7.11 46.22
N ILE A 344 -2.75 7.13 47.53
CA ILE A 344 -3.84 6.69 48.38
C ILE A 344 -4.39 8.00 48.96
N LEU A 345 -5.62 8.33 48.58
CA LEU A 345 -6.18 9.68 48.79
C LEU A 345 -7.18 9.85 49.93
N ALA A 346 -7.13 11.03 50.55
CA ALA A 346 -8.11 11.51 51.51
C ALA A 346 -8.49 10.47 52.51
N HIS A 347 -9.77 10.22 52.70
CA HIS A 347 -10.20 9.39 53.82
C HIS A 347 -9.50 8.04 53.85
N LYS A 348 -9.08 7.58 52.69
CA LYS A 348 -8.41 6.31 52.55
C LYS A 348 -6.99 6.37 53.09
N ALA A 349 -6.34 7.52 52.98
CA ALA A 349 -5.03 7.72 53.55
C ALA A 349 -5.10 7.53 55.05
N ARG A 350 -6.23 7.82 55.65
CA ARG A 350 -6.33 7.63 57.08
C ARG A 350 -6.62 6.18 57.45
N LYS A 351 -7.40 5.52 56.62
CA LYS A 351 -7.85 4.17 56.88
C LYS A 351 -6.72 3.17 56.76
N LEU A 352 -5.91 3.30 55.70
CA LEU A 352 -4.90 2.30 55.38
C LEU A 352 -3.55 2.60 56.02
N ALA A 353 -3.43 3.73 56.69
CA ALA A 353 -2.23 4.01 57.44
C ALA A 353 -2.17 3.09 58.65
N ARG A 354 -3.30 2.50 58.99
CA ARG A 354 -3.38 1.59 60.11
C ARG A 354 -2.58 0.34 59.83
N LEU A 355 -2.56 -0.08 58.57
CA LEU A 355 -1.87 -1.29 58.12
C LEU A 355 -0.36 -1.09 58.11
N THR A 356 0.37 -2.17 57.86
CA THR A 356 1.83 -2.13 57.78
C THR A 356 2.28 -1.92 56.34
N LYS A 357 3.53 -1.48 56.17
CA LYS A 357 4.13 -1.28 54.85
C LYS A 357 3.80 -2.47 53.95
N GLU A 358 3.94 -3.68 54.47
CA GLU A 358 3.80 -4.87 53.64
C GLU A 358 2.37 -5.11 53.24
N GLU A 359 1.45 -4.86 54.16
CA GLU A 359 0.00 -5.03 53.90
C GLU A 359 -0.53 -4.09 52.82
N ARG A 360 0.04 -2.90 52.78
CA ARG A 360 -0.28 -1.96 51.74
C ARG A 360 0.25 -2.42 50.38
N LEU A 361 1.49 -2.89 50.37
CA LEU A 361 2.12 -3.40 49.15
C LEU A 361 1.22 -4.48 48.57
N LYS A 362 0.82 -5.42 49.44
CA LYS A 362 -0.02 -6.54 49.03
C LYS A 362 -1.31 -6.06 48.42
N LYS A 363 -1.95 -5.07 49.04
CA LYS A 363 -3.21 -4.60 48.55
C LYS A 363 -3.00 -3.91 47.22
N LEU A 364 -1.88 -3.23 47.05
CA LEU A 364 -1.69 -2.47 45.83
C LEU A 364 -1.43 -3.43 44.68
N CYS A 365 -0.70 -4.47 45.00
CA CYS A 365 -0.35 -5.47 44.01
C CYS A 365 -1.54 -6.25 43.52
N GLU A 366 -2.36 -6.73 44.47
CA GLU A 366 -3.59 -7.42 44.13
C GLU A 366 -4.49 -6.55 43.24
N LEU A 367 -4.56 -5.25 43.53
CA LEU A 367 -5.36 -4.35 42.74
C LEU A 367 -4.76 -4.24 41.35
N TYR A 368 -3.46 -3.99 41.27
CA TYR A 368 -2.84 -3.73 39.99
C TYR A 368 -2.89 -4.97 39.12
N ALA A 369 -2.82 -6.11 39.80
CA ALA A 369 -3.03 -7.41 39.14
C ALA A 369 -4.44 -7.54 38.59
N LYS A 370 -5.46 -7.23 39.38
CA LYS A 370 -6.82 -7.25 38.84
C LYS A 370 -7.02 -6.27 37.66
N VAL A 371 -6.50 -5.06 37.80
CA VAL A 371 -6.85 -4.01 36.87
C VAL A 371 -6.15 -4.29 35.56
N LEU A 372 -4.88 -4.65 35.65
CA LEU A 372 -4.07 -4.86 34.47
C LEU A 372 -4.33 -6.24 33.94
N GLY A 373 -4.97 -7.09 34.74
CA GLY A 373 -5.15 -8.50 34.42
C GLY A 373 -3.86 -9.23 34.10
N SER A 374 -2.89 -9.19 35.01
CA SER A 374 -1.63 -9.92 34.86
C SER A 374 -1.06 -10.31 36.18
N LEU A 375 -0.91 -11.62 36.36
CA LEU A 375 -0.23 -12.21 37.50
C LEU A 375 1.07 -11.51 37.80
N GLU A 376 1.70 -10.93 36.78
CA GLU A 376 3.03 -10.37 36.99
C GLU A 376 3.05 -9.26 38.03
N ALA A 377 1.93 -8.60 38.20
CA ALA A 377 1.84 -7.52 39.17
C ALA A 377 2.00 -8.05 40.57
N LEU A 378 1.85 -9.37 40.75
CA LEU A 378 1.92 -9.96 42.07
C LEU A 378 3.32 -10.17 42.50
N GLU A 379 4.27 -9.81 41.63
CA GLU A 379 5.71 -10.11 41.85
C GLU A 379 6.63 -8.86 41.93
N PRO A 380 6.43 -8.01 42.92
CA PRO A 380 7.19 -6.78 43.01
C PRO A 380 8.62 -7.04 43.42
N VAL A 381 9.52 -6.28 42.87
CA VAL A 381 10.92 -6.49 43.04
C VAL A 381 11.41 -5.55 44.15
N HIS A 382 10.58 -4.54 44.49
CA HIS A 382 10.86 -3.48 45.50
C HIS A 382 9.69 -2.50 45.72
N TYR A 383 9.67 -1.78 46.83
CA TYR A 383 8.57 -0.87 47.12
C TYR A 383 9.00 0.34 47.90
N GLU A 384 8.50 1.53 47.54
CA GLU A 384 8.73 2.76 48.34
C GLU A 384 7.41 3.50 48.57
N GLU A 385 7.28 4.17 49.71
CA GLU A 385 6.07 4.94 50.04
C GLU A 385 6.36 6.13 50.95
N LYS A 386 5.59 7.21 50.83
CA LYS A 386 5.59 8.29 51.83
C LYS A 386 4.17 8.74 52.22
N ASN A 387 3.92 8.75 53.51
CA ASN A 387 2.66 9.21 54.03
C ASN A 387 2.84 10.62 54.58
N TRP A 388 2.59 11.63 53.74
CA TRP A 388 2.80 13.02 54.11
C TRP A 388 1.96 13.51 55.30
N CYS A 389 0.90 12.78 55.66
CA CYS A 389 0.07 13.11 56.80
C CYS A 389 0.84 13.13 58.10
N GLU A 390 2.00 12.51 58.14
CA GLU A 390 2.74 12.43 59.38
C GLU A 390 3.88 13.45 59.43
N GLU A 391 3.97 14.31 58.43
CA GLU A 391 5.06 15.27 58.42
C GLU A 391 4.70 16.52 59.23
N GLN A 392 5.46 16.78 60.30
CA GLN A 392 5.23 17.89 61.22
C GLN A 392 5.43 19.20 60.52
N TYR A 393 6.50 19.29 59.73
CA TYR A 393 6.82 20.53 59.07
C TYR A 393 6.27 20.53 57.66
N SER A 394 5.23 19.73 57.48
CA SER A 394 4.43 19.89 56.29
C SER A 394 2.93 20.00 56.52
N GLY A 395 2.38 19.12 57.34
CA GLY A 395 0.98 19.15 57.69
C GLY A 395 0.13 18.27 56.78
N GLY A 396 0.67 17.95 55.60
CA GLY A 396 -0.05 17.16 54.61
C GLY A 396 0.49 17.38 53.21
N CYS A 397 -0.27 16.99 52.21
CA CYS A 397 0.08 17.20 50.81
C CYS A 397 -1.19 16.97 50.01
N TYR A 398 -1.30 17.52 48.80
CA TYR A 398 -0.25 18.31 48.17
C TYR A 398 -0.21 19.74 48.69
N THR A 399 -1.39 20.28 49.03
CA THR A 399 -1.53 21.70 49.35
C THR A 399 -2.61 21.92 50.39
N THR A 400 -2.94 23.19 50.63
CA THR A 400 -3.88 23.62 51.66
C THR A 400 -5.25 23.72 51.03
N TYR A 401 -6.28 23.29 51.74
CA TYR A 401 -7.62 23.41 51.21
C TYR A 401 -8.47 24.26 52.13
N PHE A 402 -9.45 24.96 51.57
CA PHE A 402 -10.33 25.81 52.36
C PHE A 402 -11.73 25.18 52.57
N PRO A 403 -12.14 24.99 53.82
CA PRO A 403 -13.51 24.58 54.15
C PRO A 403 -14.53 25.67 53.80
N PRO A 404 -15.82 25.33 53.72
CA PRO A 404 -16.82 26.35 53.37
C PRO A 404 -16.66 27.60 54.21
N GLY A 405 -16.89 28.75 53.60
CA GLY A 405 -16.92 30.00 54.33
C GLY A 405 -15.59 30.70 54.61
N ILE A 406 -14.48 30.03 54.38
CA ILE A 406 -13.22 30.59 54.86
C ILE A 406 -12.51 31.42 53.83
N LEU A 407 -12.65 31.07 52.57
CA LEU A 407 -11.96 31.83 51.50
C LEU A 407 -12.46 33.27 51.42
N THR A 408 -13.77 33.47 51.43
CA THR A 408 -14.32 34.82 51.37
C THR A 408 -13.94 35.61 52.60
N GLN A 409 -13.94 34.97 53.76
CA GLN A 409 -13.76 35.70 55.00
C GLN A 409 -12.33 35.95 55.27
N TYR A 410 -11.46 35.01 54.97
CA TYR A 410 -10.07 35.06 55.39
C TYR A 410 -9.16 35.08 54.22
N GLY A 411 -9.74 35.08 53.04
CA GLY A 411 -9.00 35.05 51.82
C GLY A 411 -7.89 36.05 51.70
N ARG A 412 -8.20 37.33 51.73
CA ARG A 412 -7.16 38.32 51.42
C ARG A 412 -6.07 38.44 52.45
N VAL A 413 -6.09 37.59 53.45
CA VAL A 413 -5.15 37.66 54.57
C VAL A 413 -3.82 36.98 54.22
N LEU A 414 -3.93 35.98 53.33
CA LEU A 414 -2.86 35.02 53.09
C LEU A 414 -1.61 35.72 52.65
N ARG A 415 -1.73 36.69 51.74
CA ARG A 415 -0.52 37.34 51.30
C ARG A 415 -0.39 38.84 51.62
N GLN A 416 -1.17 39.29 52.62
CA GLN A 416 -1.01 40.61 53.24
C GLN A 416 0.18 40.71 54.18
N PRO A 417 1.14 41.57 53.88
CA PRO A 417 2.31 41.73 54.76
C PRO A 417 1.93 41.96 56.21
N VAL A 418 2.71 41.44 57.14
CA VAL A 418 2.57 41.80 58.55
C VAL A 418 3.83 42.56 58.99
N ASP A 419 3.76 43.88 58.83
CA ASP A 419 4.85 44.80 59.14
C ASP A 419 6.02 44.55 58.21
N ARG A 420 7.00 43.82 58.71
CA ARG A 420 8.16 43.49 57.92
C ARG A 420 8.22 41.98 57.51
N ILE A 421 7.17 41.22 57.84
CA ILE A 421 7.00 39.84 57.33
C ILE A 421 6.22 39.81 56.01
N TYR A 422 6.77 39.15 55.00
CA TYR A 422 6.10 39.02 53.71
C TYR A 422 5.86 37.53 53.46
N PHE A 423 4.84 37.20 52.69
CA PHE A 423 4.43 35.82 52.65
C PHE A 423 4.56 35.17 51.29
N ALA A 424 5.35 34.10 51.24
CA ALA A 424 5.53 33.30 50.02
C ALA A 424 4.81 31.98 50.19
N GLY A 425 5.35 30.94 49.58
CA GLY A 425 4.77 29.61 49.60
C GLY A 425 3.75 29.49 48.50
N THR A 426 3.56 28.28 47.99
CA THR A 426 2.72 28.05 46.84
C THR A 426 1.25 28.42 47.07
N GLU A 427 0.78 28.27 48.31
CA GLU A 427 -0.63 28.56 48.56
C GLU A 427 -0.94 30.04 48.31
N THR A 428 0.11 30.85 48.18
CA THR A 428 -0.07 32.27 47.84
C THR A 428 0.10 32.57 46.35
N ALA A 429 0.39 31.57 45.52
CA ALA A 429 0.45 31.83 44.09
C ALA A 429 -0.91 32.15 43.48
N THR A 430 -0.87 32.54 42.20
CA THR A 430 -2.09 32.84 41.45
C THR A 430 -2.22 32.03 40.17
N HIS A 431 -1.15 31.34 39.81
CA HIS A 431 -1.15 30.45 38.66
C HIS A 431 -0.49 29.19 39.12
N TRP A 432 -1.19 28.07 38.98
CA TRP A 432 -0.70 26.77 39.47
C TRP A 432 -0.34 26.84 40.95
N SER A 433 -1.17 27.51 41.74
CA SER A 433 -0.99 27.41 43.16
C SER A 433 -1.29 25.98 43.54
N GLY A 434 -0.51 25.43 44.45
CA GLY A 434 -0.70 24.06 44.87
C GLY A 434 0.45 23.24 44.37
N TYR A 435 1.13 23.80 43.36
CA TYR A 435 2.15 23.09 42.62
C TYR A 435 3.53 23.73 42.82
N MET A 436 4.58 23.01 42.42
CA MET A 436 5.96 23.53 42.38
C MET A 436 6.05 24.85 41.61
N GLU A 437 5.31 24.95 40.50
CA GLU A 437 5.14 26.20 39.77
C GLU A 437 4.72 27.32 40.66
N GLY A 438 3.59 27.15 41.35
CA GLY A 438 3.15 28.16 42.29
C GLY A 438 4.24 28.53 43.26
N ALA A 439 4.96 27.54 43.76
CA ALA A 439 5.96 27.83 44.75
C ALA A 439 6.96 28.84 44.22
N VAL A 440 7.26 28.71 42.93
CA VAL A 440 8.19 29.65 42.30
C VAL A 440 7.59 31.06 42.18
N GLU A 441 6.41 31.16 41.59
CA GLU A 441 5.69 32.42 41.49
C GLU A 441 5.72 33.21 42.78
N ALA A 442 5.33 32.54 43.84
CA ALA A 442 5.14 33.15 45.13
C ALA A 442 6.48 33.52 45.76
N GLY A 443 7.44 32.60 45.69
CA GLY A 443 8.78 32.88 46.19
C GLY A 443 9.34 34.17 45.61
N GLU A 444 9.27 34.31 44.30
CA GLU A 444 9.89 35.43 43.61
C GLU A 444 9.12 36.73 43.86
N ARG A 445 7.79 36.66 43.81
CA ARG A 445 6.98 37.83 44.12
C ARG A 445 7.28 38.35 45.51
N ALA A 446 7.20 37.49 46.51
CA ALA A 446 7.57 37.91 47.85
C ALA A 446 8.91 38.63 47.87
N ALA A 447 9.91 38.03 47.25
CA ALA A 447 11.24 38.63 47.24
C ALA A 447 11.16 40.01 46.61
N ARG A 448 10.44 40.12 45.51
CA ARG A 448 10.35 41.41 44.83
C ARG A 448 9.56 42.44 45.63
N GLU A 449 8.63 41.98 46.46
CA GLU A 449 7.93 42.86 47.37
C GLU A 449 8.93 43.59 48.27
N ILE A 450 9.85 42.82 48.87
CA ILE A 450 10.91 43.37 49.71
C ILE A 450 11.82 44.32 48.93
N LEU A 451 12.20 43.90 47.73
CA LEU A 451 13.00 44.75 46.88
C LEU A 451 12.33 46.12 46.76
N HIS A 452 11.05 46.11 46.44
CA HIS A 452 10.31 47.37 46.30
C HIS A 452 10.20 48.19 47.58
N ALA A 453 10.13 47.51 48.74
CA ALA A 453 10.04 48.21 50.01
C ALA A 453 11.32 48.98 50.29
N MET A 454 12.44 48.44 49.81
CA MET A 454 13.75 49.06 49.98
C MET A 454 14.00 50.11 48.89
N GLY A 455 12.98 50.36 48.08
CA GLY A 455 13.06 51.32 46.99
C GLY A 455 14.12 50.95 45.96
N LYS A 456 14.24 49.67 45.61
CA LYS A 456 15.21 49.25 44.61
C LYS A 456 14.56 48.98 43.26
N ILE A 457 13.24 48.79 43.25
CA ILE A 457 12.46 48.58 42.01
C ILE A 457 11.08 49.19 42.19
N PRO A 458 10.41 49.60 41.12
CA PRO A 458 9.07 50.21 41.23
C PRO A 458 7.97 49.20 41.60
N GLU A 459 6.81 49.65 42.07
CA GLU A 459 5.68 48.76 42.34
C GLU A 459 5.28 47.98 41.08
N ASP A 460 5.17 48.73 39.99
CA ASP A 460 5.19 48.26 38.61
C ASP A 460 5.78 46.83 38.41
N GLU A 461 6.88 46.56 39.10
CA GLU A 461 7.74 45.42 38.84
C GLU A 461 7.65 44.26 39.82
N ILE A 462 6.68 44.29 40.74
CA ILE A 462 6.55 43.24 41.77
C ILE A 462 6.03 41.93 41.18
N TRP A 463 4.93 42.03 40.44
CA TRP A 463 4.39 40.89 39.71
C TRP A 463 4.96 40.87 38.30
N GLN A 464 5.77 39.87 37.98
CA GLN A 464 6.32 39.77 36.64
C GLN A 464 5.68 38.66 35.85
N SER A 465 5.47 38.90 34.56
CA SER A 465 5.00 37.84 33.66
C SER A 465 6.20 37.01 33.21
N GLU A 466 5.96 35.82 32.68
CA GLU A 466 7.03 34.85 32.37
C GLU A 466 6.99 34.38 30.92
N PRO A 467 8.12 34.48 30.22
CA PRO A 467 8.20 34.02 28.82
C PRO A 467 7.92 32.52 28.73
N GLU A 468 7.14 32.10 27.75
CA GLU A 468 6.81 30.69 27.55
C GLU A 468 8.07 29.86 27.27
N SER A 469 8.12 28.66 27.82
CA SER A 469 9.23 27.73 27.58
C SER A 469 9.38 27.35 26.12
N VAL A 470 10.63 27.18 25.71
CA VAL A 470 10.92 26.75 24.35
C VAL A 470 10.90 25.23 24.27
N ASP A 471 11.38 24.54 25.31
CA ASP A 471 11.39 23.08 25.33
C ASP A 471 10.05 22.43 25.62
N VAL A 472 9.13 23.15 26.24
CA VAL A 472 7.80 22.60 26.53
C VAL A 472 6.72 23.59 26.11
N PRO A 473 6.58 23.82 24.81
CA PRO A 473 5.63 24.83 24.34
C PRO A 473 4.20 24.38 24.68
N ALA A 474 3.28 25.33 24.85
CA ALA A 474 1.93 24.97 25.24
C ALA A 474 0.96 24.93 24.08
N GLN A 475 0.55 23.74 23.70
CA GLN A 475 -0.60 23.57 22.83
C GLN A 475 -1.82 24.18 23.55
N PRO A 476 -2.57 25.05 22.87
CA PRO A 476 -3.77 25.64 23.48
C PRO A 476 -4.89 24.60 23.62
N ILE A 477 -5.89 24.88 24.46
CA ILE A 477 -6.96 23.93 24.68
C ILE A 477 -8.13 24.25 23.75
N THR A 478 -8.68 23.23 23.11
CA THR A 478 -9.79 23.43 22.19
C THR A 478 -10.98 22.57 22.54
N THR A 479 -12.17 22.99 22.10
CA THR A 479 -13.38 22.20 22.30
C THR A 479 -14.16 21.96 20.98
N THR A 480 -14.76 20.79 20.85
CA THR A 480 -15.70 20.44 19.79
C THR A 480 -16.91 21.35 19.84
N PHE A 481 -17.48 21.68 18.67
CA PHE A 481 -18.77 22.36 18.59
C PHE A 481 -19.79 21.60 19.43
N LEU A 482 -19.82 20.27 19.29
CA LEU A 482 -20.79 19.47 20.01
C LEU A 482 -20.61 19.59 21.52
N GLU A 483 -19.35 19.60 21.96
CA GLU A 483 -19.01 19.77 23.37
C GLU A 483 -19.58 21.07 23.94
N ARG A 484 -19.46 22.14 23.16
CA ARG A 484 -19.92 23.47 23.53
C ARG A 484 -21.42 23.62 23.60
N HIS A 485 -22.18 22.77 22.88
CA HIS A 485 -23.60 23.04 22.66
C HIS A 485 -24.59 21.95 23.01
N LEU A 486 -24.12 20.76 23.32
CA LEU A 486 -25.03 19.70 23.69
C LEU A 486 -25.78 20.11 24.94
N PRO A 487 -27.07 19.87 25.02
CA PRO A 487 -27.82 20.16 26.24
C PRO A 487 -27.32 19.41 27.49
N SER A 488 -27.63 19.95 28.68
CA SER A 488 -27.48 19.24 29.95
C SER A 488 -28.66 18.29 30.11
N VAL A 489 -28.64 17.41 31.11
CA VAL A 489 -29.77 16.49 31.25
C VAL A 489 -31.03 17.28 31.47
N PRO A 490 -31.04 18.22 32.42
CA PRO A 490 -32.22 19.07 32.58
C PRO A 490 -32.52 19.85 31.31
N GLY A 491 -31.50 20.38 30.66
CA GLY A 491 -31.69 21.15 29.43
C GLY A 491 -32.42 20.38 28.36
N LEU A 492 -32.20 19.06 28.32
CA LEU A 492 -32.87 18.21 27.37
C LEU A 492 -34.29 18.04 27.83
N LEU A 493 -34.47 17.85 29.12
CA LEU A 493 -35.81 17.67 29.65
C LEU A 493 -36.64 18.91 29.34
N ARG A 494 -35.98 20.06 29.38
CA ARG A 494 -36.60 21.33 29.00
C ARG A 494 -36.88 21.29 27.50
N LEU A 495 -35.84 21.04 26.69
CA LEU A 495 -35.95 21.07 25.23
C LEU A 495 -37.11 20.21 24.61
N ILE A 496 -37.49 19.11 25.28
CA ILE A 496 -38.63 18.26 24.89
C ILE A 496 -40.00 18.64 25.57
N GLY A 497 -39.93 19.47 26.61
CA GLY A 497 -41.10 20.09 27.22
C GLY A 497 -41.50 21.37 26.50
N LEU A 498 -40.79 21.71 25.41
CA LEU A 498 -41.18 22.79 24.49
C LEU A 498 -41.70 22.23 23.16
N THR A 499 -41.88 20.92 23.12
CA THR A 499 -42.76 20.29 22.14
C THR A 499 -44.09 19.99 22.87
N THR A 500 -44.01 19.57 24.14
CA THR A 500 -45.19 19.48 25.02
C THR A 500 -45.17 20.60 26.09
N LYS B 4 10.61 20.24 90.23
CA LYS B 4 10.32 18.99 90.99
C LYS B 4 8.94 18.66 90.61
N CYS B 5 8.82 17.64 89.77
CA CYS B 5 7.62 17.40 88.99
C CYS B 5 7.38 15.90 88.61
N ASP B 6 6.22 15.36 89.02
CA ASP B 6 5.63 14.08 88.60
C ASP B 6 4.86 14.29 87.30
N VAL B 7 3.98 15.30 87.29
CA VAL B 7 3.17 15.67 86.14
C VAL B 7 3.42 17.15 85.82
N VAL B 8 3.67 17.47 84.56
CA VAL B 8 3.67 18.87 84.08
C VAL B 8 2.37 19.16 83.34
N VAL B 9 1.62 20.15 83.81
CA VAL B 9 0.36 20.52 83.18
C VAL B 9 0.66 21.71 82.30
N VAL B 10 0.37 21.58 81.01
CA VAL B 10 0.44 22.70 80.08
C VAL B 10 -0.94 23.30 80.04
N GLY B 11 -1.03 24.61 80.21
CA GLY B 11 -2.32 25.24 80.32
C GLY B 11 -2.72 25.66 81.70
N GLY B 12 -2.79 26.97 81.90
CA GLY B 12 -3.19 27.53 83.18
C GLY B 12 -4.65 27.94 83.37
N GLY B 13 -5.55 27.40 82.53
CA GLY B 13 -6.96 27.74 82.56
C GLY B 13 -7.72 26.91 83.56
N ILE B 14 -9.05 26.99 83.58
CA ILE B 14 -9.82 26.26 84.58
C ILE B 14 -9.52 24.77 84.49
N SER B 15 -9.44 24.23 83.28
CA SER B 15 -9.18 22.80 83.10
C SER B 15 -7.85 22.36 83.65
N GLY B 16 -6.79 23.05 83.28
CA GLY B 16 -5.46 22.78 83.80
C GLY B 16 -5.35 22.92 85.31
N MET B 17 -5.89 24.00 85.86
CA MET B 17 -5.94 24.16 87.30
C MET B 17 -6.74 23.06 87.99
N ALA B 18 -7.94 22.79 87.49
CA ALA B 18 -8.79 21.80 88.07
C ALA B 18 -7.99 20.51 88.20
N ALA B 19 -7.14 20.26 87.21
CA ALA B 19 -6.36 19.02 87.13
C ALA B 19 -5.19 19.11 88.07
N ALA B 20 -4.41 20.19 87.94
CA ALA B 20 -3.29 20.48 88.85
C ALA B 20 -3.69 20.26 90.30
N LYS B 21 -4.84 20.79 90.68
CA LYS B 21 -5.35 20.62 92.03
C LYS B 21 -5.61 19.17 92.36
N LEU B 22 -6.30 18.44 91.50
CA LEU B 22 -6.70 17.04 91.83
C LEU B 22 -5.49 16.18 92.10
N LEU B 23 -4.45 16.39 91.30
CA LEU B 23 -3.21 15.69 91.46
C LEU B 23 -2.54 16.12 92.75
N HIS B 24 -2.42 17.43 92.95
CA HIS B 24 -1.81 17.98 94.15
C HIS B 24 -2.48 17.48 95.42
N ASP B 25 -3.81 17.43 95.42
CA ASP B 25 -4.58 16.93 96.57
C ASP B 25 -4.26 15.47 96.86
N SER B 26 -3.82 14.75 95.84
CA SER B 26 -3.56 13.32 95.95
C SER B 26 -2.11 13.05 96.25
N GLY B 27 -1.38 14.08 96.68
CA GLY B 27 0.02 13.95 97.05
C GLY B 27 1.04 13.80 95.95
N LEU B 28 0.80 14.35 94.77
CA LEU B 28 1.80 14.37 93.70
C LEU B 28 2.42 15.73 93.49
N ASN B 29 3.65 15.76 93.03
CA ASN B 29 4.31 17.03 92.77
C ASN B 29 3.97 17.53 91.36
N VAL B 30 3.18 18.58 91.23
CA VAL B 30 2.78 19.05 89.91
C VAL B 30 3.40 20.38 89.56
N VAL B 31 3.24 20.79 88.33
CA VAL B 31 3.68 22.11 87.88
C VAL B 31 2.79 22.60 86.76
N VAL B 32 2.34 23.84 86.87
CA VAL B 32 1.51 24.41 85.81
C VAL B 32 2.35 25.43 85.08
N LEU B 33 2.49 25.23 83.79
CA LEU B 33 3.23 26.16 82.95
C LEU B 33 2.25 26.93 82.13
N GLU B 34 2.21 28.23 82.34
CA GLU B 34 1.21 29.07 81.70
C GLU B 34 1.82 30.20 80.87
N ALA B 35 1.40 30.30 79.63
CA ALA B 35 1.97 31.22 78.66
C ALA B 35 1.77 32.69 78.99
N ARG B 36 0.56 33.03 79.44
CA ARG B 36 0.17 34.41 79.73
C ARG B 36 0.71 34.88 81.10
N ASP B 37 0.54 36.15 81.41
CA ASP B 37 0.91 36.65 82.75
C ASP B 37 -0.21 36.54 83.77
N ARG B 38 -1.16 35.63 83.53
CA ARG B 38 -2.34 35.45 84.37
C ARG B 38 -2.91 34.07 84.17
N VAL B 39 -3.49 33.49 85.21
CA VAL B 39 -4.24 32.26 84.98
C VAL B 39 -5.64 32.64 84.49
N GLY B 40 -6.43 31.65 84.09
CA GLY B 40 -7.83 31.86 83.72
C GLY B 40 -8.17 31.57 82.27
N GLY B 41 -7.29 32.05 81.38
CA GLY B 41 -7.39 31.77 79.97
C GLY B 41 -8.57 32.42 79.34
N ARG B 42 -9.57 31.63 79.00
CA ARG B 42 -10.78 32.12 78.38
C ARG B 42 -11.77 32.68 79.41
N THR B 43 -11.40 32.65 80.67
CA THR B 43 -12.07 33.43 81.68
C THR B 43 -11.08 34.50 82.03
N TYR B 44 -11.55 35.73 82.14
CA TYR B 44 -10.72 36.86 82.54
C TYR B 44 -11.61 37.80 83.28
N THR B 45 -11.29 38.11 84.54
CA THR B 45 -12.09 39.07 85.28
C THR B 45 -11.33 40.40 85.46
N LEU B 46 -11.78 41.44 84.74
CA LEU B 46 -11.20 42.77 84.85
C LEU B 46 -11.68 43.46 86.08
N ARG B 47 -10.73 44.07 86.78
CA ARG B 47 -11.01 44.76 88.02
C ARG B 47 -10.46 46.14 87.89
N ASN B 48 -11.35 47.10 88.08
CA ASN B 48 -11.07 48.55 88.08
C ASN B 48 -12.23 49.31 88.73
N GLN B 49 -12.02 50.60 88.96
CA GLN B 49 -12.90 51.42 89.79
C GLN B 49 -14.25 51.72 89.21
N LYS B 50 -14.27 51.96 87.90
CA LYS B 50 -15.49 52.25 87.17
C LYS B 50 -16.44 51.06 87.11
N VAL B 51 -15.91 49.86 87.32
CA VAL B 51 -16.57 48.63 86.97
C VAL B 51 -16.67 47.68 88.16
N LYS B 52 -15.90 47.99 89.21
CA LYS B 52 -15.65 47.06 90.32
C LYS B 52 -14.95 45.78 89.82
N TYR B 53 -15.71 44.82 89.30
CA TYR B 53 -15.21 43.65 88.57
C TYR B 53 -16.14 43.39 87.37
N VAL B 54 -15.57 42.84 86.29
CA VAL B 54 -16.37 42.42 85.10
C VAL B 54 -15.85 41.17 84.39
N ASP B 55 -16.70 40.22 84.09
CA ASP B 55 -16.22 39.09 83.34
C ASP B 55 -16.18 39.46 81.88
N LEU B 56 -14.97 39.64 81.34
CA LEU B 56 -14.73 39.78 79.90
C LEU B 56 -14.66 38.43 79.15
N GLY B 57 -14.58 37.33 79.86
CA GLY B 57 -14.60 36.04 79.22
C GLY B 57 -15.76 35.22 79.72
N GLY B 58 -15.47 33.99 80.08
CA GLY B 58 -16.49 33.04 80.45
C GLY B 58 -17.12 33.48 81.72
N SER B 59 -18.42 33.30 81.84
CA SER B 59 -19.18 33.94 82.90
C SER B 59 -20.37 33.19 83.55
N TYR B 60 -21.35 32.78 82.75
CA TYR B 60 -22.56 32.20 83.29
C TYR B 60 -22.44 30.71 83.64
N VAL B 61 -23.11 30.33 84.71
CA VAL B 61 -23.20 28.93 85.18
C VAL B 61 -24.64 28.61 85.51
N GLY B 62 -25.06 27.37 85.34
CA GLY B 62 -26.45 27.04 85.54
C GLY B 62 -26.71 25.70 86.20
N PRO B 63 -27.97 25.36 86.41
CA PRO B 63 -28.36 24.00 86.81
C PRO B 63 -27.82 22.93 85.86
N THR B 64 -27.44 21.76 86.42
CA THR B 64 -26.74 20.63 85.76
C THR B 64 -25.25 20.84 85.55
N GLN B 65 -24.77 22.02 85.79
CA GLN B 65 -23.36 22.28 85.68
C GLN B 65 -22.70 22.08 87.02
N ASN B 66 -22.86 20.89 87.57
CA ASN B 66 -22.48 20.58 88.96
C ASN B 66 -20.99 20.63 89.30
N ARG B 67 -20.13 20.31 88.35
CA ARG B 67 -18.72 20.26 88.66
C ARG B 67 -18.17 21.64 88.94
N ILE B 68 -18.39 22.59 88.03
CA ILE B 68 -17.86 23.95 88.24
C ILE B 68 -18.49 24.57 89.49
N LEU B 69 -19.76 24.30 89.70
CA LEU B 69 -20.48 24.78 90.87
C LEU B 69 -19.80 24.25 92.14
N ARG B 70 -19.51 22.94 92.18
CA ARG B 70 -18.78 22.31 93.30
C ARG B 70 -17.39 22.88 93.55
N LEU B 71 -16.58 22.94 92.50
CA LEU B 71 -15.22 23.43 92.62
C LEU B 71 -15.26 24.87 93.07
N ALA B 72 -16.23 25.61 92.59
CA ALA B 72 -16.36 27.03 92.97
C ALA B 72 -16.71 27.20 94.44
N LYS B 73 -17.64 26.38 94.92
CA LYS B 73 -18.09 26.45 96.29
C LYS B 73 -16.91 26.21 97.20
N GLU B 74 -16.26 25.06 97.03
CA GLU B 74 -15.12 24.65 97.83
C GLU B 74 -14.02 25.70 97.87
N LEU B 75 -13.83 26.41 96.77
CA LEU B 75 -12.84 27.49 96.69
C LEU B 75 -13.32 28.76 97.35
N GLY B 76 -14.55 28.76 97.86
CA GLY B 76 -15.10 29.88 98.62
C GLY B 76 -16.10 30.80 97.95
N LEU B 77 -16.45 30.49 96.70
CA LEU B 77 -17.23 31.41 95.87
C LEU B 77 -18.77 31.26 95.97
N GLU B 78 -19.48 32.33 95.61
CA GLU B 78 -20.94 32.37 95.67
C GLU B 78 -21.55 32.80 94.33
N THR B 79 -22.77 32.36 94.05
CA THR B 79 -23.43 32.80 92.82
C THR B 79 -24.61 33.70 93.09
N TYR B 80 -24.95 34.48 92.06
CA TYR B 80 -26.17 35.27 92.09
C TYR B 80 -26.96 35.11 90.83
N LYS B 81 -28.28 35.27 90.90
CA LYS B 81 -29.14 35.12 89.72
C LYS B 81 -29.00 36.28 88.71
N VAL B 82 -28.80 35.92 87.44
CA VAL B 82 -28.82 36.89 86.34
C VAL B 82 -30.22 37.45 86.35
N ASN B 83 -30.37 38.74 86.07
CA ASN B 83 -31.69 39.33 86.16
C ASN B 83 -32.70 38.86 85.08
N GLU B 84 -33.77 38.19 85.49
CA GLU B 84 -34.87 37.94 84.55
C GLU B 84 -36.29 38.25 85.13
N VAL B 85 -36.39 39.20 86.04
CA VAL B 85 -37.65 39.44 86.72
C VAL B 85 -38.67 39.97 85.72
N GLU B 86 -38.24 40.95 84.91
CA GLU B 86 -39.14 41.66 84.02
C GLU B 86 -39.26 40.99 82.63
N ARG B 87 -39.71 41.72 81.61
CA ARG B 87 -40.05 41.11 80.35
C ARG B 87 -38.81 41.04 79.45
N LEU B 88 -38.71 39.98 78.62
CA LEU B 88 -37.69 39.95 77.58
C LEU B 88 -38.18 40.60 76.27
N ILE B 89 -37.26 41.04 75.42
CA ILE B 89 -37.66 41.62 74.15
C ILE B 89 -37.09 40.81 72.99
N HIS B 90 -37.99 40.42 72.08
CA HIS B 90 -37.67 39.95 70.75
C HIS B 90 -37.86 41.14 69.81
N HIS B 91 -36.78 41.58 69.18
CA HIS B 91 -36.85 42.74 68.30
C HIS B 91 -36.78 42.22 66.88
N VAL B 92 -37.91 42.33 66.16
CA VAL B 92 -37.93 41.81 64.80
C VAL B 92 -38.53 42.74 63.74
N LYS B 93 -37.86 42.82 62.59
CA LYS B 93 -38.19 43.75 61.50
C LYS B 93 -38.43 45.16 62.00
N GLY B 94 -37.47 45.67 62.77
CA GLY B 94 -37.51 47.03 63.26
C GLY B 94 -38.45 47.35 64.42
N LYS B 95 -39.10 46.34 65.01
CA LYS B 95 -40.04 46.59 66.12
C LYS B 95 -39.75 45.69 67.34
N SER B 96 -40.10 46.15 68.54
CA SER B 96 -39.82 45.37 69.74
C SER B 96 -41.07 44.74 70.32
N TYR B 97 -41.05 43.44 70.51
CA TYR B 97 -42.18 42.73 71.11
C TYR B 97 -41.76 42.07 72.39
N PRO B 98 -42.32 42.52 73.49
CA PRO B 98 -42.01 41.97 74.81
C PRO B 98 -42.60 40.62 74.97
N PHE B 99 -42.02 39.80 75.84
CA PHE B 99 -42.54 38.47 76.16
C PHE B 99 -41.98 37.87 77.43
N ARG B 100 -42.53 36.73 77.83
CA ARG B 100 -42.08 35.95 79.00
C ARG B 100 -41.72 34.51 78.60
N GLY B 101 -41.07 33.76 79.48
CA GLY B 101 -40.64 32.41 79.17
C GLY B 101 -39.44 32.39 78.26
N PRO B 102 -38.90 31.23 77.95
CA PRO B 102 -37.62 31.09 77.23
C PRO B 102 -37.67 31.44 75.75
N PHE B 103 -38.77 31.12 75.09
CA PHE B 103 -38.92 31.27 73.64
C PHE B 103 -39.83 32.45 73.33
N PRO B 104 -39.43 33.29 72.37
CA PRO B 104 -40.29 34.40 71.93
C PRO B 104 -41.50 33.81 71.24
N PRO B 105 -42.69 34.34 71.49
CA PRO B 105 -43.92 33.68 71.01
C PRO B 105 -44.12 34.02 69.54
N VAL B 106 -44.81 33.12 68.84
CA VAL B 106 -45.09 33.31 67.43
C VAL B 106 -46.59 33.09 67.22
N TRP B 107 -47.23 33.99 66.48
CA TRP B 107 -48.70 34.03 66.45
C TRP B 107 -49.33 33.33 65.27
N ASN B 108 -48.76 33.52 64.07
CA ASN B 108 -49.17 32.78 62.87
C ASN B 108 -49.18 31.26 63.07
N PRO B 109 -50.29 30.57 62.81
CA PRO B 109 -50.37 29.16 63.19
C PRO B 109 -49.45 28.26 62.36
N ILE B 110 -49.27 28.59 61.08
CA ILE B 110 -48.34 27.87 60.22
C ILE B 110 -46.91 28.04 60.77
N THR B 111 -46.44 29.28 60.79
CA THR B 111 -45.14 29.56 61.37
C THR B 111 -44.94 28.86 62.71
N TYR B 112 -45.97 28.86 63.54
CA TYR B 112 -45.90 28.22 64.85
C TYR B 112 -45.57 26.75 64.72
N LEU B 113 -46.22 26.06 63.79
CA LEU B 113 -45.99 24.62 63.63
C LEU B 113 -44.53 24.33 63.28
N ASP B 114 -44.00 25.19 62.38
CA ASP B 114 -42.64 25.12 61.86
C ASP B 114 -41.63 25.31 62.99
N HIS B 115 -41.78 26.41 63.73
CA HIS B 115 -40.91 26.73 64.85
C HIS B 115 -40.87 25.60 65.83
N ASN B 116 -42.03 25.13 66.24
CA ASN B 116 -42.11 24.11 67.26
C ASN B 116 -41.45 22.84 66.74
N ASN B 117 -41.62 22.56 65.46
CA ASN B 117 -41.03 21.38 64.92
C ASN B 117 -39.50 21.49 64.89
N PHE B 118 -38.99 22.65 64.49
CA PHE B 118 -37.54 22.86 64.47
C PHE B 118 -36.88 22.51 65.81
N TRP B 119 -37.29 23.21 66.87
CA TRP B 119 -36.70 22.98 68.18
C TRP B 119 -36.80 21.55 68.59
N ARG B 120 -37.86 20.89 68.16
CA ARG B 120 -38.17 19.55 68.61
C ARG B 120 -37.28 18.57 67.90
N THR B 121 -37.00 18.87 66.64
CA THR B 121 -36.18 18.01 65.78
C THR B 121 -34.69 18.07 66.12
N MET B 122 -34.23 19.22 66.61
CA MET B 122 -32.88 19.37 67.08
C MET B 122 -32.72 18.36 68.16
N ASP B 123 -33.71 18.32 69.05
CA ASP B 123 -33.66 17.45 70.20
C ASP B 123 -33.90 15.98 69.82
N ASP B 124 -34.78 15.73 68.86
CA ASP B 124 -35.04 14.39 68.35
C ASP B 124 -33.78 13.79 67.77
N MET B 125 -33.14 14.54 66.87
CA MET B 125 -31.87 14.16 66.26
C MET B 125 -30.80 13.94 67.30
N GLY B 126 -30.87 14.68 68.38
CA GLY B 126 -29.83 14.65 69.38
C GLY B 126 -29.88 13.36 70.15
N ARG B 127 -31.07 12.85 70.36
CA ARG B 127 -31.23 11.68 71.20
C ARG B 127 -30.52 10.49 70.58
N GLU B 128 -30.15 10.65 69.31
CA GLU B 128 -29.51 9.61 68.53
C GLU B 128 -27.99 9.70 68.53
N ILE B 129 -27.44 10.71 69.20
CA ILE B 129 -25.98 10.93 69.25
C ILE B 129 -25.44 10.76 70.66
N PRO B 130 -24.51 9.83 70.86
CA PRO B 130 -23.91 9.62 72.17
C PRO B 130 -22.90 10.71 72.59
N SER B 131 -22.94 11.25 73.80
CA SER B 131 -21.98 12.30 74.22
C SER B 131 -20.53 11.83 74.20
N ASP B 132 -20.25 10.82 75.00
CA ASP B 132 -19.26 9.76 74.80
C ASP B 132 -18.57 9.69 73.43
N ALA B 133 -19.35 9.53 72.36
CA ALA B 133 -18.79 9.29 71.06
C ALA B 133 -19.77 9.59 69.92
N PRO B 134 -19.88 10.87 69.54
CA PRO B 134 -20.86 11.31 68.56
C PRO B 134 -20.73 10.64 67.22
N TRP B 135 -19.53 10.18 66.92
CA TRP B 135 -19.24 9.56 65.64
C TRP B 135 -19.87 8.18 65.52
N LYS B 136 -20.38 7.65 66.63
CA LYS B 136 -21.04 6.35 66.62
C LYS B 136 -22.53 6.44 66.41
N ALA B 137 -23.03 7.65 66.17
CA ALA B 137 -24.41 7.87 65.79
C ALA B 137 -24.73 7.06 64.55
N PRO B 138 -25.93 6.47 64.52
CA PRO B 138 -26.41 5.74 63.36
C PRO B 138 -26.21 6.51 62.09
N LEU B 139 -26.48 7.81 62.05
CA LEU B 139 -26.30 8.55 60.80
C LEU B 139 -25.14 9.54 60.81
N ALA B 140 -24.10 9.21 61.58
CA ALA B 140 -22.91 10.02 61.72
C ALA B 140 -22.39 10.52 60.39
N GLU B 141 -22.14 9.62 59.44
CA GLU B 141 -21.59 10.03 58.13
C GLU B 141 -22.42 11.11 57.47
N GLU B 142 -23.71 10.82 57.28
CA GLU B 142 -24.64 11.68 56.58
C GLU B 142 -24.70 13.01 57.25
N TRP B 143 -24.89 13.00 58.56
CA TRP B 143 -25.04 14.21 59.33
C TRP B 143 -23.78 15.03 59.36
N ASP B 144 -22.64 14.37 59.51
CA ASP B 144 -21.34 15.04 59.58
C ASP B 144 -20.88 15.55 58.24
N ASN B 145 -21.40 14.99 57.16
CA ASN B 145 -20.95 15.40 55.82
C ASN B 145 -21.70 16.60 55.33
N MET B 146 -22.50 17.22 56.19
CA MET B 146 -23.53 18.19 55.83
C MET B 146 -23.48 19.33 56.84
N THR B 147 -23.66 20.57 56.37
CA THR B 147 -23.50 21.74 57.26
C THR B 147 -24.79 22.04 57.99
N MET B 148 -24.73 22.92 58.97
CA MET B 148 -25.92 23.29 59.71
C MET B 148 -26.83 24.11 58.82
N LYS B 149 -26.26 24.84 57.87
CA LYS B 149 -27.05 25.64 56.92
C LYS B 149 -27.88 24.78 56.02
N GLU B 150 -27.28 23.68 55.55
CA GLU B 150 -27.97 22.67 54.79
C GLU B 150 -29.12 22.13 55.56
N LEU B 151 -28.89 21.68 56.79
CA LEU B 151 -29.93 21.07 57.61
C LEU B 151 -31.04 22.03 57.84
N LEU B 152 -30.70 23.28 58.10
CA LEU B 152 -31.72 24.30 58.28
C LEU B 152 -32.50 24.52 57.02
N ASP B 153 -31.82 24.66 55.89
CA ASP B 153 -32.51 24.85 54.62
C ASP B 153 -33.54 23.74 54.40
N LYS B 154 -33.27 22.56 54.91
CA LYS B 154 -34.10 21.38 54.66
C LYS B 154 -35.29 21.33 55.63
N LEU B 155 -35.02 21.71 56.86
CA LEU B 155 -35.94 21.52 57.98
C LEU B 155 -36.94 22.65 58.19
N CYS B 156 -36.63 23.83 57.71
CA CYS B 156 -37.42 24.99 58.01
C CYS B 156 -38.22 25.47 56.81
N TRP B 157 -39.56 25.40 56.94
CA TRP B 157 -40.45 25.80 55.84
C TRP B 157 -40.78 27.30 55.84
N THR B 158 -40.44 28.00 56.92
CA THR B 158 -40.67 29.44 57.04
C THR B 158 -39.39 30.19 57.20
N GLU B 159 -39.32 31.39 56.60
CA GLU B 159 -38.18 32.26 56.77
C GLU B 159 -37.97 32.68 58.22
N SER B 160 -39.07 32.90 58.95
CA SER B 160 -38.99 33.26 60.37
C SER B 160 -38.28 32.21 61.21
N ALA B 161 -38.45 30.93 60.90
CA ALA B 161 -37.79 29.90 61.68
C ALA B 161 -36.34 29.72 61.26
N LYS B 162 -36.04 29.86 59.96
CA LYS B 162 -34.66 29.77 59.48
C LYS B 162 -33.77 30.82 60.16
N GLN B 163 -34.36 31.98 60.39
CA GLN B 163 -33.64 33.09 60.94
C GLN B 163 -33.35 32.95 62.42
N LEU B 164 -34.36 32.50 63.19
CA LEU B 164 -34.19 32.24 64.61
C LEU B 164 -33.21 31.11 64.82
N ALA B 165 -33.32 30.05 64.02
CA ALA B 165 -32.41 28.91 64.08
C ALA B 165 -30.98 29.34 63.82
N THR B 166 -30.78 30.12 62.78
CA THR B 166 -29.48 30.75 62.52
C THR B 166 -28.93 31.54 63.70
N LEU B 167 -29.77 32.43 64.27
CA LEU B 167 -29.35 33.19 65.42
C LEU B 167 -28.95 32.21 66.52
N PHE B 168 -29.77 31.21 66.77
CA PHE B 168 -29.48 30.17 67.74
C PHE B 168 -28.11 29.52 67.51
N VAL B 169 -27.80 29.16 66.26
CA VAL B 169 -26.48 28.58 65.97
C VAL B 169 -25.39 29.62 66.20
N ASN B 170 -25.48 30.78 65.55
CA ASN B 170 -24.53 31.89 65.79
C ASN B 170 -24.23 32.19 67.26
N LEU B 171 -25.28 32.17 68.08
CA LEU B 171 -25.11 32.50 69.48
C LEU B 171 -24.48 31.36 70.27
N CYS B 172 -24.81 30.11 69.95
CA CYS B 172 -24.26 28.96 70.67
C CYS B 172 -22.78 28.67 70.44
N VAL B 173 -22.29 28.90 69.21
CA VAL B 173 -21.00 28.41 68.82
C VAL B 173 -20.19 29.45 68.06
N THR B 174 -20.69 30.68 67.98
CA THR B 174 -19.94 31.81 67.44
C THR B 174 -19.36 31.49 66.10
N ALA B 175 -20.16 30.85 65.27
CA ALA B 175 -19.76 30.52 63.92
C ALA B 175 -20.98 30.55 63.02
N GLU B 176 -20.75 30.56 61.72
CA GLU B 176 -21.84 30.58 60.79
C GLU B 176 -22.41 29.17 60.62
N THR B 177 -23.69 29.05 60.24
CA THR B 177 -24.27 27.75 60.01
C THR B 177 -23.58 27.06 58.86
N HIS B 178 -23.11 27.81 57.87
CA HIS B 178 -22.38 27.19 56.79
C HIS B 178 -20.95 26.85 57.17
N GLU B 179 -20.52 27.22 58.35
CA GLU B 179 -19.16 26.86 58.75
C GLU B 179 -19.09 25.46 59.43
N VAL B 180 -20.19 25.01 60.00
CA VAL B 180 -20.12 23.95 60.99
C VAL B 180 -20.82 22.72 60.53
N SER B 181 -20.31 21.55 60.92
CA SER B 181 -20.95 20.31 60.59
C SER B 181 -22.22 20.10 61.41
N ALA B 182 -23.29 19.66 60.76
CA ALA B 182 -24.55 19.33 61.45
C ALA B 182 -24.36 18.31 62.60
N LEU B 183 -23.63 17.23 62.34
CA LEU B 183 -23.48 16.22 63.37
C LEU B 183 -22.90 16.87 64.60
N TRP B 184 -21.86 17.68 64.42
CA TRP B 184 -21.16 18.27 65.55
C TRP B 184 -22.07 19.23 66.29
N PHE B 185 -22.78 20.08 65.56
CA PHE B 185 -23.61 21.04 66.24
C PHE B 185 -24.68 20.35 67.07
N LEU B 186 -25.31 19.33 66.50
CA LEU B 186 -26.37 18.62 67.17
C LEU B 186 -25.84 17.99 68.45
N TRP B 187 -24.61 17.45 68.37
CA TRP B 187 -23.92 16.85 69.52
C TRP B 187 -23.74 17.89 70.60
N TYR B 188 -23.16 19.01 70.21
CA TYR B 188 -22.95 20.14 71.09
C TYR B 188 -24.15 20.49 71.94
N VAL B 189 -25.30 20.67 71.29
CA VAL B 189 -26.53 21.10 71.96
C VAL B 189 -27.01 20.01 72.88
N LYS B 190 -26.93 18.77 72.42
CA LYS B 190 -27.44 17.69 73.22
C LYS B 190 -26.61 17.39 74.45
N GLN B 191 -25.29 17.52 74.35
CA GLN B 191 -24.41 17.33 75.50
C GLN B 191 -24.55 18.42 76.56
N CYS B 192 -25.38 19.43 76.30
CA CYS B 192 -25.73 20.41 77.32
C CYS B 192 -27.11 20.12 77.94
N GLY B 193 -27.91 19.30 77.29
CA GLY B 193 -29.20 18.92 77.84
C GLY B 193 -30.35 19.34 76.96
N GLY B 194 -30.02 19.67 75.71
CA GLY B 194 -31.00 19.98 74.70
C GLY B 194 -31.28 21.46 74.61
N THR B 195 -32.15 21.83 73.68
CA THR B 195 -32.40 23.24 73.36
C THR B 195 -32.91 24.10 74.54
N THR B 196 -33.93 23.63 75.26
CA THR B 196 -34.41 24.38 76.41
C THR B 196 -33.28 24.65 77.40
N ARG B 197 -32.54 23.65 77.81
CA ARG B 197 -31.51 23.89 78.82
C ARG B 197 -30.46 24.92 78.34
N ILE B 198 -30.02 24.78 77.11
CA ILE B 198 -28.96 25.64 76.61
C ILE B 198 -29.44 27.07 76.41
N ILE B 199 -30.69 27.26 76.02
CA ILE B 199 -31.14 28.61 75.69
C ILE B 199 -31.72 29.36 76.86
N SER B 200 -32.08 28.63 77.93
CA SER B 200 -32.71 29.21 79.11
C SER B 200 -31.81 30.00 80.08
N THR B 201 -32.29 31.20 80.46
CA THR B 201 -31.73 31.94 81.58
C THR B 201 -32.21 31.29 82.87
N THR B 202 -33.44 31.58 83.30
CA THR B 202 -34.03 30.89 84.45
C THR B 202 -34.07 29.42 84.13
N ASN B 203 -33.55 28.61 85.02
CA ASN B 203 -33.48 27.16 84.85
C ASN B 203 -32.70 26.62 83.64
N GLY B 204 -31.62 27.32 83.32
CA GLY B 204 -30.73 26.85 82.28
C GLY B 204 -29.35 27.42 82.40
N GLY B 205 -28.69 27.51 81.24
CA GLY B 205 -27.26 27.74 81.19
C GLY B 205 -26.82 29.11 81.61
N GLN B 206 -27.70 30.09 81.44
CA GLN B 206 -27.34 31.47 81.78
C GLN B 206 -28.00 31.98 83.06
N GLU B 207 -28.39 31.05 83.94
CA GLU B 207 -29.09 31.39 85.17
C GLU B 207 -28.31 32.29 86.07
N ARG B 208 -27.02 32.04 86.22
CA ARG B 208 -26.26 32.67 87.29
C ARG B 208 -24.87 33.11 86.89
N LYS B 209 -24.26 33.96 87.73
CA LYS B 209 -22.86 34.37 87.61
C LYS B 209 -22.23 34.27 88.98
N PHE B 210 -20.91 34.21 89.03
CA PHE B 210 -20.21 34.17 90.30
C PHE B 210 -20.02 35.57 90.79
N VAL B 211 -20.34 35.78 92.06
CA VAL B 211 -20.06 37.04 92.76
C VAL B 211 -18.56 37.25 92.70
N GLY B 212 -18.12 38.38 92.17
CA GLY B 212 -16.73 38.75 92.20
C GLY B 212 -15.94 38.32 90.98
N GLY B 213 -16.57 37.53 90.09
CA GLY B 213 -15.95 37.12 88.85
C GLY B 213 -15.64 35.64 88.79
N SER B 214 -15.33 35.13 87.61
CA SER B 214 -15.01 33.70 87.53
C SER B 214 -13.50 33.51 87.46
N GLY B 215 -12.80 34.59 87.11
CA GLY B 215 -11.35 34.59 87.18
C GLY B 215 -10.95 34.04 88.52
N GLN B 216 -11.78 34.32 89.52
CA GLN B 216 -11.56 33.90 90.89
C GLN B 216 -11.30 32.44 90.96
N VAL B 217 -11.97 31.63 90.15
CA VAL B 217 -11.80 30.16 90.20
C VAL B 217 -10.33 29.72 90.06
N SER B 218 -9.69 30.12 88.98
CA SER B 218 -8.35 29.63 88.71
C SER B 218 -7.31 30.37 89.51
N GLU B 219 -7.64 31.60 89.87
CA GLU B 219 -6.81 32.43 90.77
C GLU B 219 -6.66 31.76 92.12
N ARG B 220 -7.77 31.43 92.75
CA ARG B 220 -7.74 30.83 94.06
C ARG B 220 -7.04 29.50 94.07
N ILE B 221 -7.08 28.76 92.96
CA ILE B 221 -6.34 27.52 92.83
C ILE B 221 -4.86 27.84 92.73
N MET B 222 -4.49 28.89 92.00
CA MET B 222 -3.09 29.31 91.97
C MET B 222 -2.58 29.57 93.38
N ASP B 223 -3.44 30.12 94.24
CA ASP B 223 -3.08 30.39 95.64
C ASP B 223 -2.77 29.11 96.40
N LEU B 224 -3.62 28.08 96.24
CA LEU B 224 -3.41 26.82 96.90
C LEU B 224 -2.13 26.13 96.47
N LEU B 225 -1.59 26.53 95.34
CA LEU B 225 -0.43 25.82 94.78
C LEU B 225 0.90 26.53 95.04
N GLY B 226 0.86 27.65 95.75
CA GLY B 226 2.05 28.47 95.93
C GLY B 226 2.81 28.67 94.63
N ASP B 227 4.13 28.53 94.74
CA ASP B 227 5.05 28.82 93.65
C ASP B 227 5.02 27.80 92.49
N ARG B 228 4.11 26.82 92.55
CA ARG B 228 4.00 25.79 91.50
C ARG B 228 3.49 26.23 90.12
N VAL B 229 2.71 27.32 90.04
CA VAL B 229 2.22 27.83 88.76
C VAL B 229 3.24 28.82 88.26
N LYS B 230 3.71 28.61 87.04
CA LYS B 230 4.75 29.45 86.48
C LYS B 230 4.19 30.26 85.34
N LEU B 231 3.93 31.53 85.59
CA LEU B 231 3.38 32.42 84.58
C LEU B 231 4.45 32.79 83.58
N GLU B 232 4.04 33.43 82.49
CA GLU B 232 4.93 33.80 81.39
C GLU B 232 5.85 32.69 80.87
N ARG B 233 5.35 31.46 80.92
CA ARG B 233 6.04 30.26 80.44
C ARG B 233 5.29 29.50 79.31
N PRO B 234 5.33 30.00 78.08
CA PRO B 234 4.70 29.31 76.98
C PRO B 234 5.50 28.07 76.59
N VAL B 235 4.91 26.90 76.59
CA VAL B 235 5.61 25.68 76.18
C VAL B 235 5.84 25.67 74.68
N ILE B 236 7.04 25.30 74.24
CA ILE B 236 7.39 25.29 72.81
C ILE B 236 7.94 24.01 72.30
N TYR B 237 8.20 23.04 73.17
CA TYR B 237 8.85 21.80 72.78
C TYR B 237 8.54 20.73 73.82
N ILE B 238 7.98 19.61 73.38
CA ILE B 238 7.86 18.45 74.25
C ILE B 238 8.62 17.29 73.64
N ASP B 239 9.50 16.66 74.44
CA ASP B 239 10.41 15.60 73.99
C ASP B 239 10.16 14.31 74.78
N GLN B 240 9.80 13.23 74.09
CA GLN B 240 9.42 11.97 74.74
C GLN B 240 10.35 10.81 74.42
N THR B 241 11.49 11.13 73.80
CA THR B 241 12.52 10.16 73.43
C THR B 241 13.10 9.36 74.62
N ARG B 242 13.43 10.07 75.70
CA ARG B 242 14.08 9.48 76.88
C ARG B 242 13.10 8.75 77.84
N GLU B 243 13.59 8.46 79.05
CA GLU B 243 12.81 7.89 80.15
C GLU B 243 11.81 8.92 80.75
N ASN B 244 12.30 10.13 81.04
CA ASN B 244 11.41 11.21 81.47
C ASN B 244 11.04 12.15 80.33
N VAL B 245 9.83 12.72 80.38
CA VAL B 245 9.38 13.68 79.37
C VAL B 245 9.99 15.03 79.66
N LEU B 246 10.66 15.60 78.67
CA LEU B 246 11.18 16.96 78.78
C LEU B 246 10.21 17.95 78.14
N VAL B 247 9.88 19.01 78.87
CA VAL B 247 9.02 20.08 78.39
C VAL B 247 9.78 21.40 78.44
N GLU B 248 9.87 22.12 77.32
CA GLU B 248 10.70 23.33 77.24
C GLU B 248 9.91 24.58 76.88
N THR B 249 10.19 25.68 77.58
CA THR B 249 9.44 26.93 77.44
C THR B 249 10.17 27.97 76.59
N LEU B 250 9.45 28.98 76.16
CA LEU B 250 9.99 29.94 75.22
C LEU B 250 11.18 30.71 75.79
N ASN B 251 11.22 30.86 77.11
CA ASN B 251 12.32 31.58 77.77
C ASN B 251 13.50 30.69 78.14
N HIS B 252 13.38 29.40 77.81
CA HIS B 252 14.50 28.45 77.80
C HIS B 252 14.56 27.48 78.98
N GLU B 253 13.70 27.65 79.96
CA GLU B 253 13.66 26.72 81.08
C GLU B 253 13.29 25.29 80.67
N MET B 254 13.80 24.28 81.38
CA MET B 254 13.48 22.90 81.08
C MET B 254 12.80 22.29 82.26
N TYR B 255 11.75 21.50 82.01
CA TYR B 255 11.03 20.81 83.07
C TYR B 255 10.95 19.34 82.70
N GLU B 256 11.07 18.46 83.69
CA GLU B 256 11.11 17.01 83.45
C GLU B 256 10.01 16.33 84.21
N ALA B 257 9.30 15.39 83.58
CA ALA B 257 8.17 14.77 84.28
C ALA B 257 7.85 13.39 83.83
N LYS B 258 7.22 12.63 84.70
CA LYS B 258 6.79 11.31 84.32
C LYS B 258 5.65 11.37 83.32
N TYR B 259 4.81 12.41 83.41
CA TYR B 259 3.58 12.57 82.62
C TYR B 259 3.30 14.03 82.26
N VAL B 260 2.49 14.26 81.23
CA VAL B 260 2.08 15.60 80.85
C VAL B 260 0.57 15.64 80.60
N ILE B 261 -0.12 16.65 81.15
CA ILE B 261 -1.49 16.98 80.77
C ILE B 261 -1.42 18.21 79.87
N SER B 262 -2.00 18.11 78.69
CA SER B 262 -2.09 19.25 77.82
C SER B 262 -3.50 19.71 77.99
N ALA B 263 -3.66 20.92 78.52
CA ALA B 263 -4.97 21.45 78.79
C ALA B 263 -5.15 22.74 78.03
N ILE B 264 -4.65 22.80 76.80
CA ILE B 264 -4.83 23.97 75.97
C ILE B 264 -5.77 23.60 74.86
N PRO B 265 -6.30 24.59 74.13
CA PRO B 265 -7.29 24.30 73.08
C PRO B 265 -6.63 23.43 72.03
N PRO B 266 -7.34 22.41 71.53
CA PRO B 266 -6.78 21.44 70.62
C PRO B 266 -5.86 22.03 69.63
N THR B 267 -6.38 22.91 68.78
CA THR B 267 -5.55 23.44 67.74
C THR B 267 -4.31 24.12 68.24
N LEU B 268 -4.26 24.47 69.52
CA LEU B 268 -3.16 25.30 69.95
C LEU B 268 -1.94 24.47 70.28
N GLY B 269 -2.08 23.16 70.03
CA GLY B 269 -1.01 22.20 70.18
C GLY B 269 -0.03 22.42 69.05
N MET B 270 -0.51 23.06 67.99
CA MET B 270 0.31 23.42 66.84
C MET B 270 1.52 24.23 67.26
N LYS B 271 1.38 24.91 68.39
CA LYS B 271 2.35 25.86 68.89
C LYS B 271 3.52 25.21 69.62
N ILE B 272 3.46 23.89 69.74
CA ILE B 272 4.48 23.09 70.41
C ILE B 272 5.19 22.22 69.37
N HIS B 273 6.50 22.18 69.38
CA HIS B 273 7.22 21.24 68.51
C HIS B 273 7.40 19.87 69.20
N PHE B 274 7.05 18.79 68.50
CA PHE B 274 7.06 17.46 69.11
C PHE B 274 8.18 16.49 68.65
N ASN B 275 8.70 15.72 69.59
CA ASN B 275 9.72 14.74 69.30
C ASN B 275 9.48 13.51 70.17
N PRO B 276 9.19 12.36 69.59
CA PRO B 276 9.13 12.17 68.14
C PRO B 276 7.89 12.87 67.57
N PRO B 277 7.82 13.10 66.27
CA PRO B 277 6.61 13.64 65.68
C PRO B 277 5.34 13.01 66.25
N LEU B 278 4.21 13.74 66.28
CA LEU B 278 2.95 13.18 66.74
C LEU B 278 2.53 12.15 65.72
N PRO B 279 1.73 11.18 66.16
CA PRO B 279 1.04 10.24 65.25
C PRO B 279 0.32 11.01 64.15
N MET B 280 0.21 10.43 62.96
CA MET B 280 -0.41 11.15 61.85
C MET B 280 -1.78 11.72 62.21
N MET B 281 -2.66 10.93 62.82
CA MET B 281 -4.00 11.40 63.11
C MET B 281 -3.99 12.70 63.90
N ARG B 282 -3.24 12.78 64.98
CA ARG B 282 -3.21 14.00 65.78
C ARG B 282 -2.54 15.16 65.06
N ASN B 283 -1.38 14.92 64.46
CA ASN B 283 -0.72 15.92 63.66
C ASN B 283 -1.68 16.62 62.71
N GLN B 284 -2.53 15.87 62.01
CA GLN B 284 -3.50 16.48 61.12
C GLN B 284 -4.79 17.00 61.83
N MET B 285 -5.27 16.29 62.83
CA MET B 285 -6.43 16.71 63.59
C MET B 285 -6.29 18.14 64.08
N ILE B 286 -5.13 18.48 64.60
CA ILE B 286 -4.94 19.78 65.23
C ILE B 286 -4.83 20.91 64.21
N THR B 287 -5.06 20.63 62.92
CA THR B 287 -5.10 21.72 61.92
C THR B 287 -6.51 21.88 61.39
N ARG B 288 -7.38 20.98 61.83
CA ARG B 288 -8.74 20.93 61.33
C ARG B 288 -9.79 21.40 62.34
N VAL B 289 -9.37 22.06 63.41
CA VAL B 289 -10.29 22.33 64.51
C VAL B 289 -10.20 23.78 65.01
N PRO B 290 -10.81 24.72 64.30
CA PRO B 290 -10.76 26.14 64.64
C PRO B 290 -11.67 26.55 65.81
N LEU B 291 -11.36 27.69 66.41
CA LEU B 291 -12.25 28.25 67.42
C LEU B 291 -13.09 29.36 66.81
N GLY B 292 -14.22 29.64 67.43
CA GLY B 292 -15.15 30.67 66.96
C GLY B 292 -14.71 32.12 67.11
N SER B 293 -15.58 33.04 66.73
CA SER B 293 -15.24 34.45 66.74
C SER B 293 -16.31 35.25 67.48
N VAL B 294 -15.89 36.04 68.46
CA VAL B 294 -16.81 36.81 69.29
C VAL B 294 -16.12 38.03 69.88
N ILE B 295 -16.88 39.11 70.04
CA ILE B 295 -16.45 40.23 70.86
C ILE B 295 -17.42 40.36 72.03
N LYS B 296 -16.95 40.30 73.26
CA LYS B 296 -17.84 40.54 74.37
C LYS B 296 -17.84 42.03 74.70
N CYS B 297 -19.03 42.65 74.78
CA CYS B 297 -19.14 44.08 75.04
C CYS B 297 -20.10 44.42 76.18
N ILE B 298 -19.61 45.29 77.07
CA ILE B 298 -20.42 45.73 78.19
C ILE B 298 -20.50 47.25 78.22
N VAL B 299 -21.73 47.77 78.22
CA VAL B 299 -22.03 49.18 78.31
C VAL B 299 -22.69 49.42 79.65
N TYR B 300 -22.08 50.37 80.39
CA TYR B 300 -22.43 50.81 81.75
C TYR B 300 -23.30 52.04 81.77
N TYR B 301 -24.34 52.00 82.60
CA TYR B 301 -25.31 53.09 82.70
C TYR B 301 -25.54 53.54 84.14
N LYS B 302 -25.86 54.83 84.32
CA LYS B 302 -26.17 55.40 85.63
C LYS B 302 -27.11 54.55 86.47
N GLU B 303 -28.07 53.92 85.82
CA GLU B 303 -29.12 53.20 86.51
C GLU B 303 -29.65 52.12 85.56
N PRO B 304 -30.16 51.02 86.09
CA PRO B 304 -30.81 50.00 85.27
C PRO B 304 -32.16 50.45 84.68
N PHE B 305 -32.10 51.48 83.83
CA PHE B 305 -33.32 52.12 83.37
C PHE B 305 -34.34 51.17 82.80
N TRP B 306 -33.87 50.15 82.13
CA TRP B 306 -34.78 49.25 81.44
C TRP B 306 -35.83 48.74 82.39
N ARG B 307 -35.47 48.51 83.64
CA ARG B 307 -36.39 47.84 84.58
C ARG B 307 -37.63 48.68 84.84
N LYS B 308 -37.45 50.01 84.93
CA LYS B 308 -38.56 50.96 85.10
C LYS B 308 -39.59 50.85 83.95
N LYS B 309 -39.15 50.45 82.76
CA LYS B 309 -40.05 50.21 81.64
C LYS B 309 -40.51 48.77 81.59
N ASP B 310 -40.30 48.01 82.68
CA ASP B 310 -40.68 46.57 82.80
C ASP B 310 -40.01 45.68 81.77
N TYR B 311 -38.78 45.99 81.43
CA TYR B 311 -37.91 45.16 80.58
C TYR B 311 -36.81 44.64 81.47
N CYS B 312 -36.48 43.36 81.37
CA CYS B 312 -35.42 42.82 82.22
C CYS B 312 -33.99 43.08 81.75
N GLY B 313 -33.81 43.32 80.45
CA GLY B 313 -32.51 43.63 79.91
C GLY B 313 -32.14 42.71 78.78
N THR B 314 -32.87 41.59 78.67
CA THR B 314 -32.65 40.59 77.65
C THR B 314 -33.21 41.06 76.33
N MET B 315 -32.41 41.02 75.28
CA MET B 315 -32.90 41.35 73.96
C MET B 315 -32.44 40.29 72.99
N ILE B 316 -33.35 39.78 72.15
CA ILE B 316 -32.98 38.87 71.09
C ILE B 316 -33.26 39.62 69.80
N ILE B 317 -32.21 39.97 69.07
CA ILE B 317 -32.31 40.91 67.95
C ILE B 317 -32.00 40.29 66.58
N ASP B 318 -33.05 40.11 65.80
CA ASP B 318 -32.94 39.60 64.44
C ASP B 318 -32.31 40.59 63.44
N GLY B 319 -31.80 40.08 62.35
CA GLY B 319 -31.34 40.97 61.30
C GLY B 319 -29.85 41.09 61.14
N GLU B 320 -29.46 41.42 59.92
CA GLU B 320 -28.06 41.58 59.58
C GLU B 320 -27.49 42.92 60.10
N GLU B 321 -28.30 43.98 60.14
CA GLU B 321 -27.76 45.30 60.43
C GLU B 321 -27.40 45.46 61.90
N ALA B 322 -28.06 44.71 62.78
CA ALA B 322 -27.78 44.82 64.20
C ALA B 322 -26.42 44.25 64.54
N PRO B 323 -25.53 45.05 65.15
CA PRO B 323 -24.22 44.56 65.54
C PRO B 323 -24.28 43.50 66.63
N VAL B 324 -25.33 43.43 67.41
CA VAL B 324 -25.40 42.45 68.49
C VAL B 324 -26.74 41.76 68.42
N ALA B 325 -26.74 40.45 68.51
CA ALA B 325 -28.02 39.71 68.41
C ALA B 325 -28.63 39.34 69.77
N TYR B 326 -27.83 39.36 70.82
CA TYR B 326 -28.28 38.90 72.10
C TYR B 326 -27.64 39.71 73.20
N THR B 327 -28.47 40.19 74.14
CA THR B 327 -27.96 40.89 75.33
C THR B 327 -28.55 40.31 76.58
N LEU B 328 -27.80 40.45 77.67
CA LEU B 328 -28.30 40.15 78.99
C LEU B 328 -27.98 41.31 79.92
N ASP B 329 -28.71 41.39 81.04
CA ASP B 329 -28.51 42.44 82.04
C ASP B 329 -27.29 42.07 82.86
N ASP B 330 -26.34 42.99 82.97
CA ASP B 330 -25.11 42.79 83.76
C ASP B 330 -24.97 43.59 85.08
N THR B 331 -26.07 44.15 85.55
CA THR B 331 -26.09 44.86 86.81
C THR B 331 -25.72 43.95 87.99
N LYS B 332 -24.79 44.42 88.82
CA LYS B 332 -24.37 43.66 89.98
C LYS B 332 -25.60 43.38 90.85
N PRO B 333 -25.52 42.34 91.70
CA PRO B 333 -26.69 41.89 92.48
C PRO B 333 -27.28 42.97 93.38
N GLU B 334 -26.54 44.03 93.68
CA GLU B 334 -27.01 45.08 94.57
C GLU B 334 -28.06 45.99 93.91
N GLY B 335 -27.82 46.39 92.66
CA GLY B 335 -28.52 47.48 91.98
C GLY B 335 -27.43 48.35 91.40
N ASN B 336 -26.21 48.11 91.88
CA ASN B 336 -24.99 48.83 91.48
C ASN B 336 -24.53 48.68 90.06
N TYR B 337 -23.76 49.65 89.58
CA TYR B 337 -23.02 49.46 88.34
C TYR B 337 -23.88 48.82 87.27
N ALA B 338 -24.95 49.49 86.87
CA ALA B 338 -25.86 48.89 85.89
C ALA B 338 -25.14 48.77 84.57
N ALA B 339 -25.51 47.75 83.81
CA ALA B 339 -24.83 47.49 82.57
C ALA B 339 -25.65 46.59 81.73
N ILE B 340 -25.41 46.62 80.41
CA ILE B 340 -25.97 45.65 79.45
C ILE B 340 -24.82 44.91 78.78
N MET B 341 -24.84 43.58 78.88
CA MET B 341 -23.88 42.68 78.20
C MET B 341 -24.36 42.27 76.77
N GLY B 342 -23.44 42.27 75.81
CA GLY B 342 -23.81 41.79 74.50
C GLY B 342 -22.68 41.15 73.73
N PHE B 343 -23.01 40.22 72.86
CA PHE B 343 -22.02 39.56 72.00
C PHE B 343 -22.04 40.08 70.57
N ILE B 344 -20.89 40.35 69.99
CA ILE B 344 -20.85 40.59 68.56
C ILE B 344 -20.32 39.29 67.97
N LEU B 345 -21.19 38.58 67.25
CA LEU B 345 -20.90 37.18 66.85
C LEU B 345 -20.40 36.92 65.42
N ALA B 346 -19.62 35.86 65.27
CA ALA B 346 -19.21 35.27 64.00
C ALA B 346 -18.79 36.31 62.97
N HIS B 347 -19.36 36.24 61.77
CA HIS B 347 -18.92 37.15 60.73
C HIS B 347 -18.91 38.61 61.09
N LYS B 348 -19.77 39.01 62.02
CA LYS B 348 -19.84 40.38 62.50
C LYS B 348 -18.65 40.76 63.37
N ALA B 349 -18.09 39.79 64.10
CA ALA B 349 -16.93 40.06 64.91
C ALA B 349 -15.79 40.43 64.00
N ARG B 350 -15.78 39.92 62.78
CA ARG B 350 -14.71 40.28 61.83
C ARG B 350 -14.95 41.66 61.20
N LYS B 351 -16.19 41.97 60.91
CA LYS B 351 -16.58 43.19 60.23
C LYS B 351 -16.38 44.41 61.10
N LEU B 352 -16.77 44.30 62.37
CA LEU B 352 -16.79 45.44 63.27
C LEU B 352 -15.49 45.63 64.04
N ALA B 353 -14.58 44.68 63.92
CA ALA B 353 -13.29 44.85 64.54
C ALA B 353 -12.49 45.93 63.84
N ARG B 354 -12.90 46.26 62.62
CA ARG B 354 -12.27 47.27 61.79
C ARG B 354 -12.47 48.64 62.37
N LEU B 355 -13.60 48.84 63.04
CA LEU B 355 -13.97 50.09 63.72
C LEU B 355 -13.16 50.32 65.00
N THR B 356 -13.27 51.52 65.56
CA THR B 356 -12.59 51.84 66.81
C THR B 356 -13.48 51.49 68.00
N LYS B 357 -12.87 51.36 69.17
CA LYS B 357 -13.60 51.20 70.44
C LYS B 357 -14.83 52.11 70.52
N GLU B 358 -14.64 53.39 70.16
CA GLU B 358 -15.71 54.37 70.33
C GLU B 358 -16.83 54.11 69.33
N GLU B 359 -16.47 53.76 68.10
CA GLU B 359 -17.46 53.59 67.05
C GLU B 359 -18.38 52.45 67.34
N ARG B 360 -17.85 51.43 68.01
CA ARG B 360 -18.60 50.27 68.46
C ARG B 360 -19.53 50.64 69.59
N LEU B 361 -19.02 51.37 70.56
CA LEU B 361 -19.83 51.85 71.65
C LEU B 361 -21.04 52.55 71.10
N LYS B 362 -20.81 53.46 70.14
CA LYS B 362 -21.88 54.26 69.51
C LYS B 362 -22.92 53.38 68.84
N LYS B 363 -22.48 52.38 68.10
CA LYS B 363 -23.38 51.52 67.39
C LYS B 363 -24.20 50.70 68.37
N LEU B 364 -23.59 50.31 69.48
CA LEU B 364 -24.29 49.47 70.44
C LEU B 364 -25.36 50.25 71.16
N CYS B 365 -25.00 51.48 71.52
CA CYS B 365 -25.91 52.36 72.22
C CYS B 365 -27.11 52.71 71.34
N GLU B 366 -26.86 53.15 70.11
CA GLU B 366 -27.94 53.44 69.17
C GLU B 366 -28.90 52.24 68.98
N LEU B 367 -28.35 51.03 69.01
CA LEU B 367 -29.15 49.82 68.93
C LEU B 367 -29.97 49.64 70.15
N TYR B 368 -29.31 49.61 71.30
CA TYR B 368 -30.01 49.42 72.56
C TYR B 368 -31.08 50.49 72.78
N ALA B 369 -30.80 51.70 72.29
CA ALA B 369 -31.75 52.78 72.39
C ALA B 369 -32.98 52.45 71.55
N LYS B 370 -32.78 51.93 70.35
CA LYS B 370 -33.92 51.62 69.49
C LYS B 370 -34.74 50.48 70.04
N VAL B 371 -34.04 49.47 70.54
CA VAL B 371 -34.67 48.23 70.96
C VAL B 371 -35.42 48.47 72.25
N LEU B 372 -34.82 49.23 73.16
CA LEU B 372 -35.44 49.49 74.43
C LEU B 372 -36.41 50.64 74.32
N GLY B 373 -36.33 51.40 73.23
CA GLY B 373 -37.06 52.65 73.10
C GLY B 373 -36.81 53.65 74.23
N SER B 374 -35.55 53.97 74.50
CA SER B 374 -35.20 54.96 75.53
C SER B 374 -33.94 55.70 75.24
N LEU B 375 -34.08 57.02 75.15
CA LEU B 375 -33.00 57.96 75.00
C LEU B 375 -31.89 57.66 75.94
N GLU B 376 -32.23 57.06 77.08
CA GLU B 376 -31.26 56.91 78.14
C GLU B 376 -30.10 56.05 77.71
N ALA B 377 -30.34 55.16 76.78
CA ALA B 377 -29.33 54.23 76.34
C ALA B 377 -28.23 54.94 75.56
N LEU B 378 -28.49 56.19 75.16
CA LEU B 378 -27.50 56.97 74.45
C LEU B 378 -26.52 57.66 75.38
N GLU B 379 -26.65 57.42 76.69
CA GLU B 379 -25.82 58.09 77.68
C GLU B 379 -25.04 57.11 78.56
N PRO B 380 -24.10 56.38 77.96
CA PRO B 380 -23.29 55.44 78.73
C PRO B 380 -22.32 56.18 79.63
N VAL B 381 -22.12 55.62 80.81
CA VAL B 381 -21.28 56.17 81.83
C VAL B 381 -19.89 55.54 81.77
N HIS B 382 -19.78 54.39 81.07
CA HIS B 382 -18.53 53.63 80.85
C HIS B 382 -18.68 52.43 79.90
N TYR B 383 -17.56 51.92 79.39
CA TYR B 383 -17.57 50.82 78.41
C TYR B 383 -16.39 49.85 78.53
N GLU B 384 -16.64 48.55 78.44
CA GLU B 384 -15.56 47.57 78.39
C GLU B 384 -15.86 46.56 77.28
N GLU B 385 -14.80 46.05 76.61
CA GLU B 385 -14.94 45.04 75.55
C GLU B 385 -13.72 44.13 75.46
N LYS B 386 -13.91 42.90 75.02
CA LYS B 386 -12.77 42.02 74.65
C LYS B 386 -13.03 41.29 73.34
N ASN B 387 -12.10 41.44 72.41
CA ASN B 387 -12.19 40.72 71.15
C ASN B 387 -11.33 39.45 71.15
N TRP B 388 -11.88 38.31 71.54
CA TRP B 388 -11.11 37.09 71.72
C TRP B 388 -10.45 36.57 70.44
N CYS B 389 -10.87 37.07 69.29
CA CYS B 389 -10.25 36.73 68.02
C CYS B 389 -8.77 37.08 67.93
N GLU B 390 -8.30 37.94 68.81
CA GLU B 390 -6.93 38.40 68.69
C GLU B 390 -6.04 37.77 69.71
N GLU B 391 -6.59 36.91 70.56
CA GLU B 391 -5.79 36.20 71.54
C GLU B 391 -4.99 35.02 70.96
N GLN B 392 -3.67 35.10 71.07
CA GLN B 392 -2.76 34.12 70.50
C GLN B 392 -2.81 32.83 71.24
N TYR B 393 -2.96 32.87 72.55
CA TYR B 393 -2.98 31.64 73.32
C TYR B 393 -4.40 31.32 73.65
N SER B 394 -5.30 31.77 72.80
CA SER B 394 -6.66 31.26 72.84
C SER B 394 -7.21 30.81 71.51
N GLY B 395 -7.03 31.65 70.51
CA GLY B 395 -7.44 31.35 69.15
C GLY B 395 -8.85 31.75 68.81
N GLY B 396 -9.65 32.08 69.83
CA GLY B 396 -11.04 32.47 69.67
C GLY B 396 -11.84 32.22 70.95
N CYS B 397 -13.16 32.22 70.81
CA CYS B 397 -14.09 31.93 71.89
C CYS B 397 -15.45 31.65 71.24
N TYR B 398 -16.31 30.90 71.91
CA TYR B 398 -16.08 30.42 73.24
C TYR B 398 -15.26 29.17 73.21
N THR B 399 -15.44 28.36 72.15
CA THR B 399 -14.86 27.01 72.08
C THR B 399 -14.46 26.66 70.63
N THR B 400 -14.12 25.40 70.40
CA THR B 400 -13.69 24.89 69.10
C THR B 400 -14.88 24.33 68.30
N TYR B 401 -14.94 24.61 66.99
CA TYR B 401 -15.99 24.03 66.20
C TYR B 401 -15.44 23.10 65.16
N PHE B 402 -16.22 22.15 64.71
CA PHE B 402 -15.77 21.23 63.70
C PHE B 402 -16.49 21.45 62.37
N PRO B 403 -15.74 21.76 61.30
CA PRO B 403 -16.28 21.85 59.94
C PRO B 403 -16.79 20.51 59.44
N PRO B 404 -17.60 20.47 58.37
CA PRO B 404 -18.13 19.20 57.88
C PRO B 404 -17.04 18.15 57.68
N GLY B 405 -17.35 16.91 58.06
CA GLY B 405 -16.49 15.79 57.81
C GLY B 405 -15.39 15.53 58.81
N ILE B 406 -15.14 16.41 59.76
CA ILE B 406 -13.98 16.27 60.62
C ILE B 406 -14.24 15.53 61.91
N LEU B 407 -15.46 15.60 62.43
CA LEU B 407 -15.76 14.93 63.67
C LEU B 407 -15.71 13.42 63.49
N THR B 408 -16.29 12.90 62.42
CA THR B 408 -16.27 11.45 62.19
C THR B 408 -14.87 10.96 61.93
N GLN B 409 -14.09 11.71 61.17
CA GLN B 409 -12.77 11.30 60.77
C GLN B 409 -11.71 11.50 61.85
N TYR B 410 -11.76 12.60 62.58
CA TYR B 410 -10.72 12.92 63.52
C TYR B 410 -11.21 12.95 64.92
N GLY B 411 -12.49 12.63 65.10
CA GLY B 411 -13.12 12.68 66.39
C GLY B 411 -12.41 12.01 67.51
N ARG B 412 -12.20 10.71 67.41
CA ARG B 412 -11.68 9.98 68.57
C ARG B 412 -10.22 10.26 68.87
N VAL B 413 -9.66 11.27 68.22
CA VAL B 413 -8.26 11.58 68.39
C VAL B 413 -8.07 12.50 69.59
N LEU B 414 -9.11 13.29 69.87
CA LEU B 414 -8.99 14.46 70.68
C LEU B 414 -8.54 14.10 72.05
N ARG B 415 -9.10 13.04 72.62
CA ARG B 415 -8.66 12.63 73.95
C ARG B 415 -7.94 11.27 74.08
N GLN B 416 -7.37 10.77 72.98
CA GLN B 416 -6.47 9.63 72.98
C GLN B 416 -5.07 10.03 73.41
N PRO B 417 -4.56 9.40 74.46
CA PRO B 417 -3.23 9.72 74.98
C PRO B 417 -2.18 9.57 73.91
N VAL B 418 -1.15 10.41 73.93
CA VAL B 418 0.05 10.22 73.09
C VAL B 418 1.25 9.90 74.00
N ASP B 419 1.44 8.60 74.24
CA ASP B 419 2.49 8.07 75.10
C ASP B 419 2.22 8.45 76.54
N ARG B 420 2.92 9.48 76.97
CA ARG B 420 2.77 9.98 78.34
C ARG B 420 2.06 11.36 78.38
N ILE B 421 1.60 11.85 77.21
CA ILE B 421 0.76 13.05 77.14
C ILE B 421 -0.73 12.69 77.24
N TYR B 422 -1.46 13.33 78.14
CA TYR B 422 -2.89 13.11 78.31
C TYR B 422 -3.60 14.42 78.05
N PHE B 423 -4.83 14.37 77.60
CA PHE B 423 -5.46 15.56 77.06
C PHE B 423 -6.67 16.02 77.84
N ALA B 424 -6.58 17.22 78.35
CA ALA B 424 -7.70 17.84 79.03
C ALA B 424 -8.22 18.99 78.16
N GLY B 425 -8.74 20.02 78.81
CA GLY B 425 -9.38 21.14 78.14
C GLY B 425 -10.85 20.83 77.92
N THR B 426 -11.70 21.85 77.86
CA THR B 426 -13.13 21.67 77.80
C THR B 426 -13.59 20.99 76.52
N GLU B 427 -12.83 21.13 75.44
CA GLU B 427 -13.25 20.56 74.18
C GLU B 427 -13.24 19.05 74.26
N THR B 428 -12.60 18.50 75.29
CA THR B 428 -12.62 17.06 75.53
C THR B 428 -13.64 16.59 76.54
N ALA B 429 -14.39 17.48 77.16
CA ALA B 429 -15.49 17.03 78.00
C ALA B 429 -16.62 16.29 77.25
N THR B 430 -17.59 15.78 78.01
CA THR B 430 -18.74 15.05 77.46
C THR B 430 -20.06 15.57 77.99
N HIS B 431 -19.99 16.47 78.96
CA HIS B 431 -21.17 17.14 79.48
C HIS B 431 -20.78 18.59 79.55
N TRP B 432 -21.57 19.47 78.94
CA TRP B 432 -21.25 20.90 78.87
C TRP B 432 -19.83 21.15 78.37
N SER B 433 -19.39 20.37 77.39
CA SER B 433 -18.19 20.76 76.70
C SER B 433 -18.40 22.10 76.00
N GLY B 434 -17.41 22.95 76.04
CA GLY B 434 -17.57 24.27 75.50
C GLY B 434 -17.61 25.29 76.61
N TYR B 435 -17.89 24.82 77.82
CA TYR B 435 -18.17 25.67 78.96
C TYR B 435 -17.16 25.42 80.07
N MET B 436 -17.11 26.32 81.06
CA MET B 436 -16.29 26.15 82.28
C MET B 436 -16.58 24.80 82.96
N GLU B 437 -17.84 24.38 82.98
CA GLU B 437 -18.19 23.05 83.43
C GLU B 437 -17.33 21.99 82.76
N GLY B 438 -17.41 21.90 81.43
CA GLY B 438 -16.60 20.95 80.70
C GLY B 438 -15.15 21.05 81.08
N ALA B 439 -14.66 22.27 81.27
CA ALA B 439 -13.26 22.46 81.60
C ALA B 439 -12.92 21.68 82.85
N VAL B 440 -13.81 21.70 83.84
CA VAL B 440 -13.62 20.91 85.05
C VAL B 440 -13.68 19.40 84.78
N GLU B 441 -14.76 18.91 84.19
CA GLU B 441 -14.84 17.49 83.82
C GLU B 441 -13.56 16.97 83.23
N ALA B 442 -13.07 17.68 82.23
CA ALA B 442 -11.94 17.23 81.43
C ALA B 442 -10.69 17.28 82.24
N GLY B 443 -10.54 18.36 83.00
CA GLY B 443 -9.36 18.59 83.84
C GLY B 443 -9.16 17.45 84.79
N GLU B 444 -10.24 17.08 85.47
CA GLU B 444 -10.18 16.05 86.50
C GLU B 444 -10.05 14.66 85.89
N ARG B 445 -10.75 14.39 84.79
CA ARG B 445 -10.62 13.07 84.14
C ARG B 445 -9.18 12.81 83.67
N ALA B 446 -8.58 13.77 82.99
CA ALA B 446 -7.22 13.65 82.58
C ALA B 446 -6.31 13.39 83.79
N ALA B 447 -6.54 14.06 84.91
CA ALA B 447 -5.71 13.86 86.09
C ALA B 447 -5.83 12.43 86.56
N ARG B 448 -7.08 11.97 86.62
CA ARG B 448 -7.37 10.60 87.05
C ARG B 448 -6.84 9.55 86.08
N GLU B 449 -6.70 9.93 84.82
CA GLU B 449 -6.13 9.00 83.86
C GLU B 449 -4.68 8.71 84.27
N ILE B 450 -3.95 9.75 84.66
CA ILE B 450 -2.58 9.61 85.07
C ILE B 450 -2.52 8.84 86.38
N LEU B 451 -3.40 9.17 87.30
CA LEU B 451 -3.47 8.41 88.55
C LEU B 451 -3.55 6.93 88.26
N HIS B 452 -4.44 6.55 87.34
CA HIS B 452 -4.60 5.14 87.00
C HIS B 452 -3.35 4.53 86.35
N ALA B 453 -2.62 5.32 85.57
CA ALA B 453 -1.48 4.79 84.87
C ALA B 453 -0.39 4.45 85.87
N MET B 454 -0.36 5.19 86.97
CA MET B 454 0.61 4.96 88.02
C MET B 454 0.15 3.86 88.99
N GLY B 455 -0.99 3.26 88.64
CA GLY B 455 -1.61 2.21 89.42
C GLY B 455 -2.04 2.64 90.81
N LYS B 456 -2.60 3.85 90.94
CA LYS B 456 -3.04 4.38 92.24
C LYS B 456 -4.55 4.28 92.41
N ILE B 457 -5.28 4.15 91.30
CA ILE B 457 -6.73 3.94 91.31
C ILE B 457 -7.12 3.03 90.16
N PRO B 458 -8.23 2.29 90.27
CA PRO B 458 -8.69 1.38 89.19
C PRO B 458 -9.21 2.09 87.93
N GLU B 459 -9.28 1.40 86.80
CA GLU B 459 -9.85 2.00 85.59
C GLU B 459 -11.31 2.43 85.85
N ASP B 460 -12.07 1.52 86.45
CA ASP B 460 -13.29 1.80 87.20
C ASP B 460 -13.54 3.26 87.60
N GLU B 461 -12.48 3.94 88.06
CA GLU B 461 -12.57 5.23 88.76
C GLU B 461 -12.14 6.48 87.96
N ILE B 462 -11.87 6.32 86.67
CA ILE B 462 -11.34 7.43 85.86
C ILE B 462 -12.45 8.44 85.59
N TRP B 463 -13.58 7.95 85.09
CA TRP B 463 -14.74 8.80 84.89
C TRP B 463 -15.62 8.74 86.12
N GLN B 464 -15.72 9.86 86.84
CA GLN B 464 -16.59 9.95 88.02
C GLN B 464 -17.87 10.74 87.79
N SER B 465 -18.96 10.26 88.33
CA SER B 465 -20.21 11.02 88.29
C SER B 465 -20.13 12.07 89.37
N GLU B 466 -21.02 13.06 89.31
CA GLU B 466 -21.03 14.19 90.27
C GLU B 466 -22.36 14.44 90.97
N PRO B 467 -22.34 14.49 92.30
CA PRO B 467 -23.57 14.76 93.09
C PRO B 467 -24.15 16.11 92.70
N GLU B 468 -25.47 16.17 92.57
CA GLU B 468 -26.19 17.39 92.19
C GLU B 468 -26.03 18.48 93.25
N SER B 469 -25.91 19.72 92.82
CA SER B 469 -25.76 20.86 93.74
C SER B 469 -26.97 21.09 94.60
N VAL B 470 -26.73 21.52 95.83
CA VAL B 470 -27.80 21.79 96.78
C VAL B 470 -28.25 23.23 96.61
N ASP B 471 -27.33 24.13 96.33
CA ASP B 471 -27.68 25.54 96.11
C ASP B 471 -28.29 25.85 94.76
N VAL B 472 -28.04 25.02 93.76
CA VAL B 472 -28.64 25.24 92.45
C VAL B 472 -29.31 23.97 91.89
N PRO B 473 -30.39 23.51 92.53
CA PRO B 473 -31.05 22.26 92.12
C PRO B 473 -31.60 22.37 90.72
N ALA B 474 -31.64 21.26 89.99
CA ALA B 474 -32.06 21.31 88.61
C ALA B 474 -33.52 20.91 88.49
N GLN B 475 -34.37 21.87 88.17
CA GLN B 475 -35.70 21.58 87.68
C GLN B 475 -35.55 20.79 86.37
N PRO B 476 -36.27 19.65 86.25
CA PRO B 476 -36.24 18.86 85.02
C PRO B 476 -37.00 19.58 83.89
N ILE B 477 -36.73 19.23 82.66
CA ILE B 477 -37.35 19.90 81.51
C ILE B 477 -38.59 19.15 81.10
N THR B 478 -39.66 19.89 80.86
CA THR B 478 -40.92 19.25 80.49
C THR B 478 -41.50 19.81 79.21
N THR B 479 -42.34 19.03 78.54
CA THR B 479 -42.99 19.48 77.31
C THR B 479 -44.51 19.29 77.37
N THR B 480 -45.24 20.25 76.78
CA THR B 480 -46.69 20.17 76.53
C THR B 480 -47.05 19.00 75.63
N PHE B 481 -48.20 18.39 75.86
CA PHE B 481 -48.74 17.39 74.94
C PHE B 481 -48.78 17.94 73.52
N LEU B 482 -49.21 19.19 73.37
CA LEU B 482 -49.32 19.84 72.07
C LEU B 482 -47.97 20.03 71.41
N GLU B 483 -46.98 20.41 72.19
CA GLU B 483 -45.61 20.50 71.70
C GLU B 483 -45.11 19.16 71.12
N ARG B 484 -45.41 18.07 71.82
CA ARG B 484 -44.96 16.75 71.43
C ARG B 484 -45.62 16.25 70.14
N HIS B 485 -46.82 16.75 69.84
CA HIS B 485 -47.68 16.08 68.86
C HIS B 485 -48.19 16.89 67.67
N LEU B 486 -48.06 18.20 67.74
CA LEU B 486 -48.43 19.04 66.61
C LEU B 486 -47.65 18.61 65.36
N PRO B 487 -48.29 18.56 64.22
CA PRO B 487 -47.59 18.24 62.97
C PRO B 487 -46.52 19.25 62.57
N SER B 488 -45.55 18.82 61.74
CA SER B 488 -44.64 19.73 61.04
C SER B 488 -45.36 20.41 59.90
N VAL B 489 -44.77 21.38 59.23
CA VAL B 489 -45.47 21.97 58.11
C VAL B 489 -45.71 20.91 57.04
N PRO B 490 -44.69 20.13 56.65
CA PRO B 490 -44.92 19.04 55.69
C PRO B 490 -45.91 18.04 56.25
N GLY B 491 -45.81 17.69 57.52
CA GLY B 491 -46.70 16.72 58.13
C GLY B 491 -48.16 17.12 58.03
N LEU B 492 -48.44 18.42 58.14
CA LEU B 492 -49.79 18.92 57.98
C LEU B 492 -50.18 18.79 56.52
N LEU B 493 -49.31 19.21 55.61
CA LEU B 493 -49.59 19.06 54.19
C LEU B 493 -49.93 17.62 53.88
N ARG B 494 -49.32 16.68 54.60
CA ARG B 494 -49.58 15.23 54.43
C ARG B 494 -50.89 14.78 55.10
N LEU B 495 -51.37 15.57 56.07
CA LEU B 495 -52.67 15.32 56.72
C LEU B 495 -53.87 15.79 55.86
N ILE B 496 -53.57 16.20 54.62
CA ILE B 496 -54.57 16.43 53.56
C ILE B 496 -54.23 15.49 52.37
N GLY B 497 -53.21 15.87 51.58
CA GLY B 497 -52.72 15.05 50.47
C GLY B 497 -51.28 15.35 50.05
N LYS C 4 -66.11 -32.08 -32.23
CA LYS C 4 -65.38 -31.24 -33.18
C LYS C 4 -64.04 -31.05 -32.58
N CYS C 5 -62.99 -31.47 -33.30
CA CYS C 5 -61.60 -31.19 -32.86
C CYS C 5 -60.60 -30.69 -34.00
N ASP C 6 -60.06 -29.44 -33.87
CA ASP C 6 -58.92 -28.84 -34.63
C ASP C 6 -57.58 -29.10 -33.92
N VAL C 7 -57.51 -28.78 -32.64
CA VAL C 7 -56.36 -29.04 -31.78
C VAL C 7 -56.80 -29.86 -30.58
N VAL C 8 -56.10 -30.95 -30.30
CA VAL C 8 -56.24 -31.69 -29.05
C VAL C 8 -55.14 -31.24 -28.11
N VAL C 9 -55.56 -30.73 -26.95
CA VAL C 9 -54.65 -30.40 -25.86
C VAL C 9 -54.54 -31.59 -24.89
N VAL C 10 -53.32 -32.11 -24.73
CA VAL C 10 -53.06 -33.07 -23.67
C VAL C 10 -52.55 -32.29 -22.49
N GLY C 11 -53.17 -32.52 -21.33
CA GLY C 11 -52.83 -31.74 -20.16
C GLY C 11 -53.89 -30.76 -19.73
N GLY C 12 -54.50 -31.05 -18.60
CA GLY C 12 -55.55 -30.21 -18.04
C GLY C 12 -55.14 -29.23 -16.95
N GLY C 13 -53.84 -28.93 -16.82
CA GLY C 13 -53.32 -27.95 -15.88
C GLY C 13 -53.41 -26.52 -16.40
N ILE C 14 -52.79 -25.57 -15.71
CA ILE C 14 -52.91 -24.15 -16.08
C ILE C 14 -52.40 -23.86 -17.52
N SER C 15 -51.26 -24.43 -17.87
CA SER C 15 -50.75 -24.31 -19.22
C SER C 15 -51.72 -24.85 -20.29
N GLY C 16 -52.20 -26.07 -20.11
CA GLY C 16 -53.15 -26.65 -21.06
C GLY C 16 -54.38 -25.81 -21.22
N MET C 17 -55.02 -25.45 -20.11
CA MET C 17 -56.19 -24.58 -20.14
C MET C 17 -55.86 -23.20 -20.73
N ALA C 18 -54.77 -22.57 -20.30
CA ALA C 18 -54.40 -21.27 -20.85
C ALA C 18 -54.41 -21.32 -22.36
N ALA C 19 -53.93 -22.43 -22.89
CA ALA C 19 -53.81 -22.66 -24.31
C ALA C 19 -55.15 -22.95 -24.92
N ALA C 20 -55.83 -23.98 -24.40
CA ALA C 20 -57.21 -24.31 -24.79
C ALA C 20 -58.07 -23.05 -24.95
N LYS C 21 -57.98 -22.16 -23.97
CA LYS C 21 -58.72 -20.93 -24.02
C LYS C 21 -58.31 -20.05 -25.20
N LEU C 22 -57.00 -19.87 -25.39
CA LEU C 22 -56.51 -18.92 -26.40
C LEU C 22 -57.00 -19.33 -27.77
N LEU C 23 -56.95 -20.64 -28.02
CA LEU C 23 -57.40 -21.17 -29.29
C LEU C 23 -58.92 -21.01 -29.39
N HIS C 24 -59.63 -21.40 -28.33
CA HIS C 24 -61.09 -21.29 -28.29
C HIS C 24 -61.57 -19.87 -28.56
N ASP C 25 -60.89 -18.88 -27.96
CA ASP C 25 -61.25 -17.47 -28.15
C ASP C 25 -61.00 -17.05 -29.59
N SER C 26 -60.14 -17.78 -30.30
CA SER C 26 -59.79 -17.46 -31.70
C SER C 26 -60.63 -18.24 -32.70
N GLY C 27 -61.74 -18.80 -32.21
CA GLY C 27 -62.69 -19.53 -33.02
C GLY C 27 -62.25 -20.88 -33.52
N LEU C 28 -61.42 -21.61 -32.78
CA LEU C 28 -61.09 -22.99 -33.17
C LEU C 28 -61.78 -24.01 -32.28
N ASN C 29 -62.04 -25.18 -32.82
CA ASN C 29 -62.66 -26.21 -31.99
C ASN C 29 -61.59 -27.00 -31.26
N VAL C 30 -61.54 -26.88 -29.93
CA VAL C 30 -60.47 -27.54 -29.16
C VAL C 30 -61.01 -28.62 -28.28
N VAL C 31 -60.11 -29.39 -27.67
CA VAL C 31 -60.50 -30.41 -26.69
C VAL C 31 -59.39 -30.63 -25.71
N VAL C 32 -59.71 -30.66 -24.43
CA VAL C 32 -58.70 -30.91 -23.45
C VAL C 32 -58.93 -32.28 -22.88
N LEU C 33 -57.94 -33.15 -23.01
CA LEU C 33 -58.03 -34.48 -22.42
C LEU C 33 -57.18 -34.50 -21.17
N GLU C 34 -57.82 -34.79 -20.04
CA GLU C 34 -57.16 -34.72 -18.75
C GLU C 34 -57.30 -36.00 -17.98
N ALA C 35 -56.17 -36.51 -17.49
CA ALA C 35 -56.06 -37.84 -16.91
C ALA C 35 -56.78 -37.97 -15.59
N ARG C 36 -56.67 -36.92 -14.78
CA ARG C 36 -57.23 -36.92 -13.44
C ARG C 36 -58.73 -36.62 -13.47
N ASP C 37 -59.42 -36.78 -12.33
CA ASP C 37 -60.81 -36.39 -12.23
C ASP C 37 -61.01 -34.91 -11.85
N ARG C 38 -60.01 -34.07 -12.14
CA ARG C 38 -60.02 -32.64 -11.80
C ARG C 38 -59.08 -31.86 -12.72
N VAL C 39 -59.38 -30.61 -13.03
CA VAL C 39 -58.35 -29.83 -13.68
C VAL C 39 -57.43 -29.24 -12.60
N GLY C 40 -56.36 -28.52 -12.99
CA GLY C 40 -55.48 -27.88 -12.04
C GLY C 40 -54.05 -28.45 -11.96
N GLY C 41 -53.93 -29.78 -11.99
CA GLY C 41 -52.65 -30.46 -12.02
C GLY C 41 -51.84 -30.22 -10.78
N ARG C 42 -50.77 -29.46 -10.93
CA ARG C 42 -49.90 -29.16 -9.82
C ARG C 42 -50.44 -28.01 -8.98
N THR C 43 -51.59 -27.45 -9.36
CA THR C 43 -52.38 -26.63 -8.47
C THR C 43 -53.54 -27.48 -8.09
N TYR C 44 -53.91 -27.45 -6.81
CA TYR C 44 -55.05 -28.19 -6.26
C TYR C 44 -55.56 -27.38 -5.09
N THR C 45 -56.81 -26.93 -5.13
CA THR C 45 -57.37 -26.20 -3.99
C THR C 45 -58.38 -27.08 -3.24
N LEU C 46 -58.03 -27.49 -2.03
CA LEU C 46 -58.89 -28.34 -1.22
C LEU C 46 -59.91 -27.47 -0.53
N ARG C 47 -61.16 -27.92 -0.59
CA ARG C 47 -62.30 -27.23 0.02
C ARG C 47 -62.97 -28.18 0.96
N ASN C 48 -63.00 -27.74 2.21
CA ASN C 48 -63.72 -28.40 3.29
C ASN C 48 -64.00 -27.41 4.45
N GLN C 49 -64.76 -27.85 5.45
CA GLN C 49 -65.34 -26.96 6.45
C GLN C 49 -64.35 -26.47 7.49
N LYS C 50 -63.34 -27.28 7.80
CA LYS C 50 -62.33 -26.93 8.80
C LYS C 50 -61.37 -25.90 8.25
N VAL C 51 -61.31 -25.83 6.94
CA VAL C 51 -60.24 -25.16 6.22
C VAL C 51 -60.76 -24.05 5.33
N LYS C 52 -62.07 -24.05 5.05
CA LYS C 52 -62.69 -23.19 4.02
C LYS C 52 -62.12 -23.57 2.64
N TYR C 53 -60.97 -23.00 2.30
CA TYR C 53 -60.20 -23.46 1.14
C TYR C 53 -58.74 -23.48 1.52
N VAL C 54 -57.93 -24.36 0.89
CA VAL C 54 -56.46 -24.38 1.04
C VAL C 54 -55.72 -24.80 -0.23
N ASP C 55 -54.66 -24.07 -0.58
CA ASP C 55 -53.84 -24.52 -1.71
C ASP C 55 -52.85 -25.57 -1.29
N LEU C 56 -53.09 -26.81 -1.70
CA LEU C 56 -52.17 -27.90 -1.45
C LEU C 56 -51.07 -27.98 -2.50
N GLY C 57 -51.23 -27.21 -3.57
CA GLY C 57 -50.29 -27.17 -4.67
C GLY C 57 -49.74 -25.79 -4.88
N GLY C 58 -49.63 -25.38 -6.13
CA GLY C 58 -49.06 -24.09 -6.51
C GLY C 58 -49.92 -22.98 -5.98
N SER C 59 -49.31 -21.93 -5.43
CA SER C 59 -50.07 -20.97 -4.64
C SER C 59 -49.66 -19.48 -4.72
N TYR C 60 -48.39 -19.14 -4.57
CA TYR C 60 -48.01 -17.73 -4.54
C TYR C 60 -47.79 -17.12 -5.93
N VAL C 61 -48.10 -15.84 -6.05
CA VAL C 61 -47.91 -15.04 -7.26
C VAL C 61 -47.33 -13.70 -6.86
N GLY C 62 -46.54 -13.08 -7.71
CA GLY C 62 -45.93 -11.84 -7.29
C GLY C 62 -45.75 -10.83 -8.40
N PRO C 63 -45.19 -9.67 -8.08
CA PRO C 63 -44.80 -8.70 -9.10
C PRO C 63 -43.91 -9.34 -10.18
N THR C 64 -44.07 -8.86 -11.42
CA THR C 64 -43.43 -9.39 -12.66
C THR C 64 -44.06 -10.65 -13.18
N GLN C 65 -44.97 -11.26 -12.43
CA GLN C 65 -45.66 -12.45 -12.90
C GLN C 65 -46.92 -12.05 -13.61
N ASN C 66 -46.80 -11.17 -14.59
CA ASN C 66 -47.95 -10.51 -15.18
C ASN C 66 -48.93 -11.38 -15.95
N ARG C 67 -48.47 -12.46 -16.52
CA ARG C 67 -49.38 -13.27 -17.31
C ARG C 67 -50.44 -13.96 -16.45
N ILE C 68 -50.01 -14.66 -15.39
CA ILE C 68 -50.99 -15.36 -14.55
C ILE C 68 -51.86 -14.33 -13.86
N LEU C 69 -51.27 -13.21 -13.47
CA LEU C 69 -52.02 -12.15 -12.82
C LEU C 69 -53.15 -11.68 -13.71
N ARG C 70 -52.83 -11.44 -14.99
CA ARG C 70 -53.82 -11.04 -16.02
C ARG C 70 -54.93 -12.08 -16.28
N LEU C 71 -54.52 -13.32 -16.50
CA LEU C 71 -55.46 -14.38 -16.81
C LEU C 71 -56.40 -14.54 -15.60
N ALA C 72 -55.86 -14.32 -14.40
CA ALA C 72 -56.64 -14.55 -13.18
C ALA C 72 -57.65 -13.46 -13.03
N LYS C 73 -57.24 -12.24 -13.36
CA LYS C 73 -58.11 -11.08 -13.25
C LYS C 73 -59.30 -11.24 -14.15
N GLU C 74 -59.04 -11.44 -15.44
CA GLU C 74 -60.07 -11.65 -16.46
C GLU C 74 -61.06 -12.76 -16.08
N LEU C 75 -60.56 -13.77 -15.38
CA LEU C 75 -61.40 -14.90 -14.95
C LEU C 75 -62.21 -14.56 -13.71
N GLY C 76 -62.08 -13.33 -13.21
CA GLY C 76 -62.81 -12.89 -12.04
C GLY C 76 -62.10 -12.88 -10.69
N LEU C 77 -60.81 -13.25 -10.62
CA LEU C 77 -60.19 -13.57 -9.33
C LEU C 77 -59.50 -12.37 -8.73
N GLU C 78 -59.28 -12.41 -7.41
CA GLU C 78 -58.60 -11.33 -6.70
C GLU C 78 -57.43 -11.84 -5.86
N THR C 79 -56.40 -11.03 -5.61
CA THR C 79 -55.32 -11.45 -4.71
C THR C 79 -55.34 -10.77 -3.35
N TYR C 80 -54.62 -11.35 -2.39
CA TYR C 80 -54.36 -10.68 -1.13
C TYR C 80 -52.92 -10.86 -0.73
N LYS C 81 -52.38 -9.93 0.04
CA LYS C 81 -50.98 -10.01 0.47
C LYS C 81 -50.73 -11.10 1.52
N VAL C 82 -49.74 -11.95 1.26
CA VAL C 82 -49.24 -12.88 2.27
C VAL C 82 -48.74 -12.06 3.45
N ASN C 83 -48.92 -12.54 4.67
CA ASN C 83 -48.58 -11.72 5.82
C ASN C 83 -47.08 -11.51 6.04
N GLU C 84 -46.62 -10.28 5.94
CA GLU C 84 -45.28 -9.98 6.38
C GLU C 84 -45.14 -8.72 7.29
N VAL C 85 -46.19 -8.39 8.03
CA VAL C 85 -46.16 -7.18 8.82
C VAL C 85 -45.11 -7.23 9.93
N GLU C 86 -45.07 -8.35 10.66
CA GLU C 86 -44.20 -8.51 11.81
C GLU C 86 -42.81 -9.07 11.44
N ARG C 87 -42.06 -9.57 12.44
CA ARG C 87 -40.67 -9.94 12.23
C ARG C 87 -40.56 -11.34 11.63
N LEU C 88 -39.57 -11.56 10.76
CA LEU C 88 -39.24 -12.94 10.35
C LEU C 88 -38.23 -13.60 11.32
N ILE C 89 -38.15 -14.93 11.29
CA ILE C 89 -37.22 -15.64 12.15
C ILE C 89 -36.25 -16.46 11.33
N HIS C 90 -34.95 -16.24 11.56
CA HIS C 90 -33.88 -17.14 11.17
C HIS C 90 -33.53 -17.95 12.40
N HIS C 91 -33.72 -19.25 12.34
CA HIS C 91 -33.44 -20.12 13.46
C HIS C 91 -32.20 -20.89 13.11
N VAL C 92 -31.12 -20.62 13.84
CA VAL C 92 -29.84 -21.25 13.55
C VAL C 92 -29.08 -21.75 14.79
N LYS C 93 -28.53 -22.95 14.67
CA LYS C 93 -27.89 -23.68 15.77
C LYS C 93 -28.72 -23.70 17.05
N GLY C 94 -29.99 -24.09 16.90
CA GLY C 94 -30.93 -24.19 17.99
C GLY C 94 -31.51 -22.91 18.59
N LYS C 95 -31.25 -21.75 17.99
CA LYS C 95 -31.67 -20.46 18.56
C LYS C 95 -32.43 -19.64 17.53
N SER C 96 -33.36 -18.80 17.95
CA SER C 96 -34.10 -17.99 16.99
C SER C 96 -33.66 -16.53 17.02
N TYR C 97 -33.35 -15.99 15.85
CA TYR C 97 -33.02 -14.57 15.73
C TYR C 97 -34.01 -13.89 14.82
N PRO C 98 -34.77 -12.95 15.35
CA PRO C 98 -35.74 -12.21 14.55
C PRO C 98 -35.04 -11.21 13.63
N PHE C 99 -35.68 -10.84 12.53
CA PHE C 99 -35.15 -9.84 11.60
C PHE C 99 -36.19 -9.22 10.67
N ARG C 100 -35.77 -8.22 9.91
CA ARG C 100 -36.60 -7.57 8.89
C ARG C 100 -35.87 -7.59 7.55
N GLY C 101 -36.60 -7.29 6.47
CA GLY C 101 -36.05 -7.33 5.12
C GLY C 101 -35.98 -8.75 4.59
N PRO C 102 -35.52 -8.94 3.36
CA PRO C 102 -35.53 -10.27 2.72
C PRO C 102 -34.48 -11.27 3.22
N PHE C 103 -33.29 -10.78 3.59
CA PHE C 103 -32.18 -11.63 3.96
C PHE C 103 -31.92 -11.51 5.44
N PRO C 104 -31.70 -12.65 6.11
CA PRO C 104 -31.39 -12.65 7.54
C PRO C 104 -30.03 -12.02 7.68
N PRO C 105 -29.83 -11.18 8.69
CA PRO C 105 -28.60 -10.40 8.79
C PRO C 105 -27.50 -11.25 9.37
N VAL C 106 -26.27 -10.88 9.00
CA VAL C 106 -25.09 -11.57 9.48
C VAL C 106 -24.11 -10.55 10.05
N TRP C 107 -23.55 -10.84 11.22
CA TRP C 107 -22.82 -9.84 11.99
C TRP C 107 -21.30 -9.91 11.87
N ASN C 108 -20.75 -11.12 11.89
CA ASN C 108 -19.32 -11.34 11.60
C ASN C 108 -18.89 -10.70 10.27
N PRO C 109 -17.89 -9.82 10.26
CA PRO C 109 -17.58 -9.07 9.03
C PRO C 109 -17.02 -9.96 7.91
N ILE C 110 -16.27 -10.99 8.28
CA ILE C 110 -15.75 -11.92 7.30
C ILE C 110 -16.96 -12.63 6.70
N THR C 111 -17.71 -13.36 7.52
CA THR C 111 -18.91 -14.06 7.04
C THR C 111 -19.79 -13.17 6.19
N TYR C 112 -19.92 -11.92 6.58
CA TYR C 112 -20.73 -10.99 5.83
C TYR C 112 -20.20 -10.83 4.41
N LEU C 113 -18.88 -10.70 4.26
CA LEU C 113 -18.31 -10.48 2.93
C LEU C 113 -18.65 -11.65 2.04
N ASP C 114 -18.54 -12.85 2.63
CA ASP C 114 -18.73 -14.13 1.94
C ASP C 114 -20.18 -14.26 1.47
N HIS C 115 -21.11 -14.01 2.38
CA HIS C 115 -22.52 -14.07 2.08
C HIS C 115 -22.87 -13.13 0.94
N ASN C 116 -22.43 -11.89 1.07
CA ASN C 116 -22.81 -10.87 0.11
C ASN C 116 -22.22 -11.22 -1.26
N ASN C 117 -21.05 -11.82 -1.26
CA ASN C 117 -20.43 -12.18 -2.50
C ASN C 117 -21.17 -13.33 -3.14
N PHE C 118 -21.63 -14.30 -2.34
CA PHE C 118 -22.37 -15.43 -2.89
C PHE C 118 -23.61 -15.01 -3.68
N TRP C 119 -24.49 -14.26 -3.02
CA TRP C 119 -25.74 -13.84 -3.64
C TRP C 119 -25.44 -13.05 -4.89
N ARG C 120 -24.39 -12.26 -4.84
CA ARG C 120 -24.02 -11.36 -5.91
C ARG C 120 -23.49 -12.10 -7.13
N THR C 121 -22.76 -13.18 -6.88
CA THR C 121 -22.14 -14.01 -7.91
C THR C 121 -23.18 -14.90 -8.60
N MET C 122 -24.24 -15.26 -7.89
CA MET C 122 -25.30 -16.05 -8.46
C MET C 122 -25.83 -15.19 -9.55
N ASP C 123 -26.01 -13.92 -9.20
CA ASP C 123 -26.61 -12.96 -10.10
C ASP C 123 -25.66 -12.54 -11.23
N ASP C 124 -24.37 -12.42 -10.93
CA ASP C 124 -23.34 -12.12 -11.91
C ASP C 124 -23.29 -13.19 -12.96
N MET C 125 -23.11 -14.42 -12.51
CA MET C 125 -23.13 -15.57 -13.39
C MET C 125 -24.40 -15.68 -14.22
N GLY C 126 -25.50 -15.20 -13.67
CA GLY C 126 -26.77 -15.29 -14.34
C GLY C 126 -26.82 -14.32 -15.51
N ARG C 127 -26.11 -13.20 -15.41
CA ARG C 127 -26.27 -12.18 -16.42
C ARG C 127 -25.78 -12.65 -17.78
N GLU C 128 -25.01 -13.72 -17.72
CA GLU C 128 -24.33 -14.34 -18.85
C GLU C 128 -25.15 -15.47 -19.46
N ILE C 129 -26.30 -15.81 -18.87
CA ILE C 129 -27.10 -16.90 -19.41
C ILE C 129 -28.38 -16.36 -20.01
N PRO C 130 -28.63 -16.61 -21.29
CA PRO C 130 -29.90 -16.20 -21.93
C PRO C 130 -31.14 -17.05 -21.56
N SER C 131 -32.26 -16.43 -21.23
CA SER C 131 -33.45 -17.20 -20.81
C SER C 131 -33.98 -18.12 -21.94
N ASP C 132 -34.37 -17.47 -23.02
CA ASP C 132 -34.27 -17.92 -24.40
C ASP C 132 -33.51 -19.24 -24.66
N ALA C 133 -32.24 -19.31 -24.25
CA ALA C 133 -31.37 -20.43 -24.58
C ALA C 133 -30.13 -20.49 -23.68
N PRO C 134 -30.29 -21.08 -22.50
CA PRO C 134 -29.23 -21.11 -21.50
C PRO C 134 -27.99 -21.84 -22.02
N TRP C 135 -28.17 -22.70 -23.01
CA TRP C 135 -27.06 -23.51 -23.49
C TRP C 135 -26.08 -22.69 -24.35
N LYS C 136 -26.45 -21.45 -24.65
CA LYS C 136 -25.64 -20.61 -25.49
C LYS C 136 -24.80 -19.67 -24.66
N ALA C 137 -24.80 -19.87 -23.35
CA ALA C 137 -23.94 -19.12 -22.46
C ALA C 137 -22.53 -19.38 -22.85
N PRO C 138 -21.69 -18.38 -22.70
CA PRO C 138 -20.25 -18.51 -22.96
C PRO C 138 -19.62 -19.72 -22.27
N LEU C 139 -19.97 -20.00 -21.03
CA LEU C 139 -19.36 -21.11 -20.36
C LEU C 139 -20.32 -22.24 -20.12
N ALA C 140 -21.33 -22.37 -20.98
CA ALA C 140 -22.34 -23.40 -20.86
C ALA C 140 -21.78 -24.79 -20.53
N GLU C 141 -20.81 -25.28 -21.31
CA GLU C 141 -20.22 -26.62 -21.03
C GLU C 141 -19.69 -26.76 -19.62
N GLU C 142 -18.83 -25.81 -19.23
CA GLU C 142 -18.13 -25.89 -17.97
C GLU C 142 -19.13 -25.87 -16.83
N TRP C 143 -20.11 -24.97 -16.94
CA TRP C 143 -21.08 -24.75 -15.88
C TRP C 143 -22.05 -25.90 -15.80
N ASP C 144 -22.47 -26.41 -16.95
CA ASP C 144 -23.43 -27.50 -17.01
C ASP C 144 -22.80 -28.84 -16.68
N ASN C 145 -21.47 -28.92 -16.76
CA ASN C 145 -20.76 -30.17 -16.44
C ASN C 145 -20.49 -30.32 -14.96
N MET C 146 -21.05 -29.42 -14.18
CA MET C 146 -20.65 -29.26 -12.78
C MET C 146 -21.92 -29.07 -11.94
N THR C 147 -21.97 -29.69 -10.76
CA THR C 147 -23.17 -29.63 -9.93
C THR C 147 -23.23 -28.38 -9.10
N MET C 148 -24.39 -28.09 -8.51
CA MET C 148 -24.53 -26.89 -7.67
C MET C 148 -23.70 -26.99 -6.38
N LYS C 149 -23.53 -28.23 -5.89
CA LYS C 149 -22.70 -28.52 -4.74
C LYS C 149 -21.26 -28.19 -4.98
N GLU C 150 -20.80 -28.46 -6.21
CA GLU C 150 -19.45 -28.19 -6.65
C GLU C 150 -19.22 -26.72 -6.64
N LEU C 151 -20.15 -25.98 -7.25
CA LEU C 151 -20.03 -24.53 -7.37
C LEU C 151 -20.05 -23.89 -6.00
N LEU C 152 -20.88 -24.40 -5.12
CA LEU C 152 -20.95 -23.89 -3.77
C LEU C 152 -19.66 -24.18 -3.00
N ASP C 153 -19.12 -25.38 -3.16
CA ASP C 153 -17.90 -25.76 -2.45
C ASP C 153 -16.77 -24.85 -2.87
N LYS C 154 -16.85 -24.35 -4.09
CA LYS C 154 -15.82 -23.49 -4.67
C LYS C 154 -15.97 -22.05 -4.25
N LEU C 155 -17.22 -21.59 -4.18
CA LEU C 155 -17.57 -20.18 -4.00
C LEU C 155 -17.62 -19.67 -2.57
N CYS C 156 -17.85 -20.57 -1.64
CA CYS C 156 -18.23 -20.19 -0.28
C CYS C 156 -17.11 -20.49 0.67
N TRP C 157 -16.53 -19.43 1.25
CA TRP C 157 -15.40 -19.59 2.15
C TRP C 157 -15.82 -19.85 3.59
N THR C 158 -17.11 -19.67 3.89
CA THR C 158 -17.65 -19.90 5.24
C THR C 158 -18.71 -20.98 5.26
N GLU C 159 -18.74 -21.76 6.33
CA GLU C 159 -19.76 -22.77 6.48
C GLU C 159 -21.15 -22.16 6.53
N SER C 160 -21.27 -20.98 7.12
CA SER C 160 -22.55 -20.34 7.30
C SER C 160 -23.11 -19.99 5.94
N ALA C 161 -22.26 -19.64 4.99
CA ALA C 161 -22.75 -19.33 3.64
C ALA C 161 -23.10 -20.55 2.83
N LYS C 162 -22.36 -21.64 3.03
CA LYS C 162 -22.58 -22.87 2.30
C LYS C 162 -23.92 -23.42 2.68
N GLN C 163 -24.27 -23.17 3.93
CA GLN C 163 -25.50 -23.70 4.47
C GLN C 163 -26.74 -22.95 4.00
N LEU C 164 -26.68 -21.63 4.03
CA LEU C 164 -27.77 -20.82 3.52
C LEU C 164 -27.97 -21.04 2.04
N ALA C 165 -26.88 -21.09 1.29
CA ALA C 165 -26.93 -21.33 -0.14
C ALA C 165 -27.60 -22.70 -0.47
N THR C 166 -27.16 -23.76 0.20
CA THR C 166 -27.87 -25.05 0.17
C THR C 166 -29.39 -24.95 0.43
N LEU C 167 -29.79 -24.34 1.54
CA LEU C 167 -31.19 -24.17 1.82
C LEU C 167 -31.84 -23.45 0.66
N PHE C 168 -31.21 -22.39 0.17
CA PHE C 168 -31.70 -21.65 -0.96
C PHE C 168 -31.96 -22.55 -2.13
N VAL C 169 -31.01 -23.44 -2.43
CA VAL C 169 -31.19 -24.35 -3.57
C VAL C 169 -32.31 -25.31 -3.28
N ASN C 170 -32.22 -26.04 -2.15
CA ASN C 170 -33.29 -26.95 -1.71
C ASN C 170 -34.69 -26.34 -1.80
N LEU C 171 -34.78 -25.07 -1.42
CA LEU C 171 -36.08 -24.46 -1.34
C LEU C 171 -36.59 -24.01 -2.70
N CYS C 172 -35.67 -23.58 -3.58
CA CYS C 172 -36.06 -23.18 -4.91
C CYS C 172 -36.49 -24.30 -5.86
N VAL C 173 -35.82 -25.44 -5.77
CA VAL C 173 -35.96 -26.47 -6.79
C VAL C 173 -36.16 -27.86 -6.22
N THR C 174 -36.36 -27.98 -4.91
CA THR C 174 -36.78 -29.23 -4.26
C THR C 174 -35.89 -30.36 -4.66
N ALA C 175 -34.61 -30.06 -4.71
CA ALA C 175 -33.62 -31.05 -5.03
C ALA C 175 -32.32 -30.74 -4.26
N GLU C 176 -31.42 -31.71 -4.18
CA GLU C 176 -30.17 -31.48 -3.49
C GLU C 176 -29.19 -30.76 -4.40
N THR C 177 -28.24 -30.03 -3.82
CA THR C 177 -27.26 -29.31 -4.65
C THR C 177 -26.43 -30.25 -5.48
N HIS C 178 -26.19 -31.46 -4.97
CA HIS C 178 -25.45 -32.47 -5.72
C HIS C 178 -26.28 -33.15 -6.79
N GLU C 179 -27.57 -32.87 -6.85
CA GLU C 179 -28.42 -33.50 -7.82
C GLU C 179 -28.47 -32.70 -9.11
N VAL C 180 -28.22 -31.40 -9.02
CA VAL C 180 -28.57 -30.48 -10.11
C VAL C 180 -27.40 -29.82 -10.78
N SER C 181 -27.51 -29.58 -12.08
CA SER C 181 -26.48 -28.89 -12.81
C SER C 181 -26.42 -27.41 -12.46
N ALA C 182 -25.22 -26.90 -12.24
CA ALA C 182 -25.01 -25.47 -11.95
C ALA C 182 -25.57 -24.53 -13.05
N LEU C 183 -25.31 -24.85 -14.32
CA LEU C 183 -25.81 -24.02 -15.40
C LEU C 183 -27.32 -23.90 -15.31
N TRP C 184 -28.00 -25.04 -15.15
CA TRP C 184 -29.45 -25.04 -15.08
C TRP C 184 -29.92 -24.22 -13.88
N PHE C 185 -29.37 -24.47 -12.71
CA PHE C 185 -29.86 -23.75 -11.55
C PHE C 185 -29.68 -22.26 -11.70
N LEU C 186 -28.57 -21.86 -12.29
CA LEU C 186 -28.28 -20.44 -12.41
C LEU C 186 -29.26 -19.81 -13.38
N TRP C 187 -29.57 -20.55 -14.45
CA TRP C 187 -30.62 -20.14 -15.39
C TRP C 187 -31.93 -19.96 -14.68
N TYR C 188 -32.34 -20.98 -13.93
CA TYR C 188 -33.59 -20.99 -13.20
C TYR C 188 -33.82 -19.72 -12.42
N VAL C 189 -32.83 -19.38 -11.58
CA VAL C 189 -32.91 -18.22 -10.71
C VAL C 189 -32.98 -16.93 -11.51
N LYS C 190 -32.19 -16.82 -12.56
CA LYS C 190 -32.13 -15.59 -13.35
C LYS C 190 -33.37 -15.35 -14.17
N GLN C 191 -33.98 -16.42 -14.68
CA GLN C 191 -35.25 -16.31 -15.43
C GLN C 191 -36.45 -15.92 -14.55
N CYS C 192 -36.23 -15.78 -13.25
CA CYS C 192 -37.22 -15.23 -12.34
C CYS C 192 -36.91 -13.79 -11.96
N GLY C 193 -35.70 -13.32 -12.27
CA GLY C 193 -35.34 -11.94 -12.03
C GLY C 193 -34.28 -11.83 -10.94
N GLY C 194 -33.53 -12.91 -10.72
CA GLY C 194 -32.39 -12.92 -9.83
C GLY C 194 -32.78 -13.28 -8.42
N THR C 195 -31.79 -13.31 -7.54
CA THR C 195 -31.95 -13.80 -6.17
C THR C 195 -32.92 -12.98 -5.31
N THR C 196 -32.84 -11.66 -5.34
CA THR C 196 -33.79 -10.89 -4.56
C THR C 196 -35.23 -11.18 -4.95
N ARG C 197 -35.52 -11.17 -6.23
CA ARG C 197 -36.89 -11.34 -6.65
C ARG C 197 -37.41 -12.70 -6.24
N ILE C 198 -36.60 -13.74 -6.43
CA ILE C 198 -37.07 -15.06 -6.17
C ILE C 198 -37.26 -15.32 -4.67
N ILE C 199 -36.44 -14.72 -3.84
CA ILE C 199 -36.49 -15.06 -2.42
C ILE C 199 -37.46 -14.18 -1.66
N SER C 200 -37.85 -13.06 -2.25
CA SER C 200 -38.67 -12.07 -1.56
C SER C 200 -40.16 -12.41 -1.43
N THR C 201 -40.70 -12.15 -0.24
CA THR C 201 -42.13 -12.09 0.01
C THR C 201 -42.69 -10.72 -0.43
N THR C 202 -42.57 -9.69 0.40
CA THR C 202 -42.88 -8.35 -0.07
C THR C 202 -41.98 -8.06 -1.26
N ASN C 203 -42.62 -7.58 -2.33
CA ASN C 203 -41.96 -7.26 -3.60
C ASN C 203 -41.24 -8.38 -4.32
N GLY C 204 -41.74 -9.59 -4.21
CA GLY C 204 -41.15 -10.74 -4.87
C GLY C 204 -42.12 -11.86 -5.11
N GLY C 205 -41.57 -13.05 -5.32
CA GLY C 205 -42.35 -14.17 -5.79
C GLY C 205 -43.43 -14.67 -4.85
N GLN C 206 -43.25 -14.43 -3.56
CA GLN C 206 -44.22 -14.95 -2.59
C GLN C 206 -45.07 -13.83 -1.98
N GLU C 207 -45.21 -12.71 -2.71
CA GLU C 207 -45.97 -11.59 -2.19
C GLU C 207 -47.41 -11.91 -1.89
N ARG C 208 -48.08 -12.67 -2.75
CA ARG C 208 -49.55 -12.75 -2.72
C ARG C 208 -50.09 -14.14 -3.02
N LYS C 209 -51.35 -14.35 -2.68
CA LYS C 209 -52.06 -15.59 -3.04
C LYS C 209 -53.41 -15.19 -3.59
N PHE C 210 -54.08 -16.12 -4.26
CA PHE C 210 -55.41 -15.83 -4.79
C PHE C 210 -56.45 -16.04 -3.73
N VAL C 211 -57.36 -15.09 -3.60
CA VAL C 211 -58.56 -15.26 -2.75
C VAL C 211 -59.39 -16.42 -3.28
N GLY C 212 -59.60 -17.43 -2.45
CA GLY C 212 -60.43 -18.55 -2.83
C GLY C 212 -59.70 -19.73 -3.43
N GLY C 213 -58.40 -19.55 -3.72
CA GLY C 213 -57.54 -20.62 -4.23
C GLY C 213 -57.06 -20.42 -5.67
N SER C 214 -56.08 -21.18 -6.09
CA SER C 214 -55.61 -21.03 -7.46
C SER C 214 -56.21 -22.13 -8.38
N GLY C 215 -56.71 -23.21 -7.79
CA GLY C 215 -57.45 -24.20 -8.56
C GLY C 215 -58.55 -23.48 -9.34
N GLN C 216 -59.02 -22.39 -8.76
CA GLN C 216 -60.01 -21.54 -9.39
C GLN C 216 -59.65 -21.17 -10.81
N VAL C 217 -58.37 -20.88 -11.08
CA VAL C 217 -57.88 -20.50 -12.42
C VAL C 217 -58.28 -21.49 -13.51
N SER C 218 -57.92 -22.75 -13.35
CA SER C 218 -58.19 -23.71 -14.39
C SER C 218 -59.61 -24.21 -14.31
N GLU C 219 -60.18 -24.16 -13.13
CA GLU C 219 -61.60 -24.49 -12.95
C GLU C 219 -62.50 -23.57 -13.79
N ARG C 220 -62.34 -22.28 -13.59
CA ARG C 220 -63.11 -21.28 -14.30
C ARG C 220 -62.93 -21.34 -15.82
N ILE C 221 -61.76 -21.78 -16.28
CA ILE C 221 -61.54 -22.00 -17.70
C ILE C 221 -62.33 -23.22 -18.12
N MET C 222 -62.40 -24.24 -17.28
CA MET C 222 -63.19 -25.41 -17.62
C MET C 222 -64.66 -25.02 -17.81
N ASP C 223 -65.11 -24.00 -17.08
CA ASP C 223 -66.47 -23.52 -17.16
C ASP C 223 -66.72 -22.87 -18.50
N LEU C 224 -65.77 -22.04 -18.96
CA LEU C 224 -65.92 -21.36 -20.24
C LEU C 224 -65.91 -22.31 -21.39
N LEU C 225 -65.45 -23.54 -21.17
CA LEU C 225 -65.28 -24.51 -22.24
C LEU C 225 -66.40 -25.55 -22.37
N GLY C 226 -67.37 -25.47 -21.45
CA GLY C 226 -68.43 -26.46 -21.33
C GLY C 226 -67.91 -27.88 -21.40
N ASP C 227 -68.62 -28.71 -22.16
CA ASP C 227 -68.29 -30.11 -22.29
C ASP C 227 -66.96 -30.42 -22.98
N ARG C 228 -66.19 -29.40 -23.38
CA ARG C 228 -64.91 -29.62 -24.09
C ARG C 228 -63.75 -30.25 -23.29
N VAL C 229 -63.72 -30.09 -21.98
CA VAL C 229 -62.70 -30.70 -21.15
C VAL C 229 -63.19 -32.07 -20.78
N LYS C 230 -62.39 -33.09 -21.06
CA LYS C 230 -62.78 -34.46 -20.79
C LYS C 230 -61.96 -35.03 -19.63
N LEU C 231 -62.54 -35.04 -18.43
CA LEU C 231 -61.86 -35.61 -17.29
C LEU C 231 -61.76 -37.14 -17.36
N GLU C 232 -60.95 -37.71 -16.48
CA GLU C 232 -60.65 -39.13 -16.50
C GLU C 232 -60.24 -39.72 -17.85
N ARG C 233 -59.49 -38.95 -18.64
CA ARG C 233 -59.04 -39.35 -19.97
C ARG C 233 -57.47 -39.29 -20.13
N PRO C 234 -56.75 -40.23 -19.55
CA PRO C 234 -55.29 -40.26 -19.72
C PRO C 234 -54.90 -40.68 -21.12
N VAL C 235 -54.16 -39.85 -21.87
CA VAL C 235 -53.73 -40.18 -23.22
C VAL C 235 -52.70 -41.28 -23.13
N ILE C 236 -52.81 -42.32 -23.98
CA ILE C 236 -51.83 -43.41 -24.00
C ILE C 236 -51.15 -43.70 -25.35
N TYR C 237 -51.55 -43.03 -26.41
CA TYR C 237 -51.05 -43.33 -27.73
C TYR C 237 -51.33 -42.12 -28.60
N ILE C 238 -50.31 -41.60 -29.28
CA ILE C 238 -50.50 -40.59 -30.31
C ILE C 238 -49.92 -41.14 -31.60
N ASP C 239 -50.70 -41.07 -32.68
CA ASP C 239 -50.36 -41.68 -33.98
C ASP C 239 -50.38 -40.61 -35.07
N GLN C 240 -49.24 -40.39 -35.72
CA GLN C 240 -49.10 -39.31 -36.69
C GLN C 240 -48.87 -39.81 -38.09
N THR C 241 -49.15 -41.08 -38.33
CA THR C 241 -48.92 -41.74 -39.62
C THR C 241 -49.78 -41.16 -40.73
N ARG C 242 -51.06 -40.96 -40.42
CA ARG C 242 -52.07 -40.50 -41.39
C ARG C 242 -52.07 -38.97 -41.59
N GLU C 243 -53.12 -38.48 -42.26
CA GLU C 243 -53.35 -37.04 -42.51
C GLU C 243 -53.69 -36.29 -41.18
N ASN C 244 -54.65 -36.83 -40.43
CA ASN C 244 -55.02 -36.31 -39.10
C ASN C 244 -54.32 -37.08 -37.99
N VAL C 245 -54.00 -36.38 -36.91
CA VAL C 245 -53.36 -37.02 -35.78
C VAL C 245 -54.41 -37.73 -34.95
N LEU C 246 -54.19 -39.01 -34.67
CA LEU C 246 -55.05 -39.75 -33.75
C LEU C 246 -54.43 -39.74 -32.36
N VAL C 247 -55.28 -39.49 -31.36
CA VAL C 247 -54.91 -39.46 -29.95
C VAL C 247 -55.86 -40.40 -29.19
N GLU C 248 -55.31 -41.36 -28.48
CA GLU C 248 -56.12 -42.40 -27.86
C GLU C 248 -55.94 -42.40 -26.35
N THR C 249 -57.04 -42.60 -25.63
CA THR C 249 -57.05 -42.57 -24.17
C THR C 249 -57.12 -43.94 -23.55
N LEU C 250 -56.91 -44.01 -22.24
CA LEU C 250 -56.80 -45.28 -21.57
C LEU C 250 -58.10 -46.04 -21.55
N ASN C 251 -59.21 -45.30 -21.61
CA ASN C 251 -60.53 -45.94 -21.64
C ASN C 251 -61.04 -46.29 -23.04
N HIS C 252 -60.23 -45.98 -24.04
CA HIS C 252 -60.42 -46.46 -25.41
C HIS C 252 -60.99 -45.45 -26.41
N GLU C 253 -61.33 -44.27 -25.94
CA GLU C 253 -61.83 -43.25 -26.84
C GLU C 253 -60.78 -42.79 -27.86
N MET C 254 -61.20 -42.47 -29.08
CA MET C 254 -60.30 -41.90 -30.09
C MET C 254 -60.66 -40.46 -30.42
N TYR C 255 -59.65 -39.60 -30.51
CA TYR C 255 -59.83 -38.20 -30.87
C TYR C 255 -58.93 -37.89 -32.04
N GLU C 256 -59.38 -37.07 -32.97
CA GLU C 256 -58.66 -36.84 -34.22
C GLU C 256 -58.43 -35.36 -34.31
N ALA C 257 -57.24 -34.93 -34.68
CA ALA C 257 -56.98 -33.49 -34.77
C ALA C 257 -55.91 -33.10 -35.76
N LYS C 258 -56.04 -31.89 -36.29
CA LYS C 258 -55.01 -31.32 -37.14
C LYS C 258 -53.70 -31.14 -36.39
N TYR C 259 -53.78 -30.84 -35.10
CA TYR C 259 -52.60 -30.51 -34.29
C TYR C 259 -52.75 -31.00 -32.88
N VAL C 260 -51.64 -31.09 -32.14
CA VAL C 260 -51.68 -31.46 -30.71
C VAL C 260 -50.76 -30.55 -29.90
N ILE C 261 -51.25 -30.07 -28.76
CA ILE C 261 -50.42 -29.41 -27.73
C ILE C 261 -50.24 -30.42 -26.61
N SER C 262 -48.99 -30.73 -26.30
CA SER C 262 -48.70 -31.54 -25.13
C SER C 262 -48.34 -30.57 -24.04
N ALA C 263 -49.12 -30.58 -22.96
CA ALA C 263 -48.94 -29.63 -21.90
C ALA C 263 -48.76 -30.37 -20.60
N ILE C 264 -48.06 -31.50 -20.65
CA ILE C 264 -47.76 -32.27 -19.46
C ILE C 264 -46.27 -32.15 -19.14
N PRO C 265 -45.87 -32.51 -17.93
CA PRO C 265 -44.46 -32.37 -17.56
C PRO C 265 -43.59 -33.16 -18.52
N PRO C 266 -42.45 -32.64 -18.99
CA PRO C 266 -41.65 -33.29 -20.01
C PRO C 266 -41.54 -34.77 -19.85
N THR C 267 -41.03 -35.20 -18.72
CA THR C 267 -40.81 -36.61 -18.52
C THR C 267 -42.06 -37.44 -18.61
N LEU C 268 -43.21 -36.83 -18.47
CA LEU C 268 -44.42 -37.63 -18.42
C LEU C 268 -44.94 -38.04 -19.80
N GLY C 269 -44.24 -37.59 -20.84
CA GLY C 269 -44.50 -37.98 -22.21
C GLY C 269 -44.14 -39.45 -22.39
N MET C 270 -43.36 -39.97 -21.46
CA MET C 270 -42.95 -41.36 -21.41
C MET C 270 -44.16 -42.23 -21.31
N LYS C 271 -45.24 -41.66 -20.79
CA LYS C 271 -46.48 -42.37 -20.54
C LYS C 271 -47.36 -42.59 -21.79
N ILE C 272 -46.91 -42.04 -22.91
CA ILE C 272 -47.61 -42.09 -24.18
C ILE C 272 -46.78 -42.90 -25.16
N HIS C 273 -47.41 -43.83 -25.87
CA HIS C 273 -46.74 -44.60 -26.92
C HIS C 273 -46.85 -43.87 -28.23
N PHE C 274 -45.73 -43.66 -28.92
CA PHE C 274 -45.69 -42.84 -30.15
C PHE C 274 -45.51 -43.61 -31.45
N ASN C 275 -46.19 -43.18 -32.50
CA ASN C 275 -46.05 -43.78 -33.82
C ASN C 275 -46.16 -42.67 -34.87
N PRO C 276 -45.10 -42.44 -35.65
CA PRO C 276 -43.85 -43.19 -35.60
C PRO C 276 -43.12 -42.88 -34.31
N PRO C 277 -42.14 -43.69 -33.93
CA PRO C 277 -41.29 -43.39 -32.79
C PRO C 277 -40.84 -41.93 -32.76
N LEU C 278 -40.60 -41.38 -31.56
CA LEU C 278 -40.13 -40.00 -31.45
C LEU C 278 -38.74 -39.95 -31.98
N PRO C 279 -38.33 -38.78 -32.50
CA PRO C 279 -36.92 -38.56 -32.86
C PRO C 279 -36.02 -38.95 -31.71
N MET C 280 -34.83 -39.44 -32.03
CA MET C 280 -33.88 -39.89 -31.00
C MET C 280 -33.71 -38.88 -29.86
N MET C 281 -33.43 -37.61 -30.18
CA MET C 281 -33.19 -36.61 -29.13
C MET C 281 -34.31 -36.59 -28.08
N ARG C 282 -35.57 -36.47 -28.52
CA ARG C 282 -36.68 -36.39 -27.58
C ARG C 282 -36.84 -37.69 -26.83
N ASN C 283 -36.88 -38.81 -27.56
CA ASN C 283 -36.99 -40.12 -26.93
C ASN C 283 -36.08 -40.28 -25.71
N GLN C 284 -34.85 -39.80 -25.82
CA GLN C 284 -33.93 -39.91 -24.71
C GLN C 284 -34.05 -38.70 -23.76
N MET C 285 -34.36 -37.52 -24.29
CA MET C 285 -34.49 -36.33 -23.47
C MET C 285 -35.48 -36.57 -22.35
N ILE C 286 -36.62 -37.14 -22.68
CA ILE C 286 -37.69 -37.38 -21.72
C ILE C 286 -37.38 -38.48 -20.70
N THR C 287 -36.18 -39.08 -20.73
CA THR C 287 -35.78 -39.95 -19.61
C THR C 287 -34.75 -39.28 -18.71
N ARG C 288 -34.30 -38.10 -19.09
CA ARG C 288 -33.24 -37.45 -18.37
C ARG C 288 -33.69 -36.24 -17.55
N VAL C 289 -35.00 -36.07 -17.37
CA VAL C 289 -35.52 -34.81 -16.81
C VAL C 289 -36.55 -34.98 -15.66
N PRO C 290 -36.06 -35.37 -14.46
CA PRO C 290 -36.90 -35.68 -13.31
C PRO C 290 -37.51 -34.48 -12.63
N LEU C 291 -38.57 -34.70 -11.87
CA LEU C 291 -39.14 -33.60 -11.06
C LEU C 291 -38.70 -33.75 -9.61
N GLY C 292 -38.74 -32.64 -8.89
CA GLY C 292 -38.31 -32.56 -7.50
C GLY C 292 -39.24 -33.21 -6.50
N SER C 293 -38.84 -33.16 -5.23
CA SER C 293 -39.55 -33.85 -4.19
C SER C 293 -39.90 -32.87 -3.08
N VAL C 294 -41.17 -32.83 -2.70
CA VAL C 294 -41.67 -31.93 -1.68
C VAL C 294 -42.92 -32.51 -1.03
N ILE C 295 -43.12 -32.22 0.25
CA ILE C 295 -44.41 -32.39 0.91
C ILE C 295 -44.92 -31.03 1.39
N LYS C 296 -46.12 -30.61 0.99
CA LYS C 296 -46.66 -29.33 1.46
C LYS C 296 -47.53 -29.60 2.66
N CYS C 297 -47.27 -28.89 3.76
CA CYS C 297 -47.92 -29.13 5.03
C CYS C 297 -48.48 -27.87 5.67
N ILE C 298 -49.73 -27.96 6.09
CA ILE C 298 -50.39 -26.84 6.73
C ILE C 298 -50.97 -27.22 8.08
N VAL C 299 -50.60 -26.46 9.11
CA VAL C 299 -51.05 -26.72 10.47
C VAL C 299 -51.89 -25.54 10.86
N TYR C 300 -53.12 -25.85 11.29
CA TYR C 300 -54.17 -24.89 11.65
C TYR C 300 -54.22 -24.67 13.14
N TYR C 301 -54.39 -23.41 13.52
CA TYR C 301 -54.42 -23.02 14.92
C TYR C 301 -55.63 -22.16 15.26
N LYS C 302 -56.07 -22.18 16.52
CA LYS C 302 -57.16 -21.31 16.98
C LYS C 302 -56.99 -19.84 16.62
N GLU C 303 -55.77 -19.35 16.67
CA GLU C 303 -55.50 -17.93 16.49
C GLU C 303 -54.07 -17.77 15.92
N PRO C 304 -53.81 -16.71 15.16
CA PRO C 304 -52.45 -16.44 14.67
C PRO C 304 -51.56 -15.98 15.81
N PHE C 305 -51.30 -16.89 16.77
CA PHE C 305 -50.61 -16.54 18.01
C PHE C 305 -49.23 -15.89 17.81
N TRP C 306 -48.53 -16.31 16.78
CA TRP C 306 -47.25 -15.73 16.51
C TRP C 306 -47.32 -14.20 16.45
N ARG C 307 -48.36 -13.62 15.86
CA ARG C 307 -48.39 -12.17 15.65
C ARG C 307 -48.30 -11.40 16.97
N LYS C 308 -48.97 -11.93 18.01
CA LYS C 308 -48.95 -11.34 19.35
C LYS C 308 -47.52 -11.23 19.91
N LYS C 309 -46.64 -12.15 19.52
CA LYS C 309 -45.23 -12.11 19.84
C LYS C 309 -44.38 -11.35 18.82
N ASP C 310 -45.02 -10.57 17.96
CA ASP C 310 -44.35 -9.78 16.91
C ASP C 310 -43.53 -10.61 15.93
N TYR C 311 -44.01 -11.81 15.63
CA TYR C 311 -43.46 -12.67 14.58
C TYR C 311 -44.51 -12.77 13.49
N CYS C 312 -44.10 -12.60 12.24
CA CYS C 312 -45.07 -12.64 11.16
C CYS C 312 -45.52 -14.04 10.71
N GLY C 313 -44.71 -15.05 10.99
CA GLY C 313 -45.04 -16.42 10.66
C GLY C 313 -43.98 -17.08 9.78
N THR C 314 -43.12 -16.27 9.18
CA THR C 314 -41.98 -16.73 8.39
C THR C 314 -40.90 -17.30 9.27
N MET C 315 -40.49 -18.51 8.95
CA MET C 315 -39.34 -19.10 9.60
C MET C 315 -38.37 -19.66 8.55
N ILE C 316 -37.07 -19.35 8.67
CA ILE C 316 -36.02 -19.95 7.85
C ILE C 316 -35.21 -20.82 8.79
N ILE C 317 -35.28 -22.13 8.64
CA ILE C 317 -34.72 -23.04 9.64
C ILE C 317 -33.57 -23.91 9.13
N ASP C 318 -32.35 -23.55 9.56
CA ASP C 318 -31.15 -24.27 9.20
C ASP C 318 -31.08 -25.65 9.85
N GLY C 319 -30.30 -26.54 9.27
CA GLY C 319 -30.00 -27.76 9.99
C GLY C 319 -30.68 -28.97 9.47
N GLU C 320 -30.04 -30.12 9.69
CA GLU C 320 -30.53 -31.39 9.18
C GLU C 320 -31.70 -31.95 9.98
N GLU C 321 -31.76 -31.69 11.28
CA GLU C 321 -32.76 -32.31 12.15
C GLU C 321 -34.15 -31.74 11.92
N ALA C 322 -34.23 -30.48 11.52
CA ALA C 322 -35.53 -29.84 11.28
C ALA C 322 -36.24 -30.41 10.06
N PRO C 323 -37.45 -30.94 10.21
CA PRO C 323 -38.18 -31.49 9.07
C PRO C 323 -38.60 -30.44 8.05
N VAL C 324 -38.62 -29.17 8.42
CA VAL C 324 -39.09 -28.14 7.54
C VAL C 324 -38.11 -26.97 7.57
N ALA C 325 -37.69 -26.49 6.41
CA ALA C 325 -36.72 -25.40 6.36
C ALA C 325 -37.29 -24.01 6.23
N TYR C 326 -38.52 -23.93 5.72
CA TYR C 326 -39.12 -22.67 5.40
C TYR C 326 -40.60 -22.74 5.67
N THR C 327 -41.14 -21.73 6.37
CA THR C 327 -42.58 -21.59 6.60
C THR C 327 -43.03 -20.20 6.28
N LEU C 328 -44.28 -20.10 5.83
CA LEU C 328 -44.97 -18.83 5.67
C LEU C 328 -46.30 -18.85 6.42
N ASP C 329 -46.81 -17.68 6.76
CA ASP C 329 -48.13 -17.56 7.42
C ASP C 329 -49.27 -17.79 6.43
N ASP C 330 -50.15 -18.73 6.74
CA ASP C 330 -51.27 -19.09 5.86
C ASP C 330 -52.72 -18.67 6.30
N THR C 331 -52.78 -17.78 7.27
CA THR C 331 -54.03 -17.21 7.72
C THR C 331 -54.76 -16.42 6.63
N LYS C 332 -56.06 -16.71 6.46
CA LYS C 332 -56.87 -16.07 5.45
C LYS C 332 -56.86 -14.58 5.70
N PRO C 333 -57.13 -13.76 4.67
CA PRO C 333 -56.97 -12.30 4.77
C PRO C 333 -57.80 -11.66 5.85
N GLU C 334 -58.82 -12.36 6.35
CA GLU C 334 -59.68 -11.85 7.43
C GLU C 334 -59.00 -11.84 8.81
N GLY C 335 -58.27 -12.89 9.13
CA GLY C 335 -57.80 -13.15 10.49
C GLY C 335 -58.24 -14.55 10.84
N ASN C 336 -59.13 -15.07 10.00
CA ASN C 336 -59.72 -16.42 10.05
C ASN C 336 -58.77 -17.59 9.85
N TYR C 337 -59.18 -18.75 10.36
CA TYR C 337 -58.50 -19.97 10.00
C TYR C 337 -56.98 -19.75 10.02
N ALA C 338 -56.41 -19.49 11.19
CA ALA C 338 -54.97 -19.26 11.27
C ALA C 338 -54.23 -20.53 11.00
N ALA C 339 -53.10 -20.40 10.31
CA ALA C 339 -52.35 -21.55 9.88
C ALA C 339 -50.91 -21.19 9.61
N ILE C 340 -50.02 -22.18 9.61
CA ILE C 340 -48.64 -22.04 9.19
C ILE C 340 -48.39 -23.03 8.07
N MET C 341 -47.84 -22.51 6.97
CA MET C 341 -47.45 -23.32 5.80
C MET C 341 -45.95 -23.68 5.82
N GLY C 342 -45.63 -24.93 5.49
CA GLY C 342 -44.24 -25.33 5.44
C GLY C 342 -43.96 -26.42 4.42
N PHE C 343 -42.72 -26.45 3.92
CA PHE C 343 -42.33 -27.45 2.94
C PHE C 343 -41.42 -28.47 3.55
N ILE C 344 -41.65 -29.74 3.28
CA ILE C 344 -40.69 -30.75 3.60
C ILE C 344 -39.94 -31.11 2.29
N LEU C 345 -38.67 -30.67 2.21
CA LEU C 345 -37.91 -30.65 0.95
C LEU C 345 -36.94 -31.80 0.69
N ALA C 346 -36.83 -32.10 -0.61
CA ALA C 346 -35.85 -32.97 -1.20
C ALA C 346 -35.65 -34.27 -0.39
N HIS C 347 -34.41 -34.59 0.01
CA HIS C 347 -34.15 -35.85 0.68
C HIS C 347 -35.04 -36.09 1.89
N LYS C 348 -35.51 -35.02 2.51
CA LYS C 348 -36.31 -35.16 3.70
C LYS C 348 -37.72 -35.61 3.32
N ALA C 349 -38.22 -35.16 2.18
CA ALA C 349 -39.51 -35.61 1.70
C ALA C 349 -39.50 -37.11 1.55
N ARG C 350 -38.35 -37.72 1.28
CA ARG C 350 -38.32 -39.19 1.15
C ARG C 350 -38.24 -39.83 2.54
N LYS C 351 -37.53 -39.20 3.44
CA LYS C 351 -37.24 -39.76 4.74
C LYS C 351 -38.49 -39.77 5.60
N LEU C 352 -39.25 -38.68 5.56
CA LEU C 352 -40.39 -38.48 6.45
C LEU C 352 -41.72 -39.00 5.89
N ALA C 353 -41.72 -39.41 4.62
CA ALA C 353 -42.88 -40.05 4.03
C ALA C 353 -43.09 -41.43 4.64
N ARG C 354 -42.07 -41.95 5.31
CA ARG C 354 -42.13 -43.24 5.98
C ARG C 354 -43.07 -43.18 7.17
N LEU C 355 -43.11 -42.02 7.83
CA LEU C 355 -43.95 -41.76 8.99
C LEU C 355 -45.43 -41.62 8.60
N THR C 356 -46.30 -41.62 9.61
CA THR C 356 -47.73 -41.45 9.40
C THR C 356 -48.10 -39.98 9.48
N LYS C 357 -49.25 -39.62 8.90
CA LYS C 357 -49.80 -38.27 8.96
C LYS C 357 -49.61 -37.65 10.33
N GLU C 358 -49.89 -38.40 11.38
CA GLU C 358 -49.91 -37.86 12.73
C GLU C 358 -48.52 -37.58 13.24
N GLU C 359 -47.59 -38.48 12.91
CA GLU C 359 -46.20 -38.37 13.35
C GLU C 359 -45.51 -37.19 12.72
N ARG C 360 -45.90 -36.83 11.50
CA ARG C 360 -45.44 -35.62 10.85
C ARG C 360 -46.01 -34.38 11.51
N LEU C 361 -47.30 -34.38 11.80
CA LEU C 361 -47.95 -33.28 12.50
C LEU C 361 -47.25 -32.97 13.83
N LYS C 362 -46.93 -34.02 14.57
CA LYS C 362 -46.23 -33.91 15.83
C LYS C 362 -44.86 -33.28 15.65
N LYS C 363 -44.13 -33.73 14.64
CA LYS C 363 -42.81 -33.25 14.43
C LYS C 363 -42.84 -31.81 14.00
N LEU C 364 -43.85 -31.41 13.22
CA LEU C 364 -43.92 -30.04 12.74
C LEU C 364 -44.24 -29.10 13.87
N CYS C 365 -45.14 -29.57 14.73
CA CYS C 365 -45.59 -28.79 15.88
C CYS C 365 -44.48 -28.58 16.87
N GLU C 366 -43.77 -29.66 17.19
CA GLU C 366 -42.65 -29.55 18.11
C GLU C 366 -41.60 -28.56 17.61
N LEU C 367 -41.37 -28.57 16.31
CA LEU C 367 -40.46 -27.63 15.67
C LEU C 367 -40.95 -26.20 15.76
N TYR C 368 -42.17 -25.97 15.29
CA TYR C 368 -42.78 -24.63 15.34
C TYR C 368 -42.82 -24.06 16.77
N ALA C 369 -43.08 -24.94 17.74
CA ALA C 369 -43.06 -24.53 19.14
C ALA C 369 -41.67 -24.07 19.56
N LYS C 370 -40.64 -24.83 19.21
CA LYS C 370 -39.28 -24.43 19.53
C LYS C 370 -38.89 -23.13 18.83
N VAL C 371 -39.22 -23.01 17.56
CA VAL C 371 -38.72 -21.87 16.78
C VAL C 371 -39.45 -20.63 17.20
N LEU C 372 -40.76 -20.76 17.41
CA LEU C 372 -41.57 -19.63 17.81
C LEU C 372 -41.48 -19.39 19.29
N GLY C 373 -40.97 -20.39 20.03
CA GLY C 373 -40.98 -20.39 21.49
C GLY C 373 -42.33 -20.15 22.14
N SER C 374 -43.33 -20.95 21.76
CA SER C 374 -44.67 -20.87 22.33
C SER C 374 -45.30 -22.21 22.34
N LEU C 375 -45.64 -22.65 23.55
CA LEU C 375 -46.42 -23.84 23.82
C LEU C 375 -47.65 -23.95 22.92
N GLU C 376 -48.19 -22.81 22.48
CA GLU C 376 -49.42 -22.80 21.71
C GLU C 376 -49.33 -23.61 20.43
N ALA C 377 -48.12 -23.74 19.90
CA ALA C 377 -47.92 -24.40 18.63
C ALA C 377 -48.14 -25.88 18.81
N LEU C 378 -48.16 -26.33 20.05
CA LEU C 378 -48.38 -27.75 20.33
C LEU C 378 -49.85 -28.09 20.31
N GLU C 379 -50.70 -27.10 20.03
CA GLU C 379 -52.14 -27.30 20.08
C GLU C 379 -52.84 -27.03 18.74
N PRO C 380 -52.62 -27.88 17.74
CA PRO C 380 -53.22 -27.66 16.45
C PRO C 380 -54.68 -28.04 16.48
N VAL C 381 -55.46 -27.29 15.73
CA VAL C 381 -56.89 -27.43 15.68
C VAL C 381 -57.28 -28.34 14.48
N HIS C 382 -56.36 -28.47 13.52
CA HIS C 382 -56.50 -29.23 12.26
C HIS C 382 -55.19 -29.28 11.44
N TYR C 383 -55.13 -30.20 10.47
CA TYR C 383 -53.92 -30.42 9.65
C TYR C 383 -54.24 -30.89 8.23
N GLU C 384 -53.58 -30.30 7.23
CA GLU C 384 -53.65 -30.78 5.84
C GLU C 384 -52.25 -30.92 5.23
N GLU C 385 -52.03 -31.94 4.40
CA GLU C 385 -50.73 -32.16 3.73
C GLU C 385 -50.89 -32.79 2.34
N LYS C 386 -50.02 -32.44 1.41
CA LYS C 386 -49.89 -33.22 0.17
C LYS C 386 -48.45 -33.61 -0.13
N ASN C 387 -48.24 -34.90 -0.34
CA ASN C 387 -46.95 -35.39 -0.82
C ASN C 387 -46.92 -35.61 -2.35
N TRP C 388 -46.51 -34.58 -3.09
CA TRP C 388 -46.49 -34.64 -4.56
C TRP C 388 -45.62 -35.74 -5.20
N CYS C 389 -44.72 -36.34 -4.42
CA CYS C 389 -43.88 -37.44 -4.86
C CYS C 389 -44.67 -38.65 -5.25
N GLU C 390 -45.91 -38.75 -4.79
CA GLU C 390 -46.69 -39.93 -5.11
C GLU C 390 -47.68 -39.72 -6.25
N GLU C 391 -47.66 -38.54 -6.88
CA GLU C 391 -48.60 -38.26 -7.96
C GLU C 391 -48.10 -38.81 -9.30
N GLN C 392 -48.85 -39.77 -9.83
CA GLN C 392 -48.50 -40.42 -11.08
C GLN C 392 -48.51 -39.44 -12.24
N TYR C 393 -49.53 -38.60 -12.32
CA TYR C 393 -49.64 -37.70 -13.44
C TYR C 393 -49.05 -36.36 -13.07
N SER C 394 -48.09 -36.42 -12.14
CA SER C 394 -47.27 -35.25 -11.87
C SER C 394 -45.78 -35.54 -11.85
N GLY C 395 -45.42 -36.59 -11.12
CA GLY C 395 -44.05 -37.03 -10.97
C GLY C 395 -43.26 -36.31 -9.87
N GLY C 396 -43.71 -35.16 -9.41
CA GLY C 396 -43.03 -34.43 -8.35
C GLY C 396 -43.57 -33.03 -8.26
N CYS C 397 -42.83 -32.15 -7.59
CA CYS C 397 -43.15 -30.71 -7.54
C CYS C 397 -41.92 -30.01 -6.98
N TYR C 398 -41.73 -28.72 -7.24
CA TYR C 398 -42.65 -27.91 -8.02
C TYR C 398 -42.52 -28.17 -9.50
N THR C 399 -41.26 -28.38 -9.94
CA THR C 399 -40.95 -28.39 -11.37
C THR C 399 -39.89 -29.45 -11.70
N THR C 400 -39.38 -29.38 -12.92
CA THR C 400 -38.42 -30.34 -13.46
C THR C 400 -36.99 -29.81 -13.28
N TYR C 401 -36.05 -30.68 -12.88
CA TYR C 401 -34.72 -30.20 -12.72
C TYR C 401 -33.83 -30.95 -13.66
N PHE C 402 -32.69 -30.38 -14.02
CA PHE C 402 -31.74 -31.00 -14.93
C PHE C 402 -30.47 -31.38 -14.18
N PRO C 403 -30.10 -32.67 -14.15
CA PRO C 403 -28.81 -33.16 -13.66
C PRO C 403 -27.68 -32.70 -14.55
N PRO C 404 -26.43 -32.72 -14.07
CA PRO C 404 -25.29 -32.24 -14.86
C PRO C 404 -25.25 -32.79 -16.29
N GLY C 405 -24.88 -31.94 -17.25
CA GLY C 405 -24.69 -32.39 -18.62
C GLY C 405 -25.91 -32.47 -19.50
N ILE C 406 -27.09 -32.29 -18.95
CA ILE C 406 -28.30 -32.59 -19.72
C ILE C 406 -28.87 -31.35 -20.39
N LEU C 407 -28.79 -30.19 -19.74
CA LEU C 407 -29.34 -29.01 -20.36
C LEU C 407 -28.61 -28.68 -21.68
N THR C 408 -27.28 -28.74 -21.70
CA THR C 408 -26.54 -28.43 -22.92
C THR C 408 -26.80 -29.44 -24.01
N GLN C 409 -26.93 -30.70 -23.67
CA GLN C 409 -27.08 -31.74 -24.67
C GLN C 409 -28.50 -31.90 -25.18
N TYR C 410 -29.46 -31.72 -24.27
CA TYR C 410 -30.85 -32.01 -24.57
C TYR C 410 -31.73 -30.79 -24.44
N GLY C 411 -31.12 -29.67 -24.14
CA GLY C 411 -31.85 -28.46 -23.90
C GLY C 411 -32.79 -28.05 -25.01
N ARG C 412 -32.30 -27.85 -26.21
CA ARG C 412 -33.15 -27.30 -27.23
C ARG C 412 -34.22 -28.28 -27.75
N VAL C 413 -34.37 -29.40 -27.08
CA VAL C 413 -35.32 -30.40 -27.51
C VAL C 413 -36.71 -30.12 -26.96
N LEU C 414 -36.72 -29.47 -25.78
CA LEU C 414 -37.91 -29.39 -24.95
C LEU C 414 -39.05 -28.75 -25.68
N ARG C 415 -38.79 -27.64 -26.36
CA ARG C 415 -39.86 -26.99 -27.09
C ARG C 415 -39.80 -27.01 -28.63
N GLN C 416 -39.04 -27.96 -29.20
CA GLN C 416 -39.03 -28.22 -30.63
C GLN C 416 -40.22 -29.10 -31.04
N PRO C 417 -41.03 -28.62 -31.98
CA PRO C 417 -42.22 -29.35 -32.44
C PRO C 417 -41.86 -30.72 -32.98
N VAL C 418 -42.71 -31.72 -32.76
CA VAL C 418 -42.56 -33.04 -33.38
C VAL C 418 -43.72 -33.22 -34.36
N ASP C 419 -43.47 -32.79 -35.60
CA ASP C 419 -44.43 -32.82 -36.70
C ASP C 419 -45.60 -31.88 -36.40
N ARG C 420 -46.70 -32.46 -35.95
CA ARG C 420 -47.87 -31.69 -35.57
C ARG C 420 -48.10 -31.59 -34.01
N ILE C 421 -47.18 -32.17 -33.23
CA ILE C 421 -47.15 -31.99 -31.77
C ILE C 421 -46.36 -30.71 -31.38
N TYR C 422 -46.97 -29.83 -30.59
CA TYR C 422 -46.29 -28.64 -30.10
C TYR C 422 -46.25 -28.70 -28.56
N PHE C 423 -45.24 -28.08 -27.93
CA PHE C 423 -44.99 -28.35 -26.53
C PHE C 423 -45.18 -27.18 -25.63
N ALA C 424 -46.12 -27.32 -24.72
CA ALA C 424 -46.38 -26.32 -23.68
C ALA C 424 -45.88 -26.82 -22.33
N GLY C 425 -46.55 -26.42 -21.27
CA GLY C 425 -46.13 -26.72 -19.91
C GLY C 425 -45.09 -25.74 -19.47
N THR C 426 -45.06 -25.47 -18.17
CA THR C 426 -44.20 -24.42 -17.57
C THR C 426 -42.70 -24.65 -17.80
N GLU C 427 -42.28 -25.90 -17.82
CA GLU C 427 -40.87 -26.18 -17.99
C GLU C 427 -40.36 -25.67 -19.33
N THR C 428 -41.27 -25.22 -20.20
CA THR C 428 -40.91 -24.63 -21.51
C THR C 428 -41.04 -23.11 -21.52
N ALA C 429 -41.41 -22.52 -20.42
CA ALA C 429 -41.44 -21.05 -20.40
C ALA C 429 -40.03 -20.48 -20.43
N THR C 430 -39.95 -19.15 -20.46
CA THR C 430 -38.68 -18.46 -20.44
C THR C 430 -38.64 -17.41 -19.36
N HIS C 431 -39.76 -17.17 -18.72
CA HIS C 431 -39.84 -16.18 -17.65
C HIS C 431 -40.70 -16.84 -16.59
N TRP C 432 -40.17 -16.95 -15.39
CA TRP C 432 -40.85 -17.69 -14.32
C TRP C 432 -41.21 -19.10 -14.73
N SER C 433 -40.35 -19.76 -15.51
CA SER C 433 -40.53 -21.17 -15.72
C SER C 433 -40.42 -21.88 -14.37
N GLY C 434 -41.31 -22.84 -14.13
CA GLY C 434 -41.31 -23.56 -12.88
C GLY C 434 -42.56 -23.17 -12.14
N TYR C 435 -43.14 -22.04 -12.56
CA TYR C 435 -44.22 -21.39 -11.83
C TYR C 435 -45.53 -21.34 -12.66
N MET C 436 -46.64 -21.00 -12.02
CA MET C 436 -47.93 -20.83 -12.71
C MET C 436 -47.79 -19.81 -13.80
N GLU C 437 -46.99 -18.77 -13.55
CA GLU C 437 -46.68 -17.78 -14.57
C GLU C 437 -46.16 -18.46 -15.82
N GLY C 438 -45.07 -19.21 -15.69
CA GLY C 438 -44.50 -19.93 -16.80
C GLY C 438 -45.60 -20.73 -17.49
N ALA C 439 -46.43 -21.40 -16.72
CA ALA C 439 -47.41 -22.27 -17.32
C ALA C 439 -48.27 -21.46 -18.27
N VAL C 440 -48.50 -20.20 -17.94
CA VAL C 440 -49.30 -19.37 -18.83
C VAL C 440 -48.53 -18.95 -20.06
N GLU C 441 -47.33 -18.43 -19.87
CA GLU C 441 -46.45 -18.11 -20.99
C GLU C 441 -46.41 -19.21 -22.04
N ALA C 442 -46.12 -20.41 -21.55
CA ALA C 442 -45.93 -21.60 -22.37
C ALA C 442 -47.22 -22.05 -23.07
N GLY C 443 -48.30 -22.14 -22.30
CA GLY C 443 -49.60 -22.46 -22.85
C GLY C 443 -49.96 -21.59 -24.04
N GLU C 444 -49.81 -20.29 -23.89
CA GLU C 444 -50.25 -19.36 -24.92
C GLU C 444 -49.33 -19.37 -26.12
N ARG C 445 -48.02 -19.46 -25.89
CA ARG C 445 -47.07 -19.51 -27.01
C ARG C 445 -47.28 -20.75 -27.86
N ALA C 446 -47.39 -21.90 -27.24
CA ALA C 446 -47.73 -23.10 -27.99
C ALA C 446 -48.99 -22.89 -28.83
N ALA C 447 -50.04 -22.36 -28.23
CA ALA C 447 -51.26 -22.15 -28.98
C ALA C 447 -50.99 -21.25 -30.19
N ARG C 448 -50.29 -20.16 -29.97
CA ARG C 448 -49.98 -19.25 -31.04
C ARG C 448 -49.06 -19.87 -32.11
N GLU C 449 -48.27 -20.87 -31.71
CA GLU C 449 -47.42 -21.56 -32.68
C GLU C 449 -48.34 -22.24 -33.69
N ILE C 450 -49.42 -22.85 -33.22
CA ILE C 450 -50.36 -23.58 -34.07
C ILE C 450 -51.12 -22.58 -34.89
N LEU C 451 -51.55 -21.50 -34.27
CA LEU C 451 -52.17 -20.43 -35.04
C LEU C 451 -51.30 -20.08 -36.25
N HIS C 452 -50.01 -19.86 -36.03
CA HIS C 452 -49.12 -19.49 -37.12
C HIS C 452 -48.94 -20.58 -38.19
N ALA C 453 -49.00 -21.83 -37.77
CA ALA C 453 -48.83 -22.92 -38.71
C ALA C 453 -50.00 -22.93 -39.66
N MET C 454 -51.19 -22.54 -39.18
CA MET C 454 -52.40 -22.53 -39.99
C MET C 454 -52.49 -21.24 -40.81
N GLY C 455 -51.43 -20.44 -40.73
CA GLY C 455 -51.34 -19.17 -41.43
C GLY C 455 -52.41 -18.19 -41.01
N LYS C 456 -52.69 -18.09 -39.71
CA LYS C 456 -53.69 -17.16 -39.18
C LYS C 456 -53.05 -15.92 -38.57
N ILE C 457 -51.78 -16.03 -38.16
CA ILE C 457 -50.99 -14.91 -37.61
C ILE C 457 -49.55 -15.05 -38.07
N PRO C 458 -48.82 -13.95 -38.21
CA PRO C 458 -47.40 -14.00 -38.64
C PRO C 458 -46.44 -14.63 -37.60
N GLU C 459 -45.22 -14.98 -37.99
CA GLU C 459 -44.22 -15.52 -37.05
C GLU C 459 -43.86 -14.48 -35.98
N ASP C 460 -43.63 -13.27 -36.45
CA ASP C 460 -43.72 -12.02 -35.71
C ASP C 460 -44.49 -12.08 -34.36
N GLU C 461 -45.64 -12.76 -34.36
CA GLU C 461 -46.62 -12.69 -33.29
C GLU C 461 -46.69 -13.91 -32.36
N ILE C 462 -45.77 -14.86 -32.49
CA ILE C 462 -45.85 -16.08 -31.70
C ILE C 462 -45.51 -15.80 -30.25
N TRP C 463 -44.39 -15.12 -30.03
CA TRP C 463 -43.95 -14.70 -28.70
C TRP C 463 -44.47 -13.30 -28.45
N GLN C 464 -45.38 -13.15 -27.50
CA GLN C 464 -45.95 -11.84 -27.16
C GLN C 464 -45.45 -11.32 -25.83
N SER C 465 -45.15 -10.03 -25.78
CA SER C 465 -44.79 -9.42 -24.50
C SER C 465 -46.09 -9.12 -23.76
N GLU C 466 -45.99 -8.83 -22.46
CA GLU C 466 -47.18 -8.63 -21.60
C GLU C 466 -47.18 -7.32 -20.84
N PRO C 467 -48.27 -6.53 -20.95
CA PRO C 467 -48.39 -5.28 -20.19
C PRO C 467 -48.32 -5.52 -18.68
N GLU C 468 -47.60 -4.66 -17.97
CA GLU C 468 -47.42 -4.78 -16.53
C GLU C 468 -48.74 -4.63 -15.83
N SER C 469 -48.98 -5.42 -14.78
CA SER C 469 -50.21 -5.33 -13.97
C SER C 469 -50.37 -3.99 -13.27
N VAL C 470 -51.62 -3.55 -13.18
CA VAL C 470 -51.93 -2.28 -12.52
C VAL C 470 -52.10 -2.51 -11.02
N ASP C 471 -52.73 -3.62 -10.65
CA ASP C 471 -52.93 -3.96 -9.24
C ASP C 471 -51.67 -4.45 -8.53
N VAL C 472 -50.71 -5.01 -9.27
CA VAL C 472 -49.48 -5.46 -8.62
C VAL C 472 -48.25 -4.90 -9.31
N PRO C 473 -48.01 -3.59 -9.20
CA PRO C 473 -46.89 -2.96 -9.91
C PRO C 473 -45.57 -3.47 -9.38
N ALA C 474 -44.56 -3.55 -10.23
CA ALA C 474 -43.29 -4.06 -9.82
C ALA C 474 -42.34 -2.92 -9.44
N GLN C 475 -42.05 -2.82 -8.14
CA GLN C 475 -40.88 -2.08 -7.68
C GLN C 475 -39.62 -2.73 -8.26
N PRO C 476 -38.73 -1.92 -8.88
CA PRO C 476 -37.47 -2.45 -9.44
C PRO C 476 -36.50 -2.85 -8.34
N ILE C 477 -35.52 -3.68 -8.67
CA ILE C 477 -34.58 -4.16 -7.64
C ILE C 477 -33.34 -3.28 -7.62
N THR C 478 -32.91 -2.89 -6.42
CA THR C 478 -31.78 -2.00 -6.27
C THR C 478 -30.73 -2.58 -5.33
N THR C 479 -29.50 -2.10 -5.49
CA THR C 479 -28.39 -2.55 -4.65
C THR C 479 -27.61 -1.38 -4.05
N THR C 480 -27.16 -1.56 -2.82
CA THR C 480 -26.23 -0.66 -2.13
C THR C 480 -24.91 -0.55 -2.90
N PHE C 481 -24.30 0.63 -2.88
CA PHE C 481 -22.93 0.79 -3.35
C PHE C 481 -22.02 -0.23 -2.65
N LEU C 482 -22.16 -0.35 -1.35
CA LEU C 482 -21.36 -1.29 -0.57
C LEU C 482 -21.58 -2.74 -1.02
N GLU C 483 -22.83 -3.08 -1.31
CA GLU C 483 -23.17 -4.42 -1.82
C GLU C 483 -22.44 -4.75 -3.13
N ARG C 484 -22.41 -3.76 -4.03
CA ARG C 484 -21.77 -3.89 -5.33
C ARG C 484 -20.24 -3.97 -5.30
N HIS C 485 -19.59 -3.47 -4.24
CA HIS C 485 -18.15 -3.30 -4.29
C HIS C 485 -17.31 -3.91 -3.18
N LEU C 486 -17.94 -4.39 -2.11
CA LEU C 486 -17.20 -5.04 -1.06
C LEU C 486 -16.44 -6.23 -1.69
N PRO C 487 -15.21 -6.46 -1.27
CA PRO C 487 -14.47 -7.64 -1.72
C PRO C 487 -15.11 -8.98 -1.30
N SER C 488 -14.74 -10.04 -2.01
CA SER C 488 -15.03 -11.42 -1.62
C SER C 488 -14.03 -11.80 -0.54
N VAL C 489 -14.19 -12.97 0.08
CA VAL C 489 -13.21 -13.39 1.07
C VAL C 489 -11.85 -13.53 0.42
N PRO C 490 -11.72 -14.25 -0.71
CA PRO C 490 -10.46 -14.29 -1.45
C PRO C 490 -10.02 -12.91 -1.90
N GLY C 491 -10.95 -12.10 -2.39
CA GLY C 491 -10.63 -10.74 -2.84
C GLY C 491 -9.96 -9.90 -1.77
N LEU C 492 -10.40 -10.09 -0.53
CA LEU C 492 -9.82 -9.42 0.62
C LEU C 492 -8.42 -9.94 0.89
N LEU C 493 -8.27 -11.27 0.87
CA LEU C 493 -6.98 -11.92 1.08
C LEU C 493 -5.99 -11.44 0.04
N ARG C 494 -6.46 -11.21 -1.18
CA ARG C 494 -5.58 -10.74 -2.23
C ARG C 494 -5.23 -9.26 -1.98
N LEU C 495 -6.01 -8.58 -1.14
CA LEU C 495 -5.74 -7.18 -0.79
C LEU C 495 -4.86 -7.03 0.47
N ILE C 496 -4.56 -8.17 1.10
CA ILE C 496 -3.63 -8.25 2.22
C ILE C 496 -2.25 -8.79 1.76
N GLY C 497 -2.21 -9.43 0.58
CA GLY C 497 -0.97 -9.77 -0.09
C GLY C 497 -0.44 -8.65 -1.01
N LEU C 498 -1.34 -7.79 -1.50
CA LEU C 498 -1.02 -6.61 -2.33
C LEU C 498 -0.69 -5.36 -1.49
N THR C 499 -1.36 -5.26 -0.34
CA THR C 499 -1.06 -4.24 0.67
C THR C 499 0.07 -4.75 1.60
N THR C 500 0.53 -5.98 1.35
CA THR C 500 1.79 -6.49 1.92
C THR C 500 2.99 -6.19 0.97
N ILE C 501 2.81 -6.47 -0.33
CA ILE C 501 3.82 -6.18 -1.37
C ILE C 501 3.48 -4.93 -2.20
N LYS D 4 -54.77 -66.46 -20.26
CA LYS D 4 -54.85 -67.75 -19.44
C LYS D 4 -53.48 -68.18 -18.80
N CYS D 5 -53.36 -67.92 -17.49
CA CYS D 5 -52.02 -67.61 -16.94
C CYS D 5 -51.78 -67.50 -15.35
N ASP D 6 -50.63 -68.05 -14.89
CA ASP D 6 -50.09 -67.94 -13.51
C ASP D 6 -49.24 -66.67 -13.32
N VAL D 7 -48.24 -66.49 -14.17
CA VAL D 7 -47.37 -65.31 -14.19
C VAL D 7 -47.39 -64.68 -15.58
N VAL D 8 -47.58 -63.37 -15.65
CA VAL D 8 -47.38 -62.63 -16.89
C VAL D 8 -46.04 -61.94 -16.84
N VAL D 9 -45.19 -62.22 -17.83
CA VAL D 9 -43.87 -61.60 -17.92
C VAL D 9 -43.92 -60.46 -18.90
N VAL D 10 -43.60 -59.26 -18.43
CA VAL D 10 -43.52 -58.11 -19.33
C VAL D 10 -42.07 -57.99 -19.68
N GLY D 11 -41.77 -57.91 -20.97
CA GLY D 11 -40.39 -57.90 -21.42
C GLY D 11 -39.95 -59.19 -22.07
N GLY D 12 -39.69 -59.09 -23.37
CA GLY D 12 -39.34 -60.23 -24.18
C GLY D 12 -37.85 -60.40 -24.47
N GLY D 13 -37.00 -59.69 -23.72
CA GLY D 13 -35.55 -59.82 -23.86
C GLY D 13 -34.95 -61.00 -23.13
N ILE D 14 -33.62 -61.06 -23.02
CA ILE D 14 -32.99 -62.24 -22.42
C ILE D 14 -33.50 -62.47 -20.99
N SER D 15 -33.64 -61.40 -20.21
CA SER D 15 -34.08 -61.52 -18.83
C SER D 15 -35.47 -62.09 -18.67
N GLY D 16 -36.43 -61.51 -19.38
CA GLY D 16 -37.80 -62.02 -19.42
C GLY D 16 -37.86 -63.47 -19.87
N MET D 17 -37.15 -63.80 -20.95
CA MET D 17 -37.18 -65.17 -21.45
C MET D 17 -36.56 -66.10 -20.42
N ALA D 18 -35.39 -65.73 -19.93
CA ALA D 18 -34.70 -66.57 -18.96
C ALA D 18 -35.66 -66.97 -17.86
N ALA D 19 -36.50 -66.00 -17.48
CA ALA D 19 -37.46 -66.13 -16.39
C ALA D 19 -38.66 -66.93 -16.83
N ALA D 20 -39.26 -66.56 -17.95
CA ALA D 20 -40.38 -67.31 -18.51
C ALA D 20 -40.03 -68.81 -18.56
N LYS D 21 -38.81 -69.11 -19.00
CA LYS D 21 -38.39 -70.50 -19.14
C LYS D 21 -38.30 -71.16 -17.78
N LEU D 22 -37.73 -70.47 -16.79
CA LEU D 22 -37.55 -71.06 -15.47
C LEU D 22 -38.89 -71.48 -14.88
N LEU D 23 -39.87 -70.60 -15.04
CA LEU D 23 -41.19 -70.86 -14.53
C LEU D 23 -41.80 -71.99 -15.31
N HIS D 24 -41.75 -71.90 -16.64
CA HIS D 24 -42.28 -72.95 -17.54
C HIS D 24 -41.71 -74.32 -17.22
N ASP D 25 -40.41 -74.41 -16.99
CA ASP D 25 -39.77 -75.67 -16.68
C ASP D 25 -40.28 -76.26 -15.34
N SER D 26 -40.81 -75.38 -14.49
CA SER D 26 -41.29 -75.76 -13.15
C SER D 26 -42.78 -76.03 -13.14
N GLY D 27 -43.37 -76.21 -14.32
CA GLY D 27 -44.78 -76.52 -14.46
C GLY D 27 -45.79 -75.40 -14.24
N LEU D 28 -45.42 -74.16 -14.49
CA LEU D 28 -46.39 -73.06 -14.37
C LEU D 28 -46.79 -72.54 -15.74
N ASN D 29 -47.98 -71.99 -15.82
CA ASN D 29 -48.45 -71.46 -17.10
C ASN D 29 -48.01 -70.02 -17.20
N VAL D 30 -47.08 -69.72 -18.11
CA VAL D 30 -46.58 -68.35 -18.21
C VAL D 30 -47.03 -67.67 -19.47
N VAL D 31 -46.77 -66.38 -19.59
CA VAL D 31 -47.01 -65.64 -20.83
C VAL D 31 -46.03 -64.50 -20.93
N VAL D 32 -45.42 -64.37 -22.09
CA VAL D 32 -44.53 -63.25 -22.32
C VAL D 32 -45.23 -62.29 -23.24
N LEU D 33 -45.38 -61.06 -22.79
CA LEU D 33 -45.91 -60.00 -23.61
C LEU D 33 -44.78 -59.09 -24.06
N GLU D 34 -44.56 -59.03 -25.36
CA GLU D 34 -43.43 -58.27 -25.90
C GLU D 34 -43.84 -57.21 -26.93
N ALA D 35 -43.43 -55.97 -26.68
CA ALA D 35 -43.88 -54.82 -27.44
C ALA D 35 -43.47 -54.83 -28.92
N ARG D 36 -42.23 -55.22 -29.19
CA ARG D 36 -41.65 -55.22 -30.52
C ARG D 36 -42.17 -56.42 -31.34
N ASP D 37 -41.81 -56.49 -32.64
CA ASP D 37 -42.14 -57.67 -33.45
C ASP D 37 -41.07 -58.76 -33.44
N ARG D 38 -40.27 -58.80 -32.38
CA ARG D 38 -39.12 -59.74 -32.25
C ARG D 38 -38.75 -59.90 -30.78
N VAL D 39 -38.23 -61.06 -30.39
CA VAL D 39 -37.68 -61.13 -29.06
C VAL D 39 -36.22 -60.65 -29.13
N GLY D 40 -35.55 -60.45 -28.00
CA GLY D 40 -34.14 -60.11 -28.01
C GLY D 40 -33.83 -58.80 -27.31
N GLY D 41 -34.66 -57.79 -27.55
CA GLY D 41 -34.50 -56.49 -26.94
C GLY D 41 -33.21 -55.80 -27.29
N ARG D 42 -32.33 -55.68 -26.32
CA ARG D 42 -31.05 -55.05 -26.53
C ARG D 42 -30.02 -55.98 -27.14
N THR D 43 -30.40 -57.21 -27.44
CA THR D 43 -29.67 -58.04 -28.37
C THR D 43 -30.52 -58.09 -29.64
N TYR D 44 -29.88 -57.98 -30.79
CA TYR D 44 -30.55 -58.07 -32.09
C TYR D 44 -29.53 -58.61 -33.08
N THR D 45 -29.82 -59.78 -33.65
CA THR D 45 -28.95 -60.36 -34.65
C THR D 45 -29.49 -60.20 -36.08
N LEU D 46 -28.86 -59.32 -36.87
CA LEU D 46 -29.31 -59.07 -38.22
C LEU D 46 -28.80 -60.13 -39.12
N ARG D 47 -29.70 -60.67 -39.94
CA ARG D 47 -29.35 -61.69 -40.88
C ARG D 47 -29.67 -61.17 -42.29
N ASN D 48 -28.63 -61.18 -43.11
CA ASN D 48 -28.74 -60.88 -44.54
C ASN D 48 -27.48 -61.39 -45.28
N GLN D 49 -27.52 -61.31 -46.62
CA GLN D 49 -26.58 -62.03 -47.48
C GLN D 49 -25.20 -61.47 -47.46
N LYS D 50 -25.12 -60.15 -47.32
CA LYS D 50 -23.82 -59.46 -47.32
C LYS D 50 -23.07 -59.70 -46.03
N VAL D 51 -23.79 -60.17 -45.04
CA VAL D 51 -23.33 -60.17 -43.67
C VAL D 51 -23.34 -61.57 -43.03
N LYS D 52 -24.06 -62.50 -43.65
CA LYS D 52 -24.46 -63.76 -43.02
C LYS D 52 -25.30 -63.53 -41.75
N TYR D 53 -24.63 -63.23 -40.62
CA TYR D 53 -25.29 -62.72 -39.42
C TYR D 53 -24.42 -61.63 -38.77
N VAL D 54 -25.02 -60.67 -38.08
CA VAL D 54 -24.28 -59.66 -37.30
C VAL D 54 -25.00 -59.24 -36.02
N ASP D 55 -24.27 -59.17 -34.91
CA ASP D 55 -24.88 -58.64 -33.69
C ASP D 55 -24.86 -57.14 -33.73
N LEU D 56 -26.04 -56.54 -33.87
CA LEU D 56 -26.14 -55.09 -33.80
C LEU D 56 -26.34 -54.60 -32.36
N GLY D 57 -26.63 -55.53 -31.45
CA GLY D 57 -26.85 -55.22 -30.06
C GLY D 57 -25.85 -55.93 -29.21
N GLY D 58 -26.30 -56.52 -28.12
CA GLY D 58 -25.42 -57.17 -27.15
C GLY D 58 -24.75 -58.38 -27.74
N SER D 59 -23.47 -58.58 -27.45
CA SER D 59 -22.66 -59.51 -28.21
C SER D 59 -21.59 -60.33 -27.50
N TYR D 60 -20.70 -59.72 -26.73
CA TYR D 60 -19.54 -60.43 -26.19
C TYR D 60 -19.88 -61.10 -24.86
N VAL D 61 -19.26 -62.24 -24.62
CA VAL D 61 -19.40 -63.00 -23.38
C VAL D 61 -18.01 -63.46 -22.96
N GLY D 62 -17.76 -63.57 -21.66
CA GLY D 62 -16.42 -63.88 -21.20
C GLY D 62 -16.37 -64.81 -19.99
N PRO D 63 -15.17 -65.21 -19.59
CA PRO D 63 -15.00 -65.94 -18.34
C PRO D 63 -15.69 -65.22 -17.15
N THR D 64 -16.20 -66.01 -16.19
CA THR D 64 -17.03 -65.58 -15.05
C THR D 64 -18.48 -65.20 -15.40
N GLN D 65 -18.81 -65.15 -16.68
CA GLN D 65 -20.19 -64.93 -17.07
C GLN D 65 -20.90 -66.27 -17.25
N ASN D 66 -20.97 -67.02 -16.16
CA ASN D 66 -21.37 -68.41 -16.24
C ASN D 66 -22.82 -68.66 -16.50
N ARG D 67 -23.68 -67.73 -16.15
CA ARG D 67 -25.09 -67.97 -16.31
C ARG D 67 -25.52 -67.91 -17.75
N ILE D 68 -25.15 -66.84 -18.48
CA ILE D 68 -25.48 -66.75 -19.92
C ILE D 68 -24.76 -67.86 -20.69
N LEU D 69 -23.55 -68.20 -20.28
CA LEU D 69 -22.80 -69.26 -20.90
C LEU D 69 -23.56 -70.56 -20.78
N ARG D 70 -24.07 -70.87 -19.59
CA ARG D 70 -24.85 -72.08 -19.33
C ARG D 70 -26.16 -72.13 -20.11
N LEU D 71 -26.94 -71.04 -20.02
CA LEU D 71 -28.23 -70.98 -20.69
C LEU D 71 -28.00 -71.14 -22.18
N ALA D 72 -26.97 -70.50 -22.70
CA ALA D 72 -26.68 -70.61 -24.11
C ALA D 72 -26.33 -72.04 -24.55
N LYS D 73 -25.50 -72.72 -23.76
CA LYS D 73 -25.08 -74.08 -24.06
C LYS D 73 -26.30 -74.99 -24.15
N GLU D 74 -27.09 -75.04 -23.08
CA GLU D 74 -28.30 -75.85 -23.02
C GLU D 74 -29.20 -75.59 -24.20
N LEU D 75 -29.27 -74.34 -24.63
CA LEU D 75 -30.06 -73.97 -25.81
C LEU D 75 -29.43 -74.37 -27.14
N GLY D 76 -28.23 -74.95 -27.09
CA GLY D 76 -27.58 -75.46 -28.27
C GLY D 76 -26.43 -74.65 -28.85
N LEU D 77 -26.12 -73.51 -28.25
CA LEU D 77 -25.24 -72.57 -28.89
C LEU D 77 -23.78 -72.82 -28.54
N GLU D 78 -22.88 -72.30 -29.40
CA GLU D 78 -21.44 -72.44 -29.23
C GLU D 78 -20.74 -71.08 -29.33
N THR D 79 -19.60 -70.90 -28.67
CA THR D 79 -18.85 -69.64 -28.77
C THR D 79 -17.56 -69.75 -29.54
N TYR D 80 -17.04 -68.62 -29.98
CA TYR D 80 -15.72 -68.59 -30.59
C TYR D 80 -14.95 -67.45 -30.03
N LYS D 81 -13.62 -67.55 -30.03
CA LYS D 81 -12.79 -66.45 -29.54
C LYS D 81 -12.72 -65.20 -30.48
N VAL D 82 -12.99 -64.04 -29.90
CA VAL D 82 -12.76 -62.77 -30.61
C VAL D 82 -11.28 -62.73 -30.98
N ASN D 83 -10.94 -62.20 -32.14
CA ASN D 83 -9.54 -62.22 -32.54
C ASN D 83 -8.58 -61.31 -31.72
N GLU D 84 -7.64 -61.91 -31.02
CA GLU D 84 -6.56 -61.09 -30.45
C GLU D 84 -5.14 -61.63 -30.66
N VAL D 85 -4.90 -62.33 -31.77
CA VAL D 85 -3.62 -63.00 -32.01
C VAL D 85 -2.52 -61.98 -32.23
N GLU D 86 -2.79 -60.98 -33.06
CA GLU D 86 -1.79 -59.97 -33.44
C GLU D 86 -1.79 -58.76 -32.50
N ARG D 87 -1.18 -57.67 -32.91
CA ARG D 87 -0.91 -56.58 -31.97
C ARG D 87 -2.09 -55.63 -31.86
N LEU D 88 -2.28 -55.02 -30.69
CA LEU D 88 -3.32 -53.99 -30.53
C LEU D 88 -2.72 -52.65 -30.82
N ILE D 89 -3.54 -51.65 -31.13
CA ILE D 89 -3.04 -50.31 -31.37
C ILE D 89 -3.66 -49.31 -30.40
N HIS D 90 -2.80 -48.58 -29.71
CA HIS D 90 -3.15 -47.35 -29.03
C HIS D 90 -2.79 -46.20 -29.98
N HIS D 91 -3.78 -45.45 -30.42
CA HIS D 91 -3.54 -44.34 -31.33
C HIS D 91 -3.65 -43.05 -30.51
N VAL D 92 -2.54 -42.36 -30.31
CA VAL D 92 -2.57 -41.16 -29.48
C VAL D 92 -1.80 -39.97 -30.05
N LYS D 93 -2.44 -38.80 -29.98
CA LYS D 93 -1.92 -37.56 -30.58
C LYS D 93 -1.48 -37.77 -32.03
N GLY D 94 -2.37 -38.35 -32.82
CA GLY D 94 -2.13 -38.53 -34.24
C GLY D 94 -1.20 -39.66 -34.66
N LYS D 95 -0.75 -40.48 -33.72
CA LYS D 95 0.19 -41.53 -34.07
C LYS D 95 -0.18 -42.91 -33.52
N SER D 96 0.17 -43.98 -34.22
CA SER D 96 -0.23 -45.31 -33.77
C SER D 96 0.89 -46.10 -33.10
N TYR D 97 0.66 -46.57 -31.88
CA TYR D 97 1.69 -47.35 -31.18
C TYR D 97 1.17 -48.73 -30.86
N PRO D 98 1.76 -49.76 -31.47
CA PRO D 98 1.31 -51.13 -31.28
C PRO D 98 1.71 -51.62 -29.93
N PHE D 99 0.98 -52.60 -29.39
CA PHE D 99 1.31 -53.20 -28.11
C PHE D 99 0.64 -54.55 -27.89
N ARG D 100 1.02 -55.22 -26.80
CA ARG D 100 0.43 -56.50 -26.36
C ARG D 100 -0.11 -56.38 -24.95
N GLY D 101 -0.93 -57.34 -24.53
CA GLY D 101 -1.50 -57.33 -23.18
C GLY D 101 -2.69 -56.39 -23.12
N PRO D 102 -3.35 -56.29 -21.97
CA PRO D 102 -4.62 -55.55 -21.87
C PRO D 102 -4.48 -54.03 -21.86
N PHE D 103 -3.40 -53.52 -21.30
CA PHE D 103 -3.20 -52.08 -21.10
C PHE D 103 -2.11 -51.57 -22.01
N PRO D 104 -2.37 -50.46 -22.70
CA PRO D 104 -1.37 -49.86 -23.59
C PRO D 104 -0.25 -49.37 -22.72
N PRO D 105 1.00 -49.52 -23.13
CA PRO D 105 2.13 -49.27 -22.23
C PRO D 105 2.41 -47.79 -22.18
N VAL D 106 3.01 -47.37 -21.08
CA VAL D 106 3.34 -45.96 -20.89
C VAL D 106 4.79 -45.88 -20.44
N TRP D 107 5.56 -44.98 -21.06
CA TRP D 107 7.01 -45.00 -20.92
C TRP D 107 7.59 -44.00 -19.93
N ASN D 108 7.07 -42.78 -19.92
CA ASN D 108 7.41 -41.80 -18.90
C ASN D 108 7.19 -42.33 -17.47
N PRO D 109 8.20 -42.28 -16.58
CA PRO D 109 8.06 -42.95 -15.28
C PRO D 109 7.05 -42.26 -14.35
N ILE D 110 6.96 -40.95 -14.44
CA ILE D 110 5.96 -40.22 -13.66
C ILE D 110 4.57 -40.68 -14.11
N THR D 111 4.24 -40.41 -15.37
CA THR D 111 2.98 -40.85 -15.96
C THR D 111 2.66 -42.28 -15.61
N TYR D 112 3.65 -43.16 -15.65
CA TYR D 112 3.46 -44.56 -15.31
C TYR D 112 2.94 -44.75 -13.89
N LEU D 113 3.51 -44.02 -12.94
CA LEU D 113 3.07 -44.14 -11.54
C LEU D 113 1.58 -43.75 -11.39
N ASP D 114 1.23 -42.63 -12.02
CA ASP D 114 -0.14 -42.10 -12.08
C ASP D 114 -1.12 -43.10 -12.64
N HIS D 115 -0.81 -43.65 -13.82
CA HIS D 115 -1.67 -44.61 -14.51
C HIS D 115 -1.88 -45.82 -13.64
N ASN D 116 -0.79 -46.37 -13.15
CA ASN D 116 -0.89 -47.58 -12.38
C ASN D 116 -1.68 -47.33 -11.11
N ASN D 117 -1.53 -46.13 -10.52
CA ASN D 117 -2.29 -45.81 -9.33
C ASN D 117 -3.79 -45.64 -9.61
N PHE D 118 -4.14 -45.02 -10.73
CA PHE D 118 -5.54 -44.88 -11.11
C PHE D 118 -6.31 -46.22 -11.16
N TRP D 119 -5.80 -47.14 -11.96
CA TRP D 119 -6.45 -48.42 -12.15
C TRP D 119 -6.55 -49.12 -10.85
N ARG D 120 -5.58 -48.89 -9.99
CA ARG D 120 -5.46 -49.65 -8.76
C ARG D 120 -6.46 -49.10 -7.76
N THR D 121 -6.71 -47.81 -7.85
CA THR D 121 -7.58 -47.11 -6.90
C THR D 121 -9.05 -47.34 -7.23
N MET D 122 -9.35 -47.57 -8.51
CA MET D 122 -10.70 -47.89 -8.92
C MET D 122 -11.00 -49.14 -8.19
N ASP D 123 -10.01 -50.03 -8.16
CA ASP D 123 -10.22 -51.37 -7.66
C ASP D 123 -10.23 -51.36 -6.15
N ASP D 124 -9.40 -50.51 -5.55
CA ASP D 124 -9.30 -50.35 -4.09
C ASP D 124 -10.64 -49.86 -3.56
N MET D 125 -11.10 -48.78 -4.15
CA MET D 125 -12.36 -48.18 -3.79
C MET D 125 -13.48 -49.18 -3.99
N GLY D 126 -13.31 -50.08 -4.96
CA GLY D 126 -14.36 -51.00 -5.27
C GLY D 126 -14.54 -52.04 -4.21
N ARG D 127 -13.45 -52.38 -3.53
CA ARG D 127 -13.46 -53.47 -2.57
C ARG D 127 -14.34 -53.13 -1.37
N GLU D 128 -14.63 -51.84 -1.25
CA GLU D 128 -15.45 -51.29 -0.20
C GLU D 128 -16.96 -51.22 -0.53
N ILE D 129 -17.34 -51.61 -1.74
CA ILE D 129 -18.72 -51.50 -2.16
C ILE D 129 -19.34 -52.87 -2.34
N PRO D 130 -20.36 -53.22 -1.59
CA PRO D 130 -21.05 -54.51 -1.77
C PRO D 130 -21.95 -54.61 -3.03
N SER D 131 -21.84 -55.67 -3.84
CA SER D 131 -22.63 -55.75 -5.08
C SER D 131 -24.13 -55.72 -4.81
N ASP D 132 -24.52 -56.71 -4.01
CA ASP D 132 -25.63 -56.74 -3.08
C ASP D 132 -26.33 -55.41 -2.79
N ALA D 133 -25.58 -54.41 -2.34
CA ALA D 133 -26.16 -53.14 -1.89
C ALA D 133 -25.10 -52.04 -1.81
N PRO D 134 -24.79 -51.43 -2.96
CA PRO D 134 -23.73 -50.44 -3.04
C PRO D 134 -23.96 -49.23 -2.11
N TRP D 135 -25.21 -48.98 -1.76
CA TRP D 135 -25.54 -47.86 -0.92
C TRP D 135 -25.14 -48.09 0.54
N LYS D 136 -24.71 -49.32 0.86
CA LYS D 136 -24.21 -49.64 2.20
C LYS D 136 -22.71 -49.52 2.34
N ALA D 137 -22.06 -48.99 1.31
CA ALA D 137 -20.65 -48.66 1.36
C ALA D 137 -20.39 -47.67 2.48
N PRO D 138 -19.30 -47.84 3.20
CA PRO D 138 -18.92 -46.87 4.23
C PRO D 138 -18.97 -45.43 3.76
N LEU D 139 -18.50 -45.13 2.55
CA LEU D 139 -18.53 -43.73 2.08
C LEU D 139 -19.56 -43.47 0.99
N ALA D 140 -20.65 -44.24 1.02
CA ALA D 140 -21.72 -44.14 0.03
C ALA D 140 -22.13 -42.71 -0.27
N GLU D 141 -22.50 -41.95 0.76
CA GLU D 141 -22.92 -40.55 0.60
C GLU D 141 -21.92 -39.76 -0.17
N GLU D 142 -20.69 -39.71 0.34
CA GLU D 142 -19.65 -38.87 -0.20
C GLU D 142 -19.40 -39.17 -1.65
N TRP D 143 -19.28 -40.49 -1.93
CA TRP D 143 -18.97 -41.01 -3.26
C TRP D 143 -20.11 -40.79 -4.22
N ASP D 144 -21.32 -41.09 -3.79
CA ASP D 144 -22.52 -40.91 -4.61
C ASP D 144 -22.86 -39.44 -4.85
N ASN D 145 -22.40 -38.53 -3.98
CA ASN D 145 -22.73 -37.12 -4.14
C ASN D 145 -21.80 -36.41 -5.11
N MET D 146 -20.99 -37.19 -5.81
CA MET D 146 -19.83 -36.68 -6.52
C MET D 146 -19.78 -37.43 -7.85
N THR D 147 -19.48 -36.70 -8.93
CA THR D 147 -19.43 -37.31 -10.26
C THR D 147 -18.11 -37.99 -10.57
N MET D 148 -18.09 -38.77 -11.65
CA MET D 148 -16.86 -39.49 -12.04
C MET D 148 -15.81 -38.49 -12.47
N LYS D 149 -16.27 -37.35 -13.00
CA LYS D 149 -15.37 -36.34 -13.49
C LYS D 149 -14.64 -35.77 -12.33
N GLU D 150 -15.38 -35.54 -11.27
CA GLU D 150 -14.85 -35.02 -10.03
C GLU D 150 -13.78 -35.92 -9.46
N LEU D 151 -14.10 -37.20 -9.31
CA LEU D 151 -13.14 -38.16 -8.80
C LEU D 151 -11.88 -38.19 -9.67
N LEU D 152 -12.06 -38.21 -10.99
CA LEU D 152 -10.93 -38.19 -11.92
C LEU D 152 -10.09 -36.96 -11.76
N ASP D 153 -10.71 -35.79 -11.73
CA ASP D 153 -9.96 -34.55 -11.56
C ASP D 153 -9.09 -34.61 -10.29
N LYS D 154 -9.52 -35.38 -9.31
CA LYS D 154 -8.88 -35.44 -8.00
C LYS D 154 -7.76 -36.44 -8.02
N LEU D 155 -8.00 -37.57 -8.66
CA LEU D 155 -7.14 -38.73 -8.60
C LEU D 155 -5.98 -38.74 -9.56
N CYS D 156 -6.09 -37.97 -10.64
CA CYS D 156 -5.19 -38.09 -11.79
C CYS D 156 -4.27 -36.90 -11.89
N TRP D 157 -2.97 -37.12 -11.68
CA TRP D 157 -2.02 -36.00 -11.71
C TRP D 157 -1.50 -35.67 -13.11
N THR D 158 -1.78 -36.54 -14.10
CA THR D 158 -1.34 -36.36 -15.48
C THR D 158 -2.52 -36.29 -16.41
N GLU D 159 -2.41 -35.44 -17.43
CA GLU D 159 -3.42 -35.39 -18.47
C GLU D 159 -3.58 -36.71 -19.20
N SER D 160 -2.47 -37.42 -19.42
CA SER D 160 -2.53 -38.70 -20.10
C SER D 160 -3.43 -39.71 -19.38
N ALA D 161 -3.43 -39.69 -18.05
CA ALA D 161 -4.26 -40.60 -17.28
C ALA D 161 -5.72 -40.16 -17.23
N LYS D 162 -5.97 -38.87 -17.15
CA LYS D 162 -7.34 -38.37 -17.08
C LYS D 162 -8.04 -38.78 -18.35
N GLN D 163 -7.28 -38.79 -19.44
CA GLN D 163 -7.85 -39.04 -20.74
C GLN D 163 -8.19 -40.52 -20.94
N LEU D 164 -7.29 -41.41 -20.56
CA LEU D 164 -7.54 -42.84 -20.67
C LEU D 164 -8.68 -43.24 -19.73
N ALA D 165 -8.67 -42.71 -18.51
CA ALA D 165 -9.73 -42.93 -17.53
C ALA D 165 -11.10 -42.52 -18.08
N THR D 166 -11.19 -41.32 -18.66
CA THR D 166 -12.39 -40.87 -19.36
C THR D 166 -12.84 -41.83 -20.46
N LEU D 167 -11.91 -42.23 -21.32
CA LEU D 167 -12.25 -43.16 -22.37
C LEU D 167 -12.81 -44.40 -21.72
N PHE D 168 -12.15 -44.86 -20.67
CA PHE D 168 -12.58 -46.03 -19.93
C PHE D 168 -14.00 -45.88 -19.45
N VAL D 169 -14.33 -44.74 -18.89
CA VAL D 169 -15.69 -44.51 -18.41
C VAL D 169 -16.65 -44.49 -19.58
N ASN D 170 -16.38 -43.63 -20.59
CA ASN D 170 -17.20 -43.54 -21.80
C ASN D 170 -17.53 -44.89 -22.41
N LEU D 171 -16.53 -45.76 -22.41
CA LEU D 171 -16.63 -47.01 -23.12
C LEU D 171 -17.41 -48.03 -22.31
N CYS D 172 -17.29 -47.97 -20.99
CA CYS D 172 -18.01 -48.87 -20.10
C CYS D 172 -19.53 -48.62 -19.96
N VAL D 173 -19.91 -47.34 -19.94
CA VAL D 173 -21.25 -47.00 -19.56
C VAL D 173 -21.88 -45.99 -20.51
N THR D 174 -21.18 -45.63 -21.59
CA THR D 174 -21.78 -44.86 -22.69
C THR D 174 -22.37 -43.62 -22.16
N ALA D 175 -21.65 -42.98 -21.27
CA ALA D 175 -22.07 -41.70 -20.69
C ALA D 175 -20.82 -40.93 -20.38
N GLU D 176 -20.99 -39.64 -20.22
CA GLU D 176 -19.88 -38.79 -19.83
C GLU D 176 -19.49 -38.95 -18.34
N THR D 177 -18.25 -38.62 -18.01
CA THR D 177 -17.86 -38.71 -16.61
C THR D 177 -18.63 -37.71 -15.76
N HIS D 178 -18.94 -36.56 -16.32
CA HIS D 178 -19.73 -35.60 -15.57
C HIS D 178 -21.19 -35.98 -15.48
N GLU D 179 -21.60 -37.04 -16.15
CA GLU D 179 -23.02 -37.43 -16.14
C GLU D 179 -23.33 -38.39 -15.00
N VAL D 180 -22.33 -39.08 -14.49
CA VAL D 180 -22.56 -40.27 -13.68
C VAL D 180 -21.98 -40.11 -12.28
N SER D 181 -22.67 -40.67 -11.31
CA SER D 181 -22.20 -40.77 -9.96
C SER D 181 -20.99 -41.67 -9.79
N ALA D 182 -19.97 -41.18 -9.10
CA ALA D 182 -18.79 -41.99 -8.75
C ALA D 182 -19.14 -43.31 -8.03
N LEU D 183 -20.01 -43.27 -7.03
CA LEU D 183 -20.35 -44.45 -6.28
C LEU D 183 -20.87 -45.46 -7.23
N TRP D 184 -21.82 -45.08 -8.08
CA TRP D 184 -22.43 -46.01 -9.03
C TRP D 184 -21.39 -46.57 -10.00
N PHE D 185 -20.56 -45.74 -10.59
CA PHE D 185 -19.61 -46.25 -11.55
C PHE D 185 -18.67 -47.25 -10.93
N LEU D 186 -18.18 -46.96 -9.72
CA LEU D 186 -17.24 -47.85 -9.03
C LEU D 186 -17.92 -49.16 -8.75
N TRP D 187 -19.22 -49.11 -8.46
CA TRP D 187 -19.96 -50.32 -8.21
C TRP D 187 -20.00 -51.14 -9.48
N TYR D 188 -20.35 -50.47 -10.54
CA TYR D 188 -20.49 -51.11 -11.82
C TYR D 188 -19.26 -51.93 -12.16
N VAL D 189 -18.11 -51.26 -12.14
CA VAL D 189 -16.87 -51.90 -12.52
C VAL D 189 -16.59 -53.09 -11.61
N LYS D 190 -16.75 -52.91 -10.30
CA LYS D 190 -16.42 -53.96 -9.35
C LYS D 190 -17.33 -55.20 -9.43
N GLN D 191 -18.61 -55.01 -9.75
CA GLN D 191 -19.52 -56.14 -9.87
C GLN D 191 -19.29 -56.91 -11.16
N CYS D 192 -18.31 -56.49 -11.94
CA CYS D 192 -17.85 -57.28 -13.08
C CYS D 192 -16.56 -58.03 -12.77
N GLY D 193 -15.89 -57.64 -11.70
CA GLY D 193 -14.65 -58.28 -11.28
C GLY D 193 -13.43 -57.39 -11.40
N GLY D 194 -13.67 -56.09 -11.37
CA GLY D 194 -12.60 -55.11 -11.37
C GLY D 194 -12.14 -54.73 -12.75
N THR D 195 -11.20 -53.80 -12.80
CA THR D 195 -10.78 -53.19 -14.03
C THR D 195 -10.21 -54.21 -15.04
N THR D 196 -9.27 -55.04 -14.63
CA THR D 196 -8.71 -55.99 -15.57
C THR D 196 -9.77 -56.82 -16.22
N ARG D 197 -10.71 -57.36 -15.45
CA ARG D 197 -11.70 -58.26 -16.02
C ARG D 197 -12.55 -57.55 -17.08
N ILE D 198 -13.00 -56.36 -16.73
CA ILE D 198 -13.94 -55.65 -17.56
C ILE D 198 -13.27 -55.17 -18.84
N ILE D 199 -11.99 -54.80 -18.80
CA ILE D 199 -11.36 -54.23 -19.99
C ILE D 199 -10.73 -55.25 -20.90
N SER D 200 -10.48 -56.44 -20.38
CA SER D 200 -9.82 -57.52 -21.12
C SER D 200 -10.60 -58.22 -22.23
N THR D 201 -9.96 -58.36 -23.39
CA THR D 201 -10.41 -59.29 -24.41
C THR D 201 -10.06 -60.71 -23.99
N THR D 202 -8.82 -61.14 -24.22
CA THR D 202 -8.38 -62.45 -23.74
C THR D 202 -8.54 -62.45 -22.25
N ASN D 203 -9.10 -63.52 -21.71
CA ASN D 203 -9.41 -63.61 -20.27
C ASN D 203 -10.30 -62.53 -19.61
N GLY D 204 -11.22 -61.96 -20.37
CA GLY D 204 -12.13 -60.97 -19.84
C GLY D 204 -13.48 -60.92 -20.53
N GLY D 205 -14.16 -59.79 -20.39
CA GLY D 205 -15.52 -59.60 -20.81
C GLY D 205 -15.76 -59.68 -22.31
N GLN D 206 -14.73 -59.41 -23.10
CA GLN D 206 -14.90 -59.40 -24.54
C GLN D 206 -14.13 -60.57 -25.19
N GLU D 207 -13.95 -61.65 -24.43
CA GLU D 207 -13.23 -62.80 -24.97
C GLU D 207 -13.92 -63.46 -26.17
N ARG D 208 -15.24 -63.56 -26.13
CA ARG D 208 -15.93 -64.44 -27.05
C ARG D 208 -17.25 -63.88 -27.57
N LYS D 209 -17.74 -64.49 -28.66
CA LYS D 209 -19.05 -64.16 -29.19
C LYS D 209 -19.70 -65.46 -29.50
N PHE D 210 -21.02 -65.46 -29.66
CA PHE D 210 -21.75 -66.68 -29.98
C PHE D 210 -21.75 -66.89 -31.46
N VAL D 211 -21.41 -68.09 -31.89
CA VAL D 211 -21.57 -68.50 -33.29
C VAL D 211 -23.02 -68.37 -33.70
N GLY D 212 -23.29 -67.55 -34.70
CA GLY D 212 -24.61 -67.42 -35.27
C GLY D 212 -25.38 -66.29 -34.68
N GLY D 213 -24.83 -65.68 -33.63
CA GLY D 213 -25.42 -64.50 -33.01
C GLY D 213 -26.03 -64.73 -31.62
N SER D 214 -26.40 -63.65 -30.93
CA SER D 214 -26.93 -63.79 -29.58
C SER D 214 -28.44 -63.70 -29.54
N GLY D 215 -29.03 -63.07 -30.56
CA GLY D 215 -30.47 -63.09 -30.71
C GLY D 215 -30.96 -64.53 -30.62
N GLN D 216 -30.11 -65.45 -31.03
CA GLN D 216 -30.40 -66.88 -30.95
C GLN D 216 -30.88 -67.28 -29.54
N VAL D 217 -30.29 -66.68 -28.49
CA VAL D 217 -30.61 -67.05 -27.12
C VAL D 217 -32.11 -66.91 -26.85
N SER D 218 -32.68 -65.73 -27.08
CA SER D 218 -34.07 -65.52 -26.74
C SER D 218 -34.98 -66.08 -27.81
N GLU D 219 -34.49 -66.13 -29.03
CA GLU D 219 -35.20 -66.82 -30.12
C GLU D 219 -35.49 -68.27 -29.78
N ARG D 220 -34.47 -68.99 -29.37
CA ARG D 220 -34.63 -70.40 -29.12
C ARG D 220 -35.49 -70.69 -27.92
N ILE D 221 -35.51 -69.77 -26.94
CA ILE D 221 -36.48 -69.84 -25.84
C ILE D 221 -37.91 -69.58 -26.32
N MET D 222 -38.08 -68.66 -27.27
CA MET D 222 -39.40 -68.46 -27.87
C MET D 222 -39.89 -69.75 -28.48
N ASP D 223 -38.99 -70.55 -29.04
CA ASP D 223 -39.35 -71.80 -29.67
C ASP D 223 -39.90 -72.76 -28.62
N LEU D 224 -39.22 -72.84 -27.48
CA LEU D 224 -39.59 -73.79 -26.41
C LEU D 224 -40.92 -73.44 -25.81
N LEU D 225 -41.39 -72.22 -26.08
CA LEU D 225 -42.59 -71.76 -25.43
C LEU D 225 -43.83 -71.79 -26.35
N GLY D 226 -43.62 -72.16 -27.61
CA GLY D 226 -44.67 -72.16 -28.60
C GLY D 226 -45.40 -70.83 -28.62
N ASP D 227 -46.73 -70.89 -28.70
CA ASP D 227 -47.58 -69.72 -28.81
C ASP D 227 -47.63 -68.84 -27.56
N ARG D 228 -46.83 -69.11 -26.53
CA ARG D 228 -46.87 -68.35 -25.28
C ARG D 228 -46.26 -66.96 -25.30
N VAL D 229 -45.33 -66.69 -26.21
CA VAL D 229 -44.78 -65.35 -26.35
C VAL D 229 -45.67 -64.62 -27.32
N LYS D 230 -46.13 -63.44 -26.91
CA LYS D 230 -47.02 -62.65 -27.73
C LYS D 230 -46.34 -61.39 -28.24
N LEU D 231 -45.90 -61.42 -29.49
CA LEU D 231 -45.23 -60.27 -30.07
C LEU D 231 -46.21 -59.11 -30.34
N GLU D 232 -45.67 -57.95 -30.67
CA GLU D 232 -46.45 -56.73 -30.90
C GLU D 232 -47.49 -56.42 -29.83
N ARG D 233 -47.17 -56.74 -28.58
CA ARG D 233 -48.04 -56.52 -27.43
C ARG D 233 -47.42 -55.58 -26.35
N PRO D 234 -47.35 -54.27 -26.57
CA PRO D 234 -46.76 -53.40 -25.56
C PRO D 234 -47.72 -53.27 -24.41
N VAL D 235 -47.29 -53.56 -23.18
CA VAL D 235 -48.14 -53.36 -21.99
C VAL D 235 -48.35 -51.88 -21.70
N ILE D 236 -49.59 -51.48 -21.39
CA ILE D 236 -49.91 -50.06 -21.13
C ILE D 236 -50.64 -49.78 -19.81
N TYR D 237 -51.01 -50.80 -19.07
CA TYR D 237 -51.82 -50.64 -17.88
C TYR D 237 -51.70 -51.91 -17.08
N ILE D 238 -51.31 -51.78 -15.82
CA ILE D 238 -51.34 -52.90 -14.88
C ILE D 238 -52.22 -52.49 -13.70
N ASP D 239 -53.15 -53.38 -13.34
CA ASP D 239 -54.21 -53.09 -12.37
C ASP D 239 -54.19 -54.16 -11.29
N GLN D 240 -53.93 -53.74 -10.05
CA GLN D 240 -53.77 -54.65 -8.92
C GLN D 240 -54.87 -54.52 -7.85
N THR D 241 -55.96 -53.87 -8.21
CA THR D 241 -57.08 -53.63 -7.30
C THR D 241 -57.80 -54.91 -6.86
N ARG D 242 -58.07 -55.78 -7.83
CA ARG D 242 -58.79 -57.05 -7.61
C ARG D 242 -57.92 -58.19 -7.01
N GLU D 243 -58.48 -59.41 -7.03
CA GLU D 243 -57.78 -60.64 -6.59
C GLU D 243 -56.65 -61.05 -7.58
N ASN D 244 -56.97 -61.09 -8.87
CA ASN D 244 -55.97 -61.30 -9.91
C ASN D 244 -55.48 -60.00 -10.53
N VAL D 245 -54.23 -59.98 -10.97
CA VAL D 245 -53.63 -58.79 -11.56
C VAL D 245 -54.05 -58.75 -13.00
N LEU D 246 -54.56 -57.61 -13.44
CA LEU D 246 -54.91 -57.43 -14.86
C LEU D 246 -53.80 -56.66 -15.56
N VAL D 247 -53.38 -57.17 -16.70
CA VAL D 247 -52.36 -56.51 -17.51
C VAL D 247 -52.96 -56.21 -18.88
N GLU D 248 -52.90 -54.96 -19.33
CA GLU D 248 -53.53 -54.58 -20.60
C GLU D 248 -52.53 -54.07 -21.64
N THR D 249 -52.66 -54.53 -22.89
CA THR D 249 -51.77 -54.12 -23.97
C THR D 249 -52.34 -53.03 -24.87
N LEU D 250 -51.49 -52.40 -25.64
CA LEU D 250 -51.87 -51.25 -26.47
C LEU D 250 -52.95 -51.59 -27.50
N ASN D 251 -52.97 -52.85 -27.98
CA ASN D 251 -53.99 -53.30 -28.93
C ASN D 251 -55.30 -53.79 -28.28
N HIS D 252 -55.35 -53.77 -26.95
CA HIS D 252 -56.60 -53.91 -26.19
C HIS D 252 -56.83 -55.25 -25.53
N GLU D 253 -55.96 -56.21 -25.79
CA GLU D 253 -56.06 -57.50 -25.11
C GLU D 253 -55.89 -57.38 -23.59
N MET D 254 -56.57 -58.25 -22.84
CA MET D 254 -56.42 -58.31 -21.39
C MET D 254 -55.87 -59.66 -20.99
N TYR D 255 -54.90 -59.64 -20.06
CA TYR D 255 -54.33 -60.84 -19.51
C TYR D 255 -54.46 -60.77 -18.02
N GLU D 256 -54.71 -61.92 -17.39
CA GLU D 256 -54.95 -61.98 -15.95
C GLU D 256 -53.97 -62.92 -15.31
N ALA D 257 -53.40 -62.54 -14.17
CA ALA D 257 -52.37 -63.39 -13.55
C ALA D 257 -52.27 -63.28 -12.06
N LYS D 258 -51.80 -64.34 -11.42
CA LYS D 258 -51.52 -64.30 -10.00
C LYS D 258 -50.35 -63.35 -9.71
N TYR D 259 -49.39 -63.28 -10.64
CA TYR D 259 -48.14 -62.53 -10.44
C TYR D 259 -47.64 -61.90 -11.74
N VAL D 260 -46.76 -60.91 -11.62
CA VAL D 260 -46.15 -60.30 -12.79
C VAL D 260 -44.65 -60.15 -12.56
N ILE D 261 -43.84 -60.52 -13.57
CA ILE D 261 -42.43 -60.10 -13.66
C ILE D 261 -42.33 -58.94 -14.65
N SER D 262 -41.79 -57.81 -14.19
CA SER D 262 -41.46 -56.74 -15.11
C SER D 262 -39.99 -56.83 -15.45
N ALA D 263 -39.69 -57.17 -16.71
CA ALA D 263 -38.33 -57.37 -17.16
C ALA D 263 -37.98 -56.35 -18.24
N ILE D 264 -38.37 -55.12 -18.05
CA ILE D 264 -38.05 -54.08 -18.98
C ILE D 264 -37.14 -53.12 -18.26
N PRO D 265 -36.43 -52.24 -18.98
CA PRO D 265 -35.47 -51.32 -18.32
C PRO D 265 -36.21 -50.41 -17.34
N PRO D 266 -35.64 -50.19 -16.15
CA PRO D 266 -36.34 -49.53 -15.07
C PRO D 266 -37.13 -48.37 -15.56
N THR D 267 -36.47 -47.38 -16.16
CA THR D 267 -37.17 -46.17 -16.57
C THR D 267 -38.32 -46.42 -17.50
N LEU D 268 -38.36 -47.56 -18.17
CA LEU D 268 -39.38 -47.78 -19.17
C LEU D 268 -40.69 -48.24 -18.54
N GLY D 269 -40.73 -48.32 -17.20
CA GLY D 269 -41.94 -48.64 -16.46
C GLY D 269 -42.84 -47.42 -16.53
N MET D 270 -42.25 -46.28 -16.88
CA MET D 270 -42.98 -45.03 -17.06
C MET D 270 -44.05 -45.20 -18.10
N LYS D 271 -43.86 -46.19 -18.98
CA LYS D 271 -44.70 -46.39 -20.14
C LYS D 271 -46.00 -47.13 -19.81
N ILE D 272 -46.12 -47.55 -18.57
CA ILE D 272 -47.26 -48.31 -18.06
C ILE D 272 -48.03 -47.41 -17.08
N HIS D 273 -49.34 -47.36 -17.20
CA HIS D 273 -50.18 -46.68 -16.21
C HIS D 273 -50.58 -47.63 -15.09
N PHE D 274 -50.39 -47.22 -13.84
CA PHE D 274 -50.57 -48.15 -12.72
C PHE D 274 -51.79 -47.85 -11.87
N ASN D 275 -52.43 -48.90 -11.36
CA ASN D 275 -53.56 -48.77 -10.46
C ASN D 275 -53.55 -49.88 -9.44
N PRO D 276 -53.41 -49.57 -8.14
CA PRO D 276 -53.29 -48.21 -7.65
C PRO D 276 -51.95 -47.60 -8.06
N PRO D 277 -51.82 -46.28 -7.98
CA PRO D 277 -50.54 -45.62 -8.22
C PRO D 277 -49.35 -46.36 -7.56
N LEU D 278 -48.16 -46.24 -8.13
CA LEU D 278 -47.00 -46.91 -7.54
C LEU D 278 -46.66 -46.19 -6.25
N PRO D 279 -46.03 -46.89 -5.29
CA PRO D 279 -45.46 -46.24 -4.11
C PRO D 279 -44.60 -45.05 -4.50
N MET D 280 -44.60 -44.00 -3.68
CA MET D 280 -43.84 -42.81 -3.99
C MET D 280 -42.42 -43.11 -4.49
N MET D 281 -41.68 -43.92 -3.75
CA MET D 281 -40.29 -44.16 -4.08
C MET D 281 -40.14 -44.62 -5.51
N ARG D 282 -40.88 -45.65 -5.92
CA ARG D 282 -40.74 -46.17 -7.27
C ARG D 282 -41.19 -45.15 -8.30
N ASN D 283 -42.38 -44.59 -8.10
CA ASN D 283 -42.87 -43.57 -8.99
C ASN D 283 -41.81 -42.53 -9.37
N GLN D 284 -41.02 -42.12 -8.40
CA GLN D 284 -40.02 -41.12 -8.66
C GLN D 284 -38.69 -41.76 -9.14
N MET D 285 -38.38 -42.95 -8.63
CA MET D 285 -37.13 -43.63 -9.00
C MET D 285 -37.05 -43.81 -10.52
N ILE D 286 -38.16 -44.21 -11.14
CA ILE D 286 -38.22 -44.52 -12.55
C ILE D 286 -38.18 -43.25 -13.40
N THR D 287 -38.02 -42.07 -12.81
CA THR D 287 -37.78 -40.88 -13.64
C THR D 287 -36.34 -40.41 -13.53
N ARG D 288 -35.56 -41.08 -12.67
CA ARG D 288 -34.21 -40.65 -12.35
C ARG D 288 -33.13 -41.60 -12.87
N VAL D 289 -33.50 -42.51 -13.77
CA VAL D 289 -32.57 -43.56 -14.14
C VAL D 289 -32.43 -43.77 -15.66
N PRO D 290 -31.72 -42.86 -16.35
CA PRO D 290 -31.59 -42.90 -17.81
C PRO D 290 -30.68 -43.98 -18.35
N LEU D 291 -30.84 -44.31 -19.63
CA LEU D 291 -29.91 -45.23 -20.30
C LEU D 291 -28.95 -44.41 -21.14
N GLY D 292 -27.78 -45.00 -21.36
CA GLY D 292 -26.70 -44.39 -22.12
C GLY D 292 -26.93 -44.25 -23.61
N SER D 293 -25.94 -43.73 -24.31
CA SER D 293 -26.07 -43.40 -25.72
C SER D 293 -24.88 -43.99 -26.49
N VAL D 294 -25.23 -44.81 -27.51
CA VAL D 294 -24.22 -45.50 -28.33
C VAL D 294 -24.72 -45.75 -29.75
N ILE D 295 -23.80 -45.72 -30.73
CA ILE D 295 -24.13 -46.24 -32.05
C ILE D 295 -23.19 -47.37 -32.32
N LYS D 296 -23.69 -48.57 -32.64
CA LYS D 296 -22.80 -49.68 -32.97
C LYS D 296 -22.62 -49.72 -34.46
N CYS D 297 -21.37 -49.74 -34.91
CA CYS D 297 -21.06 -49.67 -36.35
C CYS D 297 -20.09 -50.75 -36.81
N ILE D 298 -20.47 -51.42 -37.89
CA ILE D 298 -19.64 -52.49 -38.46
C ILE D 298 -19.35 -52.20 -39.92
N VAL D 299 -18.05 -52.18 -40.25
CA VAL D 299 -17.56 -51.94 -41.62
C VAL D 299 -16.94 -53.23 -42.14
N TYR D 300 -17.47 -53.69 -43.26
CA TYR D 300 -17.06 -54.92 -43.90
C TYR D 300 -16.01 -54.71 -44.97
N TYR D 301 -15.04 -55.63 -45.04
CA TYR D 301 -13.93 -55.54 -45.96
C TYR D 301 -13.69 -56.86 -46.69
N LYS D 302 -13.17 -56.77 -47.92
CA LYS D 302 -12.81 -57.95 -48.72
C LYS D 302 -12.03 -59.00 -47.97
N GLU D 303 -11.09 -58.55 -47.14
CA GLU D 303 -10.16 -59.42 -46.41
C GLU D 303 -9.79 -58.78 -45.05
N PRO D 304 -9.46 -59.57 -44.03
CA PRO D 304 -8.94 -59.01 -42.77
C PRO D 304 -7.53 -58.42 -42.94
N PHE D 305 -7.43 -57.38 -43.76
CA PHE D 305 -6.12 -56.85 -44.15
C PHE D 305 -5.22 -56.50 -42.96
N TRP D 306 -5.82 -56.08 -41.86
CA TRP D 306 -5.03 -55.63 -40.75
C TRP D 306 -4.09 -56.74 -40.32
N ARG D 307 -4.55 -57.98 -40.35
CA ARG D 307 -3.74 -59.10 -39.82
C ARG D 307 -2.39 -59.25 -40.52
N LYS D 308 -2.36 -58.99 -41.85
CA LYS D 308 -1.15 -59.08 -42.65
C LYS D 308 -0.13 -58.05 -42.16
N LYS D 309 -0.60 -56.94 -41.60
CA LYS D 309 0.27 -55.93 -41.02
C LYS D 309 0.58 -56.20 -39.56
N ASP D 310 0.22 -57.41 -39.09
CA ASP D 310 0.40 -57.87 -37.68
C ASP D 310 -0.39 -57.04 -36.66
N TYR D 311 -1.58 -56.58 -37.05
CA TYR D 311 -2.50 -55.86 -36.17
C TYR D 311 -3.69 -56.78 -36.02
N CYS D 312 -4.21 -56.93 -34.81
CA CYS D 312 -5.31 -57.87 -34.61
C CYS D 312 -6.68 -57.26 -34.88
N GLY D 313 -6.76 -55.93 -34.89
CA GLY D 313 -8.01 -55.26 -35.22
C GLY D 313 -8.47 -54.32 -34.13
N THR D 314 -7.89 -54.51 -32.93
CA THR D 314 -8.22 -53.69 -31.77
C THR D 314 -7.60 -52.34 -31.90
N MET D 315 -8.37 -51.28 -31.74
CA MET D 315 -7.82 -49.94 -31.70
C MET D 315 -8.41 -49.22 -30.50
N ILE D 316 -7.55 -48.59 -29.69
CA ILE D 316 -7.97 -47.67 -28.63
C ILE D 316 -7.57 -46.29 -29.10
N ILE D 317 -8.56 -45.42 -29.36
CA ILE D 317 -8.31 -44.15 -30.03
C ILE D 317 -8.67 -42.91 -29.20
N ASP D 318 -7.63 -42.25 -28.71
CA ASP D 318 -7.75 -41.04 -27.90
C ASP D 318 -8.22 -39.83 -28.69
N GLY D 319 -8.79 -38.85 -28.01
CA GLY D 319 -9.07 -37.60 -28.69
C GLY D 319 -10.51 -37.35 -29.04
N GLU D 320 -10.83 -36.06 -29.12
CA GLU D 320 -12.18 -35.62 -29.42
C GLU D 320 -12.58 -35.83 -30.90
N GLU D 321 -11.65 -35.62 -31.82
CA GLU D 321 -12.01 -35.59 -33.22
C GLU D 321 -12.38 -36.99 -33.74
N ALA D 322 -11.87 -38.05 -33.13
CA ALA D 322 -12.15 -39.41 -33.61
C ALA D 322 -13.57 -39.82 -33.29
N PRO D 323 -14.35 -40.23 -34.29
CA PRO D 323 -15.74 -40.61 -34.08
C PRO D 323 -15.89 -41.89 -33.27
N VAL D 324 -14.83 -42.68 -33.17
CA VAL D 324 -14.95 -43.96 -32.53
C VAL D 324 -13.72 -44.12 -31.67
N ALA D 325 -13.91 -44.52 -30.41
CA ALA D 325 -12.75 -44.67 -29.51
C ALA D 325 -12.19 -46.09 -29.36
N TYR D 326 -12.99 -47.08 -29.69
CA TYR D 326 -12.60 -48.44 -29.45
C TYR D 326 -13.15 -49.29 -30.57
N THR D 327 -12.32 -50.14 -31.15
CA THR D 327 -12.76 -51.08 -32.16
C THR D 327 -12.30 -52.48 -31.83
N LEU D 328 -13.05 -53.47 -32.29
CA LEU D 328 -12.63 -54.86 -32.23
C LEU D 328 -12.80 -55.50 -33.61
N ASP D 329 -12.06 -56.58 -33.86
CA ASP D 329 -12.17 -57.34 -35.10
C ASP D 329 -13.44 -58.18 -35.09
N ASP D 330 -14.26 -58.08 -36.13
CA ASP D 330 -15.54 -58.79 -36.22
C ASP D 330 -15.64 -59.89 -37.29
N THR D 331 -14.48 -60.25 -37.82
CA THR D 331 -14.42 -61.35 -38.77
C THR D 331 -14.94 -62.70 -38.21
N LYS D 332 -15.78 -63.37 -38.98
CA LYS D 332 -16.34 -64.64 -38.56
C LYS D 332 -15.20 -65.60 -38.30
N PRO D 333 -15.43 -66.62 -37.45
CA PRO D 333 -14.35 -67.54 -37.06
C PRO D 333 -13.65 -68.24 -38.22
N GLU D 334 -14.22 -68.20 -39.43
CA GLU D 334 -13.64 -68.89 -40.57
C GLU D 334 -12.54 -68.08 -41.22
N GLY D 335 -12.73 -66.78 -41.30
CA GLY D 335 -11.83 -65.92 -42.04
C GLY D 335 -12.69 -65.11 -42.96
N ASN D 336 -13.94 -65.56 -43.04
CA ASN D 336 -15.03 -64.99 -43.81
C ASN D 336 -15.50 -63.60 -43.39
N TYR D 337 -16.10 -62.87 -44.34
CA TYR D 337 -16.83 -61.66 -44.01
C TYR D 337 -16.01 -60.76 -43.09
N ALA D 338 -14.86 -60.28 -43.53
CA ALA D 338 -13.97 -59.59 -42.59
C ALA D 338 -14.65 -58.31 -42.23
N ALA D 339 -14.45 -57.84 -41.00
CA ALA D 339 -15.10 -56.62 -40.54
C ALA D 339 -14.40 -56.02 -39.35
N ILE D 340 -14.64 -54.71 -39.12
CA ILE D 340 -14.22 -54.00 -37.93
C ILE D 340 -15.46 -53.44 -37.22
N MET D 341 -15.58 -53.77 -35.93
CA MET D 341 -16.63 -53.28 -35.06
C MET D 341 -16.17 -52.06 -34.26
N GLY D 342 -17.05 -51.06 -34.11
CA GLY D 342 -16.70 -49.88 -33.34
C GLY D 342 -17.90 -49.20 -32.72
N PHE D 343 -17.68 -48.46 -31.63
CA PHE D 343 -18.77 -47.80 -30.91
C PHE D 343 -18.66 -46.34 -31.10
N ILE D 344 -19.76 -45.65 -31.32
CA ILE D 344 -19.73 -44.20 -31.31
C ILE D 344 -20.41 -43.86 -30.00
N LEU D 345 -19.65 -43.29 -29.06
CA LEU D 345 -20.11 -43.23 -27.66
C LEU D 345 -20.58 -41.88 -27.16
N ALA D 346 -21.57 -41.93 -26.25
CA ALA D 346 -21.99 -40.79 -25.42
C ALA D 346 -22.20 -39.52 -26.22
N HIS D 347 -21.58 -38.40 -25.84
CA HIS D 347 -21.91 -37.16 -26.52
C HIS D 347 -21.74 -37.21 -28.03
N LYS D 348 -20.92 -38.14 -28.52
CA LYS D 348 -20.61 -38.24 -29.91
C LYS D 348 -21.72 -38.95 -30.63
N ALA D 349 -22.37 -39.90 -29.98
CA ALA D 349 -23.54 -40.52 -30.56
C ALA D 349 -24.61 -39.47 -30.84
N ARG D 350 -24.64 -38.37 -30.10
CA ARG D 350 -25.64 -37.35 -30.37
C ARG D 350 -25.20 -36.44 -31.50
N LYS D 351 -23.91 -36.19 -31.58
CA LYS D 351 -23.36 -35.25 -32.54
C LYS D 351 -23.45 -35.85 -33.93
N LEU D 352 -23.05 -37.12 -34.06
CA LEU D 352 -22.90 -37.75 -35.37
C LEU D 352 -24.18 -38.37 -35.90
N ALA D 353 -25.22 -38.36 -35.08
CA ALA D 353 -26.53 -38.87 -35.52
C ALA D 353 -27.14 -37.92 -36.49
N ARG D 354 -26.63 -36.71 -36.49
CA ARG D 354 -27.08 -35.66 -37.40
C ARG D 354 -26.71 -35.98 -38.84
N LEU D 355 -25.56 -36.61 -39.05
CA LEU D 355 -25.09 -37.01 -40.37
C LEU D 355 -25.92 -38.15 -40.97
N THR D 356 -25.62 -38.51 -42.22
CA THR D 356 -26.30 -39.62 -42.90
C THR D 356 -25.49 -40.90 -42.74
N LYS D 357 -26.15 -42.05 -42.93
CA LYS D 357 -25.48 -43.35 -42.91
C LYS D 357 -24.15 -43.29 -43.63
N GLU D 358 -24.12 -42.66 -44.81
CA GLU D 358 -22.92 -42.69 -45.67
C GLU D 358 -21.81 -41.85 -45.11
N GLU D 359 -22.17 -40.71 -44.54
CA GLU D 359 -21.21 -39.74 -44.01
C GLU D 359 -20.45 -40.31 -42.82
N ARG D 360 -21.13 -41.16 -42.07
CA ARG D 360 -20.56 -41.85 -40.93
C ARG D 360 -19.60 -42.91 -41.42
N LEU D 361 -20.05 -43.72 -42.38
CA LEU D 361 -19.20 -44.74 -43.00
C LEU D 361 -17.89 -44.08 -43.42
N LYS D 362 -18.00 -42.95 -44.12
CA LYS D 362 -16.83 -42.22 -44.61
C LYS D 362 -15.88 -41.82 -43.47
N LYS D 363 -16.44 -41.31 -42.40
CA LYS D 363 -15.62 -40.84 -41.31
C LYS D 363 -14.97 -42.01 -40.62
N LEU D 364 -15.67 -43.15 -40.56
CA LEU D 364 -15.12 -44.33 -39.88
C LEU D 364 -14.00 -44.95 -40.69
N CYS D 365 -14.18 -44.99 -42.01
CA CYS D 365 -13.14 -45.49 -42.89
C CYS D 365 -11.89 -44.62 -42.89
N GLU D 366 -12.04 -43.31 -42.98
CA GLU D 366 -10.92 -42.40 -42.96
C GLU D 366 -10.13 -42.55 -41.66
N LEU D 367 -10.86 -42.72 -40.56
CA LEU D 367 -10.23 -42.96 -39.27
C LEU D 367 -9.47 -44.27 -39.25
N TYR D 368 -10.18 -45.36 -39.57
CA TYR D 368 -9.59 -46.68 -39.60
C TYR D 368 -8.36 -46.76 -40.51
N ALA D 369 -8.43 -46.06 -41.65
CA ALA D 369 -7.29 -45.94 -42.55
C ALA D 369 -6.10 -45.23 -41.87
N LYS D 370 -6.38 -44.13 -41.18
CA LYS D 370 -5.27 -43.42 -40.51
C LYS D 370 -4.66 -44.32 -39.46
N VAL D 371 -5.50 -45.02 -38.73
CA VAL D 371 -5.05 -45.66 -37.51
C VAL D 371 -4.28 -46.86 -37.94
N LEU D 372 -4.81 -47.57 -38.93
CA LEU D 372 -4.18 -48.79 -39.39
C LEU D 372 -3.03 -48.49 -40.33
N GLY D 373 -2.98 -47.25 -40.83
CA GLY D 373 -2.07 -46.87 -41.91
C GLY D 373 -2.23 -47.78 -43.13
N SER D 374 -3.45 -47.92 -43.65
CA SER D 374 -3.67 -48.67 -44.88
C SER D 374 -4.80 -48.11 -45.68
N LEU D 375 -4.48 -47.72 -46.91
CA LEU D 375 -5.47 -47.37 -47.94
C LEU D 375 -6.63 -48.32 -48.03
N GLU D 376 -6.39 -49.58 -47.66
CA GLU D 376 -7.40 -50.62 -47.83
C GLU D 376 -8.65 -50.35 -47.05
N ALA D 377 -8.50 -49.65 -45.93
CA ALA D 377 -9.62 -49.31 -45.09
C ALA D 377 -10.58 -48.36 -45.79
N LEU D 378 -10.11 -47.68 -46.84
CA LEU D 378 -10.97 -46.79 -47.60
C LEU D 378 -11.86 -47.51 -48.60
N GLU D 379 -11.76 -48.84 -48.67
CA GLU D 379 -12.56 -49.60 -49.62
C GLU D 379 -13.52 -50.61 -48.98
N PRO D 380 -14.56 -50.13 -48.29
CA PRO D 380 -15.51 -51.05 -47.66
C PRO D 380 -16.37 -51.74 -48.69
N VAL D 381 -16.70 -52.97 -48.38
CA VAL D 381 -17.46 -53.82 -49.26
C VAL D 381 -18.95 -53.78 -48.83
N HIS D 382 -19.20 -53.37 -47.58
CA HIS D 382 -20.53 -53.21 -46.96
C HIS D 382 -20.51 -52.51 -45.58
N TYR D 383 -21.69 -52.08 -45.10
CA TYR D 383 -21.81 -51.39 -43.83
C TYR D 383 -23.13 -51.62 -43.08
N GLU D 384 -23.04 -51.96 -41.80
CA GLU D 384 -24.22 -52.02 -40.93
C GLU D 384 -24.04 -51.13 -39.68
N GLU D 385 -25.15 -50.48 -39.24
CA GLU D 385 -25.14 -49.69 -37.99
C GLU D 385 -26.46 -49.73 -37.24
N LYS D 386 -26.42 -49.64 -35.91
CA LYS D 386 -27.63 -49.36 -35.11
C LYS D 386 -27.40 -48.28 -34.08
N ASN D 387 -28.28 -47.29 -34.11
CA ASN D 387 -28.29 -46.22 -33.13
C ASN D 387 -29.36 -46.49 -32.06
N TRP D 388 -28.97 -47.14 -30.97
CA TRP D 388 -29.91 -47.48 -29.92
C TRP D 388 -30.61 -46.29 -29.20
N CYS D 389 -30.08 -45.09 -29.37
CA CYS D 389 -30.71 -43.89 -28.86
C CYS D 389 -32.11 -43.65 -29.37
N GLU D 390 -32.45 -44.26 -30.50
CA GLU D 390 -33.76 -44.03 -31.07
C GLU D 390 -34.77 -45.10 -30.74
N GLU D 391 -34.38 -46.09 -29.95
CA GLU D 391 -35.29 -47.19 -29.66
C GLU D 391 -36.23 -46.82 -28.51
N GLN D 392 -37.54 -46.83 -28.80
CA GLN D 392 -38.57 -46.45 -27.84
C GLN D 392 -38.64 -47.46 -26.72
N TYR D 393 -38.60 -48.74 -27.05
CA TYR D 393 -38.76 -49.77 -26.03
C TYR D 393 -37.42 -50.24 -25.58
N SER D 394 -36.42 -49.36 -25.72
CA SER D 394 -35.16 -49.58 -25.08
C SER D 394 -34.65 -48.39 -24.28
N GLY D 395 -34.66 -47.21 -24.89
CA GLY D 395 -34.27 -45.99 -24.22
C GLY D 395 -32.79 -45.69 -24.36
N GLY D 396 -31.99 -46.68 -24.76
CA GLY D 396 -30.57 -46.46 -24.97
C GLY D 396 -29.83 -47.78 -24.89
N CYS D 397 -28.49 -47.73 -24.77
CA CYS D 397 -27.65 -48.92 -24.58
C CYS D 397 -26.33 -48.45 -24.04
N TYR D 398 -25.57 -49.32 -23.38
CA TYR D 398 -25.91 -50.70 -23.11
C TYR D 398 -26.87 -50.87 -21.96
N THR D 399 -26.76 -50.02 -20.95
CA THR D 399 -27.53 -50.18 -19.73
C THR D 399 -27.99 -48.84 -19.14
N THR D 400 -28.49 -48.89 -17.91
CA THR D 400 -28.99 -47.71 -17.18
C THR D 400 -27.89 -47.11 -16.32
N TYR D 401 -27.82 -45.78 -16.26
CA TYR D 401 -26.80 -45.16 -15.41
C TYR D 401 -27.42 -44.30 -14.38
N PHE D 402 -26.75 -44.14 -13.25
CA PHE D 402 -27.27 -43.30 -12.18
C PHE D 402 -26.49 -41.98 -12.07
N PRO D 403 -27.15 -40.85 -12.20
CA PRO D 403 -26.59 -39.53 -11.89
C PRO D 403 -26.30 -39.35 -10.41
N PRO D 404 -25.47 -38.34 -10.05
CA PRO D 404 -25.13 -38.15 -8.63
C PRO D 404 -26.36 -38.12 -7.73
N GLY D 405 -26.23 -38.79 -6.59
CA GLY D 405 -27.23 -38.74 -5.54
C GLY D 405 -28.39 -39.73 -5.64
N ILE D 406 -28.50 -40.40 -6.78
CA ILE D 406 -29.68 -41.24 -6.99
C ILE D 406 -29.55 -42.65 -6.46
N LEU D 407 -28.36 -43.22 -6.51
CA LEU D 407 -28.20 -44.60 -6.11
C LEU D 407 -28.46 -44.77 -4.61
N THR D 408 -27.93 -43.87 -3.80
CA THR D 408 -28.11 -43.95 -2.34
C THR D 408 -29.57 -43.73 -1.98
N GLN D 409 -30.22 -42.77 -2.64
CA GLN D 409 -31.59 -42.42 -2.30
C GLN D 409 -32.62 -43.43 -2.82
N TYR D 410 -32.43 -43.88 -4.06
CA TYR D 410 -33.45 -44.63 -4.74
C TYR D 410 -32.97 -46.02 -5.04
N GLY D 411 -31.76 -46.32 -4.61
CA GLY D 411 -31.15 -47.60 -4.88
C GLY D 411 -32.02 -48.76 -4.56
N ARG D 412 -32.40 -48.93 -3.31
CA ARG D 412 -33.03 -50.19 -2.91
C ARG D 412 -34.43 -50.34 -3.44
N VAL D 413 -34.86 -49.44 -4.31
CA VAL D 413 -36.21 -49.51 -4.86
C VAL D 413 -36.26 -50.45 -6.03
N LEU D 414 -35.13 -50.60 -6.73
CA LEU D 414 -35.09 -51.17 -8.05
C LEU D 414 -35.65 -52.55 -8.04
N ARG D 415 -35.32 -53.37 -7.06
CA ARG D 415 -35.83 -54.75 -7.07
C ARG D 415 -36.74 -55.10 -5.89
N GLN D 416 -37.31 -54.09 -5.27
CA GLN D 416 -38.34 -54.26 -4.25
C GLN D 416 -39.66 -54.53 -4.90
N PRO D 417 -40.27 -55.68 -4.58
CA PRO D 417 -41.58 -56.08 -5.14
C PRO D 417 -42.65 -55.03 -4.89
N VAL D 418 -43.53 -54.80 -5.85
CA VAL D 418 -44.70 -53.95 -5.66
C VAL D 418 -45.94 -54.86 -5.69
N ASP D 419 -46.31 -55.32 -4.50
CA ASP D 419 -47.45 -56.22 -4.28
C ASP D 419 -47.23 -57.54 -4.94
N ARG D 420 -47.81 -57.71 -6.12
CA ARG D 420 -47.57 -58.93 -6.91
C ARG D 420 -46.69 -58.71 -8.17
N ILE D 421 -46.13 -57.50 -8.34
CA ILE D 421 -45.15 -57.24 -9.40
C ILE D 421 -43.75 -57.51 -8.88
N TYR D 422 -42.94 -58.30 -9.58
CA TYR D 422 -41.55 -58.54 -9.21
C TYR D 422 -40.65 -57.99 -10.33
N PHE D 423 -39.41 -57.65 -10.00
CA PHE D 423 -38.59 -56.93 -10.95
C PHE D 423 -37.36 -57.67 -11.40
N ALA D 424 -37.32 -57.96 -12.70
CA ALA D 424 -36.15 -58.54 -13.33
C ALA D 424 -35.44 -57.48 -14.18
N GLY D 425 -34.81 -57.91 -15.26
CA GLY D 425 -34.00 -57.00 -16.05
C GLY D 425 -32.59 -56.97 -15.50
N THR D 426 -31.60 -56.80 -16.38
CA THR D 426 -30.20 -56.83 -16.02
C THR D 426 -29.81 -55.72 -15.00
N GLU D 427 -30.49 -54.58 -15.04
CA GLU D 427 -30.10 -53.49 -14.15
C GLU D 427 -30.36 -53.89 -12.71
N THR D 428 -31.08 -54.98 -12.51
CA THR D 428 -31.28 -55.52 -11.17
C THR D 428 -30.35 -56.67 -10.78
N ALA D 429 -29.43 -57.06 -11.65
CA ALA D 429 -28.47 -58.11 -11.27
C ALA D 429 -27.46 -57.63 -10.25
N THR D 430 -26.59 -58.54 -9.83
CA THR D 430 -25.56 -58.22 -8.86
C THR D 430 -24.19 -58.65 -9.34
N HIS D 431 -24.15 -59.44 -10.41
CA HIS D 431 -22.90 -59.83 -11.03
C HIS D 431 -23.09 -59.58 -12.50
N TRP D 432 -22.20 -58.80 -13.10
CA TRP D 432 -22.29 -58.43 -14.50
C TRP D 432 -23.64 -57.84 -14.80
N SER D 433 -24.16 -57.02 -13.90
CA SER D 433 -25.28 -56.19 -14.27
C SER D 433 -24.85 -55.25 -15.42
N GLY D 434 -25.77 -55.03 -16.35
CA GLY D 434 -25.54 -54.24 -17.53
C GLY D 434 -25.35 -55.14 -18.75
N TYR D 435 -25.09 -56.42 -18.47
CA TYR D 435 -24.68 -57.37 -19.50
C TYR D 435 -25.75 -58.45 -19.65
N MET D 436 -25.70 -59.20 -20.75
CA MET D 436 -26.55 -60.37 -20.95
C MET D 436 -26.47 -61.31 -19.74
N GLU D 437 -25.27 -61.50 -19.19
CA GLU D 437 -25.11 -62.28 -17.96
C GLU D 437 -26.09 -61.79 -16.90
N GLY D 438 -26.00 -60.50 -16.56
CA GLY D 438 -26.91 -59.94 -15.58
C GLY D 438 -28.35 -60.23 -15.91
N ALA D 439 -28.74 -60.06 -17.15
CA ALA D 439 -30.10 -60.31 -17.54
C ALA D 439 -30.53 -61.71 -17.15
N VAL D 440 -29.64 -62.68 -17.25
CA VAL D 440 -30.00 -64.03 -16.83
C VAL D 440 -30.15 -64.10 -15.31
N GLU D 441 -29.16 -63.61 -14.57
CA GLU D 441 -29.21 -63.63 -13.12
C GLU D 441 -30.53 -63.13 -12.63
N ALA D 442 -30.86 -61.93 -13.09
CA ALA D 442 -32.06 -61.22 -12.67
C ALA D 442 -33.35 -61.96 -13.10
N GLY D 443 -33.39 -62.39 -14.35
CA GLY D 443 -34.54 -63.10 -14.84
C GLY D 443 -34.85 -64.29 -13.96
N GLU D 444 -33.82 -65.05 -13.60
CA GLU D 444 -34.07 -66.30 -12.87
C GLU D 444 -34.45 -66.03 -11.43
N ARG D 445 -33.75 -65.06 -10.80
CA ARG D 445 -34.04 -64.73 -9.41
C ARG D 445 -35.50 -64.25 -9.27
N ALA D 446 -35.92 -63.29 -10.07
CA ALA D 446 -37.29 -62.86 -10.06
C ALA D 446 -38.24 -64.05 -10.18
N ALA D 447 -37.95 -64.98 -11.08
CA ALA D 447 -38.84 -66.11 -11.24
C ALA D 447 -38.90 -66.92 -9.93
N ARG D 448 -37.74 -67.18 -9.36
CA ARG D 448 -37.65 -67.88 -8.09
C ARG D 448 -38.28 -67.10 -6.93
N GLU D 449 -38.32 -65.78 -7.02
CA GLU D 449 -39.02 -65.01 -6.00
C GLU D 449 -40.50 -65.39 -5.97
N ILE D 450 -41.09 -65.55 -7.15
CA ILE D 450 -42.50 -65.89 -7.28
C ILE D 450 -42.71 -67.31 -6.87
N LEU D 451 -41.79 -68.18 -7.28
CA LEU D 451 -41.85 -69.56 -6.83
C LEU D 451 -41.98 -69.62 -5.31
N HIS D 452 -41.13 -68.87 -4.63
CA HIS D 452 -41.15 -68.83 -3.17
C HIS D 452 -42.44 -68.26 -2.58
N ALA D 453 -43.03 -67.28 -3.26
CA ALA D 453 -44.23 -66.65 -2.74
C ALA D 453 -45.39 -67.63 -2.79
N MET D 454 -45.36 -68.53 -3.77
CA MET D 454 -46.37 -69.59 -3.89
C MET D 454 -46.05 -70.77 -2.98
N GLY D 455 -44.99 -70.63 -2.18
CA GLY D 455 -44.54 -71.67 -1.27
C GLY D 455 -44.13 -72.95 -1.97
N LYS D 456 -43.39 -72.82 -3.08
CA LYS D 456 -42.93 -74.00 -3.80
C LYS D 456 -41.46 -74.27 -3.55
N ILE D 457 -40.74 -73.27 -3.08
CA ILE D 457 -39.33 -73.42 -2.67
C ILE D 457 -39.03 -72.51 -1.48
N PRO D 458 -38.06 -72.85 -0.63
CA PRO D 458 -37.71 -71.99 0.52
C PRO D 458 -37.07 -70.65 0.14
N GLU D 459 -37.01 -69.70 1.08
CA GLU D 459 -36.32 -68.42 0.85
C GLU D 459 -34.84 -68.64 0.58
N ASP D 460 -34.24 -69.49 1.40
CA ASP D 460 -33.01 -70.21 1.13
C ASP D 460 -32.55 -70.29 -0.35
N GLU D 461 -33.51 -70.58 -1.24
CA GLU D 461 -33.25 -70.96 -2.62
C GLU D 461 -33.52 -69.89 -3.69
N ILE D 462 -33.80 -68.66 -3.29
CA ILE D 462 -34.13 -67.61 -4.25
C ILE D 462 -32.88 -67.16 -5.04
N TRP D 463 -31.82 -66.83 -4.32
CA TRP D 463 -30.54 -66.53 -4.91
C TRP D 463 -29.70 -67.80 -5.03
N GLN D 464 -29.48 -68.30 -6.26
CA GLN D 464 -28.64 -69.49 -6.46
C GLN D 464 -27.28 -69.13 -6.95
N SER D 465 -26.28 -69.86 -6.49
CA SER D 465 -24.96 -69.72 -7.07
C SER D 465 -24.89 -70.57 -8.37
N GLU D 466 -23.87 -70.33 -9.20
CA GLU D 466 -23.72 -70.99 -10.50
C GLU D 466 -22.37 -71.70 -10.70
N PRO D 467 -22.41 -72.99 -11.05
CA PRO D 467 -21.18 -73.74 -11.31
C PRO D 467 -20.39 -73.10 -12.46
N GLU D 468 -19.08 -73.03 -12.33
CA GLU D 468 -18.23 -72.44 -13.36
C GLU D 468 -18.29 -73.26 -14.65
N SER D 469 -18.20 -72.56 -15.78
CA SER D 469 -18.22 -73.20 -17.09
C SER D 469 -17.00 -74.06 -17.34
N VAL D 470 -17.22 -75.14 -18.08
CA VAL D 470 -16.14 -76.07 -18.41
C VAL D 470 -15.45 -75.58 -19.68
N ASP D 471 -16.23 -75.11 -20.66
CA ASP D 471 -15.68 -74.63 -21.92
C ASP D 471 -15.00 -73.27 -21.81
N VAL D 472 -15.38 -72.47 -20.83
CA VAL D 472 -14.74 -71.17 -20.65
C VAL D 472 -14.26 -70.97 -19.22
N PRO D 473 -13.24 -71.72 -18.80
CA PRO D 473 -12.74 -71.59 -17.42
C PRO D 473 -12.16 -70.20 -17.15
N ALA D 474 -12.28 -69.73 -15.93
CA ALA D 474 -11.75 -68.43 -15.59
C ALA D 474 -10.37 -68.51 -14.97
N GLN D 475 -9.36 -68.10 -15.73
CA GLN D 475 -8.09 -67.72 -15.16
C GLN D 475 -8.31 -66.57 -14.16
N PRO D 476 -7.74 -66.70 -12.96
CA PRO D 476 -7.90 -65.68 -11.92
C PRO D 476 -6.99 -64.48 -12.26
N ILE D 477 -7.27 -63.33 -11.66
CA ILE D 477 -6.56 -62.11 -11.99
C ILE D 477 -5.42 -61.94 -11.01
N THR D 478 -4.24 -61.62 -11.53
CA THR D 478 -3.07 -61.44 -10.66
C THR D 478 -2.40 -60.10 -10.87
N THR D 479 -1.64 -59.66 -9.88
CA THR D 479 -0.92 -58.39 -9.95
C THR D 479 0.55 -58.55 -9.59
N THR D 480 1.39 -57.77 -10.27
CA THR D 480 2.83 -57.65 -9.97
C THR D 480 3.07 -57.07 -8.59
N PHE D 481 4.15 -57.50 -7.94
CA PHE D 481 4.58 -56.85 -6.70
C PHE D 481 4.72 -55.36 -6.91
N LEU D 482 5.34 -54.96 -8.02
CA LEU D 482 5.55 -53.56 -8.33
C LEU D 482 4.26 -52.81 -8.53
N GLU D 483 3.32 -53.43 -9.23
CA GLU D 483 1.96 -52.87 -9.39
C GLU D 483 1.27 -52.55 -8.04
N ARG D 484 1.38 -53.49 -7.09
CA ARG D 484 0.79 -53.36 -5.77
C ARG D 484 1.45 -52.30 -4.92
N HIS D 485 2.72 -51.98 -5.16
CA HIS D 485 3.49 -51.16 -4.21
C HIS D 485 4.13 -49.85 -4.68
N LEU D 486 4.15 -49.63 -5.98
CA LEU D 486 4.65 -48.36 -6.51
C LEU D 486 3.86 -47.17 -5.93
N PRO D 487 4.52 -46.11 -5.55
CA PRO D 487 3.83 -44.93 -5.03
C PRO D 487 2.93 -44.28 -6.06
N SER D 488 1.94 -43.48 -5.59
CA SER D 488 1.16 -42.55 -6.44
C SER D 488 2.00 -41.34 -6.73
N VAL D 489 1.55 -40.44 -7.60
CA VAL D 489 2.34 -39.26 -7.87
C VAL D 489 2.48 -38.42 -6.61
N PRO D 490 1.37 -38.14 -5.88
CA PRO D 490 1.48 -37.49 -4.58
C PRO D 490 2.30 -38.32 -3.59
N GLY D 491 2.11 -39.65 -3.57
CA GLY D 491 2.83 -40.52 -2.66
C GLY D 491 4.34 -40.41 -2.82
N LEU D 492 4.78 -40.20 -4.05
CA LEU D 492 6.20 -40.00 -4.35
C LEU D 492 6.63 -38.63 -3.86
N LEU D 493 5.83 -37.60 -4.16
CA LEU D 493 6.11 -36.27 -3.63
C LEU D 493 6.23 -36.28 -2.12
N ARG D 494 5.42 -37.11 -1.45
CA ARG D 494 5.47 -37.26 0.01
C ARG D 494 6.71 -38.05 0.46
N LEU D 495 7.15 -39.02 -0.33
CA LEU D 495 8.34 -39.81 0.07
C LEU D 495 9.69 -39.27 -0.45
N ILE D 496 9.75 -37.95 -0.70
CA ILE D 496 10.97 -37.26 -1.17
C ILE D 496 11.39 -36.10 -0.23
N GLY D 497 10.41 -35.51 0.46
CA GLY D 497 10.65 -34.43 1.41
C GLY D 497 11.00 -34.92 2.81
N LYS E 4 -33.94 34.17 -1.32
CA LYS E 4 -35.20 33.50 -1.75
C LYS E 4 -35.70 34.34 -2.88
N CYS E 5 -35.38 33.94 -4.12
CA CYS E 5 -35.16 34.96 -5.17
C CYS E 5 -35.46 34.65 -6.73
N ASP E 6 -36.58 35.16 -7.26
CA ASP E 6 -36.94 35.17 -8.70
C ASP E 6 -36.06 36.14 -9.53
N VAL E 7 -35.95 37.37 -9.06
CA VAL E 7 -35.12 38.40 -9.66
C VAL E 7 -34.11 38.92 -8.61
N VAL E 8 -32.84 38.99 -8.96
CA VAL E 8 -31.87 39.74 -8.17
C VAL E 8 -31.63 41.10 -8.86
N VAL E 9 -31.86 42.16 -8.09
CA VAL E 9 -31.59 43.52 -8.53
C VAL E 9 -30.23 43.95 -7.97
N VAL E 10 -29.30 44.24 -8.85
CA VAL E 10 -28.03 44.88 -8.45
C VAL E 10 -28.23 46.38 -8.54
N GLY E 11 -27.95 47.07 -7.45
CA GLY E 11 -28.23 48.49 -7.40
C GLY E 11 -29.37 48.88 -6.47
N GLY E 12 -29.01 49.58 -5.41
CA GLY E 12 -29.97 50.03 -4.43
C GLY E 12 -30.41 51.49 -4.50
N GLY E 13 -30.14 52.16 -5.63
CA GLY E 13 -30.57 53.55 -5.84
C GLY E 13 -32.05 53.62 -6.20
N ILE E 14 -32.48 54.79 -6.67
CA ILE E 14 -33.91 54.97 -6.98
C ILE E 14 -34.38 54.00 -8.06
N SER E 15 -33.54 53.78 -9.08
CA SER E 15 -33.90 52.90 -10.19
C SER E 15 -34.09 51.44 -9.75
N GLY E 16 -33.07 50.89 -9.08
CA GLY E 16 -33.19 49.55 -8.52
C GLY E 16 -34.39 49.38 -7.60
N MET E 17 -34.59 50.31 -6.67
CA MET E 17 -35.73 50.23 -5.77
C MET E 17 -37.08 50.36 -6.51
N ALA E 18 -37.23 51.37 -7.34
CA ALA E 18 -38.41 51.49 -8.16
C ALA E 18 -38.80 50.12 -8.77
N ALA E 19 -37.78 49.40 -9.25
CA ALA E 19 -37.92 48.13 -9.94
C ALA E 19 -38.24 47.05 -8.95
N ALA E 20 -37.39 46.91 -7.93
CA ALA E 20 -37.62 45.95 -6.85
C ALA E 20 -39.08 46.01 -6.40
N LYS E 21 -39.58 47.21 -6.18
CA LYS E 21 -40.96 47.40 -5.76
C LYS E 21 -41.95 46.91 -6.81
N LEU E 22 -41.78 47.29 -8.06
CA LEU E 22 -42.76 46.91 -9.09
C LEU E 22 -42.91 45.40 -9.19
N LEU E 23 -41.78 44.70 -9.09
CA LEU E 23 -41.78 43.26 -9.12
C LEU E 23 -42.44 42.72 -7.87
N HIS E 24 -42.03 43.25 -6.71
CA HIS E 24 -42.61 42.87 -5.42
C HIS E 24 -44.14 43.04 -5.37
N ASP E 25 -44.63 44.15 -5.87
CA ASP E 25 -46.06 44.40 -5.87
C ASP E 25 -46.80 43.39 -6.74
N SER E 26 -46.07 42.77 -7.67
CA SER E 26 -46.68 41.83 -8.64
C SER E 26 -46.50 40.36 -8.20
N GLY E 27 -46.20 40.19 -6.93
CA GLY E 27 -46.06 38.86 -6.33
C GLY E 27 -44.82 38.04 -6.66
N LEU E 28 -43.71 38.69 -6.95
CA LEU E 28 -42.45 37.96 -7.16
C LEU E 28 -41.51 38.12 -5.99
N ASN E 29 -40.65 37.15 -5.78
CA ASN E 29 -39.67 37.24 -4.71
C ASN E 29 -38.41 37.90 -5.24
N VAL E 30 -38.12 39.11 -4.75
CA VAL E 30 -36.96 39.86 -5.25
C VAL E 30 -35.91 39.98 -4.20
N VAL E 31 -34.78 40.56 -4.59
CA VAL E 31 -33.69 40.85 -3.64
C VAL E 31 -32.85 41.99 -4.20
N VAL E 32 -32.59 42.97 -3.35
CA VAL E 32 -31.76 44.08 -3.74
C VAL E 32 -30.42 43.88 -3.03
N LEU E 33 -29.37 43.84 -3.83
CA LEU E 33 -28.03 43.76 -3.32
C LEU E 33 -27.41 45.12 -3.53
N GLU E 34 -26.98 45.74 -2.43
CA GLU E 34 -26.48 47.10 -2.42
C GLU E 34 -25.10 47.20 -1.77
N ALA E 35 -24.16 47.80 -2.50
CA ALA E 35 -22.77 47.82 -2.12
C ALA E 35 -22.50 48.68 -0.88
N ARG E 36 -23.11 49.87 -0.86
CA ARG E 36 -22.96 50.84 0.23
C ARG E 36 -23.71 50.42 1.51
N ASP E 37 -23.50 51.13 2.62
CA ASP E 37 -24.28 50.88 3.84
C ASP E 37 -25.62 51.66 3.93
N ARG E 38 -26.16 52.08 2.78
CA ARG E 38 -27.35 52.93 2.70
C ARG E 38 -27.96 52.77 1.32
N VAL E 39 -29.27 52.91 1.21
CA VAL E 39 -29.82 52.98 -0.14
C VAL E 39 -29.78 54.43 -0.61
N GLY E 40 -30.13 54.68 -1.86
CA GLY E 40 -30.16 56.04 -2.35
C GLY E 40 -29.17 56.36 -3.44
N GLY E 41 -27.94 55.90 -3.29
CA GLY E 41 -26.95 56.09 -4.32
C GLY E 41 -26.61 57.54 -4.63
N ARG E 42 -27.09 58.03 -5.75
CA ARG E 42 -26.74 59.39 -6.12
C ARG E 42 -27.71 60.39 -5.53
N THR E 43 -28.67 59.91 -4.75
CA THR E 43 -29.37 60.75 -3.81
C THR E 43 -28.91 60.33 -2.43
N TYR E 44 -28.65 61.31 -1.56
CA TYR E 44 -28.17 61.08 -0.21
C TYR E 44 -28.71 62.25 0.59
N THR E 45 -29.54 61.97 1.59
CA THR E 45 -30.06 63.01 2.46
C THR E 45 -29.39 63.02 3.83
N LEU E 46 -28.55 64.03 4.09
CA LEU E 46 -27.84 64.14 5.37
C LEU E 46 -28.75 64.68 6.43
N ARG E 47 -28.77 63.99 7.56
CA ARG E 47 -29.56 64.44 8.69
C ARG E 47 -28.68 64.68 9.91
N ASN E 48 -28.71 65.91 10.40
CA ASN E 48 -28.00 66.32 11.59
C ASN E 48 -28.63 67.61 12.14
N GLN E 49 -28.19 68.03 13.33
CA GLN E 49 -28.83 69.09 14.09
C GLN E 49 -28.69 70.51 13.51
N LYS E 50 -27.55 70.75 12.88
CA LYS E 50 -27.22 72.06 12.35
C LYS E 50 -28.00 72.33 11.08
N VAL E 51 -28.51 71.25 10.52
CA VAL E 51 -28.96 71.22 9.13
C VAL E 51 -30.42 70.72 9.01
N LYS E 52 -30.92 70.10 10.07
CA LYS E 52 -32.16 69.36 10.06
C LYS E 52 -32.03 68.22 9.05
N TYR E 53 -32.20 68.51 7.76
CA TYR E 53 -31.90 67.57 6.68
C TYR E 53 -31.31 68.35 5.50
N VAL E 54 -30.48 67.71 4.69
CA VAL E 54 -29.96 68.35 3.48
C VAL E 54 -29.70 67.34 2.37
N ASP E 55 -30.14 67.66 1.15
CA ASP E 55 -29.81 66.83 0.00
C ASP E 55 -28.38 67.13 -0.49
N LEU E 56 -27.48 66.16 -0.26
CA LEU E 56 -26.14 66.29 -0.78
C LEU E 56 -26.03 65.76 -2.21
N GLY E 57 -27.04 65.00 -2.65
CA GLY E 57 -27.07 64.39 -3.96
C GLY E 57 -28.24 64.93 -4.76
N GLY E 58 -28.92 64.06 -5.51
CA GLY E 58 -30.02 64.47 -6.35
C GLY E 58 -31.13 65.08 -5.56
N SER E 59 -31.78 66.11 -6.07
CA SER E 59 -32.64 66.93 -5.25
C SER E 59 -33.88 67.52 -5.89
N TYR E 60 -33.73 68.25 -6.99
CA TYR E 60 -34.87 68.98 -7.59
C TYR E 60 -35.77 68.13 -8.52
N VAL E 61 -37.07 68.41 -8.49
CA VAL E 61 -38.05 67.72 -9.32
C VAL E 61 -38.94 68.79 -9.88
N GLY E 62 -39.50 68.55 -11.06
CA GLY E 62 -40.31 69.58 -11.70
C GLY E 62 -41.51 69.08 -12.50
N PRO E 63 -42.26 70.01 -13.09
CA PRO E 63 -43.33 69.65 -14.01
C PRO E 63 -42.80 68.76 -15.13
N THR E 64 -43.61 67.78 -15.55
CA THR E 64 -43.30 66.75 -16.56
C THR E 64 -42.50 65.58 -16.02
N GLN E 65 -41.99 65.71 -14.80
CA GLN E 65 -41.28 64.61 -14.18
C GLN E 65 -42.27 63.80 -13.40
N ASN E 66 -43.28 63.28 -14.10
CA ASN E 66 -44.43 62.66 -13.46
C ASN E 66 -44.18 61.35 -12.72
N ARG E 67 -43.20 60.57 -13.17
CA ARG E 67 -42.97 59.27 -12.56
C ARG E 67 -42.41 59.36 -11.15
N ILE E 68 -41.39 60.16 -10.97
CA ILE E 68 -40.83 60.31 -9.62
C ILE E 68 -41.85 60.99 -8.71
N LEU E 69 -42.57 61.96 -9.27
CA LEU E 69 -43.59 62.68 -8.52
C LEU E 69 -44.65 61.70 -8.02
N ARG E 70 -45.08 60.76 -8.87
CA ARG E 70 -46.04 59.73 -8.51
C ARG E 70 -45.53 58.74 -7.45
N LEU E 71 -44.34 58.20 -7.69
CA LEU E 71 -43.75 57.24 -6.78
C LEU E 71 -43.56 57.91 -5.42
N ALA E 72 -43.22 59.20 -5.44
CA ALA E 72 -42.96 59.92 -4.21
C ALA E 72 -44.25 60.06 -3.44
N LYS E 73 -45.31 60.46 -4.12
CA LYS E 73 -46.59 60.70 -3.48
C LYS E 73 -47.08 59.43 -2.80
N GLU E 74 -47.16 58.36 -3.57
CA GLU E 74 -47.64 57.09 -3.02
C GLU E 74 -46.83 56.68 -1.82
N LEU E 75 -45.55 57.06 -1.76
CA LEU E 75 -44.70 56.66 -0.66
C LEU E 75 -44.92 57.57 0.54
N GLY E 76 -45.80 58.56 0.38
CA GLY E 76 -46.15 59.50 1.44
C GLY E 76 -45.53 60.90 1.43
N LEU E 77 -44.69 61.19 0.45
CA LEU E 77 -43.88 62.40 0.42
C LEU E 77 -44.59 63.64 -0.17
N GLU E 78 -44.08 64.82 0.17
CA GLU E 78 -44.66 66.06 -0.29
C GLU E 78 -43.58 66.98 -0.89
N THR E 79 -43.92 67.86 -1.81
CA THR E 79 -42.93 68.83 -2.33
C THR E 79 -43.19 70.24 -1.87
N TYR E 80 -42.18 71.10 -2.01
CA TYR E 80 -42.33 72.52 -1.80
C TYR E 80 -41.59 73.27 -2.90
N LYS E 81 -42.04 74.48 -3.21
CA LYS E 81 -41.38 75.28 -4.23
C LYS E 81 -40.02 75.88 -3.79
N VAL E 82 -39.02 75.70 -4.65
CA VAL E 82 -37.72 76.33 -4.50
C VAL E 82 -37.97 77.82 -4.59
N ASN E 83 -37.26 78.61 -3.82
CA ASN E 83 -37.61 80.02 -3.75
C ASN E 83 -37.25 80.80 -5.01
N GLU E 84 -38.25 81.31 -5.72
CA GLU E 84 -37.95 82.26 -6.78
C GLU E 84 -38.80 83.55 -6.76
N VAL E 85 -39.14 84.04 -5.56
CA VAL E 85 -40.03 85.19 -5.46
C VAL E 85 -39.34 86.47 -5.91
N GLU E 86 -38.12 86.69 -5.40
CA GLU E 86 -37.36 87.91 -5.68
C GLU E 86 -36.51 87.85 -6.96
N ARG E 87 -35.53 88.72 -7.10
CA ARG E 87 -34.86 88.83 -8.38
C ARG E 87 -33.70 87.80 -8.49
N LEU E 88 -33.40 87.33 -9.69
CA LEU E 88 -32.18 86.56 -9.91
C LEU E 88 -31.01 87.47 -10.28
N ILE E 89 -29.78 86.97 -10.12
CA ILE E 89 -28.59 87.74 -10.47
C ILE E 89 -27.75 87.05 -11.51
N HIS E 90 -27.50 87.77 -12.60
CA HIS E 90 -26.45 87.45 -13.56
C HIS E 90 -25.24 88.31 -13.17
N HIS E 91 -24.14 87.67 -12.83
CA HIS E 91 -22.96 88.40 -12.44
C HIS E 91 -21.95 88.23 -13.55
N VAL E 92 -21.71 89.31 -14.28
CA VAL E 92 -20.78 89.25 -15.42
C VAL E 92 -19.74 90.40 -15.49
N LYS E 93 -18.50 90.00 -15.78
CA LYS E 93 -17.34 90.90 -15.78
C LYS E 93 -17.26 91.71 -14.49
N GLY E 94 -17.39 91.01 -13.38
CA GLY E 94 -17.21 91.62 -12.08
C GLY E 94 -18.37 92.43 -11.51
N LYS E 95 -19.52 92.43 -12.19
CA LYS E 95 -20.67 93.26 -11.76
C LYS E 95 -21.95 92.45 -11.74
N SER E 96 -22.91 92.82 -10.88
CA SER E 96 -24.16 92.03 -10.72
C SER E 96 -25.38 92.72 -11.31
N TYR E 97 -26.05 92.04 -12.22
CA TYR E 97 -27.23 92.62 -12.86
C TYR E 97 -28.45 91.78 -12.52
N PRO E 98 -29.36 92.34 -11.75
CA PRO E 98 -30.57 91.64 -11.36
C PRO E 98 -31.53 91.49 -12.53
N PHE E 99 -32.39 90.46 -12.49
CA PHE E 99 -33.36 90.23 -13.54
C PHE E 99 -34.50 89.30 -13.11
N ARG E 100 -35.48 89.14 -13.98
CA ARG E 100 -36.60 88.22 -13.78
C ARG E 100 -36.75 87.28 -15.00
N GLY E 101 -37.55 86.21 -14.85
CA GLY E 101 -37.75 85.26 -15.93
C GLY E 101 -36.56 84.33 -16.01
N PRO E 102 -36.57 83.36 -16.91
CA PRO E 102 -35.58 82.29 -16.92
C PRO E 102 -34.22 82.72 -17.46
N PHE E 103 -34.21 83.62 -18.43
CA PHE E 103 -32.98 83.97 -19.14
C PHE E 103 -32.56 85.36 -18.71
N PRO E 104 -31.27 85.56 -18.42
CA PRO E 104 -30.74 86.90 -18.08
C PRO E 104 -30.82 87.73 -19.33
N PRO E 105 -31.21 88.99 -19.22
CA PRO E 105 -31.52 89.77 -20.42
C PRO E 105 -30.25 90.27 -21.08
N VAL E 106 -30.32 90.56 -22.37
CA VAL E 106 -29.14 91.04 -23.09
C VAL E 106 -29.56 92.25 -23.93
N TRP E 107 -28.78 93.32 -23.85
CA TRP E 107 -29.25 94.62 -24.34
C TRP E 107 -28.78 94.97 -25.74
N ASN E 108 -27.50 94.74 -26.01
CA ASN E 108 -26.94 94.85 -27.36
C ASN E 108 -27.79 94.13 -28.42
N PRO E 109 -28.25 94.81 -29.48
CA PRO E 109 -29.17 94.16 -30.41
C PRO E 109 -28.50 93.01 -31.20
N ILE E 110 -27.23 93.18 -31.58
CA ILE E 110 -26.50 92.12 -32.26
C ILE E 110 -26.39 90.90 -31.36
N THR E 111 -25.72 91.05 -30.22
CA THR E 111 -25.64 89.99 -29.21
C THR E 111 -26.99 89.31 -28.93
N TYR E 112 -28.05 90.09 -28.88
CA TYR E 112 -29.37 89.56 -28.63
C TYR E 112 -29.74 88.58 -29.72
N LEU E 113 -29.47 88.92 -30.98
CA LEU E 113 -29.89 88.06 -32.09
C LEU E 113 -29.19 86.70 -32.00
N ASP E 114 -27.89 86.73 -31.71
CA ASP E 114 -27.01 85.58 -31.55
C ASP E 114 -27.46 84.67 -30.42
N HIS E 115 -27.75 85.26 -29.25
CA HIS E 115 -28.20 84.50 -28.08
C HIS E 115 -29.50 83.81 -28.41
N ASN E 116 -30.44 84.57 -28.95
CA ASN E 116 -31.74 84.02 -29.22
C ASN E 116 -31.62 82.90 -30.25
N ASN E 117 -30.77 83.09 -31.23
CA ASN E 117 -30.59 82.06 -32.22
C ASN E 117 -29.98 80.78 -31.64
N PHE E 118 -28.99 80.92 -30.76
CA PHE E 118 -28.35 79.79 -30.08
C PHE E 118 -29.35 78.88 -29.38
N TRP E 119 -30.14 79.45 -28.49
CA TRP E 119 -31.08 78.68 -27.71
C TRP E 119 -32.05 77.99 -28.62
N ARG E 120 -32.42 78.68 -29.67
CA ARG E 120 -33.45 78.24 -30.60
C ARG E 120 -32.96 77.08 -31.42
N THR E 121 -31.67 77.10 -31.78
CA THR E 121 -31.02 76.12 -32.65
C THR E 121 -30.72 74.85 -31.88
N MET E 122 -30.44 74.96 -30.59
CA MET E 122 -30.32 73.78 -29.73
C MET E 122 -31.61 73.02 -29.90
N ASP E 123 -32.72 73.74 -29.83
CA ASP E 123 -34.03 73.13 -29.80
C ASP E 123 -34.39 72.65 -31.17
N ASP E 124 -34.02 73.39 -32.22
CA ASP E 124 -34.26 73.01 -33.63
C ASP E 124 -33.58 71.70 -33.95
N MET E 125 -32.28 71.64 -33.63
CA MET E 125 -31.46 70.45 -33.80
C MET E 125 -32.05 69.29 -33.04
N GLY E 126 -32.64 69.56 -31.89
CA GLY E 126 -33.09 68.51 -31.04
C GLY E 126 -34.31 67.83 -31.61
N ARG E 127 -35.11 68.59 -32.37
CA ARG E 127 -36.40 68.10 -32.89
C ARG E 127 -36.19 66.96 -33.86
N GLU E 128 -34.96 66.87 -34.35
CA GLU E 128 -34.50 65.86 -35.30
C GLU E 128 -33.95 64.60 -34.63
N ILE E 129 -33.89 64.56 -33.31
CA ILE E 129 -33.28 63.43 -32.61
C ILE E 129 -34.33 62.70 -31.78
N PRO E 130 -34.56 61.43 -32.08
CA PRO E 130 -35.50 60.62 -31.31
C PRO E 130 -35.00 60.23 -29.90
N SER E 131 -35.83 60.35 -28.87
CA SER E 131 -35.41 60.03 -27.49
C SER E 131 -35.04 58.56 -27.32
N ASP E 132 -36.03 57.73 -27.65
CA ASP E 132 -35.98 56.37 -28.18
C ASP E 132 -34.63 55.86 -28.69
N ALA E 133 -34.09 56.57 -29.67
CA ALA E 133 -32.88 56.17 -30.39
C ALA E 133 -32.17 57.34 -31.07
N PRO E 134 -31.34 58.10 -30.33
CA PRO E 134 -30.69 59.30 -30.86
C PRO E 134 -29.79 59.00 -32.04
N TRP E 135 -29.32 57.76 -32.14
CA TRP E 135 -28.43 57.35 -33.21
C TRP E 135 -29.14 57.19 -34.53
N LYS E 136 -30.45 57.39 -34.55
CA LYS E 136 -31.21 57.30 -35.77
C LYS E 136 -31.49 58.68 -36.34
N ALA E 137 -30.94 59.69 -35.73
CA ALA E 137 -31.09 61.03 -36.25
C ALA E 137 -30.53 61.04 -37.66
N PRO E 138 -31.14 61.82 -38.55
CA PRO E 138 -30.64 62.02 -39.91
C PRO E 138 -29.16 62.35 -39.95
N LEU E 139 -28.68 63.24 -39.08
CA LEU E 139 -27.27 63.61 -39.09
C LEU E 139 -26.47 63.06 -37.90
N ALA E 140 -26.90 61.91 -37.38
CA ALA E 140 -26.24 61.27 -36.25
C ALA E 140 -24.72 61.26 -36.37
N GLU E 141 -24.20 60.73 -37.48
CA GLU E 141 -22.74 60.61 -37.68
C GLU E 141 -22.05 61.95 -37.52
N GLU E 142 -22.51 62.94 -38.30
CA GLU E 142 -21.87 64.24 -38.36
C GLU E 142 -21.86 64.84 -37.01
N TRP E 143 -23.02 64.84 -36.37
CA TRP E 143 -23.22 65.46 -35.05
C TRP E 143 -22.46 64.72 -33.95
N ASP E 144 -22.52 63.41 -33.94
CA ASP E 144 -21.81 62.62 -32.94
C ASP E 144 -20.31 62.63 -33.11
N ASN E 145 -19.83 62.98 -34.30
CA ASN E 145 -18.39 62.96 -34.59
C ASN E 145 -17.74 64.25 -34.20
N MET E 146 -18.53 65.11 -33.58
CA MET E 146 -18.15 66.48 -33.34
C MET E 146 -18.48 66.88 -31.88
N THR E 147 -17.60 67.64 -31.22
CA THR E 147 -17.80 67.97 -29.81
C THR E 147 -18.72 69.17 -29.65
N MET E 148 -19.15 69.43 -28.42
CA MET E 148 -20.03 70.56 -28.17
C MET E 148 -19.28 71.84 -28.40
N LYS E 149 -17.99 71.83 -28.10
CA LYS E 149 -17.13 72.99 -28.25
C LYS E 149 -17.04 73.42 -29.71
N GLU E 150 -16.94 72.42 -30.59
CA GLU E 150 -16.95 72.60 -32.02
C GLU E 150 -18.26 73.24 -32.45
N LEU E 151 -19.38 72.68 -31.99
CA LEU E 151 -20.67 73.19 -32.39
C LEU E 151 -20.79 74.63 -31.92
N LEU E 152 -20.38 74.90 -30.70
CA LEU E 152 -20.48 76.25 -30.20
C LEU E 152 -19.60 77.20 -30.98
N ASP E 153 -18.36 76.82 -31.24
CA ASP E 153 -17.46 77.69 -32.00
C ASP E 153 -18.11 78.07 -33.33
N LYS E 154 -18.93 77.18 -33.86
CA LYS E 154 -19.52 77.36 -35.18
C LYS E 154 -20.76 78.25 -35.13
N LEU E 155 -21.58 78.03 -34.11
CA LEU E 155 -22.90 78.59 -34.00
C LEU E 155 -22.97 79.99 -33.41
N CYS E 156 -21.94 80.39 -32.68
CA CYS E 156 -22.01 81.57 -31.83
C CYS E 156 -21.13 82.65 -32.37
N TRP E 157 -21.72 83.73 -32.85
CA TRP E 157 -20.92 84.82 -33.40
C TRP E 157 -20.37 85.83 -32.36
N THR E 158 -20.85 85.76 -31.12
CA THR E 158 -20.43 86.64 -30.05
C THR E 158 -19.82 85.84 -28.92
N GLU E 159 -18.79 86.41 -28.30
CA GLU E 159 -18.18 85.80 -27.12
C GLU E 159 -19.19 85.67 -26.02
N SER E 160 -20.01 86.69 -25.81
CA SER E 160 -21.03 86.63 -24.77
C SER E 160 -21.86 85.34 -24.86
N ALA E 161 -22.23 84.94 -26.07
CA ALA E 161 -23.09 83.77 -26.25
C ALA E 161 -22.32 82.47 -26.06
N LYS E 162 -21.06 82.46 -26.49
CA LYS E 162 -20.24 81.27 -26.38
C LYS E 162 -20.09 80.94 -24.92
N GLN E 163 -19.97 82.00 -24.12
CA GLN E 163 -19.71 81.83 -22.72
C GLN E 163 -20.94 81.35 -21.93
N LEU E 164 -22.12 81.85 -22.25
CA LEU E 164 -23.34 81.40 -21.59
C LEU E 164 -23.66 80.00 -22.03
N ALA E 165 -23.41 79.69 -23.28
CA ALA E 165 -23.67 78.36 -23.79
C ALA E 165 -22.78 77.35 -23.09
N THR E 166 -21.49 77.67 -22.99
CA THR E 166 -20.56 76.86 -22.21
C THR E 166 -21.05 76.63 -20.78
N LEU E 167 -21.46 77.70 -20.09
CA LEU E 167 -21.92 77.59 -18.73
C LEU E 167 -23.07 76.62 -18.72
N PHE E 168 -23.98 76.82 -19.69
CA PHE E 168 -25.14 75.97 -19.86
C PHE E 168 -24.78 74.50 -19.99
N VAL E 169 -23.76 74.20 -20.79
CA VAL E 169 -23.31 72.82 -20.94
C VAL E 169 -22.71 72.32 -19.62
N ASN E 170 -21.71 73.03 -19.10
CA ASN E 170 -21.07 72.74 -17.81
C ASN E 170 -22.09 72.41 -16.73
N LEU E 171 -23.13 73.23 -16.68
CA LEU E 171 -24.10 73.09 -15.62
C LEU E 171 -25.04 71.90 -15.82
N CYS E 172 -25.40 71.60 -17.06
CA CYS E 172 -26.27 70.48 -17.33
C CYS E 172 -25.62 69.12 -17.18
N VAL E 173 -24.37 68.99 -17.58
CA VAL E 173 -23.76 67.67 -17.70
C VAL E 173 -22.39 67.55 -17.01
N THR E 174 -21.97 68.60 -16.29
CA THR E 174 -20.81 68.55 -15.39
C THR E 174 -19.66 68.02 -16.16
N ALA E 175 -19.48 68.54 -17.37
CA ALA E 175 -18.35 68.17 -18.20
C ALA E 175 -18.06 69.34 -19.07
N GLU E 176 -16.89 69.36 -19.67
CA GLU E 176 -16.49 70.45 -20.57
C GLU E 176 -17.06 70.28 -21.96
N THR E 177 -17.22 71.38 -22.69
CA THR E 177 -17.82 71.26 -24.01
C THR E 177 -16.95 70.43 -24.89
N HIS E 178 -15.64 70.52 -24.71
CA HIS E 178 -14.75 69.74 -25.51
C HIS E 178 -14.76 68.28 -25.12
N GLU E 179 -15.47 67.92 -24.06
CA GLU E 179 -15.38 66.54 -23.56
C GLU E 179 -16.44 65.67 -24.19
N VAL E 180 -17.52 66.31 -24.58
CA VAL E 180 -18.78 65.64 -24.92
C VAL E 180 -19.15 65.77 -26.40
N SER E 181 -19.72 64.69 -26.92
CA SER E 181 -20.28 64.69 -28.24
C SER E 181 -21.50 65.60 -28.37
N ALA E 182 -21.55 66.38 -29.45
CA ALA E 182 -22.71 67.22 -29.80
C ALA E 182 -24.03 66.42 -29.90
N LEU E 183 -24.00 65.30 -30.62
CA LEU E 183 -25.21 64.54 -30.79
C LEU E 183 -25.77 64.17 -29.46
N TRP E 184 -24.95 63.62 -28.58
CA TRP E 184 -25.38 63.20 -27.24
C TRP E 184 -25.94 64.39 -26.45
N PHE E 185 -25.25 65.53 -26.44
CA PHE E 185 -25.70 66.64 -25.63
C PHE E 185 -27.02 67.13 -26.12
N LEU E 186 -27.18 67.22 -27.44
CA LEU E 186 -28.41 67.75 -27.96
C LEU E 186 -29.55 66.82 -27.63
N TRP E 187 -29.30 65.52 -27.66
CA TRP E 187 -30.25 64.50 -27.20
C TRP E 187 -30.67 64.73 -25.74
N TYR E 188 -29.65 64.87 -24.90
CA TYR E 188 -29.84 65.09 -23.50
C TYR E 188 -30.82 66.18 -23.18
N VAL E 189 -30.57 67.36 -23.75
CA VAL E 189 -31.40 68.53 -23.51
C VAL E 189 -32.82 68.31 -24.02
N LYS E 190 -32.94 67.73 -25.21
CA LYS E 190 -34.24 67.52 -25.83
C LYS E 190 -35.10 66.49 -25.10
N GLN E 191 -34.48 65.43 -24.54
CA GLN E 191 -35.23 64.42 -23.79
C GLN E 191 -35.71 64.92 -22.41
N CYS E 192 -35.39 66.16 -22.08
CA CYS E 192 -35.96 66.80 -20.90
C CYS E 192 -37.06 67.79 -21.27
N GLY E 193 -37.18 68.11 -22.55
CA GLY E 193 -38.21 69.03 -23.01
C GLY E 193 -37.67 70.32 -23.53
N GLY E 194 -36.40 70.34 -23.89
CA GLY E 194 -35.81 71.50 -24.56
C GLY E 194 -35.23 72.49 -23.56
N THR E 195 -34.61 73.54 -24.08
CA THR E 195 -33.85 74.42 -23.25
C THR E 195 -34.66 75.10 -22.15
N THR E 196 -35.80 75.64 -22.48
CA THR E 196 -36.58 76.33 -21.46
C THR E 196 -36.89 75.39 -20.32
N ARG E 197 -37.35 74.20 -20.60
CA ARG E 197 -37.75 73.34 -19.50
C ARG E 197 -36.55 72.96 -18.61
N ILE E 198 -35.43 72.65 -19.22
CA ILE E 198 -34.29 72.22 -18.48
C ILE E 198 -33.70 73.37 -17.64
N ILE E 199 -33.72 74.59 -18.14
CA ILE E 199 -33.07 75.67 -17.40
C ILE E 199 -33.96 76.36 -16.39
N SER E 200 -35.25 76.19 -16.51
CA SER E 200 -36.19 76.89 -15.65
C SER E 200 -36.35 76.35 -14.20
N THR E 201 -36.31 77.28 -13.25
CA THR E 201 -36.78 77.02 -11.89
C THR E 201 -38.33 76.98 -11.86
N THR E 202 -39.00 78.15 -11.81
CA THR E 202 -40.46 78.19 -11.99
C THR E 202 -40.79 77.55 -13.31
N ASN E 203 -41.76 76.66 -13.27
CA ASN E 203 -42.17 75.88 -14.46
C ASN E 203 -41.09 75.04 -15.21
N GLY E 204 -40.07 74.60 -14.47
CA GLY E 204 -39.06 73.76 -15.06
C GLY E 204 -38.49 72.75 -14.10
N GLY E 205 -37.28 72.31 -14.44
CA GLY E 205 -36.67 71.19 -13.77
C GLY E 205 -36.27 71.42 -12.35
N GLN E 206 -36.04 72.66 -11.98
CA GLN E 206 -35.63 72.93 -10.63
C GLN E 206 -36.72 73.65 -9.84
N GLU E 207 -37.99 73.38 -10.16
CA GLU E 207 -39.10 74.05 -9.48
C GLU E 207 -39.24 73.70 -8.02
N ARG E 208 -38.96 72.47 -7.64
CA ARG E 208 -39.37 71.98 -6.33
C ARG E 208 -38.38 71.01 -5.75
N LYS E 209 -38.50 70.78 -4.44
CA LYS E 209 -37.73 69.75 -3.74
C LYS E 209 -38.69 69.00 -2.88
N PHE E 210 -38.28 67.82 -2.43
CA PHE E 210 -39.07 67.04 -1.49
C PHE E 210 -38.87 67.53 -0.07
N VAL E 211 -39.97 67.72 0.63
CA VAL E 211 -39.95 67.95 2.08
C VAL E 211 -39.31 66.75 2.78
N GLY E 212 -38.21 66.99 3.48
CA GLY E 212 -37.61 65.94 4.28
C GLY E 212 -36.47 65.25 3.56
N GLY E 213 -36.33 65.55 2.27
CA GLY E 213 -35.23 65.04 1.45
C GLY E 213 -35.66 64.02 0.42
N SER E 214 -34.75 63.63 -0.47
CA SER E 214 -35.08 62.66 -1.50
C SER E 214 -34.56 61.26 -1.19
N GLY E 215 -33.60 61.18 -0.27
CA GLY E 215 -33.19 59.89 0.26
C GLY E 215 -34.40 59.14 0.75
N GLN E 216 -35.36 59.88 1.25
CA GLN E 216 -36.62 59.34 1.67
C GLN E 216 -37.25 58.38 0.67
N VAL E 217 -37.05 58.60 -0.62
CA VAL E 217 -37.74 57.82 -1.65
C VAL E 217 -37.29 56.38 -1.61
N SER E 218 -35.98 56.15 -1.64
CA SER E 218 -35.51 54.76 -1.68
C SER E 218 -35.50 54.13 -0.31
N GLU E 219 -35.33 54.95 0.72
CA GLU E 219 -35.46 54.56 2.11
C GLU E 219 -36.83 53.93 2.36
N ARG E 220 -37.89 54.65 2.00
CA ARG E 220 -39.22 54.19 2.29
C ARG E 220 -39.54 52.90 1.53
N ILE E 221 -38.96 52.74 0.35
CA ILE E 221 -39.11 51.52 -0.40
C ILE E 221 -38.40 50.40 0.33
N MET E 222 -37.25 50.70 0.95
CA MET E 222 -36.51 49.69 1.71
C MET E 222 -37.38 49.21 2.88
N ASP E 223 -38.21 50.13 3.41
CA ASP E 223 -39.10 49.76 4.50
C ASP E 223 -40.11 48.76 4.03
N LEU E 224 -40.72 48.99 2.87
CA LEU E 224 -41.76 48.12 2.31
C LEU E 224 -41.25 46.74 2.00
N LEU E 225 -39.94 46.60 1.86
CA LEU E 225 -39.35 45.33 1.42
C LEU E 225 -38.81 44.49 2.57
N GLY E 226 -38.90 45.01 3.81
CA GLY E 226 -38.30 44.36 4.96
C GLY E 226 -36.86 43.90 4.68
N ASP E 227 -36.58 42.67 5.08
CA ASP E 227 -35.22 42.16 5.07
C ASP E 227 -34.65 41.91 3.67
N ARG E 228 -35.42 42.24 2.63
CA ARG E 228 -35.04 41.93 1.23
C ARG E 228 -33.86 42.75 0.66
N VAL E 229 -33.67 43.96 1.14
CA VAL E 229 -32.56 44.78 0.70
C VAL E 229 -31.35 44.42 1.55
N LYS E 230 -30.26 44.04 0.91
CA LYS E 230 -29.08 43.60 1.64
C LYS E 230 -27.97 44.60 1.47
N LEU E 231 -27.79 45.45 2.48
CA LEU E 231 -26.74 46.46 2.43
C LEU E 231 -25.36 45.81 2.55
N GLU E 232 -24.34 46.62 2.31
CA GLU E 232 -22.94 46.20 2.33
C GLU E 232 -22.61 44.96 1.50
N ARG E 233 -23.31 44.80 0.37
CA ARG E 233 -23.18 43.63 -0.49
C ARG E 233 -22.80 43.98 -1.96
N PRO E 234 -21.55 44.38 -2.21
CA PRO E 234 -21.15 44.75 -3.57
C PRO E 234 -21.06 43.50 -4.44
N VAL E 235 -21.82 43.44 -5.52
CA VAL E 235 -21.72 42.29 -6.43
C VAL E 235 -20.38 42.32 -7.14
N ILE E 236 -19.76 41.14 -7.31
CA ILE E 236 -18.42 41.03 -7.93
C ILE E 236 -18.32 40.02 -9.03
N TYR E 237 -19.34 39.17 -9.19
CA TYR E 237 -19.29 38.07 -10.14
C TYR E 237 -20.72 37.69 -10.48
N ILE E 238 -21.02 37.64 -11.77
CA ILE E 238 -22.30 37.11 -12.23
C ILE E 238 -22.00 35.97 -13.20
N ASP E 239 -22.69 34.84 -13.01
CA ASP E 239 -22.37 33.61 -13.73
C ASP E 239 -23.66 33.11 -14.35
N GLN E 240 -23.69 33.02 -15.68
CA GLN E 240 -24.90 32.62 -16.40
C GLN E 240 -24.76 31.26 -17.12
N THR E 241 -23.73 30.50 -16.77
CA THR E 241 -23.45 29.20 -17.40
C THR E 241 -24.58 28.18 -17.18
N ARG E 242 -25.08 28.13 -15.95
CA ARG E 242 -26.08 27.13 -15.55
C ARG E 242 -27.55 27.53 -15.93
N GLU E 243 -28.51 26.74 -15.41
CA GLU E 243 -29.94 27.04 -15.50
C GLU E 243 -30.34 28.35 -14.76
N ASN E 244 -29.93 28.47 -13.49
CA ASN E 244 -30.16 29.70 -12.73
C ASN E 244 -28.95 30.60 -12.77
N VAL E 245 -29.17 31.91 -12.65
CA VAL E 245 -28.06 32.86 -12.65
C VAL E 245 -27.54 32.95 -11.24
N LEU E 246 -26.24 32.75 -11.07
CA LEU E 246 -25.59 32.94 -9.77
C LEU E 246 -24.97 34.34 -9.73
N VAL E 247 -25.22 35.06 -8.63
CA VAL E 247 -24.67 36.39 -8.41
C VAL E 247 -23.91 36.36 -7.11
N GLU E 248 -22.66 36.82 -7.10
CA GLU E 248 -21.81 36.69 -5.91
C GLU E 248 -21.26 38.01 -5.42
N THR E 249 -21.30 38.22 -4.11
CA THR E 249 -20.89 39.49 -3.49
C THR E 249 -19.48 39.45 -2.91
N LEU E 250 -18.96 40.62 -2.58
CA LEU E 250 -17.57 40.74 -2.12
C LEU E 250 -17.29 40.01 -0.81
N ASN E 251 -18.30 39.92 0.06
CA ASN E 251 -18.20 39.19 1.33
C ASN E 251 -18.47 37.66 1.21
N HIS E 252 -18.75 37.19 -0.01
CA HIS E 252 -18.79 35.77 -0.34
C HIS E 252 -20.15 35.07 -0.45
N GLU E 253 -21.22 35.78 -0.13
CA GLU E 253 -22.56 35.25 -0.26
C GLU E 253 -22.93 34.98 -1.71
N MET E 254 -23.72 33.92 -1.94
CA MET E 254 -24.19 33.55 -3.26
C MET E 254 -25.69 33.72 -3.31
N TYR E 255 -26.18 34.31 -4.40
CA TYR E 255 -27.61 34.47 -4.63
C TYR E 255 -27.92 33.84 -5.96
N GLU E 256 -29.10 33.22 -6.08
CA GLU E 256 -29.46 32.51 -7.29
C GLU E 256 -30.77 33.05 -7.81
N ALA E 257 -30.86 33.34 -9.11
CA ALA E 257 -32.11 33.88 -9.65
C ALA E 257 -32.42 33.51 -11.08
N LYS E 258 -33.70 33.51 -11.40
CA LYS E 258 -34.12 33.34 -12.78
C LYS E 258 -33.66 34.52 -13.64
N TYR E 259 -33.62 35.72 -13.08
CA TYR E 259 -33.30 36.92 -13.84
C TYR E 259 -32.47 37.91 -13.03
N VAL E 260 -31.82 38.86 -13.71
CA VAL E 260 -31.12 39.94 -13.00
C VAL E 260 -31.42 41.31 -13.63
N ILE E 261 -31.68 42.31 -12.77
CA ILE E 261 -31.71 43.70 -13.16
C ILE E 261 -30.44 44.35 -12.64
N SER E 262 -29.67 44.93 -13.55
CA SER E 262 -28.48 45.71 -13.22
C SER E 262 -28.93 47.15 -13.26
N ALA E 263 -28.92 47.78 -12.09
CA ALA E 263 -29.38 49.14 -11.97
C ALA E 263 -28.25 49.99 -11.45
N ILE E 264 -27.04 49.72 -11.88
CA ILE E 264 -25.89 50.55 -11.55
C ILE E 264 -25.40 51.31 -12.76
N PRO E 265 -24.72 52.42 -12.56
CA PRO E 265 -24.29 53.26 -13.70
C PRO E 265 -23.54 52.39 -14.72
N PRO E 266 -23.78 52.59 -16.01
CA PRO E 266 -23.23 51.72 -17.05
C PRO E 266 -21.80 51.35 -16.78
N THR E 267 -20.94 52.35 -16.72
CA THR E 267 -19.54 52.03 -16.60
C THR E 267 -19.22 51.20 -15.39
N LEU E 268 -20.08 51.18 -14.38
CA LEU E 268 -19.72 50.53 -13.13
C LEU E 268 -19.92 49.04 -13.19
N GLY E 269 -20.37 48.56 -14.33
CA GLY E 269 -20.45 47.12 -14.57
C GLY E 269 -19.06 46.51 -14.74
N MET E 270 -18.08 47.36 -14.99
CA MET E 270 -16.71 46.94 -15.07
C MET E 270 -16.34 46.27 -13.79
N LYS E 271 -17.02 46.62 -12.71
CA LYS E 271 -16.67 46.16 -11.37
C LYS E 271 -17.18 44.76 -11.07
N ILE E 272 -17.80 44.14 -12.06
CA ILE E 272 -18.33 42.78 -11.93
C ILE E 272 -17.56 41.90 -12.91
N HIS E 273 -17.14 40.72 -12.46
CA HIS E 273 -16.56 39.73 -13.38
C HIS E 273 -17.63 38.83 -13.99
N PHE E 274 -17.64 38.68 -15.32
CA PHE E 274 -18.72 37.97 -16.01
C PHE E 274 -18.34 36.59 -16.55
N ASN E 275 -19.28 35.66 -16.53
CA ASN E 275 -19.05 34.33 -17.09
C ASN E 275 -20.37 33.82 -17.65
N PRO E 276 -20.46 33.57 -18.95
CA PRO E 276 -19.37 33.77 -19.89
C PRO E 276 -19.05 35.25 -20.03
N PRO E 277 -17.90 35.59 -20.59
CA PRO E 277 -17.60 36.99 -20.92
C PRO E 277 -18.79 37.70 -21.57
N LEU E 278 -18.87 39.03 -21.38
CA LEU E 278 -19.91 39.84 -22.02
C LEU E 278 -19.66 39.82 -23.51
N PRO E 279 -20.74 40.00 -24.29
CA PRO E 279 -20.61 40.26 -25.72
C PRO E 279 -19.62 41.38 -25.98
N MET E 280 -18.89 41.29 -27.08
CA MET E 280 -17.93 42.34 -27.41
C MET E 280 -18.47 43.77 -27.26
N MET E 281 -19.61 44.06 -27.85
CA MET E 281 -20.13 45.41 -27.79
C MET E 281 -20.22 45.96 -26.36
N ARG E 282 -20.81 45.18 -25.43
CA ARG E 282 -20.96 45.66 -24.05
C ARG E 282 -19.64 45.73 -23.35
N ASN E 283 -18.86 44.68 -23.42
CA ASN E 283 -17.53 44.70 -22.85
C ASN E 283 -16.80 45.98 -23.16
N GLN E 284 -16.85 46.43 -24.41
CA GLN E 284 -16.17 47.67 -24.77
C GLN E 284 -16.96 48.95 -24.45
N MET E 285 -18.29 48.87 -24.63
CA MET E 285 -19.16 49.99 -24.33
C MET E 285 -18.93 50.51 -22.92
N ILE E 286 -18.87 49.62 -21.94
CA ILE E 286 -18.73 50.00 -20.55
C ILE E 286 -17.37 50.62 -20.18
N THR E 287 -16.46 50.78 -21.13
CA THR E 287 -15.20 51.48 -20.86
C THR E 287 -15.23 52.84 -21.51
N ARG E 288 -16.29 53.13 -22.24
CA ARG E 288 -16.29 54.35 -23.03
C ARG E 288 -17.30 55.34 -22.52
N VAL E 289 -17.83 55.13 -21.31
CA VAL E 289 -18.96 55.92 -20.82
C VAL E 289 -18.76 56.51 -19.40
N PRO E 290 -17.96 57.59 -19.29
CA PRO E 290 -17.60 58.19 -17.98
C PRO E 290 -18.68 59.03 -17.35
N LEU E 291 -18.58 59.25 -16.04
CA LEU E 291 -19.53 60.14 -15.38
C LEU E 291 -18.85 61.49 -15.17
N GLY E 292 -19.68 62.53 -15.02
CA GLY E 292 -19.20 63.90 -14.84
C GLY E 292 -18.64 64.17 -13.47
N SER E 293 -18.16 65.40 -13.27
CA SER E 293 -17.48 65.80 -12.06
C SER E 293 -18.12 67.03 -11.46
N VAL E 294 -18.48 66.95 -10.18
CA VAL E 294 -19.17 68.03 -9.48
C VAL E 294 -18.98 67.92 -7.98
N ILE E 295 -18.88 69.06 -7.30
CA ILE E 295 -18.97 69.11 -5.86
C ILE E 295 -20.20 69.90 -5.52
N LYS E 296 -21.12 69.33 -4.74
CA LYS E 296 -22.25 70.11 -4.26
C LYS E 296 -21.87 70.74 -2.92
N CYS E 297 -22.17 72.03 -2.79
CA CYS E 297 -21.78 72.80 -1.62
C CYS E 297 -22.92 73.64 -1.06
N ILE E 298 -23.19 73.44 0.23
CA ILE E 298 -24.19 74.26 0.93
C ILE E 298 -23.61 75.11 2.10
N VAL E 299 -23.90 76.42 2.08
CA VAL E 299 -23.45 77.36 3.08
C VAL E 299 -24.67 77.87 3.81
N TYR E 300 -24.64 77.70 5.13
CA TYR E 300 -25.73 78.05 6.03
C TYR E 300 -25.52 79.42 6.62
N TYR E 301 -26.60 80.19 6.72
CA TYR E 301 -26.56 81.52 7.30
C TYR E 301 -27.67 81.72 8.34
N LYS E 302 -27.43 82.65 9.27
CA LYS E 302 -28.42 83.01 10.30
C LYS E 302 -29.80 83.33 9.76
N GLU E 303 -29.85 84.04 8.64
CA GLU E 303 -31.10 84.50 8.01
C GLU E 303 -30.95 84.48 6.51
N PRO E 304 -32.04 84.30 5.77
CA PRO E 304 -32.00 84.49 4.31
C PRO E 304 -31.81 85.98 3.90
N PHE E 305 -30.66 86.52 4.25
CA PHE E 305 -30.42 87.93 4.08
C PHE E 305 -30.67 88.47 2.66
N TRP E 306 -30.36 87.65 1.66
CA TRP E 306 -30.51 88.08 0.31
C TRP E 306 -31.89 88.62 0.05
N ARG E 307 -32.90 87.98 0.63
CA ARG E 307 -34.30 88.34 0.34
C ARG E 307 -34.60 89.79 0.71
N LYS E 308 -34.03 90.27 1.82
CA LYS E 308 -34.20 91.65 2.22
C LYS E 308 -33.67 92.65 1.20
N LYS E 309 -32.71 92.22 0.37
CA LYS E 309 -32.14 93.02 -0.70
C LYS E 309 -32.86 92.75 -2.01
N ASP E 310 -33.98 92.03 -1.96
CA ASP E 310 -34.83 91.70 -3.13
C ASP E 310 -34.12 90.82 -4.14
N TYR E 311 -33.24 89.96 -3.63
CA TYR E 311 -32.57 88.91 -4.39
C TYR E 311 -33.17 87.58 -3.91
N CYS E 312 -33.56 86.70 -4.83
CA CYS E 312 -34.13 85.42 -4.44
C CYS E 312 -33.12 84.32 -4.02
N GLY E 313 -31.85 84.47 -4.42
CA GLY E 313 -30.78 83.54 -4.06
C GLY E 313 -30.11 82.89 -5.25
N THR E 314 -30.77 83.02 -6.41
CA THR E 314 -30.22 82.51 -7.67
C THR E 314 -29.09 83.41 -8.18
N MET E 315 -27.98 82.79 -8.51
CA MET E 315 -26.88 83.49 -9.10
C MET E 315 -26.34 82.66 -10.27
N ILE E 316 -26.20 83.33 -11.43
CA ILE E 316 -25.55 82.76 -12.62
C ILE E 316 -24.26 83.53 -12.77
N ILE E 317 -23.13 82.86 -12.57
CA ILE E 317 -21.85 83.53 -12.46
C ILE E 317 -20.84 83.17 -13.55
N ASP E 318 -20.67 84.09 -14.48
CA ASP E 318 -19.70 83.93 -15.58
C ASP E 318 -18.22 83.96 -15.14
N GLY E 319 -17.35 83.40 -15.95
CA GLY E 319 -15.94 83.57 -15.69
C GLY E 319 -15.23 82.39 -15.09
N GLU E 320 -13.94 82.35 -15.38
CA GLU E 320 -13.06 81.28 -14.93
C GLU E 320 -12.72 81.36 -13.42
N GLU E 321 -12.57 82.57 -12.87
CA GLU E 321 -12.09 82.71 -11.50
C GLU E 321 -13.12 82.24 -10.46
N ALA E 322 -14.41 82.32 -10.80
CA ALA E 322 -15.46 82.02 -9.84
C ALA E 322 -15.49 80.53 -9.62
N PRO E 323 -15.38 80.06 -8.37
CA PRO E 323 -15.45 78.64 -8.08
C PRO E 323 -16.83 78.05 -8.35
N VAL E 324 -17.87 78.83 -8.42
CA VAL E 324 -19.19 78.27 -8.56
C VAL E 324 -19.94 79.09 -9.61
N ALA E 325 -20.62 78.45 -10.55
CA ALA E 325 -21.27 79.21 -11.62
C ALA E 325 -22.74 79.42 -11.41
N TYR E 326 -23.35 78.59 -10.59
CA TYR E 326 -24.79 78.59 -10.40
C TYR E 326 -25.14 78.29 -8.98
N THR E 327 -26.00 79.12 -8.41
CA THR E 327 -26.52 78.90 -7.08
C THR E 327 -28.05 78.97 -7.03
N LEU E 328 -28.63 78.21 -6.10
CA LEU E 328 -30.04 78.34 -5.78
C LEU E 328 -30.19 78.56 -4.30
N ASP E 329 -31.32 79.14 -3.87
CA ASP E 329 -31.67 79.29 -2.45
C ASP E 329 -32.14 77.96 -1.79
N ASP E 330 -31.51 77.56 -0.70
CA ASP E 330 -31.82 76.27 -0.05
C ASP E 330 -32.52 76.35 1.31
N THR E 331 -32.97 77.52 1.66
CA THR E 331 -33.77 77.71 2.86
C THR E 331 -34.98 76.77 2.90
N LYS E 332 -35.18 76.07 4.03
CA LYS E 332 -36.35 75.23 4.21
C LYS E 332 -37.64 76.03 4.04
N PRO E 333 -38.74 75.37 3.71
CA PRO E 333 -39.98 76.09 3.40
C PRO E 333 -40.49 76.98 4.49
N GLU E 334 -40.03 76.81 5.71
CA GLU E 334 -40.50 77.64 6.81
C GLU E 334 -39.89 79.03 6.84
N GLY E 335 -38.61 79.14 6.50
CA GLY E 335 -37.82 80.35 6.68
C GLY E 335 -36.59 79.98 7.49
N ASN E 336 -36.64 78.75 7.98
CA ASN E 336 -35.60 78.11 8.78
C ASN E 336 -34.34 77.78 8.05
N TYR E 337 -33.25 77.61 8.82
CA TYR E 337 -32.00 77.09 8.29
C TYR E 337 -31.65 77.70 6.95
N ALA E 338 -31.48 79.02 6.87
CA ALA E 338 -31.24 79.65 5.57
C ALA E 338 -29.96 79.12 4.96
N ALA E 339 -29.91 78.99 3.64
CA ALA E 339 -28.72 78.45 3.02
C ALA E 339 -28.67 78.79 1.55
N ILE E 340 -27.48 78.72 0.96
CA ILE E 340 -27.27 78.86 -0.46
C ILE E 340 -26.61 77.59 -0.96
N MET E 341 -27.23 76.96 -1.94
CA MET E 341 -26.68 75.81 -2.65
C MET E 341 -25.90 76.22 -3.93
N GLY E 342 -24.78 75.56 -4.19
CA GLY E 342 -23.99 75.88 -5.37
C GLY E 342 -23.15 74.72 -5.84
N PHE E 343 -22.93 74.60 -7.14
CA PHE E 343 -22.18 73.50 -7.71
C PHE E 343 -20.77 73.90 -8.08
N ILE E 344 -19.77 73.06 -7.80
CA ILE E 344 -18.46 73.35 -8.35
C ILE E 344 -18.30 72.35 -9.47
N LEU E 345 -18.28 72.83 -10.71
CA LEU E 345 -18.48 71.95 -11.89
C LEU E 345 -17.23 71.60 -12.68
N ALA E 346 -17.25 70.39 -13.26
CA ALA E 346 -16.26 69.94 -14.24
C ALA E 346 -14.80 70.25 -13.86
N HIS E 347 -14.04 70.91 -14.74
CA HIS E 347 -12.63 71.05 -14.48
C HIS E 347 -12.35 71.71 -13.16
N LYS E 348 -13.29 72.52 -12.69
CA LYS E 348 -13.10 73.18 -11.41
C LYS E 348 -13.24 72.21 -10.25
N ALA E 349 -14.07 71.19 -10.38
CA ALA E 349 -14.23 70.24 -9.33
C ALA E 349 -12.91 69.57 -9.11
N ARG E 350 -12.11 69.46 -10.15
CA ARG E 350 -10.80 68.81 -9.98
C ARG E 350 -9.79 69.76 -9.37
N LYS E 351 -9.90 71.03 -9.69
CA LYS E 351 -8.90 72.02 -9.28
C LYS E 351 -9.01 72.35 -7.80
N LEU E 352 -10.23 72.46 -7.30
CA LEU E 352 -10.50 72.94 -5.97
C LEU E 352 -10.63 71.79 -4.97
N ALA E 353 -10.57 70.57 -5.45
CA ALA E 353 -10.58 69.42 -4.55
C ALA E 353 -9.25 69.35 -3.85
N ARG E 354 -8.27 70.04 -4.41
CA ARG E 354 -6.94 70.11 -3.83
C ARG E 354 -6.94 70.84 -2.51
N LEU E 355 -7.79 71.87 -2.39
CA LEU E 355 -7.95 72.66 -1.17
C LEU E 355 -8.64 71.86 -0.04
N THR E 356 -8.66 72.44 1.15
CA THR E 356 -9.35 71.85 2.29
C THR E 356 -10.80 72.31 2.35
N LYS E 357 -11.64 71.57 3.09
CA LYS E 357 -13.01 71.97 3.39
C LYS E 357 -13.11 73.50 3.68
N GLU E 358 -12.24 73.98 4.57
CA GLU E 358 -12.33 75.38 5.02
C GLU E 358 -11.99 76.35 3.91
N GLU E 359 -10.98 76.01 3.11
CA GLU E 359 -10.53 76.94 2.06
C GLU E 359 -11.60 77.14 0.98
N ARG E 360 -12.39 76.10 0.75
CA ARG E 360 -13.49 76.15 -0.19
C ARG E 360 -14.58 77.03 0.38
N LEU E 361 -14.96 76.78 1.62
CA LEU E 361 -15.97 77.60 2.31
C LEU E 361 -15.64 79.07 2.15
N LYS E 362 -14.36 79.41 2.37
CA LYS E 362 -13.89 80.79 2.30
C LYS E 362 -14.03 81.36 0.91
N LYS E 363 -13.77 80.52 -0.08
CA LYS E 363 -13.82 80.98 -1.45
C LYS E 363 -15.25 81.18 -1.84
N LEU E 364 -16.12 80.34 -1.33
CA LEU E 364 -17.53 80.43 -1.70
C LEU E 364 -18.14 81.67 -1.09
N CYS E 365 -17.80 81.91 0.18
CA CYS E 365 -18.31 83.06 0.91
C CYS E 365 -17.86 84.34 0.30
N GLU E 366 -16.59 84.43 -0.05
CA GLU E 366 -16.05 85.65 -0.65
C GLU E 366 -16.74 85.93 -1.97
N LEU E 367 -17.01 84.87 -2.74
CA LEU E 367 -17.78 84.96 -3.96
C LEU E 367 -19.19 85.44 -3.71
N TYR E 368 -19.92 84.72 -2.87
CA TYR E 368 -21.29 85.08 -2.54
C TYR E 368 -21.44 86.52 -2.03
N ALA E 369 -20.45 86.94 -1.23
CA ALA E 369 -20.41 88.28 -0.70
C ALA E 369 -20.25 89.29 -1.81
N LYS E 370 -19.35 89.04 -2.76
CA LYS E 370 -19.20 89.95 -3.89
C LYS E 370 -20.44 90.00 -4.73
N VAL E 371 -21.06 88.85 -4.99
CA VAL E 371 -22.11 88.78 -5.98
C VAL E 371 -23.36 89.39 -5.41
N LEU E 372 -23.60 89.10 -4.14
CA LEU E 372 -24.80 89.60 -3.48
C LEU E 372 -24.57 90.97 -2.94
N GLY E 373 -23.31 91.43 -2.94
CA GLY E 373 -22.90 92.70 -2.32
C GLY E 373 -23.36 92.84 -0.88
N SER E 374 -23.04 91.86 -0.04
CA SER E 374 -23.36 91.91 1.39
C SER E 374 -22.34 91.20 2.23
N LEU E 375 -21.67 91.96 3.08
CA LEU E 375 -20.79 91.46 4.10
C LEU E 375 -21.35 90.23 4.79
N GLU E 376 -22.68 90.15 4.91
CA GLU E 376 -23.26 89.09 5.72
C GLU E 376 -22.85 87.71 5.24
N ALA E 377 -22.55 87.62 3.95
CA ALA E 377 -22.22 86.35 3.35
C ALA E 377 -20.90 85.85 3.86
N LEU E 378 -20.11 86.74 4.48
CA LEU E 378 -18.84 86.35 5.07
C LEU E 378 -18.98 85.70 6.44
N GLU E 379 -20.21 85.59 6.94
CA GLU E 379 -20.48 85.03 8.27
C GLU E 379 -21.35 83.75 8.27
N PRO E 380 -20.83 82.66 7.73
CA PRO E 380 -21.59 81.42 7.70
C PRO E 380 -21.69 80.83 9.09
N VAL E 381 -22.83 80.22 9.32
CA VAL E 381 -23.18 79.64 10.59
C VAL E 381 -22.89 78.12 10.57
N HIS E 382 -22.71 77.55 9.37
CA HIS E 382 -22.42 76.12 9.10
C HIS E 382 -22.14 75.82 7.60
N TYR E 383 -21.56 74.65 7.34
CA TYR E 383 -21.22 74.26 5.96
C TYR E 383 -21.32 72.74 5.70
N GLU E 384 -21.88 72.33 4.57
CA GLU E 384 -21.86 70.94 4.15
C GLU E 384 -21.47 70.83 2.69
N GLU E 385 -20.75 69.78 2.32
CA GLU E 385 -20.35 69.56 0.93
C GLU E 385 -20.27 68.09 0.57
N LYS E 386 -20.53 67.71 -0.68
CA LYS E 386 -20.10 66.38 -1.15
C LYS E 386 -19.43 66.42 -2.51
N ASN E 387 -18.32 65.73 -2.61
CA ASN E 387 -17.55 65.69 -3.83
C ASN E 387 -17.73 64.31 -4.49
N TRP E 388 -18.73 64.19 -5.35
CA TRP E 388 -19.09 62.90 -5.94
C TRP E 388 -17.99 62.21 -6.78
N CYS E 389 -16.98 62.96 -7.18
CA CYS E 389 -15.85 62.42 -7.89
C CYS E 389 -15.10 61.35 -7.12
N GLU E 390 -15.27 61.31 -5.83
CA GLU E 390 -14.55 60.30 -5.06
C GLU E 390 -15.37 59.08 -4.70
N GLU E 391 -16.60 59.00 -5.20
CA GLU E 391 -17.45 57.89 -4.86
C GLU E 391 -17.18 56.71 -5.78
N GLN E 392 -16.72 55.59 -5.19
CA GLN E 392 -16.37 54.38 -5.93
C GLN E 392 -17.57 53.72 -6.58
N TYR E 393 -18.67 53.63 -5.84
CA TYR E 393 -19.88 53.04 -6.36
C TYR E 393 -20.80 54.09 -6.98
N SER E 394 -20.19 55.16 -7.45
CA SER E 394 -20.92 56.09 -8.27
C SER E 394 -20.18 56.52 -9.50
N GLY E 395 -18.93 56.91 -9.34
CA GLY E 395 -18.08 57.25 -10.46
C GLY E 395 -18.12 58.71 -10.79
N GLY E 396 -19.17 59.39 -10.37
CA GLY E 396 -19.32 60.82 -10.58
C GLY E 396 -20.75 61.27 -10.38
N CYS E 397 -21.07 62.46 -10.87
CA CYS E 397 -22.46 62.98 -10.86
C CYS E 397 -22.51 64.12 -11.85
N TYR E 398 -23.67 64.43 -12.41
CA TYR E 398 -24.92 63.81 -12.02
C TYR E 398 -25.08 62.47 -12.71
N THR E 399 -24.64 62.40 -13.96
CA THR E 399 -24.94 61.26 -14.84
C THR E 399 -23.76 60.93 -15.76
N THR E 400 -24.02 60.07 -16.76
CA THR E 400 -23.00 59.57 -17.67
C THR E 400 -22.98 60.40 -18.94
N TYR E 401 -21.80 60.71 -19.45
CA TYR E 401 -21.70 61.50 -20.67
C TYR E 401 -20.97 60.72 -21.72
N PHE E 402 -21.26 61.00 -22.98
CA PHE E 402 -20.64 60.28 -24.07
C PHE E 402 -19.69 61.19 -24.82
N PRO E 403 -18.44 60.78 -24.92
CA PRO E 403 -17.43 61.44 -25.78
C PRO E 403 -17.72 61.28 -27.26
N PRO E 404 -17.14 62.11 -28.13
CA PRO E 404 -17.50 62.04 -29.55
C PRO E 404 -17.39 60.64 -30.07
N GLY E 405 -18.30 60.27 -30.96
CA GLY E 405 -18.21 58.98 -31.63
C GLY E 405 -18.79 57.77 -30.91
N ILE E 406 -19.19 57.89 -29.66
CA ILE E 406 -19.53 56.71 -28.87
C ILE E 406 -21.02 56.42 -28.84
N LEU E 407 -21.83 57.47 -28.96
CA LEU E 407 -23.27 57.24 -28.91
C LEU E 407 -23.74 56.43 -30.13
N THR E 408 -23.31 56.83 -31.34
CA THR E 408 -23.72 56.16 -32.57
C THR E 408 -23.17 54.76 -32.60
N GLN E 409 -21.96 54.55 -32.09
CA GLN E 409 -21.34 53.23 -32.18
C GLN E 409 -21.81 52.25 -31.13
N TYR E 410 -21.95 52.73 -29.90
CA TYR E 410 -22.23 51.85 -28.76
C TYR E 410 -23.59 52.17 -28.14
N GLY E 411 -24.29 53.13 -28.71
CA GLY E 411 -25.56 53.53 -28.19
C GLY E 411 -26.53 52.43 -27.88
N ARG E 412 -26.92 51.63 -28.87
CA ARG E 412 -28.03 50.69 -28.66
C ARG E 412 -27.70 49.53 -27.73
N VAL E 413 -26.50 49.55 -27.17
CA VAL E 413 -26.01 48.47 -26.35
C VAL E 413 -26.54 48.63 -24.94
N LEU E 414 -26.84 49.88 -24.59
CA LEU E 414 -27.00 50.25 -23.19
C LEU E 414 -28.11 49.45 -22.54
N ARG E 415 -29.23 49.33 -23.24
CA ARG E 415 -30.37 48.63 -22.69
C ARG E 415 -30.77 47.34 -23.41
N GLN E 416 -29.85 46.78 -24.19
CA GLN E 416 -29.98 45.46 -24.75
C GLN E 416 -29.69 44.38 -23.70
N PRO E 417 -30.68 43.53 -23.43
CA PRO E 417 -30.50 42.43 -22.47
C PRO E 417 -29.29 41.55 -22.80
N VAL E 418 -28.60 41.07 -21.76
CA VAL E 418 -27.55 40.05 -21.92
C VAL E 418 -28.01 38.76 -21.26
N ASP E 419 -28.69 37.93 -22.08
CA ASP E 419 -29.25 36.64 -21.71
C ASP E 419 -30.38 36.85 -20.73
N ARG E 420 -30.08 36.64 -19.46
CA ARG E 420 -31.06 36.89 -18.40
C ARG E 420 -30.80 38.18 -17.54
N ILE E 421 -29.76 38.97 -17.90
CA ILE E 421 -29.51 40.30 -17.31
C ILE E 421 -30.25 41.40 -18.11
N TYR E 422 -31.05 42.21 -17.42
CA TYR E 422 -31.74 43.36 -17.98
C TYR E 422 -31.22 44.65 -17.34
N PHE E 423 -31.32 45.75 -18.06
CA PHE E 423 -30.58 46.93 -17.67
C PHE E 423 -31.44 48.12 -17.33
N ALA E 424 -31.37 48.52 -16.07
CA ALA E 424 -32.06 49.69 -15.62
C ALA E 424 -31.04 50.81 -15.41
N GLY E 425 -31.33 51.72 -14.47
CA GLY E 425 -30.51 52.91 -14.22
C GLY E 425 -30.98 54.03 -15.09
N THR E 426 -30.80 55.26 -14.63
CA THR E 426 -31.37 56.43 -15.30
C THR E 426 -30.74 56.64 -16.67
N GLU E 427 -29.51 56.21 -16.84
CA GLU E 427 -28.84 56.46 -18.10
C GLU E 427 -29.49 55.68 -19.23
N THR E 428 -30.38 54.74 -18.88
CA THR E 428 -31.18 54.03 -19.88
C THR E 428 -32.58 54.58 -20.02
N ALA E 429 -32.93 55.65 -19.33
CA ALA E 429 -34.24 56.23 -19.56
C ALA E 429 -34.35 56.94 -20.93
N THR E 430 -35.56 57.40 -21.25
CA THR E 430 -35.83 58.13 -22.50
C THR E 430 -36.52 59.46 -22.28
N HIS E 431 -36.97 59.71 -21.05
CA HIS E 431 -37.49 61.00 -20.66
C HIS E 431 -36.79 61.40 -19.34
N TRP E 432 -36.21 62.58 -19.29
CA TRP E 432 -35.44 63.00 -18.12
C TRP E 432 -34.44 61.91 -17.74
N SER E 433 -33.75 61.31 -18.70
CA SER E 433 -32.58 60.51 -18.38
C SER E 433 -31.58 61.43 -17.71
N GLY E 434 -30.92 60.97 -16.68
CA GLY E 434 -29.92 61.79 -16.03
C GLY E 434 -30.47 62.24 -14.70
N TYR E 435 -31.79 62.10 -14.56
CA TYR E 435 -32.47 62.59 -13.38
C TYR E 435 -33.14 61.46 -12.63
N MET E 436 -33.65 61.75 -11.43
CA MET E 436 -34.38 60.78 -10.59
C MET E 436 -35.58 60.29 -11.36
N GLU E 437 -36.21 61.18 -12.13
CA GLU E 437 -37.29 60.78 -13.04
C GLU E 437 -36.88 59.60 -13.93
N GLY E 438 -35.81 59.80 -14.69
CA GLY E 438 -35.28 58.74 -15.51
C GLY E 438 -35.11 57.47 -14.70
N ALA E 439 -34.60 57.62 -13.49
CA ALA E 439 -34.28 56.43 -12.73
C ALA E 439 -35.53 55.62 -12.49
N VAL E 440 -36.66 56.33 -12.34
CA VAL E 440 -37.92 55.61 -12.18
C VAL E 440 -38.37 54.96 -13.47
N GLU E 441 -38.39 55.71 -14.57
CA GLU E 441 -38.73 55.16 -15.89
C GLU E 441 -37.99 53.87 -16.16
N ALA E 442 -36.69 53.95 -15.99
CA ALA E 442 -35.86 52.84 -16.34
C ALA E 442 -36.10 51.67 -15.40
N GLY E 443 -36.13 51.94 -14.10
CA GLY E 443 -36.33 50.90 -13.12
C GLY E 443 -37.59 50.11 -13.41
N GLU E 444 -38.66 50.80 -13.78
CA GLU E 444 -39.91 50.10 -13.94
C GLU E 444 -39.95 49.35 -15.27
N ARG E 445 -39.36 49.94 -16.30
CA ARG E 445 -39.35 49.30 -17.61
C ARG E 445 -38.57 48.00 -17.56
N ALA E 446 -37.38 48.02 -16.99
CA ALA E 446 -36.62 46.80 -16.81
C ALA E 446 -37.43 45.79 -16.03
N ALA E 447 -38.14 46.20 -15.00
CA ALA E 447 -38.90 45.25 -14.26
C ALA E 447 -39.95 44.62 -15.17
N ARG E 448 -40.66 45.45 -15.92
CA ARG E 448 -41.68 44.96 -16.85
C ARG E 448 -41.13 44.12 -17.98
N GLU E 449 -39.86 44.32 -18.32
CA GLU E 449 -39.23 43.51 -19.35
C GLU E 449 -39.18 42.08 -18.87
N ILE E 450 -38.82 41.89 -17.59
CA ILE E 450 -38.77 40.57 -16.98
C ILE E 450 -40.13 39.97 -16.82
N LEU E 451 -41.08 40.77 -16.40
CA LEU E 451 -42.45 40.31 -16.34
C LEU E 451 -42.86 39.71 -17.67
N HIS E 452 -42.60 40.42 -18.76
CA HIS E 452 -42.96 39.93 -20.09
C HIS E 452 -42.25 38.64 -20.48
N ALA E 453 -41.00 38.47 -20.05
CA ALA E 453 -40.22 37.30 -20.43
C ALA E 453 -40.81 36.08 -19.77
N MET E 454 -41.40 36.26 -18.59
CA MET E 454 -42.04 35.18 -17.86
C MET E 454 -43.47 34.96 -18.36
N GLY E 455 -43.84 35.68 -19.42
CA GLY E 455 -45.16 35.59 -20.00
C GLY E 455 -46.29 36.02 -19.07
N LYS E 456 -46.06 37.06 -18.26
CA LYS E 456 -47.09 37.56 -17.33
C LYS E 456 -47.84 38.78 -17.85
N ILE E 457 -47.23 39.49 -18.79
CA ILE E 457 -47.84 40.64 -19.47
C ILE E 457 -47.37 40.67 -20.92
N PRO E 458 -48.17 41.25 -21.82
CA PRO E 458 -47.79 41.35 -23.25
C PRO E 458 -46.61 42.30 -23.52
N GLU E 459 -46.00 42.22 -24.69
CA GLU E 459 -44.93 43.16 -25.09
C GLU E 459 -45.48 44.59 -25.18
N ASP E 460 -46.66 44.68 -25.78
CA ASP E 460 -47.58 45.79 -25.61
C ASP E 460 -47.36 46.66 -24.35
N GLU E 461 -47.12 46.01 -23.21
CA GLU E 461 -47.19 46.61 -21.90
C GLU E 461 -45.88 46.92 -21.20
N ILE E 462 -44.76 46.79 -21.91
CA ILE E 462 -43.43 47.00 -21.31
C ILE E 462 -43.14 48.47 -21.08
N TRP E 463 -43.34 49.29 -22.10
CA TRP E 463 -43.23 50.72 -21.99
C TRP E 463 -44.59 51.28 -21.66
N GLN E 464 -44.74 51.85 -20.47
CA GLN E 464 -46.01 52.47 -20.08
C GLN E 464 -45.92 54.00 -20.09
N SER E 465 -46.97 54.66 -20.56
CA SER E 465 -47.08 56.09 -20.39
C SER E 465 -47.55 56.42 -18.95
N GLU E 466 -47.41 57.67 -18.54
CA GLU E 466 -47.71 58.08 -17.17
C GLU E 466 -48.69 59.27 -17.08
N PRO E 467 -49.77 59.12 -16.30
CA PRO E 467 -50.72 60.22 -16.10
C PRO E 467 -50.03 61.43 -15.49
N GLU E 468 -50.34 62.62 -16.03
CA GLU E 468 -49.81 63.88 -15.52
C GLU E 468 -50.19 64.10 -14.04
N SER E 469 -49.28 64.67 -13.26
CA SER E 469 -49.51 64.93 -11.84
C SER E 469 -50.54 66.01 -11.65
N VAL E 470 -51.33 65.84 -10.59
CA VAL E 470 -52.36 66.80 -10.26
C VAL E 470 -51.78 67.94 -9.46
N ASP E 471 -50.87 67.61 -8.54
CA ASP E 471 -50.23 68.62 -7.68
C ASP E 471 -49.18 69.47 -8.39
N VAL E 472 -48.60 68.96 -9.48
CA VAL E 472 -47.60 69.73 -10.23
C VAL E 472 -47.93 69.74 -11.70
N PRO E 473 -49.02 70.39 -12.09
CA PRO E 473 -49.43 70.42 -13.50
C PRO E 473 -48.40 71.15 -14.36
N ALA E 474 -48.24 70.70 -15.60
CA ALA E 474 -47.27 71.29 -16.48
C ALA E 474 -47.85 72.38 -17.36
N GLN E 475 -47.49 73.61 -17.06
CA GLN E 475 -47.64 74.70 -18.02
C GLN E 475 -46.82 74.34 -19.28
N PRO E 476 -47.44 74.46 -20.46
CA PRO E 476 -46.72 74.20 -21.72
C PRO E 476 -45.78 75.36 -22.05
N ILE E 477 -44.80 75.08 -22.90
CA ILE E 477 -43.77 76.07 -23.22
C ILE E 477 -44.16 76.86 -24.46
N THR E 478 -44.03 78.17 -24.39
CA THR E 478 -44.43 79.03 -25.50
C THR E 478 -43.31 79.96 -25.94
N THR E 479 -43.39 80.41 -27.20
CA THR E 479 -42.40 81.34 -27.74
C THR E 479 -43.06 82.56 -28.38
N THR E 480 -42.40 83.70 -28.23
CA THR E 480 -42.75 84.95 -28.91
C THR E 480 -42.65 84.80 -30.40
N PHE E 481 -43.50 85.51 -31.16
CA PHE E 481 -43.36 85.61 -32.61
C PHE E 481 -41.93 86.05 -32.92
N LEU E 482 -41.46 87.05 -32.21
CA LEU E 482 -40.14 87.62 -32.48
C LEU E 482 -39.05 86.61 -32.24
N GLU E 483 -39.20 85.83 -31.18
CA GLU E 483 -38.25 84.75 -30.86
C GLU E 483 -38.10 83.74 -31.99
N ARG E 484 -39.23 83.36 -32.57
CA ARG E 484 -39.31 82.41 -33.66
C ARG E 484 -38.76 82.92 -34.99
N HIS E 485 -38.69 84.23 -35.19
CA HIS E 485 -38.41 84.77 -36.52
C HIS E 485 -37.28 85.74 -36.68
N LEU E 486 -36.74 86.24 -35.58
CA LEU E 486 -35.56 87.11 -35.68
C LEU E 486 -34.41 86.37 -36.40
N PRO E 487 -33.70 87.05 -37.29
CA PRO E 487 -32.52 86.47 -37.94
C PRO E 487 -31.37 86.11 -36.98
N SER E 488 -30.54 85.17 -37.41
CA SER E 488 -29.26 84.89 -36.77
C SER E 488 -28.30 86.00 -37.12
N VAL E 489 -27.11 86.03 -36.52
CA VAL E 489 -26.17 87.07 -36.90
C VAL E 489 -25.79 86.90 -38.36
N PRO E 490 -25.40 85.71 -38.81
CA PRO E 490 -25.17 85.48 -40.25
C PRO E 490 -26.41 85.77 -41.09
N GLY E 491 -27.58 85.33 -40.64
CA GLY E 491 -28.83 85.57 -41.36
C GLY E 491 -29.09 87.03 -41.61
N LEU E 492 -28.70 87.89 -40.66
CA LEU E 492 -28.83 89.33 -40.80
C LEU E 492 -27.80 89.81 -41.81
N LEU E 493 -26.58 89.32 -41.69
CA LEU E 493 -25.56 89.67 -42.66
C LEU E 493 -26.04 89.32 -44.08
N ARG E 494 -26.86 88.27 -44.19
CA ARG E 494 -27.48 87.91 -45.46
C ARG E 494 -28.56 88.91 -45.84
N LEU E 495 -29.48 89.22 -44.92
CA LEU E 495 -30.53 90.24 -45.15
C LEU E 495 -30.04 91.64 -45.63
N ILE E 496 -28.84 92.04 -45.19
CA ILE E 496 -28.16 93.30 -45.59
C ILE E 496 -27.41 93.16 -46.94
N GLY E 497 -26.86 91.98 -47.22
CA GLY E 497 -26.36 91.67 -48.56
C GLY E 497 -27.44 91.79 -49.65
N LEU E 498 -28.71 91.91 -49.23
CA LEU E 498 -29.88 92.08 -50.13
C LEU E 498 -30.23 93.56 -50.38
N THR E 499 -29.81 94.41 -49.44
CA THR E 499 -29.99 95.87 -49.51
C THR E 499 -28.79 96.58 -50.20
N THR E 500 -27.58 96.04 -50.01
CA THR E 500 -26.36 96.59 -50.61
C THR E 500 -26.04 96.06 -52.03
N ILE E 501 -26.62 94.92 -52.42
CA ILE E 501 -26.39 94.39 -53.78
C ILE E 501 -27.58 94.54 -54.74
N LYS F 4 2.13 34.73 1.44
CA LYS F 4 3.09 35.82 1.88
C LYS F 4 4.46 35.92 1.12
N CYS F 5 4.95 37.18 1.05
CA CYS F 5 5.79 37.64 -0.08
C CYS F 5 5.93 39.22 -0.10
N ASP F 6 7.08 39.73 -0.58
CA ASP F 6 7.44 41.15 -0.54
C ASP F 6 6.58 42.09 -1.41
N VAL F 7 6.50 41.78 -2.70
CA VAL F 7 5.74 42.53 -3.70
C VAL F 7 4.76 41.58 -4.36
N VAL F 8 3.48 41.96 -4.44
CA VAL F 8 2.49 41.24 -5.27
C VAL F 8 2.33 41.99 -6.58
N VAL F 9 2.58 41.29 -7.69
CA VAL F 9 2.41 41.84 -9.02
C VAL F 9 1.07 41.41 -9.58
N VAL F 10 0.18 42.38 -9.83
CA VAL F 10 -1.08 42.09 -10.51
C VAL F 10 -0.82 42.30 -12.00
N GLY F 11 -1.15 41.27 -12.77
CA GLY F 11 -0.89 41.34 -14.19
C GLY F 11 0.22 40.44 -14.62
N GLY F 12 -0.16 39.43 -15.39
CA GLY F 12 0.79 38.45 -15.91
C GLY F 12 1.34 38.63 -17.34
N GLY F 13 1.19 39.82 -17.93
CA GLY F 13 1.71 40.09 -19.26
C GLY F 13 3.18 40.46 -19.26
N ILE F 14 3.68 40.98 -20.36
CA ILE F 14 5.11 41.26 -20.46
C ILE F 14 5.57 42.26 -19.39
N SER F 15 4.78 43.32 -19.14
CA SER F 15 5.16 44.29 -18.12
C SER F 15 5.22 43.70 -16.71
N GLY F 16 4.17 42.99 -16.31
CA GLY F 16 4.18 42.33 -15.01
C GLY F 16 5.35 41.38 -14.83
N MET F 17 5.59 40.50 -15.80
CA MET F 17 6.71 39.57 -15.77
C MET F 17 8.06 40.32 -15.75
N ALA F 18 8.28 41.23 -16.68
CA ALA F 18 9.54 41.97 -16.72
C ALA F 18 9.86 42.48 -15.33
N ALA F 19 8.82 42.87 -14.59
CA ALA F 19 8.93 43.46 -13.28
C ALA F 19 9.15 42.37 -12.27
N ALA F 20 8.29 41.36 -12.26
CA ALA F 20 8.44 40.23 -11.34
C ALA F 20 9.88 39.68 -11.37
N LYS F 21 10.44 39.62 -12.58
CA LYS F 21 11.79 39.16 -12.77
C LYS F 21 12.78 40.12 -12.16
N LEU F 22 12.66 41.40 -12.43
CA LEU F 22 13.67 42.35 -11.92
C LEU F 22 13.80 42.28 -10.41
N LEU F 23 12.65 42.16 -9.76
CA LEU F 23 12.59 42.11 -8.33
C LEU F 23 13.16 40.77 -7.88
N HIS F 24 12.72 39.69 -8.52
CA HIS F 24 13.24 38.35 -8.20
C HIS F 24 14.78 38.25 -8.32
N ASP F 25 15.35 38.82 -9.37
CA ASP F 25 16.79 38.80 -9.58
C ASP F 25 17.49 39.57 -8.45
N SER F 26 16.76 40.43 -7.77
CA SER F 26 17.35 41.31 -6.77
C SER F 26 17.10 40.75 -5.39
N GLY F 27 16.71 39.48 -5.34
CA GLY F 27 16.56 38.76 -4.10
C GLY F 27 15.32 39.05 -3.27
N LEU F 28 14.24 39.45 -3.91
CA LEU F 28 12.97 39.66 -3.19
C LEU F 28 12.01 38.51 -3.46
N ASN F 29 11.13 38.24 -2.52
CA ASN F 29 10.08 37.24 -2.78
C ASN F 29 8.87 37.86 -3.47
N VAL F 30 8.60 37.47 -4.72
CA VAL F 30 7.50 38.09 -5.48
C VAL F 30 6.39 37.11 -5.72
N VAL F 31 5.29 37.60 -6.27
CA VAL F 31 4.18 36.74 -6.69
C VAL F 31 3.42 37.43 -7.81
N VAL F 32 3.16 36.69 -8.87
CA VAL F 32 2.39 37.22 -9.97
C VAL F 32 1.05 36.56 -9.92
N LEU F 33 0.02 37.39 -9.83
CA LEU F 33 -1.35 36.92 -9.85
C LEU F 33 -1.92 37.24 -11.21
N GLU F 34 -2.39 36.22 -11.91
CA GLU F 34 -2.82 36.38 -13.29
C GLU F 34 -4.19 35.77 -13.51
N ALA F 35 -5.08 36.58 -14.06
CA ALA F 35 -6.49 36.25 -14.16
C ALA F 35 -6.77 35.09 -15.12
N ARG F 36 -6.10 35.13 -16.29
CA ARG F 36 -6.30 34.16 -17.36
C ARG F 36 -5.60 32.82 -17.03
N ASP F 37 -5.82 31.80 -17.86
CA ASP F 37 -5.09 30.53 -17.71
C ASP F 37 -3.74 30.48 -18.48
N ARG F 38 -3.14 31.64 -18.75
CA ARG F 38 -1.92 31.73 -19.54
C ARG F 38 -1.27 33.04 -19.18
N VAL F 39 0.06 33.15 -19.25
CA VAL F 39 0.65 34.48 -19.18
C VAL F 39 0.62 35.07 -20.60
N GLY F 40 1.03 36.32 -20.77
CA GLY F 40 1.21 36.90 -22.10
C GLY F 40 0.32 38.10 -22.37
N GLY F 41 -0.92 38.01 -21.91
CA GLY F 41 -1.85 39.11 -22.04
C GLY F 41 -2.17 39.45 -23.46
N ARG F 42 -1.70 40.60 -23.87
CA ARG F 42 -1.95 41.10 -25.20
C ARG F 42 -0.94 40.59 -26.20
N THR F 43 -0.07 39.70 -25.74
CA THR F 43 0.64 38.80 -26.64
C THR F 43 0.06 37.42 -26.40
N TYR F 44 -0.12 36.67 -27.47
CA TYR F 44 -0.63 35.29 -27.39
C TYR F 44 -0.07 34.60 -28.63
N THR F 45 0.69 33.52 -28.42
CA THR F 45 1.21 32.73 -29.52
C THR F 45 0.47 31.40 -29.62
N LEU F 46 -0.35 31.25 -30.66
CA LEU F 46 -1.10 30.04 -30.88
C LEU F 46 -0.18 29.02 -31.49
N ARG F 47 -0.25 27.80 -30.93
CA ARG F 47 0.51 26.67 -31.45
C ARG F 47 -0.43 25.53 -31.80
N ASN F 48 -0.28 25.07 -33.03
CA ASN F 48 -1.03 23.95 -33.60
C ASN F 48 -0.39 23.54 -34.94
N GLN F 49 -0.86 22.40 -35.45
CA GLN F 49 -0.18 21.73 -36.56
C GLN F 49 -0.23 22.45 -37.91
N LYS F 50 -1.36 23.11 -38.19
CA LYS F 50 -1.59 23.76 -39.46
C LYS F 50 -0.77 25.02 -39.55
N VAL F 51 -0.27 25.47 -38.39
CA VAL F 51 0.23 26.82 -38.26
C VAL F 51 1.65 26.87 -37.70
N LYS F 52 2.06 25.74 -37.09
CA LYS F 52 3.27 25.64 -36.26
C LYS F 52 3.10 26.56 -35.06
N TYR F 53 3.43 27.84 -35.24
CA TYR F 53 3.12 28.88 -34.26
C TYR F 53 2.63 30.15 -34.98
N VAL F 54 1.74 30.90 -34.33
CA VAL F 54 1.29 32.20 -34.86
C VAL F 54 1.04 33.26 -33.78
N ASP F 55 1.56 34.47 -33.97
CA ASP F 55 1.20 35.53 -33.05
C ASP F 55 -0.18 36.12 -33.34
N LEU F 56 -1.14 35.81 -32.47
CA LEU F 56 -2.45 36.40 -32.57
C LEU F 56 -2.55 37.77 -31.88
N GLY F 57 -1.49 38.12 -31.12
CA GLY F 57 -1.45 39.34 -30.36
C GLY F 57 -0.25 40.12 -30.78
N GLY F 58 0.46 40.69 -29.82
CA GLY F 58 1.54 41.62 -30.10
C GLY F 58 2.68 40.88 -30.74
N SER F 59 3.35 41.48 -31.71
CA SER F 59 4.21 40.68 -32.56
C SER F 59 5.52 41.28 -33.08
N TYR F 60 5.44 42.46 -33.70
CA TYR F 60 6.63 43.07 -34.33
C TYR F 60 7.55 43.83 -33.33
N VAL F 61 8.84 43.80 -33.60
CA VAL F 61 9.86 44.52 -32.80
C VAL F 61 10.86 45.14 -33.78
N GLY F 62 11.38 46.30 -33.42
CA GLY F 62 12.21 47.03 -34.37
C GLY F 62 13.40 47.73 -33.76
N PRO F 63 14.25 48.32 -34.59
CA PRO F 63 15.34 49.16 -34.12
C PRO F 63 14.79 50.25 -33.16
N THR F 64 15.60 50.58 -32.13
CA THR F 64 15.28 51.49 -31.02
C THR F 64 14.43 50.84 -29.94
N GLN F 65 13.95 49.65 -30.18
CA GLN F 65 13.13 49.00 -29.17
C GLN F 65 14.02 48.13 -28.32
N ASN F 66 15.04 48.74 -27.75
CA ASN F 66 16.13 47.98 -27.14
C ASN F 66 15.80 47.14 -25.92
N ARG F 67 14.82 47.57 -25.12
CA ARG F 67 14.53 46.84 -23.90
C ARG F 67 13.97 45.46 -24.20
N ILE F 68 12.92 45.40 -25.02
CA ILE F 68 12.31 44.10 -25.31
C ILE F 68 13.28 43.22 -26.06
N LEU F 69 14.06 43.83 -26.95
CA LEU F 69 15.09 43.13 -27.67
C LEU F 69 16.08 42.49 -26.70
N ARG F 70 16.55 43.24 -25.70
CA ARG F 70 17.47 42.71 -24.66
C ARG F 70 16.86 41.60 -23.79
N LEU F 71 15.69 41.87 -23.23
CA LEU F 71 15.03 40.90 -22.37
C LEU F 71 14.79 39.62 -23.16
N ALA F 72 14.50 39.77 -24.45
CA ALA F 72 14.22 38.59 -25.29
C ALA F 72 15.49 37.77 -25.49
N LYS F 73 16.58 38.45 -25.84
CA LYS F 73 17.86 37.79 -26.07
C LYS F 73 18.24 37.00 -24.84
N GLU F 74 18.34 37.69 -23.69
CA GLU F 74 18.70 37.01 -22.45
C GLU F 74 17.84 35.77 -22.18
N LEU F 75 16.61 35.80 -22.64
CA LEU F 75 15.71 34.73 -22.33
C LEU F 75 15.91 33.60 -23.32
N GLY F 76 16.83 33.82 -24.27
CA GLY F 76 17.19 32.84 -25.30
C GLY F 76 16.62 32.97 -26.71
N LEU F 77 15.79 33.99 -26.94
CA LEU F 77 15.04 34.14 -28.19
C LEU F 77 15.82 34.82 -29.34
N GLU F 78 15.40 34.53 -30.57
CA GLU F 78 16.02 35.13 -31.76
C GLU F 78 14.99 35.84 -32.66
N THR F 79 15.43 36.84 -33.42
CA THR F 79 14.50 37.50 -34.34
C THR F 79 14.77 37.16 -35.78
N TYR F 80 13.78 37.42 -36.62
CA TYR F 80 13.99 37.35 -38.06
C TYR F 80 13.36 38.54 -38.77
N LYS F 81 13.89 38.90 -39.92
CA LYS F 81 13.30 40.01 -40.69
C LYS F 81 11.94 39.70 -41.33
N VAL F 82 10.95 40.55 -41.06
CA VAL F 82 9.65 40.51 -41.77
C VAL F 82 9.98 40.71 -43.26
N ASN F 83 9.28 40.02 -44.15
CA ASN F 83 9.65 40.10 -45.57
C ASN F 83 9.37 41.43 -46.24
N GLU F 84 10.39 42.09 -46.74
CA GLU F 84 10.14 43.28 -47.56
C GLU F 84 11.06 43.33 -48.80
N VAL F 85 11.43 42.17 -49.32
CA VAL F 85 12.37 42.16 -50.44
C VAL F 85 11.75 42.80 -51.69
N GLU F 86 10.51 42.38 -52.00
CA GLU F 86 9.81 42.74 -53.26
C GLU F 86 9.02 44.04 -53.13
N ARG F 87 8.06 44.31 -54.01
CA ARG F 87 7.42 45.63 -54.03
C ARG F 87 6.22 45.70 -53.07
N LEU F 88 5.98 46.86 -52.46
CA LEU F 88 4.74 47.06 -51.72
C LEU F 88 3.61 47.58 -52.64
N ILE F 89 2.36 47.40 -52.23
CA ILE F 89 1.23 47.88 -53.02
C ILE F 89 0.45 48.88 -52.22
N HIS F 90 0.26 50.05 -52.81
CA HIS F 90 -0.79 50.96 -52.42
C HIS F 90 -1.98 50.72 -53.38
N HIS F 91 -3.11 50.33 -52.81
CA HIS F 91 -4.32 50.07 -53.58
C HIS F 91 -5.27 51.23 -53.35
N VAL F 92 -5.49 52.05 -54.40
CA VAL F 92 -6.36 53.22 -54.25
C VAL F 92 -7.34 53.43 -55.41
N LYS F 93 -8.58 53.74 -55.04
CA LYS F 93 -9.72 53.85 -55.95
C LYS F 93 -9.85 52.64 -56.88
N GLY F 94 -9.77 51.46 -56.31
CA GLY F 94 -9.94 50.22 -57.03
C GLY F 94 -8.76 49.69 -57.85
N LYS F 95 -7.60 50.35 -57.75
CA LYS F 95 -6.43 49.97 -58.58
C LYS F 95 -5.19 49.80 -57.74
N SER F 96 -4.27 48.92 -58.16
CA SER F 96 -3.07 48.64 -57.36
C SER F 96 -1.83 49.29 -57.94
N TYR F 97 -1.14 50.12 -57.16
CA TYR F 97 0.11 50.72 -57.61
C TYR F 97 1.27 50.25 -56.75
N PRO F 98 2.22 49.54 -57.34
CA PRO F 98 3.36 49.01 -56.63
C PRO F 98 4.33 50.10 -56.37
N PHE F 99 5.15 49.95 -55.34
CA PHE F 99 6.16 50.95 -54.99
C PHE F 99 7.22 50.38 -54.04
N ARG F 100 8.28 51.17 -53.83
CA ARG F 100 9.37 50.86 -52.88
C ARG F 100 9.54 51.98 -51.84
N GLY F 101 10.32 51.73 -50.79
CA GLY F 101 10.47 52.71 -49.70
C GLY F 101 9.26 52.69 -48.77
N PRO F 102 9.27 53.53 -47.73
CA PRO F 102 8.23 53.51 -46.67
C PRO F 102 6.90 54.12 -47.07
N PHE F 103 6.94 55.19 -47.88
CA PHE F 103 5.76 55.96 -48.24
C PHE F 103 5.36 55.67 -49.69
N PRO F 104 4.07 55.48 -49.93
CA PRO F 104 3.59 55.30 -51.30
C PRO F 104 3.79 56.61 -52.04
N PRO F 105 4.25 56.59 -53.28
CA PRO F 105 4.61 57.82 -53.97
C PRO F 105 3.37 58.54 -54.47
N VAL F 106 3.49 59.85 -54.63
CA VAL F 106 2.39 60.65 -55.10
C VAL F 106 2.91 61.55 -56.21
N TRP F 107 2.15 61.63 -57.31
CA TRP F 107 2.69 62.23 -58.55
C TRP F 107 2.29 63.66 -58.78
N ASN F 108 1.00 63.96 -58.56
CA ASN F 108 0.47 65.32 -58.65
C ASN F 108 1.30 66.27 -57.77
N PRO F 109 1.83 67.37 -58.32
CA PRO F 109 2.75 68.19 -57.54
C PRO F 109 2.07 68.93 -56.38
N ILE F 110 0.82 69.37 -56.55
CA ILE F 110 0.07 69.98 -55.48
C ILE F 110 -0.10 68.95 -54.37
N THR F 111 -0.82 67.87 -54.66
CA THR F 111 -0.98 66.79 -53.71
C THR F 111 0.33 66.45 -53.01
N TYR F 112 1.42 66.46 -53.75
CA TYR F 112 2.72 66.10 -53.19
C TYR F 112 3.13 67.05 -52.08
N LEU F 113 2.92 68.34 -52.32
CA LEU F 113 3.29 69.35 -51.35
C LEU F 113 2.51 69.12 -50.04
N ASP F 114 1.22 68.87 -50.18
CA ASP F 114 0.29 68.65 -49.08
C ASP F 114 0.73 67.44 -48.26
N HIS F 115 1.02 66.33 -48.95
CA HIS F 115 1.33 65.08 -48.28
C HIS F 115 2.59 65.27 -47.49
N ASN F 116 3.60 65.84 -48.14
CA ASN F 116 4.90 66.00 -47.51
C ASN F 116 4.81 66.95 -46.31
N ASN F 117 3.99 67.99 -46.43
CA ASN F 117 3.75 68.89 -45.32
C ASN F 117 3.02 68.23 -44.15
N PHE F 118 2.09 67.33 -44.45
CA PHE F 118 1.37 66.64 -43.37
C PHE F 118 2.31 65.87 -42.49
N TRP F 119 3.07 64.96 -43.10
CA TRP F 119 3.94 64.07 -42.34
C TRP F 119 4.93 64.88 -41.54
N ARG F 120 5.34 66.00 -42.13
CA ARG F 120 6.38 66.85 -41.58
C ARG F 120 5.85 67.62 -40.37
N THR F 121 4.58 67.98 -40.44
CA THR F 121 3.92 68.77 -39.40
C THR F 121 3.56 67.91 -38.19
N MET F 122 3.31 66.62 -38.43
CA MET F 122 3.07 65.69 -37.33
C MET F 122 4.32 65.72 -36.52
N ASP F 123 5.45 65.66 -37.21
CA ASP F 123 6.71 65.59 -36.54
C ASP F 123 7.12 66.94 -35.92
N ASP F 124 6.87 68.04 -36.61
CA ASP F 124 7.11 69.41 -36.10
C ASP F 124 6.38 69.59 -34.80
N MET F 125 5.08 69.36 -34.83
CA MET F 125 4.25 69.41 -33.64
C MET F 125 4.73 68.51 -32.51
N GLY F 126 5.24 67.35 -32.87
CA GLY F 126 5.68 66.41 -31.86
C GLY F 126 6.89 66.90 -31.07
N ARG F 127 7.72 67.72 -31.73
CA ARG F 127 9.02 68.11 -31.17
C ARG F 127 8.79 68.95 -29.93
N GLU F 128 7.59 69.52 -29.88
CA GLU F 128 7.14 70.40 -28.82
C GLU F 128 6.52 69.63 -27.63
N ILE F 129 6.44 68.31 -27.71
CA ILE F 129 5.74 67.55 -26.68
C ILE F 129 6.68 66.62 -25.96
N PRO F 130 6.89 66.81 -24.67
CA PRO F 130 7.76 65.93 -23.88
C PRO F 130 7.18 64.53 -23.60
N SER F 131 7.97 63.48 -23.82
CA SER F 131 7.48 62.12 -23.66
C SER F 131 7.09 61.87 -22.21
N ASP F 132 8.09 62.07 -21.37
CA ASP F 132 8.02 62.45 -19.96
C ASP F 132 6.65 62.95 -19.49
N ALA F 133 6.20 64.05 -20.08
CA ALA F 133 4.99 64.72 -19.64
C ALA F 133 4.35 65.56 -20.78
N PRO F 134 3.53 64.92 -21.63
CA PRO F 134 2.93 65.57 -22.79
C PRO F 134 2.07 66.78 -22.42
N TRP F 135 1.49 66.74 -21.23
CA TRP F 135 0.66 67.81 -20.76
C TRP F 135 1.42 69.13 -20.50
N LYS F 136 2.75 69.06 -20.57
CA LYS F 136 3.55 70.26 -20.34
C LYS F 136 3.87 70.96 -21.66
N ALA F 137 3.36 70.42 -22.75
CA ALA F 137 3.54 71.07 -24.05
C ALA F 137 3.06 72.49 -23.94
N PRO F 138 3.74 73.42 -24.62
CA PRO F 138 3.28 74.81 -24.74
C PRO F 138 1.81 74.96 -25.11
N LEU F 139 1.32 74.16 -26.06
CA LEU F 139 -0.07 74.27 -26.50
C LEU F 139 -0.92 73.08 -26.08
N ALA F 140 -0.57 72.46 -24.95
CA ALA F 140 -1.27 71.28 -24.45
C ALA F 140 -2.77 71.47 -24.42
N GLU F 141 -3.27 72.54 -23.83
CA GLU F 141 -4.71 72.78 -23.74
C GLU F 141 -5.39 72.77 -25.09
N GLU F 142 -4.90 73.63 -25.99
CA GLU F 142 -5.49 73.80 -27.32
C GLU F 142 -5.52 72.49 -28.06
N TRP F 143 -4.38 71.78 -28.05
CA TRP F 143 -4.17 70.56 -28.80
C TRP F 143 -4.97 69.42 -28.22
N ASP F 144 -4.98 69.30 -26.91
CA ASP F 144 -5.76 68.26 -26.23
C ASP F 144 -7.27 68.49 -26.27
N ASN F 145 -7.69 69.74 -26.48
CA ASN F 145 -9.12 70.06 -26.54
C ASN F 145 -9.73 69.83 -27.90
N MET F 146 -8.94 69.23 -28.79
CA MET F 146 -9.29 69.13 -30.20
C MET F 146 -8.99 67.72 -30.66
N THR F 147 -9.87 67.15 -31.48
CA THR F 147 -9.68 65.77 -31.96
C THR F 147 -8.71 65.67 -33.14
N MET F 148 -8.34 64.45 -33.51
CA MET F 148 -7.41 64.26 -34.62
C MET F 148 -8.08 64.59 -35.94
N LYS F 149 -9.37 64.34 -36.01
CA LYS F 149 -10.16 64.66 -37.18
C LYS F 149 -10.20 66.15 -37.44
N GLU F 150 -10.27 66.91 -36.36
CA GLU F 150 -10.26 68.36 -36.41
C GLU F 150 -8.92 68.85 -36.95
N LEU F 151 -7.83 68.31 -36.41
CA LEU F 151 -6.50 68.68 -36.82
C LEU F 151 -6.33 68.36 -38.28
N LEU F 152 -6.77 67.17 -38.66
CA LEU F 152 -6.66 66.75 -40.05
C LEU F 152 -7.46 67.62 -41.01
N ASP F 153 -8.70 67.93 -40.66
CA ASP F 153 -9.53 68.79 -41.49
C ASP F 153 -8.82 70.12 -41.72
N LYS F 154 -7.98 70.54 -40.77
CA LYS F 154 -7.38 71.86 -40.76
C LYS F 154 -6.11 71.85 -41.57
N LEU F 155 -5.34 70.78 -41.42
CA LEU F 155 -3.99 70.65 -41.97
C LEU F 155 -3.88 70.22 -43.43
N CYS F 156 -4.89 69.50 -43.93
CA CYS F 156 -4.81 68.78 -45.19
C CYS F 156 -5.63 69.45 -46.25
N TRP F 157 -4.97 69.96 -47.29
CA TRP F 157 -5.70 70.68 -48.35
C TRP F 157 -6.24 69.77 -49.46
N THR F 158 -5.84 68.49 -49.45
CA THR F 158 -6.26 67.52 -50.46
C THR F 158 -6.94 66.34 -49.81
N GLU F 159 -7.97 65.82 -50.48
CA GLU F 159 -8.64 64.63 -49.99
C GLU F 159 -7.72 63.41 -49.95
N SER F 160 -6.78 63.32 -50.88
CA SER F 160 -5.84 62.20 -50.87
C SER F 160 -5.01 62.15 -49.58
N ALA F 161 -4.64 63.31 -49.06
CA ALA F 161 -3.85 63.37 -47.83
C ALA F 161 -4.68 63.07 -46.57
N LYS F 162 -5.92 63.57 -46.55
CA LYS F 162 -6.81 63.39 -45.41
C LYS F 162 -7.06 61.91 -45.26
N GLN F 163 -7.05 61.24 -46.40
CA GLN F 163 -7.38 59.84 -46.40
C GLN F 163 -6.23 58.98 -45.90
N LEU F 164 -5.03 59.26 -46.37
CA LEU F 164 -3.85 58.54 -45.90
C LEU F 164 -3.64 58.81 -44.43
N ALA F 165 -3.76 60.07 -44.02
CA ALA F 165 -3.61 60.47 -42.63
C ALA F 165 -4.57 59.67 -41.74
N THR F 166 -5.83 59.62 -42.14
CA THR F 166 -6.85 58.84 -41.43
C THR F 166 -6.43 57.38 -41.31
N LEU F 167 -6.01 56.79 -42.42
CA LEU F 167 -5.58 55.42 -42.35
C LEU F 167 -4.45 55.30 -41.36
N PHE F 168 -3.49 56.22 -41.46
CA PHE F 168 -2.37 56.28 -40.54
C PHE F 168 -2.80 56.31 -39.09
N VAL F 169 -3.80 57.14 -38.78
CA VAL F 169 -4.34 57.17 -37.41
C VAL F 169 -5.02 55.85 -37.05
N ASN F 170 -5.98 55.43 -37.86
CA ASN F 170 -6.63 54.12 -37.68
C ASN F 170 -5.66 52.97 -37.41
N LEU F 171 -4.55 52.99 -38.13
CA LEU F 171 -3.68 51.88 -38.10
C LEU F 171 -2.78 51.94 -36.87
N CYS F 172 -2.41 53.15 -36.45
CA CYS F 172 -1.56 53.33 -35.27
C CYS F 172 -2.20 53.05 -33.94
N VAL F 173 -3.48 53.40 -33.81
CA VAL F 173 -4.13 53.44 -32.52
C VAL F 173 -5.49 52.77 -32.50
N THR F 174 -5.90 52.17 -33.61
CA THR F 174 -7.14 51.34 -33.71
C THR F 174 -8.31 52.08 -33.17
N ALA F 175 -8.42 53.34 -33.59
CA ALA F 175 -9.50 54.23 -33.18
C ALA F 175 -9.73 55.22 -34.29
N GLU F 176 -10.87 55.89 -34.26
CA GLU F 176 -11.21 56.84 -35.29
C GLU F 176 -10.57 58.18 -34.99
N THR F 177 -10.38 59.01 -36.02
CA THR F 177 -9.75 60.29 -35.78
C THR F 177 -10.60 61.15 -34.90
N HIS F 178 -11.89 61.02 -35.04
CA HIS F 178 -12.79 61.78 -34.20
C HIS F 178 -12.89 61.21 -32.79
N GLU F 179 -12.29 60.07 -32.53
CA GLU F 179 -12.39 59.51 -31.18
C GLU F 179 -11.31 60.04 -30.24
N VAL F 180 -10.20 60.50 -30.82
CA VAL F 180 -8.98 60.68 -30.08
C VAL F 180 -8.51 62.13 -30.04
N SER F 181 -7.93 62.53 -28.91
CA SER F 181 -7.36 63.84 -28.78
C SER F 181 -6.10 64.01 -29.60
N ALA F 182 -5.97 65.14 -30.28
CA ALA F 182 -4.79 65.48 -31.07
C ALA F 182 -3.51 65.48 -30.23
N LEU F 183 -3.53 66.13 -29.08
CA LEU F 183 -2.35 66.16 -28.24
C LEU F 183 -1.88 64.75 -27.98
N TRP F 184 -2.77 63.88 -27.56
CA TRP F 184 -2.40 62.52 -27.22
C TRP F 184 -1.84 61.78 -28.41
N PHE F 185 -2.50 61.89 -29.56
CA PHE F 185 -2.02 61.18 -30.74
C PHE F 185 -0.64 61.65 -31.14
N LEU F 186 -0.42 62.96 -31.14
CA LEU F 186 0.88 63.49 -31.53
C LEU F 186 1.98 62.99 -30.57
N TRP F 187 1.65 62.91 -29.29
CA TRP F 187 2.57 62.39 -28.29
C TRP F 187 2.94 60.95 -28.60
N TYR F 188 1.91 60.14 -28.82
CA TYR F 188 2.06 58.75 -29.17
C TYR F 188 3.08 58.51 -30.28
N VAL F 189 2.86 59.18 -31.41
CA VAL F 189 3.72 59.02 -32.56
C VAL F 189 5.14 59.47 -32.24
N LYS F 190 5.28 60.61 -31.56
CA LYS F 190 6.62 61.12 -31.26
C LYS F 190 7.42 60.28 -30.26
N GLN F 191 6.75 59.69 -29.27
CA GLN F 191 7.43 58.81 -28.30
C GLN F 191 7.86 57.49 -28.93
N CYS F 192 7.55 57.28 -30.20
CA CYS F 192 8.10 56.13 -30.93
C CYS F 192 9.24 56.55 -31.86
N GLY F 193 9.42 57.85 -32.06
CA GLY F 193 10.49 58.34 -32.88
C GLY F 193 10.03 58.97 -34.17
N GLY F 194 8.79 59.45 -34.17
CA GLY F 194 8.20 60.20 -35.28
C GLY F 194 7.63 59.30 -36.34
N THR F 195 7.10 59.92 -37.39
CA THR F 195 6.35 59.20 -38.41
C THR F 195 7.13 58.14 -39.18
N THR F 196 8.33 58.47 -39.66
CA THR F 196 9.11 57.47 -40.38
C THR F 196 9.36 56.23 -39.54
N ARG F 197 9.81 56.42 -38.30
CA ARG F 197 10.11 55.26 -37.48
C ARG F 197 8.89 54.37 -37.32
N ILE F 198 7.74 54.98 -37.03
CA ILE F 198 6.57 54.21 -36.64
C ILE F 198 5.99 53.47 -37.84
N ILE F 199 6.07 54.08 -39.01
CA ILE F 199 5.41 53.49 -40.17
C ILE F 199 6.28 52.50 -40.91
N SER F 200 7.59 52.56 -40.69
CA SER F 200 8.54 51.73 -41.42
C SER F 200 8.60 50.25 -41.02
N THR F 201 8.65 49.38 -42.03
CA THR F 201 9.04 47.98 -41.86
C THR F 201 10.59 47.88 -41.78
N THR F 202 11.28 47.97 -42.92
CA THR F 202 12.74 48.03 -42.90
C THR F 202 13.10 49.30 -42.15
N ASN F 203 13.97 49.14 -41.16
CA ASN F 203 14.43 50.22 -40.29
C ASN F 203 13.38 50.93 -39.43
N GLY F 204 12.32 50.23 -39.05
CA GLY F 204 11.32 50.77 -38.18
C GLY F 204 10.63 49.73 -37.31
N GLY F 205 9.42 50.10 -36.87
CA GLY F 205 8.70 49.38 -35.85
C GLY F 205 8.30 47.98 -36.25
N GLN F 206 8.12 47.76 -37.56
CA GLN F 206 7.66 46.44 -37.99
C GLN F 206 8.76 45.62 -38.69
N GLU F 207 10.03 45.97 -38.43
CA GLU F 207 11.16 45.26 -39.04
C GLU F 207 11.18 43.76 -38.79
N ARG F 208 10.92 43.34 -37.56
CA ARG F 208 11.19 41.97 -37.17
C ARG F 208 10.13 41.30 -36.32
N LYS F 209 10.18 39.99 -36.26
CA LYS F 209 9.37 39.22 -35.33
C LYS F 209 10.29 38.22 -34.63
N PHE F 210 9.82 37.67 -33.52
CA PHE F 210 10.56 36.66 -32.77
C PHE F 210 10.30 35.31 -33.37
N VAL F 211 11.36 34.55 -33.65
CA VAL F 211 11.27 33.14 -34.04
C VAL F 211 10.59 32.37 -32.92
N GLY F 212 9.50 31.68 -33.25
CA GLY F 212 8.86 30.85 -32.28
C GLY F 212 7.75 31.56 -31.56
N GLY F 213 7.67 32.90 -31.72
CA GLY F 213 6.56 33.69 -31.17
C GLY F 213 6.96 34.59 -30.02
N SER F 214 6.06 35.49 -29.59
CA SER F 214 6.43 36.44 -28.55
C SER F 214 5.87 36.04 -27.21
N GLY F 215 4.81 35.22 -27.24
CA GLY F 215 4.31 34.56 -26.02
C GLY F 215 5.46 33.96 -25.26
N GLN F 216 6.42 33.42 -26.00
CA GLN F 216 7.65 32.89 -25.45
C GLN F 216 8.25 33.80 -24.38
N VAL F 217 8.24 35.13 -24.60
CA VAL F 217 8.85 36.09 -23.69
C VAL F 217 8.32 35.92 -22.25
N SER F 218 7.01 36.04 -22.05
CA SER F 218 6.50 35.94 -20.68
C SER F 218 6.41 34.50 -20.20
N GLU F 219 6.26 33.57 -21.14
CA GLU F 219 6.31 32.15 -20.84
C GLU F 219 7.63 31.78 -20.18
N ARG F 220 8.73 32.12 -20.84
CA ARG F 220 10.03 31.73 -20.34
C ARG F 220 10.33 32.38 -18.99
N ILE F 221 9.75 33.55 -18.71
CA ILE F 221 9.90 34.20 -17.42
C ILE F 221 9.11 33.41 -16.39
N MET F 222 7.97 32.87 -16.80
CA MET F 222 7.16 32.07 -15.89
C MET F 222 7.98 30.86 -15.47
N ASP F 223 8.81 30.36 -16.39
CA ASP F 223 9.65 29.20 -16.11
C ASP F 223 10.66 29.54 -15.03
N LEU F 224 11.31 30.70 -15.13
CA LEU F 224 12.34 31.12 -14.19
C LEU F 224 11.76 31.32 -12.81
N LEU F 225 10.43 31.46 -12.73
CA LEU F 225 9.78 31.81 -11.47
C LEU F 225 9.13 30.61 -10.75
N GLY F 226 9.27 29.43 -11.35
CA GLY F 226 8.63 28.22 -10.85
C GLY F 226 7.22 28.54 -10.41
N ASP F 227 6.84 28.05 -9.24
CA ASP F 227 5.47 28.11 -8.75
C ASP F 227 4.98 29.51 -8.35
N ARG F 228 5.81 30.53 -8.58
CA ARG F 228 5.45 31.91 -8.18
C ARG F 228 4.35 32.62 -9.00
N VAL F 229 4.17 32.29 -10.27
CA VAL F 229 3.08 32.84 -11.06
C VAL F 229 1.84 32.01 -10.81
N LYS F 230 0.76 32.67 -10.41
CA LYS F 230 -0.49 31.95 -10.10
C LYS F 230 -1.55 32.24 -11.17
N LEU F 231 -1.74 31.28 -12.07
CA LEU F 231 -2.77 31.43 -13.10
C LEU F 231 -4.18 31.27 -12.56
N GLU F 232 -5.15 31.70 -13.34
CA GLU F 232 -6.56 31.66 -12.95
C GLU F 232 -6.89 32.38 -11.63
N ARG F 233 -6.15 33.46 -11.36
CA ARG F 233 -6.29 34.25 -10.14
C ARG F 233 -6.59 35.76 -10.44
N PRO F 234 -7.81 36.10 -10.84
CA PRO F 234 -8.15 37.50 -11.09
C PRO F 234 -8.27 38.24 -9.76
N VAL F 235 -7.49 39.30 -9.58
CA VAL F 235 -7.61 40.12 -8.38
C VAL F 235 -8.94 40.86 -8.35
N ILE F 236 -9.66 40.86 -7.22
CA ILE F 236 -10.95 41.60 -7.08
C ILE F 236 -11.01 42.66 -5.99
N TYR F 237 -9.98 42.75 -5.14
CA TYR F 237 -10.04 43.53 -3.90
C TYR F 237 -8.61 43.79 -3.43
N ILE F 238 -8.24 45.05 -3.29
CA ILE F 238 -6.99 45.40 -2.65
C ILE F 238 -7.32 46.26 -1.45
N ASP F 239 -6.74 45.93 -0.30
CA ASP F 239 -7.03 46.55 1.00
C ASP F 239 -5.74 47.11 1.61
N GLN F 240 -5.69 48.42 1.82
CA GLN F 240 -4.46 49.05 2.28
C GLN F 240 -4.62 49.67 3.67
N THR F 241 -5.69 49.27 4.38
CA THR F 241 -5.99 49.79 5.73
C THR F 241 -4.91 49.44 6.78
N ARG F 242 -4.47 48.19 6.77
CA ARG F 242 -3.50 47.67 7.75
C ARG F 242 -2.03 48.02 7.40
N GLU F 243 -1.11 47.39 8.15
CA GLU F 243 0.36 47.50 7.94
C GLU F 243 0.80 46.84 6.60
N ASN F 244 0.32 45.62 6.34
CA ASN F 244 0.56 44.94 5.07
C ASN F 244 -0.63 45.08 4.14
N VAL F 245 -0.36 45.12 2.83
CA VAL F 245 -1.42 45.22 1.83
C VAL F 245 -2.03 43.84 1.61
N LEU F 246 -3.34 43.71 1.74
CA LEU F 246 -4.02 42.47 1.38
C LEU F 246 -4.55 42.57 -0.03
N VAL F 247 -4.33 41.54 -0.83
CA VAL F 247 -4.81 41.42 -2.20
C VAL F 247 -5.66 40.14 -2.28
N GLU F 248 -6.90 40.26 -2.72
CA GLU F 248 -7.79 39.09 -2.76
C GLU F 248 -8.25 38.70 -4.19
N THR F 249 -8.27 37.41 -4.48
CA THR F 249 -8.64 36.94 -5.81
C THR F 249 -10.07 36.45 -5.89
N LEU F 250 -10.56 36.25 -7.11
CA LEU F 250 -11.94 35.86 -7.32
C LEU F 250 -12.30 34.50 -6.70
N ASN F 251 -11.31 33.62 -6.63
CA ASN F 251 -11.51 32.28 -6.05
C ASN F 251 -11.31 32.25 -4.52
N HIS F 252 -10.94 33.39 -3.94
CA HIS F 252 -10.98 33.58 -2.49
C HIS F 252 -9.65 33.54 -1.77
N GLU F 253 -8.57 33.24 -2.47
CA GLU F 253 -7.27 33.26 -1.84
C GLU F 253 -6.88 34.67 -1.41
N MET F 254 -6.12 34.79 -0.32
CA MET F 254 -5.62 36.08 0.16
C MET F 254 -4.10 36.09 0.05
N TYR F 255 -3.56 37.22 -0.41
CA TYR F 255 -2.11 37.39 -0.49
C TYR F 255 -1.76 38.67 0.25
N GLU F 256 -0.62 38.69 0.94
CA GLU F 256 -0.23 39.82 1.78
C GLU F 256 1.11 40.30 1.31
N ALA F 257 1.30 41.61 1.18
CA ALA F 257 2.60 42.14 0.72
C ALA F 257 2.93 43.52 1.21
N LYS F 258 4.22 43.80 1.27
CA LYS F 258 4.66 45.14 1.58
C LYS F 258 4.26 46.15 0.49
N TYR F 259 4.27 45.70 -0.75
CA TYR F 259 4.03 46.54 -1.93
C TYR F 259 3.23 45.81 -3.01
N VAL F 260 2.60 46.57 -3.91
CA VAL F 260 1.91 46.01 -5.07
C VAL F 260 2.26 46.76 -6.35
N ILE F 261 2.56 46.00 -7.41
CA ILE F 261 2.65 46.54 -8.78
C ILE F 261 1.37 46.15 -9.51
N SER F 262 0.67 47.16 -10.02
CA SER F 262 -0.47 46.93 -10.90
C SER F 262 0.02 47.08 -12.33
N ALA F 263 0.00 45.95 -13.04
CA ALA F 263 0.52 45.92 -14.39
C ALA F 263 -0.60 45.47 -15.32
N ILE F 264 -1.81 45.94 -15.07
CA ILE F 264 -2.91 45.75 -15.97
C ILE F 264 -3.31 47.06 -16.65
N PRO F 265 -4.05 46.98 -17.76
CA PRO F 265 -4.34 48.21 -18.53
C PRO F 265 -5.08 49.16 -17.61
N PRO F 266 -4.79 50.45 -17.68
CA PRO F 266 -5.32 51.42 -16.74
C PRO F 266 -6.77 51.16 -16.42
N THR F 267 -7.61 51.21 -17.44
CA THR F 267 -9.04 51.14 -17.21
C THR F 267 -9.47 49.88 -16.48
N LEU F 268 -8.63 48.85 -16.50
CA LEU F 268 -9.04 47.57 -16.00
C LEU F 268 -8.86 47.49 -14.50
N GLY F 269 -8.36 48.59 -13.92
CA GLY F 269 -8.31 48.75 -12.47
C GLY F 269 -9.73 48.78 -11.91
N MET F 270 -10.67 49.15 -12.78
CA MET F 270 -12.07 49.28 -12.42
C MET F 270 -12.52 47.97 -11.90
N LYS F 271 -11.84 46.90 -12.27
CA LYS F 271 -12.29 45.56 -11.94
C LYS F 271 -11.93 45.12 -10.51
N ILE F 272 -11.26 46.01 -9.80
CA ILE F 272 -10.79 45.73 -8.47
C ILE F 272 -11.59 46.64 -7.58
N HIS F 273 -12.10 46.14 -6.45
CA HIS F 273 -12.67 47.00 -5.39
C HIS F 273 -11.61 47.51 -4.37
N PHE F 274 -11.52 48.82 -4.14
CA PHE F 274 -10.44 49.37 -3.30
C PHE F 274 -10.85 49.85 -1.90
N ASN F 275 -9.95 49.72 -0.93
CA ASN F 275 -10.20 50.16 0.43
C ASN F 275 -8.91 50.59 1.06
N PRO F 276 -8.77 51.86 1.43
CA PRO F 276 -9.81 52.87 1.27
C PRO F 276 -10.04 53.19 -0.21
N PRO F 277 -11.15 53.85 -0.52
CA PRO F 277 -11.41 54.28 -1.90
C PRO F 277 -10.19 54.93 -2.50
N LEU F 278 -10.02 54.83 -3.83
CA LEU F 278 -8.90 55.48 -4.51
C LEU F 278 -9.11 56.96 -4.41
N PRO F 279 -8.02 57.72 -4.48
CA PRO F 279 -8.10 59.16 -4.65
C PRO F 279 -9.04 59.57 -5.79
N MET F 280 -9.71 60.68 -5.62
CA MET F 280 -10.63 61.14 -6.65
C MET F 280 -10.04 61.06 -8.05
N MET F 281 -8.89 61.69 -8.26
CA MET F 281 -8.31 61.72 -9.60
C MET F 281 -8.25 60.34 -10.26
N ARG F 282 -7.70 59.35 -9.56
CA ARG F 282 -7.57 58.01 -10.15
C ARG F 282 -8.93 57.35 -10.33
N ASN F 283 -9.75 57.37 -9.31
CA ASN F 283 -11.08 56.83 -9.42
C ASN F 283 -11.78 57.26 -10.71
N GLN F 284 -11.66 58.53 -11.07
CA GLN F 284 -12.28 59.03 -12.29
C GLN F 284 -11.43 58.82 -13.54
N MET F 285 -10.11 58.96 -13.42
CA MET F 285 -9.21 58.69 -14.54
C MET F 285 -9.52 57.34 -15.19
N ILE F 286 -9.60 56.29 -14.37
CA ILE F 286 -9.78 54.94 -14.86
C ILE F 286 -11.15 54.70 -15.50
N THR F 287 -11.97 55.73 -15.66
CA THR F 287 -13.20 55.53 -16.45
C THR F 287 -13.09 56.33 -17.74
N ARG F 288 -11.99 57.03 -17.91
CA ARG F 288 -11.90 57.91 -19.04
C ARG F 288 -10.87 57.43 -20.05
N VAL F 289 -10.43 56.19 -19.93
CA VAL F 289 -9.30 55.75 -20.74
C VAL F 289 -9.52 54.39 -21.43
N PRO F 290 -10.28 54.40 -22.54
CA PRO F 290 -10.64 53.19 -23.29
C PRO F 290 -9.53 52.60 -24.13
N LEU F 291 -9.68 51.32 -24.47
CA LEU F 291 -8.74 50.67 -25.39
C LEU F 291 -9.35 50.60 -26.77
N GLY F 292 -8.49 50.51 -27.78
CA GLY F 292 -8.93 50.47 -29.18
C GLY F 292 -9.58 49.17 -29.62
N SER F 293 -9.92 49.09 -30.90
CA SER F 293 -10.66 47.93 -31.40
C SER F 293 -10.01 47.38 -32.67
N VAL F 294 -9.70 46.09 -32.65
CA VAL F 294 -9.00 45.46 -33.76
C VAL F 294 -9.33 43.98 -33.77
N ILE F 295 -9.37 43.41 -34.98
CA ILE F 295 -9.32 41.98 -35.17
C ILE F 295 -8.06 41.65 -35.95
N LYS F 296 -7.21 40.78 -35.41
CA LYS F 296 -6.06 40.31 -36.17
C LYS F 296 -6.40 39.04 -36.94
N CYS F 297 -6.10 39.06 -38.24
CA CYS F 297 -6.49 37.98 -39.15
C CYS F 297 -5.34 37.47 -40.03
N ILE F 298 -5.17 36.14 -40.03
CA ILE F 298 -4.11 35.51 -40.80
C ILE F 298 -4.66 34.43 -41.70
N VAL F 299 -4.36 34.56 -43.00
CA VAL F 299 -4.84 33.65 -44.03
C VAL F 299 -3.64 32.95 -44.60
N TYR F 300 -3.67 31.62 -44.53
CA TYR F 300 -2.59 30.70 -44.92
C TYR F 300 -2.77 30.21 -46.33
N TYR F 301 -1.68 30.16 -47.07
CA TYR F 301 -1.70 29.71 -48.45
C TYR F 301 -0.63 28.64 -48.72
N LYS F 302 -0.89 27.76 -49.70
CA LYS F 302 0.09 26.74 -50.11
C LYS F 302 1.50 27.27 -50.34
N GLU F 303 1.62 28.48 -50.86
CA GLU F 303 2.90 29.03 -51.26
C GLU F 303 2.81 30.55 -51.13
N PRO F 304 3.92 31.26 -50.89
CA PRO F 304 3.94 32.73 -50.94
C PRO F 304 3.81 33.30 -52.38
N PHE F 305 2.66 33.05 -52.99
CA PHE F 305 2.47 33.30 -54.39
C PHE F 305 2.77 34.75 -54.81
N TRP F 306 2.50 35.69 -53.90
CA TRP F 306 2.72 37.08 -54.22
C TRP F 306 4.15 37.32 -54.67
N ARG F 307 5.11 36.64 -54.05
CA ARG F 307 6.51 36.94 -54.32
C ARG F 307 6.86 36.68 -55.79
N LYS F 308 6.23 35.65 -56.36
CA LYS F 308 6.44 35.31 -57.78
C LYS F 308 6.00 36.45 -58.70
N LYS F 309 5.06 37.25 -58.24
CA LYS F 309 4.60 38.42 -58.97
C LYS F 309 5.36 39.69 -58.57
N ASP F 310 6.49 39.53 -57.87
CA ASP F 310 7.34 40.64 -57.33
C ASP F 310 6.60 41.61 -56.39
N TYR F 311 5.70 41.04 -55.58
CA TYR F 311 5.01 41.75 -54.50
C TYR F 311 5.50 41.14 -53.22
N CYS F 312 5.85 41.95 -52.24
CA CYS F 312 6.42 41.41 -50.99
C CYS F 312 5.37 40.92 -49.97
N GLY F 313 4.13 41.37 -50.11
CA GLY F 313 3.06 40.96 -49.21
C GLY F 313 2.39 42.14 -48.51
N THR F 314 3.04 43.28 -48.53
CA THR F 314 2.50 44.50 -47.94
C THR F 314 1.47 45.15 -48.85
N MET F 315 0.30 45.44 -48.28
CA MET F 315 -0.73 46.18 -48.98
C MET F 315 -1.24 47.28 -48.07
N ILE F 316 -1.29 48.50 -48.60
CA ILE F 316 -1.93 49.61 -47.91
C ILE F 316 -3.21 49.93 -48.67
N ILE F 317 -4.36 49.71 -48.06
CA ILE F 317 -5.65 49.71 -48.77
C ILE F 317 -6.61 50.80 -48.34
N ASP F 318 -6.72 51.82 -49.19
CA ASP F 318 -7.62 52.94 -48.97
C ASP F 318 -9.10 52.58 -49.10
N GLY F 319 -9.97 53.31 -48.45
CA GLY F 319 -11.37 53.13 -48.77
C GLY F 319 -12.19 52.43 -47.72
N GLU F 320 -13.48 52.75 -47.72
CA GLU F 320 -14.40 52.28 -46.68
C GLU F 320 -14.79 50.81 -46.91
N GLU F 321 -14.93 50.40 -48.16
CA GLU F 321 -15.44 49.06 -48.45
C GLU F 321 -14.44 47.94 -48.11
N ALA F 322 -13.14 48.25 -48.11
CA ALA F 322 -12.14 47.24 -47.78
C ALA F 322 -12.20 46.88 -46.32
N PRO F 323 -12.41 45.61 -45.96
CA PRO F 323 -12.41 45.20 -44.57
C PRO F 323 -11.05 45.35 -43.92
N VAL F 324 -9.95 45.39 -44.68
CA VAL F 324 -8.62 45.43 -44.07
C VAL F 324 -7.83 46.50 -44.75
N ALA F 325 -7.14 47.35 -43.98
CA ALA F 325 -6.44 48.48 -44.59
C ALA F 325 -4.95 48.24 -44.77
N TYR F 326 -4.43 47.31 -43.99
CA TYR F 326 -2.99 47.07 -43.97
C TYR F 326 -2.70 45.63 -43.79
N THR F 327 -1.83 45.10 -44.65
CA THR F 327 -1.33 43.72 -44.53
C THR F 327 0.18 43.63 -44.57
N LEU F 328 0.67 42.59 -43.90
CA LEU F 328 2.07 42.23 -44.01
C LEU F 328 2.22 40.73 -44.31
N ASP F 329 3.35 40.37 -44.91
CA ASP F 329 3.68 38.97 -45.16
C ASP F 329 4.06 38.21 -43.87
N ASP F 330 3.38 37.10 -43.59
CA ASP F 330 3.60 36.34 -42.36
C ASP F 330 4.21 34.96 -42.55
N THR F 331 4.74 34.72 -43.72
CA THR F 331 5.49 33.49 -43.99
C THR F 331 6.68 33.30 -43.02
N LYS F 332 6.82 32.10 -42.46
CA LYS F 332 7.92 31.79 -41.55
C LYS F 332 9.23 31.98 -42.27
N PRO F 333 10.31 32.23 -41.55
CA PRO F 333 11.58 32.62 -42.20
C PRO F 333 12.13 31.58 -43.17
N GLU F 334 11.65 30.34 -43.11
CA GLU F 334 12.09 29.30 -44.04
C GLU F 334 11.55 29.44 -45.46
N GLY F 335 10.27 29.78 -45.59
CA GLY F 335 9.50 29.76 -46.84
C GLY F 335 8.21 28.97 -46.57
N ASN F 336 8.22 28.34 -45.40
CA ASN F 336 7.14 27.54 -44.87
C ASN F 336 5.89 28.29 -44.51
N TYR F 337 4.78 27.55 -44.46
CA TYR F 337 3.52 28.08 -43.93
C TYR F 337 3.21 29.48 -44.44
N ALA F 338 3.05 29.67 -45.74
CA ALA F 338 2.95 31.02 -46.26
C ALA F 338 1.64 31.62 -45.76
N ALA F 339 1.59 32.93 -45.56
CA ALA F 339 0.43 33.54 -44.94
C ALA F 339 0.44 35.03 -45.16
N ILE F 340 -0.73 35.66 -45.08
CA ILE F 340 -0.86 37.11 -45.10
C ILE F 340 -1.54 37.52 -43.81
N MET F 341 -0.91 38.47 -43.10
CA MET F 341 -1.47 39.11 -41.90
C MET F 341 -2.18 40.46 -42.21
N GLY F 342 -3.34 40.64 -41.62
CA GLY F 342 -4.05 41.90 -41.79
C GLY F 342 -4.90 42.25 -40.59
N PHE F 343 -5.11 43.56 -40.42
CA PHE F 343 -5.86 44.07 -39.28
C PHE F 343 -7.22 44.51 -39.74
N ILE F 344 -8.26 44.18 -38.99
CA ILE F 344 -9.54 44.83 -39.22
C ILE F 344 -9.71 45.91 -38.15
N LEU F 345 -9.65 47.19 -38.55
CA LEU F 345 -9.47 48.30 -37.58
C LEU F 345 -10.70 49.09 -37.18
N ALA F 346 -10.70 49.56 -35.92
CA ALA F 346 -11.68 50.53 -35.38
C ALA F 346 -13.12 50.22 -35.74
N HIS F 347 -13.86 51.19 -36.28
CA HIS F 347 -15.28 50.95 -36.56
C HIS F 347 -15.58 49.67 -37.31
N LYS F 348 -14.64 49.23 -38.13
CA LYS F 348 -14.84 48.07 -38.95
C LYS F 348 -14.73 46.85 -38.09
N ALA F 349 -13.90 46.88 -37.07
CA ALA F 349 -13.86 45.74 -36.17
C ALA F 349 -15.23 45.50 -35.53
N ARG F 350 -16.03 46.54 -35.39
CA ARG F 350 -17.34 46.36 -34.78
C ARG F 350 -18.33 45.87 -35.81
N LYS F 351 -18.17 46.30 -37.06
CA LYS F 351 -19.13 46.02 -38.11
C LYS F 351 -19.04 44.57 -38.54
N LEU F 352 -17.81 44.08 -38.69
CA LEU F 352 -17.57 42.77 -39.27
C LEU F 352 -17.49 41.67 -38.23
N ALA F 353 -17.57 42.04 -36.96
CA ALA F 353 -17.67 41.04 -35.91
C ALA F 353 -19.03 40.38 -35.94
N ARG F 354 -20.00 41.04 -36.56
CA ARG F 354 -21.35 40.50 -36.76
C ARG F 354 -21.33 39.24 -37.63
N LEU F 355 -20.42 39.20 -38.60
CA LEU F 355 -20.30 38.08 -39.54
C LEU F 355 -19.70 36.87 -38.84
N THR F 356 -19.73 35.73 -39.52
CA THR F 356 -19.11 34.51 -39.01
C THR F 356 -17.63 34.42 -39.40
N LYS F 357 -16.88 33.55 -38.72
CA LYS F 357 -15.49 33.25 -39.07
C LYS F 357 -15.31 33.12 -40.59
N GLU F 358 -16.17 32.31 -41.21
CA GLU F 358 -16.03 31.98 -42.62
C GLU F 358 -16.32 33.17 -43.51
N GLU F 359 -17.31 33.97 -43.15
CA GLU F 359 -17.70 35.10 -43.97
C GLU F 359 -16.60 36.15 -44.04
N ARG F 360 -15.84 36.28 -42.95
CA ARG F 360 -14.67 37.16 -42.89
C ARG F 360 -13.55 36.63 -43.76
N LEU F 361 -13.27 35.34 -43.63
CA LEU F 361 -12.28 34.70 -44.47
C LEU F 361 -12.56 35.05 -45.92
N LYS F 362 -13.84 34.91 -46.32
CA LYS F 362 -14.25 35.10 -47.70
C LYS F 362 -13.98 36.52 -48.16
N LYS F 363 -14.29 37.45 -47.27
CA LYS F 363 -14.14 38.85 -47.59
C LYS F 363 -12.68 39.21 -47.65
N LEU F 364 -11.86 38.54 -46.85
CA LEU F 364 -10.47 38.86 -46.84
C LEU F 364 -9.83 38.35 -48.11
N CYS F 365 -10.17 37.13 -48.44
CA CYS F 365 -9.66 36.49 -49.66
C CYS F 365 -10.00 37.23 -50.94
N GLU F 366 -11.28 37.59 -51.09
CA GLU F 366 -11.74 38.32 -52.25
C GLU F 366 -10.99 39.63 -52.37
N LEU F 367 -10.70 40.29 -51.24
CA LEU F 367 -9.94 41.55 -51.24
C LEU F 367 -8.49 41.33 -51.68
N TYR F 368 -7.84 40.37 -51.03
CA TYR F 368 -6.46 40.04 -51.32
C TYR F 368 -6.30 39.65 -52.79
N ALA F 369 -7.25 38.85 -53.28
CA ALA F 369 -7.30 38.49 -54.68
C ALA F 369 -7.37 39.73 -55.56
N LYS F 370 -8.24 40.67 -55.25
CA LYS F 370 -8.33 41.89 -56.05
C LYS F 370 -7.06 42.74 -55.99
N VAL F 371 -6.46 42.84 -54.82
CA VAL F 371 -5.38 43.78 -54.65
C VAL F 371 -4.12 43.19 -55.24
N LEU F 372 -3.97 41.88 -55.09
CA LEU F 372 -2.80 41.22 -55.60
C LEU F 372 -3.00 40.90 -57.09
N GLY F 373 -4.24 40.97 -57.57
CA GLY F 373 -4.57 40.44 -58.88
C GLY F 373 -4.14 38.99 -59.10
N SER F 374 -4.57 38.07 -58.24
CA SER F 374 -4.31 36.62 -58.40
C SER F 374 -5.40 35.80 -57.81
N LEU F 375 -6.00 35.02 -58.67
CA LEU F 375 -6.96 34.01 -58.31
C LEU F 375 -6.47 33.18 -57.15
N GLU F 376 -5.15 33.01 -57.00
CA GLU F 376 -4.63 32.11 -55.99
C GLU F 376 -5.10 32.47 -54.58
N ALA F 377 -5.33 33.76 -54.35
CA ALA F 377 -5.71 34.26 -53.04
C ALA F 377 -7.06 33.73 -52.64
N LEU F 378 -7.81 33.20 -53.60
CA LEU F 378 -9.14 32.64 -53.30
C LEU F 378 -9.04 31.22 -52.78
N GLU F 379 -7.82 30.69 -52.67
CA GLU F 379 -7.61 29.30 -52.25
C GLU F 379 -6.82 29.17 -50.95
N PRO F 380 -7.38 29.60 -49.84
CA PRO F 380 -6.68 29.50 -48.56
C PRO F 380 -6.66 28.06 -48.06
N VAL F 381 -5.57 27.74 -47.39
CA VAL F 381 -5.29 26.39 -46.96
C VAL F 381 -5.68 26.29 -45.47
N HIS F 382 -5.68 27.47 -44.82
CA HIS F 382 -6.07 27.62 -43.40
C HIS F 382 -6.28 29.08 -42.94
N TYR F 383 -6.94 29.27 -41.80
CA TYR F 383 -7.26 30.61 -41.29
C TYR F 383 -7.24 30.74 -39.75
N GLU F 384 -6.57 31.78 -39.24
CA GLU F 384 -6.65 32.09 -37.82
C GLU F 384 -6.99 33.57 -37.61
N GLU F 385 -7.78 33.86 -36.55
CA GLU F 385 -8.17 35.25 -36.19
C GLU F 385 -8.38 35.48 -34.70
N LYS F 386 -8.02 36.66 -34.20
CA LYS F 386 -8.45 37.04 -32.84
C LYS F 386 -9.09 38.40 -32.80
N ASN F 387 -10.26 38.47 -32.18
CA ASN F 387 -10.96 39.74 -32.01
C ASN F 387 -10.78 40.24 -30.57
N TRP F 388 -9.78 41.10 -30.36
CA TRP F 388 -9.40 41.53 -29.00
C TRP F 388 -10.47 42.32 -28.24
N CYS F 389 -11.41 42.88 -29.00
CA CYS F 389 -12.58 43.55 -28.46
C CYS F 389 -13.35 42.73 -27.45
N GLU F 390 -13.24 41.41 -27.49
CA GLU F 390 -14.07 40.59 -26.63
C GLU F 390 -13.33 40.11 -25.42
N GLU F 391 -12.07 40.49 -25.29
CA GLU F 391 -11.28 40.05 -24.15
C GLU F 391 -11.59 40.89 -22.91
N GLN F 392 -12.12 40.22 -21.87
CA GLN F 392 -12.50 40.87 -20.61
C GLN F 392 -11.30 41.39 -19.84
N TYR F 393 -10.23 40.59 -19.77
CA TYR F 393 -9.03 41.05 -19.08
C TYR F 393 -8.07 41.73 -20.03
N SER F 394 -8.60 42.36 -21.06
CA SER F 394 -7.78 43.21 -21.89
C SER F 394 -8.47 44.52 -22.23
N GLY F 395 -9.74 44.42 -22.67
CA GLY F 395 -10.57 45.55 -23.02
C GLY F 395 -10.41 46.06 -24.45
N GLY F 396 -9.34 45.64 -25.13
CA GLY F 396 -9.11 45.98 -26.54
C GLY F 396 -7.69 45.71 -26.95
N CYS F 397 -7.27 46.25 -28.09
CA CYS F 397 -5.86 46.26 -28.48
C CYS F 397 -5.74 47.33 -29.52
N TYR F 398 -4.52 47.80 -29.81
CA TYR F 398 -3.31 47.35 -29.15
C TYR F 398 -3.16 47.96 -27.72
N THR F 399 -3.60 49.22 -27.58
CA THR F 399 -3.31 50.03 -26.38
C THR F 399 -4.50 50.90 -25.99
N THR F 400 -4.26 51.84 -25.06
CA THR F 400 -5.27 52.72 -24.48
C THR F 400 -5.18 54.05 -25.19
N TYR F 401 -6.33 54.63 -25.53
CA TYR F 401 -6.35 55.93 -26.21
C TYR F 401 -7.05 56.97 -25.36
N PHE F 402 -6.68 58.24 -25.54
CA PHE F 402 -7.29 59.30 -24.77
C PHE F 402 -8.20 60.19 -25.62
N PRO F 403 -9.48 60.27 -25.26
CA PRO F 403 -10.43 61.21 -25.87
C PRO F 403 -10.06 62.64 -25.57
N PRO F 404 -10.61 63.61 -26.31
CA PRO F 404 -10.20 65.00 -26.12
C PRO F 404 -10.36 65.39 -24.65
N GLY F 405 -9.42 66.19 -24.16
CA GLY F 405 -9.54 66.76 -22.84
C GLY F 405 -9.04 65.91 -21.69
N ILE F 406 -8.72 64.64 -21.92
CA ILE F 406 -8.43 63.76 -20.81
C ILE F 406 -6.96 63.66 -20.43
N LEU F 407 -6.07 63.87 -21.39
CA LEU F 407 -4.64 63.73 -21.13
C LEU F 407 -4.14 64.89 -20.23
N THR F 408 -4.57 66.10 -20.52
CA THR F 408 -4.13 67.26 -19.72
C THR F 408 -4.72 67.20 -18.34
N GLN F 409 -5.94 66.71 -18.21
CA GLN F 409 -6.62 66.72 -16.93
C GLN F 409 -6.25 65.56 -16.03
N TYR F 410 -6.14 64.37 -16.63
CA TYR F 410 -5.92 63.13 -15.90
C TYR F 410 -4.58 62.52 -16.20
N GLY F 411 -3.80 63.16 -17.04
CA GLY F 411 -2.52 62.64 -17.43
C GLY F 411 -1.60 62.17 -16.34
N ARG F 412 -1.20 63.08 -15.45
CA ARG F 412 -0.17 62.72 -14.48
C ARG F 412 -0.63 61.74 -13.43
N VAL F 413 -1.82 61.19 -13.60
CA VAL F 413 -2.37 60.32 -12.61
C VAL F 413 -1.89 58.93 -12.85
N LEU F 414 -1.60 58.65 -14.12
CA LEU F 414 -1.44 57.29 -14.58
C LEU F 414 -0.36 56.52 -13.85
N ARG F 415 0.79 57.15 -13.64
CA ARG F 415 1.87 56.48 -12.92
C ARG F 415 2.24 57.08 -11.56
N GLN F 416 1.34 57.85 -10.96
CA GLN F 416 1.43 58.29 -9.56
C GLN F 416 1.06 57.16 -8.58
N PRO F 417 1.98 56.79 -7.70
CA PRO F 417 1.76 55.74 -6.71
C PRO F 417 0.55 56.01 -5.86
N VAL F 418 -0.23 54.99 -5.54
CA VAL F 418 -1.31 55.12 -4.55
C VAL F 418 -0.94 54.34 -3.29
N ASP F 419 -0.25 55.07 -2.39
CA ASP F 419 0.26 54.53 -1.11
C ASP F 419 1.37 53.53 -1.38
N ARG F 420 1.04 52.26 -1.30
CA ARG F 420 1.98 51.19 -1.61
C ARG F 420 1.69 50.48 -2.96
N ILE F 421 0.71 50.97 -3.73
CA ILE F 421 0.50 50.51 -5.11
C ILE F 421 1.32 51.31 -6.11
N TYR F 422 2.10 50.66 -6.95
CA TYR F 422 2.85 51.30 -8.00
C TYR F 422 2.35 50.81 -9.38
N PHE F 423 2.50 51.65 -10.39
CA PHE F 423 1.85 51.37 -11.64
C PHE F 423 2.77 51.10 -12.80
N ALA F 424 2.64 49.89 -13.35
CA ALA F 424 3.36 49.49 -14.56
C ALA F 424 2.42 49.46 -15.76
N GLY F 425 2.68 48.55 -16.68
CA GLY F 425 1.87 48.43 -17.89
C GLY F 425 2.38 49.41 -18.93
N THR F 426 2.22 49.05 -20.20
CA THR F 426 2.88 49.79 -21.28
C THR F 426 2.36 51.21 -21.42
N GLU F 427 1.12 51.41 -21.00
CA GLU F 427 0.48 52.72 -21.16
C GLU F 427 1.16 53.74 -20.27
N THR F 428 2.02 53.27 -19.36
CA THR F 428 2.82 54.14 -18.50
C THR F 428 4.25 54.35 -18.98
N ALA F 429 4.65 53.68 -20.06
CA ALA F 429 6.00 53.93 -20.61
C ALA F 429 6.16 55.32 -21.17
N THR F 430 7.39 55.64 -21.58
CA THR F 430 7.72 56.93 -22.17
C THR F 430 8.39 56.81 -23.54
N HIS F 431 8.77 55.58 -23.87
CA HIS F 431 9.38 55.29 -25.16
C HIS F 431 8.67 54.05 -25.65
N TRP F 432 8.14 54.09 -26.87
CA TRP F 432 7.34 52.97 -27.39
C TRP F 432 6.28 52.53 -26.37
N SER F 433 5.61 53.48 -25.71
CA SER F 433 4.41 53.14 -24.98
C SER F 433 3.41 52.63 -26.00
N GLY F 434 2.68 51.59 -25.66
CA GLY F 434 1.70 51.06 -26.58
C GLY F 434 2.18 49.72 -27.09
N TYR F 435 3.49 49.53 -27.00
CA TYR F 435 4.17 48.36 -27.56
C TYR F 435 4.82 47.47 -26.48
N MET F 436 5.24 46.27 -26.90
CA MET F 436 5.91 45.35 -25.99
C MET F 436 7.09 46.07 -25.33
N GLU F 437 7.80 46.90 -26.11
CA GLU F 437 8.90 47.71 -25.59
C GLU F 437 8.46 48.50 -24.38
N GLY F 438 7.42 49.29 -24.56
CA GLY F 438 6.87 50.04 -23.45
C GLY F 438 6.65 49.12 -22.26
N ALA F 439 6.10 47.95 -22.50
CA ALA F 439 5.71 47.10 -21.39
C ALA F 439 6.91 46.74 -20.56
N VAL F 440 8.05 46.64 -21.22
CA VAL F 440 9.28 46.37 -20.49
C VAL F 440 9.75 47.62 -19.71
N GLU F 441 9.95 48.73 -20.41
CA GLU F 441 10.29 49.98 -19.74
C GLU F 441 9.53 50.14 -18.43
N ALA F 442 8.22 49.98 -18.53
CA ALA F 442 7.32 50.30 -17.44
C ALA F 442 7.45 49.27 -16.35
N GLY F 443 7.50 48.00 -16.76
CA GLY F 443 7.59 46.91 -15.81
C GLY F 443 8.78 47.12 -14.90
N GLU F 444 9.91 47.45 -15.49
CA GLU F 444 11.14 47.53 -14.74
C GLU F 444 11.13 48.79 -13.88
N ARG F 445 10.70 49.91 -14.45
CA ARG F 445 10.70 51.17 -13.71
C ARG F 445 9.86 51.05 -12.41
N ALA F 446 8.65 50.55 -12.54
CA ALA F 446 7.83 50.28 -11.37
C ALA F 446 8.57 49.39 -10.36
N ALA F 447 9.25 48.36 -10.83
CA ALA F 447 9.92 47.47 -9.90
C ALA F 447 11.01 48.26 -9.17
N ARG F 448 11.76 49.06 -9.92
CA ARG F 448 12.83 49.89 -9.33
C ARG F 448 12.30 51.00 -8.40
N GLU F 449 11.07 51.43 -8.64
CA GLU F 449 10.43 52.40 -7.73
C GLU F 449 10.33 51.77 -6.36
N ILE F 450 9.92 50.49 -6.31
CA ILE F 450 9.75 49.77 -5.03
C ILE F 450 11.10 49.54 -4.39
N LEU F 451 12.05 49.11 -5.20
CA LEU F 451 13.40 48.96 -4.69
C LEU F 451 13.75 50.24 -3.98
N HIS F 452 13.60 51.40 -4.64
CA HIS F 452 13.99 52.67 -4.02
C HIS F 452 13.23 52.99 -2.73
N ALA F 453 11.98 52.54 -2.65
CA ALA F 453 11.17 52.83 -1.48
C ALA F 453 11.69 52.06 -0.29
N MET F 454 12.26 50.88 -0.57
CA MET F 454 12.84 50.05 0.48
C MET F 454 14.27 50.48 0.83
N GLY F 455 14.73 51.54 0.17
CA GLY F 455 16.04 52.10 0.39
C GLY F 455 17.15 51.17 -0.09
N LYS F 456 16.92 50.46 -1.19
CA LYS F 456 17.91 49.53 -1.73
C LYS F 456 18.70 50.12 -2.89
N ILE F 457 18.18 51.18 -3.50
CA ILE F 457 18.87 51.92 -4.57
C ILE F 457 18.47 53.39 -4.49
N PRO F 458 19.31 54.30 -4.97
CA PRO F 458 19.00 55.74 -4.96
C PRO F 458 17.89 56.15 -5.93
N GLU F 459 17.31 57.33 -5.75
CA GLU F 459 16.31 57.85 -6.69
C GLU F 459 16.90 58.01 -8.09
N ASP F 460 18.06 58.64 -8.14
CA ASP F 460 19.04 58.51 -9.21
C ASP F 460 18.84 57.32 -10.21
N GLU F 461 18.51 56.14 -9.69
CA GLU F 461 18.59 54.88 -10.40
C GLU F 461 17.24 54.26 -10.79
N ILE F 462 16.15 55.01 -10.59
CA ILE F 462 14.79 54.49 -10.90
C ILE F 462 14.58 54.36 -12.41
N TRP F 463 14.85 55.45 -13.13
CA TRP F 463 14.79 55.48 -14.56
C TRP F 463 16.13 55.15 -15.13
N GLN F 464 16.28 53.97 -15.74
CA GLN F 464 17.53 53.59 -16.40
C GLN F 464 17.51 53.74 -17.91
N SER F 465 18.61 54.22 -18.46
CA SER F 465 18.81 54.22 -19.93
C SER F 465 19.25 52.83 -20.37
N GLU F 466 19.15 52.53 -21.67
CA GLU F 466 19.37 51.16 -22.18
C GLU F 466 20.37 51.11 -23.33
N PRO F 467 21.41 50.29 -23.20
CA PRO F 467 22.42 50.18 -24.26
C PRO F 467 21.79 49.69 -25.57
N GLU F 468 22.18 50.30 -26.70
CA GLU F 468 21.65 49.93 -28.01
C GLU F 468 21.98 48.48 -28.33
N SER F 469 21.06 47.79 -29.00
CA SER F 469 21.25 46.40 -29.40
C SER F 469 22.33 46.29 -30.44
N VAL F 470 23.04 45.16 -30.39
CA VAL F 470 24.13 44.86 -31.31
C VAL F 470 23.56 44.14 -32.53
N ASP F 471 22.60 43.25 -32.33
CA ASP F 471 21.96 42.53 -33.43
C ASP F 471 20.97 43.36 -34.26
N VAL F 472 20.41 44.42 -33.68
CA VAL F 472 19.46 45.26 -34.41
C VAL F 472 19.83 46.74 -34.30
N PRO F 473 20.98 47.14 -34.86
CA PRO F 473 21.44 48.53 -34.73
C PRO F 473 20.47 49.47 -35.41
N ALA F 474 20.31 50.66 -34.86
CA ALA F 474 19.37 51.61 -35.40
C ALA F 474 20.05 52.56 -36.37
N GLN F 475 19.75 52.41 -37.65
CA GLN F 475 19.98 53.47 -38.64
C GLN F 475 19.20 54.72 -38.21
N PRO F 476 19.88 55.88 -38.18
CA PRO F 476 19.20 57.13 -37.82
C PRO F 476 18.29 57.60 -38.96
N ILE F 477 17.32 58.47 -38.66
CA ILE F 477 16.37 58.91 -39.65
C ILE F 477 16.84 60.19 -40.31
N THR F 478 16.76 60.26 -41.64
CA THR F 478 17.24 61.44 -42.33
C THR F 478 16.18 62.00 -43.25
N THR F 479 16.35 63.27 -43.62
CA THR F 479 15.42 63.95 -44.54
C THR F 479 16.12 64.70 -45.65
N THR F 480 15.53 64.64 -46.84
CA THR F 480 15.95 65.41 -48.02
C THR F 480 15.87 66.89 -47.73
N PHE F 481 16.75 67.65 -48.36
CA PHE F 481 16.65 69.11 -48.33
C PHE F 481 15.28 69.58 -48.82
N LEU F 482 14.81 68.97 -49.91
CA LEU F 482 13.52 69.31 -50.49
C LEU F 482 12.38 68.99 -49.55
N GLU F 483 12.45 67.84 -48.87
CA GLU F 483 11.46 67.48 -47.86
C GLU F 483 11.35 68.56 -46.76
N ARG F 484 12.48 69.04 -46.27
CA ARG F 484 12.53 70.03 -45.21
C ARG F 484 12.00 71.40 -45.62
N HIS F 485 12.00 71.72 -46.91
CA HIS F 485 11.80 73.12 -47.32
C HIS F 485 10.71 73.43 -48.31
N LEU F 486 10.13 72.41 -48.93
CA LEU F 486 9.04 72.62 -49.87
C LEU F 486 7.87 73.27 -49.15
N PRO F 487 7.24 74.25 -49.76
CA PRO F 487 6.07 74.92 -49.15
C PRO F 487 4.89 73.99 -48.88
N SER F 488 4.04 74.35 -47.93
CA SER F 488 2.72 73.73 -47.75
C SER F 488 1.81 74.25 -48.85
N VAL F 489 0.60 73.70 -48.98
CA VAL F 489 -0.28 74.19 -50.03
C VAL F 489 -0.63 75.65 -49.76
N PRO F 490 -1.05 76.01 -48.54
CA PRO F 490 -1.24 77.42 -48.20
C PRO F 490 0.04 78.21 -48.38
N GLY F 491 1.17 77.63 -47.97
CA GLY F 491 2.45 78.29 -48.09
C GLY F 491 2.76 78.70 -49.51
N LEU F 492 2.36 77.85 -50.46
CA LEU F 492 2.56 78.14 -51.88
C LEU F 492 1.62 79.23 -52.32
N LEU F 493 0.37 79.16 -51.87
CA LEU F 493 -0.60 80.17 -52.20
C LEU F 493 -0.15 81.52 -51.73
N ARG F 494 0.57 81.59 -50.62
CA ARG F 494 1.14 82.86 -50.17
C ARG F 494 2.19 83.40 -51.15
N LEU F 495 3.01 82.49 -51.68
CA LEU F 495 4.07 82.79 -52.67
C LEU F 495 3.51 83.22 -54.06
N ILE F 496 2.24 82.86 -54.34
CA ILE F 496 1.58 83.22 -55.60
C ILE F 496 0.69 84.46 -55.43
N GLY F 497 0.10 84.61 -54.24
CA GLY F 497 -0.71 85.78 -53.89
C GLY F 497 0.07 87.09 -53.77
N LEU F 498 1.31 87.00 -53.27
CA LEU F 498 2.25 88.13 -53.12
C LEU F 498 2.71 88.65 -54.49
N THR F 499 3.38 87.77 -55.25
CA THR F 499 3.92 88.10 -56.58
C THR F 499 2.84 88.32 -57.71
N THR F 500 1.65 88.78 -57.31
CA THR F 500 0.50 89.03 -58.22
C THR F 500 0.67 90.23 -59.17
N LYS G 4 56.86 1.91 4.89
CA LYS G 4 55.43 2.38 4.85
C LYS G 4 54.43 1.73 3.86
N CYS G 5 53.16 1.82 4.31
CA CYS G 5 52.37 0.58 4.51
C CYS G 5 50.84 0.65 4.96
N ASP G 6 50.00 -0.24 4.39
CA ASP G 6 48.59 -0.47 4.76
C ASP G 6 48.43 -1.36 6.00
N VAL G 7 49.09 -2.51 5.97
CA VAL G 7 49.11 -3.48 7.08
C VAL G 7 50.56 -3.72 7.52
N VAL G 8 50.82 -3.71 8.81
CA VAL G 8 52.10 -4.18 9.34
C VAL G 8 51.90 -5.56 9.96
N VAL G 9 52.69 -6.52 9.50
CA VAL G 9 52.59 -7.87 10.00
C VAL G 9 53.71 -8.05 10.98
N VAL G 10 53.38 -8.34 12.23
CA VAL G 10 54.38 -8.74 13.19
C VAL G 10 54.48 -10.26 13.18
N GLY G 11 55.69 -10.76 13.01
CA GLY G 11 55.89 -12.17 12.90
C GLY G 11 56.28 -12.61 11.51
N GLY G 12 57.51 -13.03 11.37
CA GLY G 12 58.01 -13.53 10.10
C GLY G 12 57.98 -15.04 9.85
N GLY G 13 57.09 -15.76 10.52
CA GLY G 13 57.00 -17.20 10.35
C GLY G 13 56.06 -17.58 9.23
N ILE G 14 55.69 -18.85 9.14
CA ILE G 14 54.79 -19.27 8.05
C ILE G 14 53.48 -18.50 8.10
N SER G 15 52.86 -18.39 9.27
CA SER G 15 51.62 -17.63 9.38
C SER G 15 51.71 -16.17 8.92
N GLY G 16 52.68 -15.42 9.42
CA GLY G 16 52.85 -14.05 9.01
C GLY G 16 53.10 -13.92 7.51
N MET G 17 53.97 -14.77 6.96
CA MET G 17 54.29 -14.72 5.55
C MET G 17 53.06 -15.10 4.73
N ALA G 18 52.44 -16.21 5.08
CA ALA G 18 51.21 -16.61 4.41
C ALA G 18 50.27 -15.42 4.26
N ALA G 19 50.19 -14.62 5.31
CA ALA G 19 49.32 -13.45 5.42
C ALA G 19 49.86 -12.29 4.61
N ALA G 20 51.09 -11.88 4.89
CA ALA G 20 51.73 -10.86 4.08
C ALA G 20 51.51 -11.11 2.58
N LYS G 21 51.62 -12.36 2.15
CA LYS G 21 51.46 -12.69 0.74
C LYS G 21 50.04 -12.48 0.30
N LEU G 22 49.07 -12.94 1.07
CA LEU G 22 47.67 -12.81 0.64
C LEU G 22 47.31 -11.35 0.42
N LEU G 23 47.77 -10.51 1.32
CA LEU G 23 47.47 -9.10 1.24
C LEU G 23 48.19 -8.51 0.05
N HIS G 24 49.45 -8.89 -0.12
CA HIS G 24 50.29 -8.39 -1.22
C HIS G 24 49.71 -8.76 -2.58
N ASP G 25 49.26 -9.99 -2.72
CA ASP G 25 48.65 -10.45 -3.96
C ASP G 25 47.39 -9.70 -4.27
N SER G 26 46.77 -9.12 -3.24
CA SER G 26 45.51 -8.37 -3.37
C SER G 26 45.73 -6.86 -3.56
N GLY G 27 46.96 -6.48 -3.88
CA GLY G 27 47.30 -5.10 -4.12
C GLY G 27 47.39 -4.16 -2.93
N LEU G 28 47.72 -4.66 -1.75
CA LEU G 28 47.99 -3.77 -0.63
C LEU G 28 49.48 -3.67 -0.32
N ASN G 29 49.88 -2.54 0.24
CA ASN G 29 51.27 -2.38 0.66
C ASN G 29 51.50 -2.92 2.07
N VAL G 30 52.27 -4.01 2.17
CA VAL G 30 52.46 -4.67 3.47
C VAL G 30 53.88 -4.54 3.96
N VAL G 31 54.12 -4.91 5.20
CA VAL G 31 55.46 -4.94 5.74
C VAL G 31 55.52 -6.03 6.80
N VAL G 32 56.57 -6.84 6.75
CA VAL G 32 56.76 -7.87 7.75
C VAL G 32 57.96 -7.47 8.59
N LEU G 33 57.72 -7.38 9.89
CA LEU G 33 58.76 -7.02 10.85
C LEU G 33 59.11 -8.26 11.65
N GLU G 34 60.36 -8.71 11.52
CA GLU G 34 60.77 -9.98 12.04
C GLU G 34 61.97 -9.83 12.94
N ALA G 35 61.86 -10.40 14.13
CA ALA G 35 62.80 -10.19 15.21
C ALA G 35 64.16 -10.81 14.96
N ARG G 36 64.13 -12.01 14.39
CA ARG G 36 65.31 -12.84 14.15
C ARG G 36 66.04 -12.39 12.88
N ASP G 37 67.23 -12.91 12.63
CA ASP G 37 67.91 -12.64 11.38
C ASP G 37 67.54 -13.61 10.24
N ARG G 38 66.35 -14.21 10.31
CA ARG G 38 65.88 -15.24 9.37
C ARG G 38 64.39 -15.32 9.43
N VAL G 39 63.73 -15.67 8.33
CA VAL G 39 62.30 -15.91 8.46
C VAL G 39 62.15 -17.37 8.84
N GLY G 40 60.92 -17.83 9.07
CA GLY G 40 60.73 -19.24 9.36
C GLY G 40 60.24 -19.59 10.76
N GLY G 41 60.83 -18.93 11.76
CA GLY G 41 60.40 -19.08 13.13
C GLY G 41 60.55 -20.45 13.69
N ARG G 42 59.44 -21.16 13.83
CA ARG G 42 59.47 -22.51 14.40
C ARG G 42 59.77 -23.55 13.35
N THR G 43 59.95 -23.10 12.11
CA THR G 43 60.60 -23.90 11.10
C THR G 43 61.98 -23.32 10.89
N TYR G 44 62.98 -24.19 10.79
CA TYR G 44 64.35 -23.77 10.55
C TYR G 44 65.02 -24.88 9.80
N THR G 45 65.49 -24.58 8.59
CA THR G 45 66.23 -25.56 7.79
C THR G 45 67.73 -25.28 7.78
N LEU G 46 68.48 -26.11 8.49
CA LEU G 46 69.92 -25.97 8.52
C LEU G 46 70.50 -26.49 7.24
N ARG G 47 71.43 -25.74 6.67
CA ARG G 47 72.13 -26.20 5.48
C ARG G 47 73.63 -26.16 5.77
N ASN G 48 74.27 -27.31 5.58
CA ASN G 48 75.72 -27.43 5.63
C ASN G 48 76.13 -28.70 4.88
N GLN G 49 77.44 -28.90 4.73
CA GLN G 49 77.97 -29.99 3.90
C GLN G 49 77.76 -31.42 4.40
N LYS G 50 77.79 -31.57 5.72
CA LYS G 50 77.70 -32.88 6.33
C LYS G 50 76.29 -33.41 6.21
N VAL G 51 75.36 -32.49 6.00
CA VAL G 51 73.94 -32.71 6.25
C VAL G 51 73.11 -32.42 4.99
N LYS G 52 73.72 -31.68 4.05
CA LYS G 52 73.06 -31.10 2.89
C LYS G 52 72.02 -30.11 3.40
N TYR G 53 70.83 -30.58 3.77
CA TYR G 53 69.83 -29.81 4.49
C TYR G 53 69.18 -30.66 5.62
N VAL G 54 68.76 -30.00 6.69
CA VAL G 54 68.01 -30.67 7.76
C VAL G 54 66.95 -29.74 8.39
N ASP G 55 65.76 -30.28 8.58
CA ASP G 55 64.78 -29.57 9.38
C ASP G 55 65.02 -29.74 10.88
N LEU G 56 65.49 -28.68 11.52
CA LEU G 56 65.61 -28.64 12.95
C LEU G 56 64.34 -28.20 13.65
N GLY G 57 63.40 -27.62 12.89
CA GLY G 57 62.11 -27.21 13.39
C GLY G 57 60.96 -28.02 12.78
N GLY G 58 59.88 -27.35 12.43
CA GLY G 58 58.69 -28.01 11.92
C GLY G 58 58.98 -28.66 10.61
N SER G 59 58.40 -29.82 10.39
CA SER G 59 58.87 -30.69 9.32
C SER G 59 57.87 -31.53 8.52
N TYR G 60 57.08 -32.36 9.17
CA TYR G 60 56.22 -33.30 8.50
C TYR G 60 54.92 -32.65 8.03
N VAL G 61 54.38 -33.11 6.91
CA VAL G 61 53.08 -32.69 6.39
C VAL G 61 52.35 -33.94 5.93
N GLY G 62 51.03 -33.93 5.98
CA GLY G 62 50.29 -35.13 5.63
C GLY G 62 48.96 -34.90 4.94
N PRO G 63 48.29 -35.98 4.57
CA PRO G 63 46.92 -35.87 4.06
C PRO G 63 46.02 -35.05 4.98
N THR G 64 45.13 -34.26 4.37
CA THR G 64 44.21 -33.30 5.03
C THR G 64 44.87 -31.98 5.39
N GLN G 65 46.17 -31.89 5.21
CA GLN G 65 46.85 -30.64 5.49
C GLN G 65 46.96 -29.83 4.21
N ASN G 66 45.80 -29.52 3.63
CA ASN G 66 45.77 -29.05 2.27
C ASN G 66 46.33 -27.68 2.06
N ARG G 67 46.19 -26.82 3.05
CA ARG G 67 46.61 -25.44 2.87
C ARG G 67 48.11 -25.32 2.71
N ILE G 68 48.88 -25.88 3.62
CA ILE G 68 50.34 -25.78 3.52
C ILE G 68 50.78 -26.50 2.26
N LEU G 69 50.14 -27.63 1.94
CA LEU G 69 50.49 -28.39 0.76
C LEU G 69 50.31 -27.52 -0.49
N ARG G 70 49.22 -26.79 -0.53
CA ARG G 70 48.93 -25.86 -1.63
C ARG G 70 49.92 -24.71 -1.71
N LEU G 71 50.13 -24.02 -0.60
CA LEU G 71 51.02 -22.87 -0.59
C LEU G 71 52.43 -23.31 -1.00
N ALA G 72 52.80 -24.52 -0.57
CA ALA G 72 54.12 -25.05 -0.85
C ALA G 72 54.27 -25.33 -2.33
N LYS G 73 53.25 -25.96 -2.92
CA LYS G 73 53.24 -26.29 -4.34
C LYS G 73 53.42 -25.03 -5.19
N GLU G 74 52.54 -24.06 -4.97
CA GLU G 74 52.60 -22.80 -5.70
C GLU G 74 53.96 -22.14 -5.60
N LEU G 75 54.62 -22.32 -4.48
CA LEU G 75 55.93 -21.70 -4.26
C LEU G 75 57.04 -22.47 -4.92
N GLY G 76 56.70 -23.61 -5.52
CA GLY G 76 57.64 -24.45 -6.25
C GLY G 76 58.09 -25.74 -5.61
N LEU G 77 57.61 -26.05 -4.41
CA LEU G 77 58.15 -27.13 -3.59
C LEU G 77 57.55 -28.52 -3.83
N GLU G 78 58.33 -29.57 -3.51
CA GLU G 78 57.88 -30.96 -3.71
C GLU G 78 58.00 -31.80 -2.42
N THR G 79 57.14 -32.78 -2.23
CA THR G 79 57.26 -33.64 -1.05
C THR G 79 57.77 -35.03 -1.36
N TYR G 80 58.20 -35.74 -0.32
CA TYR G 80 58.58 -37.13 -0.44
C TYR G 80 58.10 -37.87 0.76
N LYS G 81 57.77 -39.14 0.59
CA LYS G 81 57.31 -39.97 1.70
C LYS G 81 58.41 -40.29 2.72
N VAL G 82 58.09 -40.03 3.98
CA VAL G 82 58.90 -40.52 5.12
C VAL G 82 58.98 -42.05 5.03
N ASN G 83 60.11 -42.64 5.38
CA ASN G 83 60.24 -44.07 5.18
C ASN G 83 59.44 -44.94 6.15
N GLU G 84 58.48 -45.68 5.61
CA GLU G 84 57.81 -46.69 6.44
C GLU G 84 57.69 -48.07 5.76
N VAL G 85 58.62 -48.41 4.88
CA VAL G 85 58.51 -49.65 4.12
C VAL G 85 58.62 -50.88 5.04
N GLU G 86 59.63 -50.86 5.92
CA GLU G 86 59.93 -51.99 6.79
C GLU G 86 59.15 -51.94 8.12
N ARG G 87 59.59 -52.68 9.12
CA ARG G 87 58.81 -52.88 10.34
C ARG G 87 59.10 -51.77 11.37
N LEU G 88 58.07 -51.41 12.12
CA LEU G 88 58.31 -50.48 13.21
C LEU G 88 58.67 -51.27 14.50
N ILE G 89 59.25 -50.57 15.48
CA ILE G 89 59.57 -51.17 16.76
C ILE G 89 58.89 -50.47 17.92
N HIS G 90 58.16 -51.25 18.70
CA HIS G 90 57.73 -50.89 20.04
C HIS G 90 58.74 -51.51 20.98
N HIS G 91 59.46 -50.71 21.74
CA HIS G 91 60.46 -51.21 22.68
C HIS G 91 59.91 -51.06 24.08
N VAL G 92 59.56 -52.18 24.71
CA VAL G 92 58.92 -52.14 26.03
C VAL G 92 59.50 -53.10 27.06
N LYS G 93 59.74 -52.57 28.26
CA LYS G 93 60.40 -53.28 29.38
C LYS G 93 61.70 -53.92 28.92
N GLY G 94 62.55 -53.11 28.29
CA GLY G 94 63.86 -53.58 27.87
C GLY G 94 63.95 -54.42 26.61
N LYS G 95 62.84 -54.67 25.93
CA LYS G 95 62.83 -55.59 24.77
C LYS G 95 62.16 -54.96 23.52
N SER G 96 62.62 -55.33 22.32
CA SER G 96 62.05 -54.80 21.09
C SER G 96 61.09 -55.76 20.37
N TYR G 97 59.87 -55.30 20.13
CA TYR G 97 58.88 -56.08 19.38
C TYR G 97 58.53 -55.35 18.11
N PRO G 98 58.87 -55.95 16.97
CA PRO G 98 58.58 -55.35 15.67
C PRO G 98 57.11 -55.46 15.37
N PHE G 99 56.60 -54.58 14.51
CA PHE G 99 55.19 -54.63 14.12
C PHE G 99 54.91 -53.83 12.86
N ARG G 100 53.66 -53.97 12.37
CA ARG G 100 53.13 -53.24 11.21
C ARG G 100 51.82 -52.47 11.53
N GLY G 101 51.45 -51.51 10.69
CA GLY G 101 50.28 -50.68 10.96
C GLY G 101 50.59 -49.60 11.97
N PRO G 102 49.62 -48.76 12.30
CA PRO G 102 49.87 -47.56 13.10
C PRO G 102 50.10 -47.84 14.59
N PHE G 103 49.37 -48.82 15.12
CA PHE G 103 49.35 -49.08 16.54
C PHE G 103 50.14 -50.35 16.83
N PRO G 104 50.99 -50.32 17.85
CA PRO G 104 51.73 -51.51 18.27
C PRO G 104 50.72 -52.48 18.83
N PRO G 105 50.86 -53.76 18.51
CA PRO G 105 49.83 -54.73 18.85
C PRO G 105 49.95 -55.13 20.30
N VAL G 106 48.82 -55.55 20.86
CA VAL G 106 48.77 -55.97 22.26
C VAL G 106 48.04 -57.31 22.36
N TRP G 107 48.61 -58.26 23.10
CA TRP G 107 48.20 -59.65 22.99
C TRP G 107 47.26 -60.11 24.09
N ASN G 108 47.54 -59.71 25.32
CA ASN G 108 46.63 -59.93 26.44
C ASN G 108 45.19 -59.44 26.14
N PRO G 109 44.16 -60.28 26.27
CA PRO G 109 42.83 -59.87 25.82
C PRO G 109 42.23 -58.75 26.70
N ILE G 110 42.49 -58.78 28.00
CA ILE G 110 42.02 -57.73 28.90
C ILE G 110 42.67 -56.41 28.48
N THR G 111 43.99 -56.34 28.60
CA THR G 111 44.74 -55.18 28.10
C THR G 111 44.22 -54.70 26.74
N TYR G 112 43.96 -55.63 25.83
CA TYR G 112 43.53 -55.25 24.50
C TYR G 112 42.27 -54.42 24.58
N LEU G 113 41.31 -54.86 25.41
CA LEU G 113 40.00 -54.20 25.50
C LEU G 113 40.19 -52.77 25.99
N ASP G 114 41.06 -52.62 26.97
CA ASP G 114 41.40 -51.35 27.61
C ASP G 114 42.01 -50.40 26.61
N HIS G 115 43.02 -50.86 25.90
CA HIS G 115 43.69 -50.04 24.89
C HIS G 115 42.68 -49.55 23.86
N ASN G 116 41.91 -50.50 23.34
CA ASN G 116 41.06 -50.17 22.24
C ASN G 116 40.02 -49.19 22.71
N ASN G 117 39.55 -49.36 23.93
CA ASN G 117 38.57 -48.42 24.51
C ASN G 117 39.15 -47.01 24.71
N PHE G 118 40.39 -46.90 25.21
CA PHE G 118 41.06 -45.61 25.35
C PHE G 118 41.09 -44.81 24.04
N TRP G 119 41.60 -45.39 22.97
CA TRP G 119 41.76 -44.64 21.75
C TRP G 119 40.41 -44.19 21.27
N ARG G 120 39.44 -45.04 21.50
CA ARG G 120 38.11 -44.86 20.96
C ARG G 120 37.38 -43.77 21.72
N THR G 121 37.64 -43.66 23.01
CA THR G 121 37.01 -42.70 23.90
C THR G 121 37.58 -41.30 23.70
N MET G 122 38.86 -41.20 23.37
CA MET G 122 39.48 -39.93 23.01
C MET G 122 38.69 -39.37 21.87
N ASP G 123 38.36 -40.24 20.93
CA ASP G 123 37.70 -39.83 19.72
C ASP G 123 36.23 -39.53 20.01
N ASP G 124 35.61 -40.32 20.89
CA ASP G 124 34.19 -40.17 21.25
C ASP G 124 34.01 -38.83 21.89
N MET G 125 34.82 -38.57 22.92
CA MET G 125 34.80 -37.31 23.63
C MET G 125 35.06 -36.17 22.69
N GLY G 126 35.85 -36.41 21.67
CA GLY G 126 36.23 -35.35 20.77
C GLY G 126 35.07 -34.91 19.94
N ARG G 127 34.22 -35.86 19.55
CA ARG G 127 33.08 -35.57 18.66
C ARG G 127 32.13 -34.51 19.24
N GLU G 128 32.23 -34.32 20.56
CA GLU G 128 31.42 -33.41 21.33
C GLU G 128 32.03 -32.00 21.39
N ILE G 129 33.23 -31.80 20.85
CA ILE G 129 33.92 -30.52 20.96
C ILE G 129 34.08 -29.85 19.62
N PRO G 130 33.48 -28.70 19.46
CA PRO G 130 33.60 -27.92 18.22
C PRO G 130 34.96 -27.27 17.99
N SER G 131 35.56 -27.43 16.81
CA SER G 131 36.89 -26.89 16.50
C SER G 131 36.95 -25.38 16.62
N ASP G 132 36.08 -24.76 15.82
CA ASP G 132 35.43 -23.49 16.05
C ASP G 132 35.50 -22.86 17.46
N ALA G 133 35.01 -23.58 18.45
CA ALA G 133 34.84 -23.06 19.80
C ALA G 133 34.72 -24.20 20.83
N PRO G 134 35.84 -24.80 21.22
CA PRO G 134 35.85 -25.94 22.14
C PRO G 134 35.16 -25.62 23.46
N TRP G 135 35.14 -24.36 23.86
CA TRP G 135 34.52 -23.96 25.11
C TRP G 135 32.99 -24.12 25.12
N LYS G 136 32.41 -24.43 23.96
CA LYS G 136 30.96 -24.58 23.83
C LYS G 136 30.59 -26.01 23.91
N ALA G 137 31.55 -26.86 24.20
CA ALA G 137 31.26 -28.26 24.44
C ALA G 137 30.26 -28.37 25.56
N PRO G 138 29.31 -29.28 25.45
CA PRO G 138 28.37 -29.56 26.53
C PRO G 138 29.05 -29.73 27.88
N LEU G 139 30.20 -30.39 27.96
CA LEU G 139 30.85 -30.58 29.28
C LEU G 139 32.16 -29.77 29.45
N ALA G 140 32.26 -28.67 28.73
CA ALA G 140 33.44 -27.85 28.71
C ALA G 140 33.99 -27.63 30.09
N GLU G 141 33.16 -27.17 31.03
CA GLU G 141 33.60 -26.86 32.39
C GLU G 141 34.24 -28.05 33.02
N GLU G 142 33.52 -29.16 33.04
CA GLU G 142 33.99 -30.36 33.73
C GLU G 142 35.33 -30.81 33.18
N TRP G 143 35.39 -30.89 31.85
CA TRP G 143 36.56 -31.39 31.13
C TRP G 143 37.72 -30.44 31.28
N ASP G 144 37.47 -29.14 31.16
CA ASP G 144 38.53 -28.13 31.26
C ASP G 144 39.03 -27.97 32.69
N ASN G 145 38.24 -28.34 33.67
CA ASN G 145 38.65 -28.18 35.06
C ASN G 145 39.51 -29.32 35.55
N MET G 146 39.82 -30.24 34.65
CA MET G 146 40.43 -31.53 34.96
C MET G 146 41.61 -31.82 34.02
N THR G 147 42.73 -32.32 34.55
CA THR G 147 43.96 -32.49 33.74
C THR G 147 43.90 -33.77 32.92
N MET G 148 44.82 -33.93 31.97
CA MET G 148 44.86 -35.15 31.15
C MET G 148 45.22 -36.36 32.01
N LYS G 149 46.01 -36.11 33.06
CA LYS G 149 46.47 -37.16 33.95
C LYS G 149 45.31 -37.73 34.72
N GLU G 150 44.39 -36.84 35.09
CA GLU G 150 43.19 -37.19 35.80
C GLU G 150 42.29 -38.03 34.92
N LEU G 151 42.08 -37.57 33.69
CA LEU G 151 41.28 -38.31 32.73
C LEU G 151 41.84 -39.70 32.50
N LEU G 152 43.15 -39.77 32.30
CA LEU G 152 43.81 -41.04 32.10
C LEU G 152 43.67 -41.91 33.31
N ASP G 153 43.89 -41.39 34.50
CA ASP G 153 43.82 -42.21 35.71
C ASP G 153 42.45 -42.82 35.81
N LYS G 154 41.45 -42.16 35.25
CA LYS G 154 40.05 -42.57 35.36
C LYS G 154 39.68 -43.59 34.31
N LEU G 155 40.19 -43.41 33.11
CA LEU G 155 39.79 -44.15 31.91
C LEU G 155 40.52 -45.47 31.66
N CYS G 156 41.72 -45.62 32.24
CA CYS G 156 42.64 -46.69 31.93
C CYS G 156 42.75 -47.70 33.06
N TRP G 157 42.27 -48.91 32.80
CA TRP G 157 42.26 -49.93 33.83
C TRP G 157 43.56 -50.72 33.87
N THR G 158 44.42 -50.56 32.85
CA THR G 158 45.72 -51.23 32.83
C THR G 158 46.84 -50.24 32.86
N GLU G 159 47.95 -50.60 33.50
CA GLU G 159 49.14 -49.77 33.46
C GLU G 159 49.69 -49.65 32.04
N SER G 160 49.59 -50.71 31.24
CA SER G 160 50.12 -50.65 29.88
C SER G 160 49.46 -49.54 29.06
N ALA G 161 48.18 -49.32 29.29
CA ALA G 161 47.44 -48.31 28.55
C ALA G 161 47.73 -46.91 29.04
N LYS G 162 47.85 -46.76 30.36
CA LYS G 162 48.16 -45.46 30.95
C LYS G 162 49.47 -44.97 30.42
N GLN G 163 50.40 -45.90 30.26
CA GLN G 163 51.72 -45.57 29.77
C GLN G 163 51.75 -45.14 28.30
N LEU G 164 51.05 -45.88 27.44
CA LEU G 164 51.02 -45.54 26.03
C LEU G 164 50.28 -44.24 25.83
N ALA G 165 49.16 -44.08 26.53
CA ALA G 165 48.40 -42.82 26.50
C ALA G 165 49.25 -41.59 26.92
N THR G 166 49.95 -41.70 28.06
CA THR G 166 50.94 -40.70 28.45
C THR G 166 51.94 -40.39 27.35
N LEU G 167 52.56 -41.41 26.76
CA LEU G 167 53.54 -41.20 25.72
C LEU G 167 52.86 -40.44 24.59
N PHE G 168 51.65 -40.88 24.25
CA PHE G 168 50.86 -40.23 23.22
C PHE G 168 50.64 -38.71 23.49
N VAL G 169 50.38 -38.36 24.74
CA VAL G 169 50.19 -36.96 25.12
C VAL G 169 51.52 -36.27 25.03
N ASN G 170 52.54 -36.78 25.71
CA ASN G 170 53.88 -36.22 25.68
C ASN G 170 54.33 -35.94 24.27
N LEU G 171 54.04 -36.87 23.38
CA LEU G 171 54.53 -36.76 22.03
C LEU G 171 53.79 -35.75 21.20
N CYS G 172 52.48 -35.65 21.36
CA CYS G 172 51.64 -34.66 20.68
C CYS G 172 51.83 -33.20 21.09
N VAL G 173 51.96 -32.97 22.39
CA VAL G 173 51.96 -31.61 22.91
C VAL G 173 53.18 -31.21 23.76
N THR G 174 54.20 -32.09 23.85
CA THR G 174 55.48 -31.73 24.47
C THR G 174 55.29 -31.18 25.83
N ALA G 175 54.37 -31.80 26.56
CA ALA G 175 53.98 -31.39 27.91
C ALA G 175 53.58 -32.64 28.68
N GLU G 176 53.53 -32.52 30.00
CA GLU G 176 53.13 -33.64 30.82
C GLU G 176 51.62 -33.76 30.92
N THR G 177 51.11 -34.94 31.20
CA THR G 177 49.67 -35.06 31.27
C THR G 177 49.15 -34.23 32.39
N HIS G 178 49.87 -34.15 33.50
CA HIS G 178 49.44 -33.31 34.63
C HIS G 178 49.59 -31.80 34.37
N GLU G 179 50.14 -31.42 33.24
CA GLU G 179 50.31 -29.98 32.93
C GLU G 179 49.11 -29.40 32.17
N VAL G 180 48.37 -30.26 31.48
CA VAL G 180 47.44 -29.82 30.44
C VAL G 180 46.00 -30.14 30.75
N SER G 181 45.11 -29.26 30.31
CA SER G 181 43.71 -29.47 30.52
C SER G 181 43.19 -30.55 29.58
N ALA G 182 42.43 -31.50 30.12
CA ALA G 182 41.70 -32.48 29.30
C ALA G 182 40.90 -31.88 28.13
N LEU G 183 40.09 -30.87 28.40
CA LEU G 183 39.26 -30.27 27.35
C LEU G 183 40.12 -29.83 26.17
N TRP G 184 41.16 -29.06 26.48
CA TRP G 184 42.09 -28.58 25.47
C TRP G 184 42.76 -29.74 24.73
N PHE G 185 43.25 -30.75 25.45
CA PHE G 185 43.95 -31.80 24.74
C PHE G 185 43.00 -32.51 23.78
N LEU G 186 41.77 -32.74 24.23
CA LEU G 186 40.85 -33.51 23.42
C LEU G 186 40.50 -32.71 22.21
N TRP G 187 40.41 -31.40 22.37
CA TRP G 187 40.20 -30.48 21.25
C TRP G 187 41.34 -30.63 20.24
N TYR G 188 42.55 -30.49 20.74
CA TYR G 188 43.72 -30.56 19.94
C TYR G 188 43.73 -31.76 19.03
N VAL G 189 43.60 -32.94 19.59
CA VAL G 189 43.63 -34.17 18.83
C VAL G 189 42.51 -34.21 17.78
N LYS G 190 41.29 -33.82 18.17
CA LYS G 190 40.16 -33.88 17.27
C LYS G 190 40.25 -32.90 16.11
N GLN G 191 40.85 -31.72 16.31
CA GLN G 191 40.97 -30.71 15.24
C GLN G 191 42.04 -31.09 14.24
N CYS G 192 42.71 -32.22 14.48
CA CYS G 192 43.61 -32.83 13.47
C CYS G 192 42.97 -34.04 12.77
N GLY G 193 41.83 -34.50 13.27
CA GLY G 193 41.09 -35.56 12.61
C GLY G 193 41.05 -36.85 13.43
N GLY G 194 41.31 -36.74 14.73
CA GLY G 194 41.24 -37.88 15.62
C GLY G 194 42.56 -38.61 15.75
N THR G 195 42.58 -39.60 16.63
CA THR G 195 43.81 -40.29 17.02
C THR G 195 44.54 -40.94 15.85
N THR G 196 43.84 -41.71 15.02
CA THR G 196 44.47 -42.34 13.86
C THR G 196 45.17 -41.34 12.97
N ARG G 197 44.52 -40.25 12.64
CA ARG G 197 45.17 -39.31 11.74
C ARG G 197 46.42 -38.69 12.38
N ILE G 198 46.31 -38.32 13.64
CA ILE G 198 47.39 -37.63 14.26
C ILE G 198 48.59 -38.56 14.49
N ILE G 199 48.34 -39.82 14.80
CA ILE G 199 49.45 -40.71 15.11
C ILE G 199 50.08 -41.38 13.90
N SER G 200 49.36 -41.48 12.79
CA SER G 200 49.84 -42.20 11.62
C SER G 200 50.97 -41.52 10.81
N THR G 201 51.93 -42.35 10.38
CA THR G 201 52.89 -41.97 9.34
C THR G 201 52.25 -42.12 7.95
N THR G 202 52.21 -43.34 7.41
CA THR G 202 51.41 -43.61 6.22
C THR G 202 49.97 -43.23 6.51
N ASN G 203 49.44 -42.39 5.63
CA ASN G 203 48.08 -41.85 5.69
C ASN G 203 47.75 -41.00 6.90
N GLY G 204 48.75 -40.30 7.42
CA GLY G 204 48.55 -39.39 8.54
C GLY G 204 49.49 -38.21 8.57
N GLY G 205 49.59 -37.60 9.74
CA GLY G 205 50.31 -36.35 9.88
C GLY G 205 51.81 -36.40 9.59
N GLN G 206 52.42 -37.56 9.71
CA GLN G 206 53.86 -37.66 9.50
C GLN G 206 54.18 -38.37 8.18
N GLU G 207 53.24 -38.37 7.24
CA GLU G 207 53.46 -39.08 6.00
C GLU G 207 54.65 -38.58 5.20
N ARG G 208 54.83 -37.27 5.13
CA ARG G 208 55.79 -36.68 4.19
C ARG G 208 56.65 -35.55 4.75
N LYS G 209 57.71 -35.20 4.02
CA LYS G 209 58.48 -33.98 4.27
C LYS G 209 58.70 -33.24 2.98
N PHE G 210 59.12 -31.99 3.05
CA PHE G 210 59.42 -31.21 1.84
C PHE G 210 60.85 -31.46 1.45
N VAL G 211 61.03 -31.74 0.16
CA VAL G 211 62.37 -31.82 -0.45
C VAL G 211 63.04 -30.47 -0.29
N GLY G 212 64.22 -30.47 0.31
CA GLY G 212 64.97 -29.25 0.45
C GLY G 212 64.73 -28.52 1.76
N GLY G 213 63.70 -28.91 2.52
CA GLY G 213 63.40 -28.34 3.81
C GLY G 213 62.10 -27.55 3.83
N SER G 214 61.64 -27.13 5.01
CA SER G 214 60.40 -26.38 5.06
C SER G 214 60.68 -24.93 5.25
N GLY G 215 61.90 -24.63 5.72
CA GLY G 215 62.35 -23.24 5.76
C GLY G 215 62.08 -22.60 4.40
N GLN G 216 62.17 -23.43 3.38
CA GLN G 216 61.95 -23.00 2.03
C GLN G 216 60.65 -22.23 1.87
N VAL G 217 59.60 -22.63 2.59
CA VAL G 217 58.27 -22.02 2.45
C VAL G 217 58.31 -20.51 2.73
N SER G 218 58.78 -20.10 3.88
CA SER G 218 58.74 -18.68 4.21
C SER G 218 59.87 -17.95 3.57
N GLU G 219 60.95 -18.65 3.28
CA GLU G 219 62.05 -18.07 2.51
C GLU G 219 61.58 -17.59 1.13
N ARG G 220 60.89 -18.46 0.42
CA ARG G 220 60.53 -18.17 -0.93
C ARG G 220 59.51 -17.07 -0.93
N ILE G 221 58.69 -16.98 0.12
CA ILE G 221 57.76 -15.86 0.27
C ILE G 221 58.51 -14.55 0.47
N MET G 222 59.59 -14.59 1.26
CA MET G 222 60.44 -13.44 1.46
C MET G 222 61.00 -12.96 0.13
N ASP G 223 61.25 -13.89 -0.79
CA ASP G 223 61.76 -13.52 -2.12
C ASP G 223 60.74 -12.72 -2.89
N LEU G 224 59.48 -13.18 -2.89
CA LEU G 224 58.40 -12.55 -3.61
C LEU G 224 58.08 -11.17 -3.10
N LEU G 225 58.55 -10.86 -1.90
CA LEU G 225 58.23 -9.59 -1.29
C LEU G 225 59.38 -8.59 -1.36
N GLY G 226 60.49 -8.98 -1.99
CA GLY G 226 61.67 -8.12 -2.03
C GLY G 226 61.99 -7.50 -0.68
N ASP G 227 62.33 -6.20 -0.68
CA ASP G 227 62.73 -5.44 0.51
C ASP G 227 61.66 -5.26 1.62
N ARG G 228 60.45 -5.77 1.41
CA ARG G 228 59.36 -5.63 2.39
C ARG G 228 59.48 -6.37 3.73
N VAL G 229 60.25 -7.45 3.79
CA VAL G 229 60.47 -8.15 5.06
C VAL G 229 61.73 -7.57 5.68
N LYS G 230 61.57 -7.08 6.91
CA LYS G 230 62.65 -6.41 7.63
C LYS G 230 63.11 -7.31 8.75
N LEU G 231 64.23 -7.97 8.54
CA LEU G 231 64.85 -8.83 9.55
C LEU G 231 65.49 -7.99 10.66
N GLU G 232 65.86 -8.66 11.75
CA GLU G 232 66.40 -8.02 12.96
C GLU G 232 65.61 -6.84 13.49
N ARG G 233 64.27 -6.93 13.39
CA ARG G 233 63.33 -5.88 13.81
C ARG G 233 62.28 -6.38 14.85
N PRO G 234 62.69 -6.67 16.08
CA PRO G 234 61.73 -7.10 17.09
C PRO G 234 60.82 -5.94 17.46
N VAL G 235 59.51 -6.12 17.32
CA VAL G 235 58.55 -5.09 17.74
C VAL G 235 58.52 -4.96 19.25
N ILE G 236 58.53 -3.74 19.78
CA ILE G 236 58.48 -3.52 21.25
C ILE G 236 57.33 -2.64 21.78
N TYR G 237 56.60 -1.96 20.88
CA TYR G 237 55.60 -0.98 21.26
C TYR G 237 54.60 -0.86 20.11
N ILE G 238 53.32 -1.00 20.42
CA ILE G 238 52.28 -0.71 19.47
C ILE G 238 51.38 0.31 20.11
N ASP G 239 51.12 1.41 19.38
CA ASP G 239 50.36 2.57 19.87
C ASP G 239 49.14 2.79 18.97
N GLN G 240 47.95 2.75 19.56
CA GLN G 240 46.72 2.85 18.81
C GLN G 240 45.89 4.09 19.16
N THR G 241 46.51 5.04 19.86
CA THR G 241 45.88 6.29 20.26
C THR G 241 45.42 7.16 19.09
N ARG G 242 46.28 7.32 18.09
CA ARG G 242 46.02 8.20 16.94
C ARG G 242 45.10 7.57 15.86
N GLU G 243 45.04 8.22 14.69
CA GLU G 243 44.34 7.74 13.50
C GLU G 243 45.04 6.48 12.89
N ASN G 244 46.36 6.56 12.70
CA ASN G 244 47.14 5.42 12.23
C ASN G 244 47.80 4.72 13.39
N VAL G 245 47.96 3.40 13.28
CA VAL G 245 48.68 2.59 14.29
C VAL G 245 50.18 2.75 14.14
N LEU G 246 50.86 3.09 15.23
CA LEU G 246 52.31 3.17 15.21
C LEU G 246 52.84 1.90 15.81
N VAL G 247 53.82 1.30 15.14
CA VAL G 247 54.51 0.10 15.59
C VAL G 247 56.01 0.38 15.68
N GLU G 248 56.61 0.16 16.83
CA GLU G 248 58.02 0.53 17.01
C GLU G 248 58.91 -0.67 17.31
N THR G 249 60.11 -0.69 16.72
CA THR G 249 61.05 -1.80 16.89
C THR G 249 62.18 -1.52 17.89
N LEU G 250 62.85 -2.57 18.31
CA LEU G 250 63.88 -2.42 19.32
C LEU G 250 65.03 -1.50 18.92
N ASN G 251 65.30 -1.43 17.62
CA ASN G 251 66.38 -0.58 17.09
C ASN G 251 65.91 0.84 16.76
N HIS G 252 64.63 1.12 17.02
CA HIS G 252 64.11 2.50 17.05
C HIS G 252 63.33 2.96 15.83
N GLU G 253 63.26 2.13 14.81
CA GLU G 253 62.43 2.43 13.64
C GLU G 253 60.93 2.48 13.94
N MET G 254 60.22 3.38 13.27
CA MET G 254 58.78 3.54 13.45
C MET G 254 58.10 3.17 12.17
N TYR G 255 57.03 2.40 12.28
CA TYR G 255 56.22 2.02 11.13
C TYR G 255 54.78 2.39 11.43
N GLU G 256 54.07 2.89 10.41
CA GLU G 256 52.72 3.40 10.58
C GLU G 256 51.78 2.61 9.70
N ALA G 257 50.62 2.22 10.20
CA ALA G 257 49.70 1.43 9.37
C ALA G 257 48.26 1.54 9.75
N LYS G 258 47.41 1.25 8.79
CA LYS G 258 45.97 1.27 9.02
C LYS G 258 45.61 0.11 9.90
N TYR G 259 46.33 -1.01 9.75
CA TYR G 259 46.01 -2.26 10.48
C TYR G 259 47.25 -3.02 10.87
N VAL G 260 47.14 -3.95 11.82
CA VAL G 260 48.25 -4.81 12.22
C VAL G 260 47.80 -6.26 12.35
N ILE G 261 48.60 -7.19 11.82
CA ILE G 261 48.45 -8.61 12.08
C ILE G 261 49.58 -9.03 13.01
N SER G 262 49.25 -9.61 14.14
CA SER G 262 50.21 -10.13 15.06
C SER G 262 50.16 -11.61 14.82
N ALA G 263 51.27 -12.13 14.33
CA ALA G 263 51.38 -13.53 13.99
C ALA G 263 52.50 -14.15 14.80
N ILE G 264 52.64 -13.77 16.05
CA ILE G 264 53.59 -14.40 16.94
C ILE G 264 52.84 -15.24 17.96
N PRO G 265 53.52 -16.16 18.62
CA PRO G 265 52.86 -17.04 19.61
C PRO G 265 52.15 -16.23 20.68
N PRO G 266 50.94 -16.62 21.08
CA PRO G 266 50.10 -15.78 21.89
C PRO G 266 50.90 -15.17 23.00
N THR G 267 51.49 -16.00 23.85
CA THR G 267 52.17 -15.48 25.02
C THR G 267 53.25 -14.47 24.70
N LEU G 268 53.73 -14.43 23.45
CA LEU G 268 54.90 -13.62 23.15
C LEU G 268 54.50 -12.20 22.89
N GLY G 269 53.21 -11.95 23.02
CA GLY G 269 52.66 -10.61 22.96
C GLY G 269 53.09 -9.85 24.17
N MET G 270 53.48 -10.57 25.20
CA MET G 270 53.94 -9.98 26.44
C MET G 270 55.13 -9.09 26.18
N LYS G 271 55.81 -9.34 25.06
CA LYS G 271 57.08 -8.71 24.74
C LYS G 271 56.87 -7.36 24.09
N ILE G 272 55.62 -6.96 23.92
CA ILE G 272 55.27 -5.71 23.28
C ILE G 272 54.64 -4.88 24.37
N HIS G 273 54.98 -3.60 24.44
CA HIS G 273 54.26 -2.65 25.31
C HIS G 273 53.08 -1.97 24.60
N PHE G 274 51.87 -2.04 25.19
CA PHE G 274 50.68 -1.55 24.50
C PHE G 274 50.13 -0.20 24.97
N ASN G 275 49.64 0.61 24.01
CA ASN G 275 48.98 1.89 24.33
C ASN G 275 47.81 2.11 23.40
N PRO G 276 46.58 2.21 23.91
CA PRO G 276 46.26 2.06 25.32
C PRO G 276 46.53 0.63 25.82
N PRO G 277 46.60 0.40 27.12
CA PRO G 277 46.71 -0.95 27.65
C PRO G 277 45.74 -1.92 26.97
N LEU G 278 46.09 -3.20 26.89
CA LEU G 278 45.19 -4.19 26.30
C LEU G 278 43.95 -4.33 27.19
N PRO G 279 42.83 -4.72 26.60
CA PRO G 279 41.65 -5.13 27.38
C PRO G 279 42.05 -6.11 28.46
N MET G 280 41.34 -6.09 29.58
CA MET G 280 41.68 -7.00 30.67
C MET G 280 41.87 -8.43 30.21
N MET G 281 40.90 -8.98 29.49
CA MET G 281 40.93 -10.39 29.13
C MET G 281 42.22 -10.81 28.38
N ARG G 282 42.60 -10.06 27.35
CA ARG G 282 43.83 -10.38 26.66
C ARG G 282 45.06 -10.19 27.57
N ASN G 283 45.19 -9.02 28.20
CA ASN G 283 46.28 -8.76 29.12
C ASN G 283 46.56 -9.95 30.02
N GLN G 284 45.52 -10.57 30.56
CA GLN G 284 45.72 -11.73 31.42
C GLN G 284 45.86 -13.04 30.65
N MET G 285 45.14 -13.19 29.54
CA MET G 285 45.21 -14.40 28.73
C MET G 285 46.63 -14.67 28.34
N ILE G 286 47.35 -13.66 27.89
CA ILE G 286 48.70 -13.86 27.39
C ILE G 286 49.69 -14.20 28.48
N THR G 287 49.26 -14.34 29.73
CA THR G 287 50.21 -14.86 30.75
C THR G 287 49.89 -16.28 31.14
N ARG G 288 48.83 -16.81 30.57
CA ARG G 288 48.30 -18.09 30.98
C ARG G 288 48.52 -19.15 29.93
N VAL G 289 49.30 -18.87 28.89
CA VAL G 289 49.33 -19.75 27.74
C VAL G 289 50.77 -20.14 27.28
N PRO G 290 51.40 -21.06 28.02
CA PRO G 290 52.80 -21.43 27.78
C PRO G 290 53.05 -22.34 26.57
N LEU G 291 54.27 -22.38 26.08
CA LEU G 291 54.61 -23.34 25.03
C LEU G 291 55.32 -24.56 25.63
N GLY G 292 55.26 -25.67 24.90
CA GLY G 292 55.88 -26.91 25.30
C GLY G 292 57.39 -26.96 25.25
N SER G 293 57.94 -28.10 25.64
CA SER G 293 59.37 -28.26 25.74
C SER G 293 59.81 -29.51 24.97
N VAL G 294 60.76 -29.30 24.03
CA VAL G 294 61.28 -30.35 23.16
C VAL G 294 62.72 -30.04 22.70
N ILE G 295 63.52 -31.10 22.54
CA ILE G 295 64.78 -30.98 21.82
C ILE G 295 64.69 -31.91 20.63
N LYS G 296 64.91 -31.38 19.42
CA LYS G 296 64.94 -32.19 18.20
C LYS G 296 66.37 -32.62 17.93
N CYS G 297 66.56 -33.93 17.78
CA CYS G 297 67.90 -34.51 17.65
C CYS G 297 68.02 -35.44 16.44
N ILE G 298 69.04 -35.18 15.62
CA ILE G 298 69.30 -36.00 14.44
C ILE G 298 70.71 -36.59 14.43
N VAL G 299 70.77 -37.93 14.30
CA VAL G 299 72.05 -38.66 14.34
C VAL G 299 72.25 -39.23 12.97
N TYR G 300 73.39 -38.88 12.37
CA TYR G 300 73.78 -39.30 11.03
C TYR G 300 74.62 -40.56 11.02
N TYR G 301 74.34 -41.46 10.09
CA TYR G 301 75.08 -42.71 9.95
C TYR G 301 75.52 -42.99 8.52
N LYS G 302 76.59 -43.78 8.35
CA LYS G 302 77.16 -44.10 7.04
C LYS G 302 76.14 -44.66 6.10
N GLU G 303 75.18 -45.39 6.63
CA GLU G 303 74.20 -46.09 5.80
C GLU G 303 72.93 -46.31 6.64
N PRO G 304 71.77 -46.39 6.01
CA PRO G 304 70.54 -46.73 6.71
C PRO G 304 70.49 -48.19 7.19
N PHE G 305 71.41 -48.53 8.10
CA PHE G 305 71.61 -49.91 8.48
C PHE G 305 70.36 -50.65 8.98
N TRP G 306 69.47 -49.92 9.62
CA TRP G 306 68.29 -50.53 10.16
C TRP G 306 67.56 -51.26 9.06
N ARG G 307 67.56 -50.71 7.85
CA ARG G 307 66.74 -51.29 6.78
C ARG G 307 67.16 -52.73 6.44
N LYS G 308 68.46 -53.00 6.50
CA LYS G 308 68.99 -54.32 6.26
C LYS G 308 68.48 -55.36 7.27
N LYS G 309 68.12 -54.89 8.47
CA LYS G 309 67.52 -55.74 9.49
C LYS G 309 65.99 -55.70 9.45
N ASP G 310 65.43 -55.17 8.36
CA ASP G 310 63.97 -55.07 8.12
C ASP G 310 63.28 -54.23 9.18
N TYR G 311 63.95 -53.16 9.63
CA TYR G 311 63.37 -52.15 10.51
C TYR G 311 63.31 -50.87 9.73
N CYS G 312 62.19 -50.16 9.78
CA CYS G 312 62.08 -48.95 8.96
C CYS G 312 62.76 -47.73 9.55
N GLY G 313 62.97 -47.74 10.86
CA GLY G 313 63.60 -46.63 11.57
C GLY G 313 62.72 -46.02 12.66
N THR G 314 61.43 -46.31 12.61
CA THR G 314 60.48 -45.90 13.63
C THR G 314 60.61 -46.70 14.93
N MET G 315 60.72 -46.00 16.03
CA MET G 315 60.83 -46.64 17.32
C MET G 315 59.94 -45.92 18.29
N ILE G 316 59.05 -46.66 18.95
CA ILE G 316 58.22 -46.12 20.03
C ILE G 316 58.79 -46.69 21.33
N ILE G 317 59.39 -45.84 22.17
CA ILE G 317 60.13 -46.29 23.34
C ILE G 317 59.49 -45.90 24.69
N ASP G 318 58.94 -46.90 25.37
CA ASP G 318 58.36 -46.76 26.70
C ASP G 318 59.40 -46.61 27.78
N GLY G 319 59.00 -45.96 28.87
CA GLY G 319 59.84 -45.91 30.03
C GLY G 319 60.55 -44.62 30.30
N GLU G 320 60.90 -44.42 31.56
CA GLU G 320 61.44 -43.16 32.02
C GLU G 320 62.93 -43.00 31.64
N GLU G 321 63.67 -44.11 31.60
CA GLU G 321 65.12 -44.04 31.43
C GLU G 321 65.51 -43.66 30.00
N ALA G 322 64.71 -44.02 29.01
CA ALA G 322 65.01 -43.64 27.64
C ALA G 322 64.90 -42.14 27.44
N PRO G 323 65.96 -41.50 26.94
CA PRO G 323 65.94 -40.06 26.62
C PRO G 323 65.02 -39.71 25.50
N VAL G 324 64.66 -40.63 24.63
CA VAL G 324 63.85 -40.30 23.50
C VAL G 324 62.75 -41.36 23.41
N ALA G 325 61.49 -40.96 23.26
CA ALA G 325 60.41 -41.93 23.20
C ALA G 325 60.00 -42.31 21.78
N TYR G 326 60.35 -41.47 20.79
CA TYR G 326 59.84 -41.65 19.44
C TYR G 326 60.88 -41.25 18.47
N THR G 327 61.17 -42.13 17.51
CA THR G 327 62.05 -41.77 16.41
C THR G 327 61.40 -42.05 15.05
N LEU G 328 61.83 -41.29 14.05
CA LEU G 328 61.52 -41.59 12.66
C LEU G 328 62.80 -41.62 11.85
N ASP G 329 62.81 -42.38 10.75
CA ASP G 329 63.93 -42.38 9.78
C ASP G 329 64.02 -41.04 8.97
N ASP G 330 65.20 -40.42 8.98
CA ASP G 330 65.42 -39.12 8.32
C ASP G 330 66.32 -39.13 7.06
N THR G 331 66.52 -40.31 6.52
CA THR G 331 67.34 -40.48 5.34
C THR G 331 66.68 -39.76 4.17
N LYS G 332 67.47 -38.95 3.44
CA LYS G 332 67.01 -38.23 2.26
C LYS G 332 66.43 -39.23 1.27
N PRO G 333 65.54 -38.77 0.39
CA PRO G 333 64.79 -39.68 -0.49
C PRO G 333 65.66 -40.48 -1.42
N GLU G 334 66.91 -40.09 -1.61
CA GLU G 334 67.84 -40.87 -2.42
C GLU G 334 68.33 -42.20 -1.78
N GLY G 335 68.67 -42.15 -0.49
CA GLY G 335 69.37 -43.23 0.22
C GLY G 335 70.57 -42.60 0.91
N ASN G 336 70.83 -41.35 0.53
CA ASN G 336 71.88 -40.46 1.03
C ASN G 336 71.75 -40.05 2.48
N TYR G 337 72.88 -39.67 3.07
CA TYR G 337 72.86 -38.99 4.35
C TYR G 337 71.91 -39.68 5.31
N ALA G 338 72.15 -40.94 5.64
CA ALA G 338 71.19 -41.68 6.48
C ALA G 338 71.16 -41.04 7.84
N ALA G 339 69.99 -41.06 8.48
CA ALA G 339 69.86 -40.43 9.78
C ALA G 339 68.68 -40.97 10.54
N ILE G 340 68.72 -40.86 11.86
CA ILE G 340 67.56 -41.11 12.69
C ILE G 340 67.18 -39.82 13.38
N MET G 341 65.90 -39.46 13.30
CA MET G 341 65.35 -38.30 14.01
C MET G 341 64.64 -38.74 15.31
N GLY G 342 64.87 -37.98 16.39
CA GLY G 342 64.20 -38.25 17.66
C GLY G 342 63.93 -37.02 18.51
N PHE G 343 62.84 -37.05 19.28
CA PHE G 343 62.45 -35.94 20.15
C PHE G 343 62.84 -36.24 21.58
N ILE G 344 63.38 -35.26 22.28
CA ILE G 344 63.50 -35.34 23.72
C ILE G 344 62.39 -34.46 24.30
N LEU G 345 61.41 -35.09 24.93
CA LEU G 345 60.14 -34.43 25.25
C LEU G 345 59.95 -34.02 26.68
N ALA G 346 59.25 -32.90 26.84
CA ALA G 346 58.72 -32.44 28.12
C ALA G 346 59.73 -32.42 29.27
N HIS G 347 59.42 -33.05 30.37
CA HIS G 347 60.30 -33.00 31.51
C HIS G 347 61.68 -33.45 31.19
N LYS G 348 61.82 -34.35 30.25
CA LYS G 348 63.13 -34.81 29.84
C LYS G 348 63.94 -33.77 29.10
N ALA G 349 63.29 -32.91 28.34
CA ALA G 349 64.02 -31.83 27.68
C ALA G 349 64.65 -30.89 28.69
N ARG G 350 64.10 -30.81 29.90
CA ARG G 350 64.69 -29.95 30.92
C ARG G 350 65.83 -30.69 31.59
N LYS G 351 65.65 -31.98 31.84
CA LYS G 351 66.64 -32.80 32.54
C LYS G 351 67.94 -32.91 31.76
N LEU G 352 67.83 -33.18 30.46
CA LEU G 352 68.98 -33.53 29.63
C LEU G 352 69.64 -32.33 29.00
N ALA G 353 69.04 -31.16 29.15
CA ALA G 353 69.65 -29.94 28.66
C ALA G 353 70.85 -29.57 29.52
N ARG G 354 70.92 -30.14 30.71
CA ARG G 354 72.04 -29.97 31.63
C ARG G 354 73.32 -30.57 31.06
N LEU G 355 73.19 -31.67 30.32
CA LEU G 355 74.31 -32.36 29.67
C LEU G 355 74.87 -31.55 28.49
N THR G 356 76.01 -32.01 27.97
CA THR G 356 76.64 -31.38 26.81
C THR G 356 76.17 -32.04 25.52
N LYS G 357 76.34 -31.33 24.40
CA LYS G 357 76.06 -31.87 23.08
C LYS G 357 76.53 -33.33 22.95
N GLU G 358 77.75 -33.60 23.38
CA GLU G 358 78.33 -34.92 23.18
C GLU G 358 77.69 -35.99 24.04
N GLU G 359 77.35 -35.61 25.29
CA GLU G 359 76.76 -36.55 26.25
C GLU G 359 75.39 -37.01 25.83
N ARG G 360 74.68 -36.10 25.15
CA ARG G 360 73.38 -36.41 24.54
C ARG G 360 73.52 -37.38 23.37
N LEU G 361 74.46 -37.08 22.48
CA LEU G 361 74.76 -37.94 21.35
C LEU G 361 75.02 -39.36 21.82
N LYS G 362 75.84 -39.46 22.86
CA LYS G 362 76.19 -40.77 23.44
C LYS G 362 74.96 -41.51 23.93
N LYS G 363 74.08 -40.79 24.62
CA LYS G 363 72.91 -41.41 25.23
C LYS G 363 71.93 -41.85 24.16
N LEU G 364 71.86 -41.09 23.09
CA LEU G 364 70.95 -41.40 22.02
C LEU G 364 71.45 -42.64 21.30
N CYS G 365 72.76 -42.68 21.04
CA CYS G 365 73.35 -43.78 20.30
C CYS G 365 73.25 -45.08 21.05
N GLU G 366 73.55 -45.03 22.35
CA GLU G 366 73.44 -46.21 23.20
C GLU G 366 72.02 -46.77 23.17
N LEU G 367 71.02 -45.88 23.18
CA LEU G 367 69.61 -46.26 23.14
C LEU G 367 69.26 -46.86 21.79
N TYR G 368 69.64 -46.14 20.74
CA TYR G 368 69.36 -46.62 19.41
C TYR G 368 69.99 -47.99 19.15
N ALA G 369 71.23 -48.14 19.60
CA ALA G 369 71.90 -49.42 19.57
C ALA G 369 71.13 -50.50 20.31
N LYS G 370 70.68 -50.24 21.53
CA LYS G 370 69.92 -51.25 22.22
C LYS G 370 68.59 -51.56 21.47
N VAL G 371 67.94 -50.52 20.96
CA VAL G 371 66.57 -50.74 20.48
C VAL G 371 66.62 -51.45 19.15
N LEU G 372 67.56 -51.06 18.32
CA LEU G 372 67.74 -51.67 17.01
C LEU G 372 68.53 -52.96 17.14
N GLY G 373 69.16 -53.19 18.29
CA GLY G 373 70.09 -54.30 18.42
C GLY G 373 71.22 -54.33 17.40
N SER G 374 71.95 -53.23 17.22
CA SER G 374 73.06 -53.18 16.27
C SER G 374 74.15 -52.26 16.69
N LEU G 375 75.33 -52.83 16.83
CA LEU G 375 76.52 -52.10 17.17
C LEU G 375 76.69 -50.89 16.28
N GLU G 376 76.17 -50.95 15.07
CA GLU G 376 76.47 -49.89 14.15
C GLU G 376 76.01 -48.52 14.64
N ALA G 377 74.97 -48.50 15.48
CA ALA G 377 74.35 -47.27 15.91
C ALA G 377 75.30 -46.56 16.81
N LEU G 378 76.35 -47.24 17.25
CA LEU G 378 77.33 -46.62 18.12
C LEU G 378 78.35 -45.88 17.33
N GLU G 379 78.19 -45.85 16.01
CA GLU G 379 79.16 -45.20 15.12
C GLU G 379 78.55 -44.07 14.28
N PRO G 380 78.20 -42.95 14.93
CA PRO G 380 77.61 -41.83 14.20
C PRO G 380 78.66 -41.08 13.43
N VAL G 381 78.28 -40.69 12.23
CA VAL G 381 79.14 -39.98 11.33
C VAL G 381 79.00 -38.45 11.53
N HIS G 382 77.88 -38.02 12.12
CA HIS G 382 77.56 -36.60 12.41
C HIS G 382 76.31 -36.43 13.29
N TYR G 383 76.14 -35.22 13.86
CA TYR G 383 75.03 -34.95 14.77
C TYR G 383 74.54 -33.52 14.72
N GLU G 384 73.23 -33.33 14.64
CA GLU G 384 72.61 -32.03 14.78
C GLU G 384 71.45 -32.06 15.79
N GLU G 385 71.29 -30.97 16.56
CA GLU G 385 70.21 -30.83 17.55
C GLU G 385 69.74 -29.38 17.71
N LYS G 386 68.46 -29.16 17.99
CA LYS G 386 67.98 -27.85 18.47
C LYS G 386 67.10 -27.96 19.69
N ASN G 387 67.44 -27.16 20.69
CA ASN G 387 66.64 -27.08 21.91
C ASN G 387 65.75 -25.85 21.91
N TRP G 388 64.50 -25.98 21.46
CA TRP G 388 63.60 -24.84 21.30
C TRP G 388 63.22 -24.11 22.61
N CYS G 389 63.42 -24.75 23.74
CA CYS G 389 63.19 -24.15 25.02
C CYS G 389 64.01 -22.90 25.21
N GLU G 390 65.06 -22.71 24.45
CA GLU G 390 65.91 -21.59 24.73
C GLU G 390 65.63 -20.46 23.76
N GLU G 391 64.67 -20.65 22.89
CA GLU G 391 64.39 -19.62 21.90
C GLU G 391 63.50 -18.49 22.47
N GLN G 392 64.05 -17.28 22.56
CA GLN G 392 63.36 -16.09 23.09
C GLN G 392 62.16 -15.71 22.29
N TYR G 393 62.30 -15.71 20.97
CA TYR G 393 61.21 -15.33 20.10
C TYR G 393 60.42 -16.54 19.64
N SER G 394 60.46 -17.58 20.46
CA SER G 394 59.58 -18.70 20.26
C SER G 394 58.87 -19.17 21.52
N GLY G 395 59.62 -19.34 22.61
CA GLY G 395 59.04 -19.70 23.87
C GLY G 395 59.05 -21.20 24.07
N GLY G 396 59.14 -21.97 22.99
CA GLY G 396 59.08 -23.42 23.06
C GLY G 396 58.70 -24.07 21.74
N CYS G 397 58.36 -25.36 21.77
CA CYS G 397 57.81 -26.03 20.61
C CYS G 397 57.05 -27.26 21.08
N TYR G 398 56.11 -27.76 20.30
CA TYR G 398 55.81 -27.29 18.96
C TYR G 398 54.86 -26.10 18.99
N THR G 399 53.98 -26.10 19.99
CA THR G 399 52.87 -25.14 20.07
C THR G 399 52.53 -24.73 21.50
N THR G 400 51.42 -24.03 21.68
CA THR G 400 51.01 -23.52 22.97
C THR G 400 50.07 -24.50 23.63
N TYR G 401 50.19 -24.70 24.94
CA TYR G 401 49.27 -25.62 25.62
C TYR G 401 48.47 -24.86 26.67
N PHE G 402 47.27 -25.32 26.97
CA PHE G 402 46.42 -24.71 27.98
C PHE G 402 46.34 -25.53 29.26
N PRO G 403 46.79 -24.98 30.39
CA PRO G 403 46.59 -25.59 31.72
C PRO G 403 45.13 -25.67 32.11
N PRO G 404 44.74 -26.49 33.10
CA PRO G 404 43.33 -26.58 33.49
C PRO G 404 42.69 -25.22 33.75
N GLY G 405 41.44 -25.09 33.31
CA GLY G 405 40.66 -23.90 33.54
C GLY G 405 40.81 -22.71 32.61
N ILE G 406 41.79 -22.74 31.73
CA ILE G 406 42.13 -21.54 30.98
C ILE G 406 41.42 -21.44 29.64
N LEU G 407 41.16 -22.57 28.99
CA LEU G 407 40.53 -22.57 27.70
C LEU G 407 39.13 -22.02 27.78
N THR G 408 38.33 -22.50 28.73
CA THR G 408 36.96 -22.00 28.90
C THR G 408 36.95 -20.54 29.29
N GLN G 409 37.88 -20.09 30.12
CA GLN G 409 37.81 -18.75 30.62
C GLN G 409 38.39 -17.76 29.65
N TYR G 410 39.47 -18.12 28.98
CA TYR G 410 40.21 -17.16 28.17
C TYR G 410 40.19 -17.57 26.74
N GLY G 411 39.51 -18.66 26.44
CA GLY G 411 39.43 -19.21 25.10
C GLY G 411 39.16 -18.20 24.04
N ARG G 412 37.99 -17.57 24.08
CA ARG G 412 37.56 -16.77 22.94
C ARG G 412 38.35 -15.48 22.76
N VAL G 413 39.39 -15.30 23.55
CA VAL G 413 40.15 -14.07 23.49
C VAL G 413 41.18 -14.15 22.40
N LEU G 414 41.55 -15.39 22.04
CA LEU G 414 42.76 -15.61 21.27
C LEU G 414 42.71 -14.93 19.95
N ARG G 415 41.59 -15.04 19.27
CA ARG G 415 41.50 -14.41 17.96
C ARG G 415 40.49 -13.23 17.83
N GLN G 416 40.10 -12.65 18.97
CA GLN G 416 39.27 -11.46 19.00
C GLN G 416 40.14 -10.24 18.70
N PRO G 417 39.78 -9.48 17.67
CA PRO G 417 40.53 -8.28 17.31
C PRO G 417 40.61 -7.29 18.46
N VAL G 418 41.75 -6.63 18.61
CA VAL G 418 41.88 -5.50 19.50
C VAL G 418 42.06 -4.24 18.69
N ASP G 419 40.91 -3.59 18.41
CA ASP G 419 40.77 -2.35 17.63
C ASP G 419 41.21 -2.62 16.18
N ARG G 420 42.42 -2.24 15.84
CA ARG G 420 42.95 -2.50 14.50
C ARG G 420 44.04 -3.64 14.48
N ILE G 421 44.29 -4.29 15.62
CA ILE G 421 45.15 -5.48 15.70
C ILE G 421 44.34 -6.76 15.49
N TYR G 422 44.74 -7.59 14.51
CA TYR G 422 44.07 -8.86 14.21
C TYR G 422 45.09 -9.95 14.48
N PHE G 423 44.61 -11.14 14.83
CA PHE G 423 45.48 -12.19 15.35
C PHE G 423 45.61 -13.44 14.51
N ALA G 424 46.80 -13.67 14.01
CA ALA G 424 47.11 -14.92 13.28
C ALA G 424 47.90 -15.90 14.15
N GLY G 425 48.77 -16.65 13.52
CA GLY G 425 49.56 -17.61 14.25
C GLY G 425 48.81 -18.91 14.31
N THR G 426 49.53 -20.04 14.31
CA THR G 426 48.87 -21.35 14.26
C THR G 426 47.95 -21.63 15.43
N GLU G 427 48.26 -21.08 16.59
CA GLU G 427 47.49 -21.34 17.77
C GLU G 427 46.07 -20.79 17.65
N THR G 428 45.84 -19.94 16.64
CA THR G 428 44.50 -19.47 16.32
C THR G 428 43.81 -20.23 15.16
N ALA G 429 44.45 -21.23 14.59
CA ALA G 429 43.74 -22.03 13.61
C ALA G 429 42.65 -22.91 14.21
N THR G 430 42.02 -23.68 13.35
CA THR G 430 40.80 -24.38 13.62
C THR G 430 40.89 -25.83 13.12
N HIS G 431 41.86 -26.08 12.23
CA HIS G 431 42.17 -27.37 11.67
C HIS G 431 43.67 -27.46 11.71
N TRP G 432 44.21 -28.53 12.26
CA TRP G 432 45.66 -28.69 12.42
C TRP G 432 46.25 -27.46 13.06
N SER G 433 45.59 -26.87 14.05
CA SER G 433 46.28 -25.87 14.85
C SER G 433 47.44 -26.56 15.56
N GLY G 434 48.58 -25.90 15.67
CA GLY G 434 49.73 -26.53 16.28
C GLY G 434 50.75 -26.86 15.21
N TYR G 435 50.28 -26.91 13.97
CA TYR G 435 51.08 -27.35 12.83
C TYR G 435 51.26 -26.22 11.82
N MET G 436 52.20 -26.40 10.88
CA MET G 436 52.41 -25.49 9.74
C MET G 436 51.10 -25.25 9.00
N GLU G 437 50.30 -26.29 8.85
CA GLU G 437 48.97 -26.16 8.28
C GLU G 437 48.20 -25.08 9.01
N GLY G 438 47.96 -25.27 10.29
CA GLY G 438 47.34 -24.22 11.07
C GLY G 438 47.92 -22.82 10.80
N ALA G 439 49.23 -22.72 10.73
CA ALA G 439 49.83 -21.43 10.54
C ALA G 439 49.34 -20.79 9.23
N VAL G 440 49.09 -21.61 8.21
CA VAL G 440 48.57 -21.08 6.98
C VAL G 440 47.10 -20.65 7.15
N GLU G 441 46.25 -21.54 7.65
CA GLU G 441 44.83 -21.21 7.86
C GLU G 441 44.68 -19.86 8.53
N ALA G 442 45.41 -19.70 9.63
CA ALA G 442 45.28 -18.55 10.48
C ALA G 442 45.84 -17.31 9.79
N GLY G 443 47.00 -17.48 9.14
CA GLY G 443 47.63 -16.38 8.42
C GLY G 443 46.67 -15.77 7.43
N GLU G 444 46.07 -16.61 6.61
CA GLU G 444 45.20 -16.13 5.54
C GLU G 444 43.89 -15.56 6.09
N ARG G 445 43.27 -16.22 7.07
CA ARG G 445 42.05 -15.72 7.71
C ARG G 445 42.21 -14.34 8.30
N ALA G 446 43.25 -14.13 9.10
CA ALA G 446 43.54 -12.83 9.60
C ALA G 446 43.69 -11.82 8.46
N ALA G 447 44.36 -12.21 7.38
CA ALA G 447 44.53 -11.26 6.31
C ALA G 447 43.17 -10.90 5.73
N ARG G 448 42.35 -11.91 5.50
CA ARG G 448 41.02 -11.69 4.96
C ARG G 448 40.13 -10.90 5.91
N GLU G 449 40.40 -10.96 7.20
CA GLU G 449 39.61 -10.18 8.16
C GLU G 449 39.85 -8.71 7.89
N ILE G 450 41.09 -8.33 7.62
CA ILE G 450 41.43 -6.94 7.30
C ILE G 450 40.88 -6.51 5.96
N LEU G 451 41.00 -7.37 4.98
CA LEU G 451 40.32 -7.16 3.71
C LEU G 451 38.85 -6.78 3.93
N HIS G 452 38.13 -7.56 4.71
CA HIS G 452 36.72 -7.29 4.95
C HIS G 452 36.49 -5.98 5.69
N ALA G 453 37.40 -5.59 6.57
CA ALA G 453 37.21 -4.39 7.35
C ALA G 453 37.33 -3.17 6.44
N MET G 454 38.11 -3.33 5.37
CA MET G 454 38.31 -2.27 4.39
C MET G 454 37.22 -2.33 3.34
N GLY G 455 36.25 -3.21 3.56
CA GLY G 455 35.12 -3.39 2.67
C GLY G 455 35.53 -3.81 1.27
N LYS G 456 36.49 -4.73 1.17
CA LYS G 456 36.97 -5.23 -0.12
C LYS G 456 36.38 -6.60 -0.44
N ILE G 457 35.92 -7.32 0.57
CA ILE G 457 35.25 -8.61 0.40
C ILE G 457 34.19 -8.77 1.49
N PRO G 458 33.13 -9.53 1.24
CA PRO G 458 32.05 -9.73 2.23
C PRO G 458 32.48 -10.54 3.48
N GLU G 459 31.70 -10.48 4.56
CA GLU G 459 31.96 -11.31 5.75
C GLU G 459 31.95 -12.80 5.39
N ASP G 460 30.93 -13.15 4.63
CA ASP G 460 30.84 -14.36 3.82
C ASP G 460 32.19 -15.04 3.49
N GLU G 461 33.18 -14.23 3.13
CA GLU G 461 34.41 -14.69 2.51
C GLU G 461 35.66 -14.73 3.41
N ILE G 462 35.50 -14.50 4.71
CA ILE G 462 36.64 -14.45 5.63
C ILE G 462 37.23 -15.82 5.88
N TRP G 463 36.38 -16.78 6.22
CA TRP G 463 36.78 -18.15 6.36
C TRP G 463 36.56 -18.89 5.06
N GLN G 464 37.64 -19.28 4.38
CA GLN G 464 37.52 -20.04 3.14
C GLN G 464 37.77 -21.51 3.35
N SER G 465 37.01 -22.37 2.66
CA SER G 465 37.35 -23.79 2.62
C SER G 465 38.43 -24.00 1.55
N GLU G 466 39.10 -25.17 1.58
CA GLU G 466 40.25 -25.48 0.72
C GLU G 466 40.09 -26.76 -0.10
N PRO G 467 40.33 -26.68 -1.40
CA PRO G 467 40.23 -27.87 -2.26
C PRO G 467 41.26 -28.90 -1.84
N GLU G 468 40.88 -30.17 -1.81
CA GLU G 468 41.79 -31.25 -1.43
C GLU G 468 42.93 -31.36 -2.45
N SER G 469 44.13 -31.66 -1.95
CA SER G 469 45.30 -31.85 -2.80
C SER G 469 45.19 -33.02 -3.75
N VAL G 470 45.76 -32.86 -4.93
CA VAL G 470 45.78 -33.91 -5.93
C VAL G 470 46.97 -34.85 -5.70
N ASP G 471 48.12 -34.29 -5.34
CA ASP G 471 49.31 -35.08 -5.06
C ASP G 471 49.29 -35.82 -3.74
N VAL G 472 48.48 -35.37 -2.79
CA VAL G 472 48.40 -36.09 -1.53
C VAL G 472 46.94 -36.36 -1.12
N PRO G 473 46.23 -37.18 -1.87
CA PRO G 473 44.81 -37.40 -1.59
C PRO G 473 44.63 -38.06 -0.23
N ALA G 474 43.53 -37.76 0.46
CA ALA G 474 43.28 -38.30 1.78
C ALA G 474 42.42 -39.53 1.75
N GLN G 475 43.03 -40.69 2.00
CA GLN G 475 42.29 -41.90 2.36
C GLN G 475 41.50 -41.59 3.63
N PRO G 476 40.21 -41.90 3.65
CA PRO G 476 39.38 -41.68 4.84
C PRO G 476 39.71 -42.71 5.93
N ILE G 477 39.30 -42.43 7.15
CA ILE G 477 39.67 -43.29 8.27
C ILE G 477 38.52 -44.26 8.57
N THR G 478 38.87 -45.52 8.78
CA THR G 478 37.87 -46.56 8.97
C THR G 478 38.14 -47.37 10.22
N THR G 479 37.08 -47.99 10.73
CA THR G 479 37.17 -48.82 11.92
C THR G 479 36.50 -50.19 11.69
N THR G 480 37.11 -51.22 12.26
CA THR G 480 36.56 -52.57 12.36
C THR G 480 35.26 -52.57 13.15
N PHE G 481 34.37 -53.48 12.82
CA PHE G 481 33.17 -53.72 13.63
C PHE G 481 33.58 -54.02 15.06
N LEU G 482 34.60 -54.86 15.23
CA LEU G 482 35.05 -55.24 16.56
C LEU G 482 35.60 -54.06 17.36
N GLU G 483 36.35 -53.19 16.69
CA GLU G 483 36.86 -51.95 17.29
C GLU G 483 35.72 -51.10 17.85
N ARG G 484 34.65 -50.96 17.06
CA ARG G 484 33.53 -50.14 17.43
C ARG G 484 32.70 -50.67 18.59
N HIS G 485 32.79 -51.98 18.86
CA HIS G 485 31.79 -52.63 19.76
C HIS G 485 32.33 -53.46 20.92
N LEU G 486 33.62 -53.73 20.93
CA LEU G 486 34.20 -54.45 22.05
C LEU G 486 33.94 -53.66 23.35
N PRO G 487 33.54 -54.34 24.43
CA PRO G 487 33.36 -53.66 25.72
C PRO G 487 34.64 -53.03 26.26
N SER G 488 34.49 -52.05 27.15
CA SER G 488 35.61 -51.52 27.95
C SER G 488 35.87 -52.48 29.08
N VAL G 489 36.94 -52.31 29.83
CA VAL G 489 37.20 -53.24 30.92
C VAL G 489 36.03 -53.19 31.92
N PRO G 490 35.57 -52.00 32.33
CA PRO G 490 34.40 -51.93 33.20
C PRO G 490 33.18 -52.48 32.51
N GLY G 491 33.02 -52.19 31.23
CA GLY G 491 31.90 -52.69 30.46
C GLY G 491 31.80 -54.20 30.41
N LEU G 492 32.93 -54.89 30.41
CA LEU G 492 32.98 -56.35 30.50
C LEU G 492 32.58 -56.76 31.90
N LEU G 493 33.16 -56.11 32.90
CA LEU G 493 32.82 -56.41 34.29
C LEU G 493 31.32 -56.28 34.48
N ARG G 494 30.69 -55.40 33.71
CA ARG G 494 29.25 -55.12 33.83
C ARG G 494 28.31 -56.01 32.96
N LEU G 495 28.80 -56.44 31.80
CA LEU G 495 28.08 -57.47 31.01
C LEU G 495 28.06 -58.81 31.76
N ILE G 496 29.17 -59.15 32.44
CA ILE G 496 29.29 -60.39 33.25
C ILE G 496 28.22 -60.59 34.39
N GLY G 497 27.51 -59.52 34.76
CA GLY G 497 26.49 -59.59 35.80
C GLY G 497 25.19 -58.89 35.45
N LYS H 4 72.53 6.83 35.99
CA LYS H 4 73.89 6.25 35.99
C LYS H 4 74.41 6.01 37.46
N CYS H 5 75.16 4.90 37.64
CA CYS H 5 74.98 4.05 38.86
C CYS H 5 75.70 2.65 39.08
N ASP H 6 75.71 2.17 40.34
CA ASP H 6 76.23 0.85 40.75
C ASP H 6 75.25 -0.30 40.49
N VAL H 7 74.02 -0.12 40.98
CA VAL H 7 72.95 -1.09 40.80
C VAL H 7 71.80 -0.36 40.14
N VAL H 8 71.21 -0.93 39.11
CA VAL H 8 69.91 -0.47 38.59
C VAL H 8 68.81 -1.39 39.08
N VAL H 9 67.81 -0.82 39.76
CA VAL H 9 66.67 -1.58 40.28
C VAL H 9 65.52 -1.42 39.30
N VAL H 10 65.05 -2.52 38.73
CA VAL H 10 63.85 -2.48 37.88
C VAL H 10 62.72 -2.85 38.79
N GLY H 11 61.72 -1.96 38.85
CA GLY H 11 60.61 -2.18 39.74
C GLY H 11 60.57 -1.20 40.86
N GLY H 12 59.56 -0.33 40.82
CA GLY H 12 59.33 0.67 41.86
C GLY H 12 58.32 0.35 42.96
N GLY H 13 58.04 -0.93 43.19
CA GLY H 13 57.14 -1.34 44.25
C GLY H 13 57.83 -1.43 45.60
N ILE H 14 57.15 -2.00 46.60
CA ILE H 14 57.74 -2.12 47.95
C ILE H 14 59.06 -2.90 47.88
N SER H 15 59.09 -4.00 47.13
CA SER H 15 60.32 -4.77 47.01
C SER H 15 61.50 -4.00 46.42
N GLY H 16 61.27 -3.39 45.27
CA GLY H 16 62.29 -2.58 44.64
C GLY H 16 62.77 -1.46 45.52
N MET H 17 61.84 -0.75 46.14
CA MET H 17 62.22 0.34 47.05
C MET H 17 63.02 -0.16 48.28
N ALA H 18 62.48 -1.16 48.97
CA ALA H 18 63.11 -1.74 50.13
C ALA H 18 64.56 -2.03 49.81
N ALA H 19 64.79 -2.57 48.61
CA ALA H 19 66.12 -2.87 48.08
C ALA H 19 66.91 -1.62 47.77
N ALA H 20 66.34 -0.72 46.97
CA ALA H 20 67.00 0.55 46.65
C ALA H 20 67.52 1.26 47.89
N LYS H 21 66.71 1.25 48.94
CA LYS H 21 67.09 1.89 50.18
C LYS H 21 68.21 1.16 50.87
N LEU H 22 68.19 -0.18 50.91
CA LEU H 22 69.23 -0.93 51.63
C LEU H 22 70.59 -0.67 51.02
N LEU H 23 70.60 -0.55 49.70
CA LEU H 23 71.83 -0.34 48.99
C LEU H 23 72.25 1.09 49.17
N HIS H 24 71.31 2.02 49.03
CA HIS H 24 71.59 3.44 49.29
C HIS H 24 72.14 3.73 50.68
N ASP H 25 71.54 3.14 51.70
CA ASP H 25 72.02 3.28 53.08
C ASP H 25 73.45 2.77 53.24
N SER H 26 73.87 1.85 52.39
CA SER H 26 75.20 1.23 52.47
C SER H 26 76.23 1.93 51.60
N GLY H 27 75.87 3.13 51.13
CA GLY H 27 76.73 4.00 50.36
C GLY H 27 76.96 3.61 48.91
N LEU H 28 75.97 3.03 48.24
CA LEU H 28 76.08 2.73 46.82
C LEU H 28 75.19 3.65 46.02
N ASN H 29 75.59 3.93 44.79
CA ASN H 29 74.74 4.74 43.91
C ASN H 29 73.71 3.88 43.19
N VAL H 30 72.42 4.04 43.53
CA VAL H 30 71.38 3.20 42.92
C VAL H 30 70.51 4.03 42.02
N VAL H 31 69.66 3.34 41.27
CA VAL H 31 68.63 3.98 40.45
C VAL H 31 67.40 3.08 40.33
N VAL H 32 66.23 3.65 40.53
CA VAL H 32 65.02 2.85 40.42
C VAL H 32 64.34 3.29 39.16
N LEU H 33 64.09 2.35 38.28
CA LEU H 33 63.39 2.66 37.05
C LEU H 33 62.00 2.08 37.15
N GLU H 34 61.00 2.93 36.98
CA GLU H 34 59.62 2.54 37.26
C GLU H 34 58.71 2.91 36.13
N ALA H 35 57.99 1.93 35.62
CA ALA H 35 57.18 2.07 34.42
C ALA H 35 56.04 3.06 34.54
N ARG H 36 55.35 3.03 35.70
CA ARG H 36 54.14 3.81 35.98
C ARG H 36 54.53 5.24 36.39
N ASP H 37 53.53 6.13 36.49
CA ASP H 37 53.78 7.48 36.97
C ASP H 37 53.69 7.59 38.49
N ARG H 38 53.88 6.48 39.21
CA ARG H 38 53.75 6.40 40.68
C ARG H 38 54.51 5.19 41.19
N VAL H 39 55.11 5.31 42.38
CA VAL H 39 55.68 4.11 43.00
C VAL H 39 54.56 3.36 43.71
N GLY H 40 54.82 2.18 44.26
CA GLY H 40 53.80 1.46 44.97
C GLY H 40 53.36 0.14 44.36
N GLY H 41 53.12 0.15 43.04
CA GLY H 41 52.80 -1.05 42.30
C GLY H 41 51.49 -1.69 42.69
N ARG H 42 51.58 -2.82 43.36
CA ARG H 42 50.39 -3.51 43.84
C ARG H 42 49.83 -2.95 45.12
N THR H 43 50.46 -1.93 45.68
CA THR H 43 49.87 -1.07 46.68
C THR H 43 49.60 0.26 46.01
N TYR H 44 48.41 0.80 46.21
CA TYR H 44 48.02 2.09 45.66
C TYR H 44 47.07 2.70 46.64
N THR H 45 47.44 3.88 47.16
CA THR H 45 46.58 4.64 48.09
C THR H 45 45.92 5.83 47.41
N LEU H 46 44.60 5.73 47.21
CA LEU H 46 43.86 6.79 46.55
C LEU H 46 43.54 7.84 47.56
N ARG H 47 43.79 9.09 47.20
CA ARG H 47 43.48 10.20 48.05
C ARG H 47 42.55 11.16 47.35
N ASN H 48 41.43 11.44 47.99
CA ASN H 48 40.42 12.39 47.52
C ASN H 48 39.47 12.74 48.68
N GLN H 49 38.58 13.70 48.42
CA GLN H 49 37.85 14.34 49.50
C GLN H 49 36.81 13.46 50.12
N LYS H 50 36.14 12.65 49.28
CA LYS H 50 35.02 11.82 49.69
C LYS H 50 35.49 10.69 50.58
N VAL H 51 36.78 10.40 50.51
CA VAL H 51 37.34 9.15 50.96
C VAL H 51 38.49 9.36 51.94
N LYS H 52 39.00 10.59 51.99
CA LYS H 52 40.26 10.95 52.64
C LYS H 52 41.40 10.19 51.99
N TYR H 53 41.62 8.96 52.40
CA TYR H 53 42.56 8.07 51.75
C TYR H 53 41.92 6.68 51.70
N VAL H 54 42.25 5.88 50.68
CA VAL H 54 41.81 4.47 50.62
C VAL H 54 42.83 3.57 49.96
N ASP H 55 43.06 2.39 50.54
CA ASP H 55 43.94 1.42 49.90
C ASP H 55 43.18 0.61 48.86
N LEU H 56 43.44 0.90 47.59
CA LEU H 56 42.86 0.12 46.49
C LEU H 56 43.69 -1.12 46.18
N GLY H 57 44.91 -1.18 46.74
CA GLY H 57 45.81 -2.30 46.58
C GLY H 57 46.06 -3.02 47.89
N GLY H 58 47.31 -3.41 48.11
CA GLY H 58 47.69 -4.19 49.25
C GLY H 58 47.49 -3.35 50.46
N SER H 59 47.07 -3.95 51.55
CA SER H 59 46.61 -3.17 52.68
C SER H 59 46.85 -3.68 54.09
N TYR H 60 46.45 -4.92 54.38
CA TYR H 60 46.53 -5.44 55.74
C TYR H 60 47.92 -5.97 56.15
N VAL H 61 48.28 -5.78 57.41
CA VAL H 61 49.54 -6.28 57.99
C VAL H 61 49.19 -6.94 59.32
N GLY H 62 49.95 -7.94 59.74
CA GLY H 62 49.62 -8.65 60.96
C GLY H 62 50.84 -9.11 61.77
N PRO H 63 50.58 -9.69 62.95
CA PRO H 63 51.64 -10.33 63.74
C PRO H 63 52.47 -11.30 62.89
N THR H 64 53.78 -11.42 63.16
CA THR H 64 54.78 -12.19 62.37
C THR H 64 55.22 -11.57 61.04
N GLN H 65 54.61 -10.47 60.65
CA GLN H 65 55.01 -9.74 59.45
C GLN H 65 55.97 -8.66 59.86
N ASN H 66 57.04 -9.06 60.54
CA ASN H 66 57.92 -8.10 61.16
C ASN H 66 58.68 -7.16 60.25
N ARG H 67 59.02 -7.60 59.06
CA ARG H 67 59.83 -6.78 58.18
C ARG H 67 59.10 -5.56 57.68
N ILE H 68 57.89 -5.74 57.16
CA ILE H 68 57.15 -4.57 56.68
C ILE H 68 56.82 -3.66 57.85
N LEU H 69 56.52 -4.27 58.99
CA LEU H 69 56.20 -3.56 60.19
C LEU H 69 57.34 -2.63 60.58
N ARG H 70 58.56 -3.15 60.49
CA ARG H 70 59.80 -2.44 60.84
C ARG H 70 60.10 -1.32 59.86
N LEU H 71 60.05 -1.63 58.58
CA LEU H 71 60.35 -0.66 57.55
C LEU H 71 59.36 0.47 57.62
N ALA H 72 58.12 0.14 57.93
CA ALA H 72 57.07 1.13 58.03
C ALA H 72 57.31 2.06 59.22
N LYS H 73 57.62 1.48 60.38
CA LYS H 73 57.89 2.25 61.59
C LYS H 73 59.00 3.27 61.32
N GLU H 74 60.15 2.78 60.88
CA GLU H 74 61.30 3.62 60.59
C GLU H 74 60.96 4.69 59.57
N LEU H 75 59.99 4.44 58.72
CA LEU H 75 59.59 5.43 57.76
C LEU H 75 58.62 6.46 58.35
N GLY H 76 58.27 6.25 59.61
CA GLY H 76 57.37 7.14 60.31
C GLY H 76 55.90 6.75 60.43
N LEU H 77 55.52 5.61 59.89
CA LEU H 77 54.13 5.21 59.86
C LEU H 77 53.62 4.48 61.12
N GLU H 78 52.29 4.48 61.28
CA GLU H 78 51.63 3.88 62.44
C GLU H 78 50.50 2.96 61.96
N THR H 79 50.16 1.94 62.75
CA THR H 79 49.04 1.07 62.38
C THR H 79 47.81 1.25 63.26
N TYR H 80 46.70 0.69 62.83
CA TYR H 80 45.52 0.65 63.66
C TYR H 80 44.83 -0.66 63.50
N LYS H 81 44.08 -1.08 64.51
CA LYS H 81 43.37 -2.35 64.39
C LYS H 81 42.15 -2.31 63.48
N VAL H 82 42.09 -3.27 62.54
CA VAL H 82 40.89 -3.52 61.74
C VAL H 82 39.74 -3.82 62.72
N ASN H 83 38.54 -3.33 62.47
CA ASN H 83 37.47 -3.57 63.42
C ASN H 83 36.99 -5.02 63.54
N GLU H 84 37.19 -5.63 64.71
CA GLU H 84 36.54 -6.91 64.99
C GLU H 84 35.86 -6.99 66.36
N VAL H 85 35.35 -5.88 66.87
CA VAL H 85 34.79 -5.89 68.22
C VAL H 85 33.51 -6.70 68.30
N GLU H 86 32.62 -6.50 67.32
CA GLU H 86 31.29 -7.12 67.29
C GLU H 86 31.29 -8.49 66.58
N ARG H 87 30.12 -8.99 66.17
CA ARG H 87 30.03 -10.36 65.69
C ARG H 87 30.32 -10.44 64.22
N LEU H 88 30.90 -11.56 63.79
CA LEU H 88 31.09 -11.82 62.35
C LEU H 88 29.89 -12.57 61.77
N ILE H 89 29.71 -12.53 60.45
CA ILE H 89 28.59 -13.25 59.86
C ILE H 89 29.06 -14.25 58.85
N HIS H 90 28.61 -15.48 59.07
CA HIS H 90 28.63 -16.50 58.05
C HIS H 90 27.25 -16.47 57.38
N HIS H 91 27.19 -16.16 56.10
CA HIS H 91 25.93 -16.19 55.40
C HIS H 91 25.84 -17.43 54.49
N VAL H 92 25.00 -18.40 54.87
CA VAL H 92 24.94 -19.65 54.12
C VAL H 92 23.52 -20.14 53.74
N LYS H 93 23.37 -20.59 52.49
CA LYS H 93 22.07 -20.98 51.93
C LYS H 93 21.01 -19.93 52.26
N GLY H 94 21.29 -18.70 51.87
CA GLY H 94 20.32 -17.62 52.00
C GLY H 94 20.06 -17.02 53.38
N LYS H 95 20.79 -17.49 54.41
CA LYS H 95 20.58 -17.04 55.79
C LYS H 95 21.87 -16.55 56.50
N SER H 96 21.73 -15.62 57.44
CA SER H 96 22.89 -15.09 58.15
C SER H 96 23.03 -15.65 59.57
N TYR H 97 24.16 -16.31 59.87
CA TYR H 97 24.43 -16.78 61.23
C TYR H 97 25.65 -16.05 61.81
N PRO H 98 25.42 -15.29 62.88
CA PRO H 98 26.48 -14.53 63.52
C PRO H 98 27.36 -15.46 64.32
N PHE H 99 28.61 -15.07 64.56
CA PHE H 99 29.54 -15.87 65.34
C PHE H 99 30.75 -15.06 65.85
N ARG H 100 31.56 -15.70 66.69
CA ARG H 100 32.81 -15.15 67.20
C ARG H 100 34.02 -16.09 66.91
N GLY H 101 35.23 -15.61 67.10
CA GLY H 101 36.41 -16.41 66.81
C GLY H 101 36.67 -16.45 65.32
N PRO H 102 37.73 -17.14 64.87
CA PRO H 102 38.17 -17.09 63.47
C PRO H 102 37.34 -17.96 62.53
N PHE H 103 36.81 -19.07 63.02
CA PHE H 103 36.16 -20.02 62.16
C PHE H 103 34.69 -20.00 62.45
N PRO H 104 33.85 -20.02 61.42
CA PRO H 104 32.40 -20.07 61.62
C PRO H 104 32.05 -21.42 62.17
N PRO H 105 31.14 -21.50 63.15
CA PRO H 105 30.92 -22.74 63.88
C PRO H 105 30.03 -23.66 63.07
N VAL H 106 30.17 -24.96 63.31
CA VAL H 106 29.41 -25.95 62.58
C VAL H 106 28.81 -26.90 63.60
N TRP H 107 27.54 -27.26 63.42
CA TRP H 107 26.80 -27.88 64.53
C TRP H 107 26.62 -29.37 64.39
N ASN H 108 26.31 -29.82 63.17
CA ASN H 108 26.27 -31.25 62.82
C ASN H 108 27.59 -31.96 63.22
N PRO H 109 27.52 -33.03 64.03
CA PRO H 109 28.76 -33.64 64.54
C PRO H 109 29.62 -34.30 63.43
N ILE H 110 28.99 -34.91 62.43
CA ILE H 110 29.72 -35.47 61.30
C ILE H 110 30.45 -34.36 60.57
N THR H 111 29.69 -33.42 60.00
CA THR H 111 30.27 -32.25 59.35
C THR H 111 31.39 -31.63 60.16
N TYR H 112 31.21 -31.56 61.48
CA TYR H 112 32.21 -30.99 62.36
C TYR H 112 33.55 -31.75 62.28
N LEU H 113 33.48 -33.08 62.26
CA LEU H 113 34.69 -33.89 62.22
C LEU H 113 35.45 -33.62 60.93
N ASP H 114 34.71 -33.60 59.82
CA ASP H 114 35.21 -33.31 58.48
C ASP H 114 35.87 -31.97 58.38
N HIS H 115 35.19 -30.92 58.88
CA HIS H 115 35.75 -29.60 58.83
C HIS H 115 37.06 -29.52 59.60
N ASN H 116 37.04 -30.07 60.80
CA ASN H 116 38.18 -29.94 61.67
C ASN H 116 39.35 -30.71 61.07
N ASN H 117 39.05 -31.83 60.43
CA ASN H 117 40.09 -32.60 59.78
C ASN H 117 40.68 -31.88 58.57
N PHE H 118 39.87 -31.23 57.78
CA PHE H 118 40.36 -30.48 56.64
C PHE H 118 41.44 -29.47 57.04
N TRP H 119 41.07 -28.55 57.92
CA TRP H 119 41.95 -27.48 58.32
C TRP H 119 43.23 -28.03 58.87
N ARG H 120 43.10 -29.15 59.57
CA ARG H 120 44.18 -29.76 60.31
C ARG H 120 45.15 -30.40 59.34
N THR H 121 44.60 -30.98 58.27
CA THR H 121 45.38 -31.69 57.28
C THR H 121 46.13 -30.74 56.38
N MET H 122 45.55 -29.57 56.10
CA MET H 122 46.23 -28.54 55.36
C MET H 122 47.51 -28.27 56.09
N ASP H 123 47.42 -28.19 57.40
CA ASP H 123 48.55 -27.84 58.22
C ASP H 123 49.52 -29.00 58.36
N ASP H 124 49.00 -30.23 58.45
CA ASP H 124 49.83 -31.45 58.56
C ASP H 124 50.68 -31.61 57.33
N MET H 125 50.04 -31.56 56.17
CA MET H 125 50.70 -31.57 54.88
C MET H 125 51.72 -30.45 54.74
N GLY H 126 51.44 -29.33 55.34
CA GLY H 126 52.34 -28.23 55.19
C GLY H 126 53.62 -28.43 55.95
N ARG H 127 53.56 -29.17 57.05
CA ARG H 127 54.70 -29.34 57.94
C ARG H 127 55.82 -30.05 57.23
N GLU H 128 55.46 -30.75 56.15
CA GLU H 128 56.34 -31.50 55.32
C GLU H 128 57.02 -30.69 54.20
N ILE H 129 56.65 -29.44 54.04
CA ILE H 129 57.13 -28.66 52.92
C ILE H 129 58.06 -27.54 53.37
N PRO H 130 59.31 -27.52 52.92
CA PRO H 130 60.23 -26.46 53.31
C PRO H 130 59.96 -25.11 52.63
N SER H 131 59.95 -23.98 53.36
CA SER H 131 59.67 -22.65 52.78
C SER H 131 60.70 -22.22 51.76
N ASP H 132 61.94 -22.17 52.21
CA ASP H 132 63.17 -22.45 51.49
C ASP H 132 63.08 -23.07 50.07
N ALA H 133 62.48 -24.27 49.99
CA ALA H 133 62.47 -25.07 48.78
C ALA H 133 61.35 -26.11 48.76
N PRO H 134 60.13 -25.68 48.42
CA PRO H 134 58.97 -26.55 48.49
C PRO H 134 59.11 -27.78 47.66
N TRP H 135 59.93 -27.69 46.61
CA TRP H 135 60.13 -28.79 45.70
C TRP H 135 60.93 -29.92 46.30
N LYS H 136 61.48 -29.70 47.49
CA LYS H 136 62.20 -30.75 48.19
C LYS H 136 61.34 -31.51 49.19
N ALA H 137 60.04 -31.26 49.15
CA ALA H 137 59.12 -32.02 49.95
C ALA H 137 59.19 -33.48 49.57
N PRO H 138 59.08 -34.39 50.55
CA PRO H 138 59.01 -35.81 50.29
C PRO H 138 58.05 -36.18 49.20
N LEU H 139 56.86 -35.58 49.17
CA LEU H 139 55.89 -35.96 48.13
C LEU H 139 55.64 -34.86 47.10
N ALA H 140 56.66 -34.04 46.85
CA ALA H 140 56.60 -32.94 45.90
C ALA H 140 55.99 -33.31 44.56
N GLU H 141 56.49 -34.37 43.92
CA GLU H 141 55.95 -34.83 42.63
C GLU H 141 54.46 -35.07 42.68
N GLU H 142 54.03 -35.92 43.60
CA GLU H 142 52.65 -36.34 43.74
C GLU H 142 51.77 -35.16 43.96
N TRP H 143 52.17 -34.31 44.90
CA TRP H 143 51.37 -33.18 45.34
C TRP H 143 51.37 -32.10 44.27
N ASP H 144 52.50 -31.82 43.66
CA ASP H 144 52.55 -30.84 42.59
C ASP H 144 51.87 -31.27 41.30
N ASN H 145 51.68 -32.58 41.07
CA ASN H 145 51.06 -33.06 39.84
C ASN H 145 49.55 -33.09 39.92
N MET H 146 49.04 -32.46 40.96
CA MET H 146 47.64 -32.62 41.34
C MET H 146 47.11 -31.24 41.73
N THR H 147 45.87 -30.93 41.36
CA THR H 147 45.33 -29.61 41.63
C THR H 147 44.69 -29.58 42.99
N MET H 148 44.39 -28.37 43.47
CA MET H 148 43.74 -28.18 44.78
C MET H 148 42.32 -28.71 44.80
N LYS H 149 41.66 -28.67 43.65
CA LYS H 149 40.34 -29.25 43.49
C LYS H 149 40.35 -30.75 43.74
N GLU H 150 41.38 -31.39 43.22
CA GLU H 150 41.59 -32.81 43.32
C GLU H 150 41.79 -33.18 44.77
N LEU H 151 42.68 -32.45 45.43
CA LEU H 151 42.98 -32.71 46.82
C LEU H 151 41.72 -32.54 47.64
N LEU H 152 40.95 -31.48 47.35
CA LEU H 152 39.73 -31.26 48.09
C LEU H 152 38.74 -32.37 47.86
N ASP H 153 38.47 -32.71 46.59
CA ASP H 153 37.54 -33.77 46.29
C ASP H 153 37.88 -35.02 47.07
N LYS H 154 39.16 -35.22 47.42
CA LYS H 154 39.65 -36.45 48.03
C LYS H 154 39.51 -36.35 49.54
N LEU H 155 39.75 -35.17 50.08
CA LEU H 155 39.88 -34.97 51.51
C LEU H 155 38.57 -34.71 52.25
N CYS H 156 37.57 -34.22 51.53
CA CYS H 156 36.38 -33.64 52.13
C CYS H 156 35.19 -34.56 51.92
N TRP H 157 34.67 -35.10 53.01
CA TRP H 157 33.55 -36.04 52.91
C TRP H 157 32.20 -35.34 52.86
N THR H 158 32.16 -34.03 53.19
CA THR H 158 30.91 -33.26 53.23
C THR H 158 30.97 -32.12 52.27
N GLU H 159 29.84 -31.82 51.63
CA GLU H 159 29.73 -30.69 50.73
C GLU H 159 29.99 -29.36 51.43
N SER H 160 29.58 -29.28 52.69
CA SER H 160 29.81 -28.07 53.47
C SER H 160 31.29 -27.73 53.56
N ALA H 161 32.13 -28.74 53.74
CA ALA H 161 33.56 -28.53 53.89
C ALA H 161 34.24 -28.26 52.57
N LYS H 162 33.74 -28.88 51.50
CA LYS H 162 34.31 -28.65 50.18
C LYS H 162 34.13 -27.19 49.78
N GLN H 163 33.01 -26.65 50.21
CA GLN H 163 32.66 -25.32 49.83
C GLN H 163 33.44 -24.26 50.61
N LEU H 164 33.59 -24.46 51.92
CA LEU H 164 34.38 -23.55 52.73
C LEU H 164 35.82 -23.57 52.28
N ALA H 165 36.33 -24.78 52.04
CA ALA H 165 37.71 -24.96 51.57
C ALA H 165 37.96 -24.25 50.26
N THR H 166 37.02 -24.39 49.32
CA THR H 166 37.04 -23.65 48.06
C THR H 166 37.09 -22.14 48.29
N LEU H 167 36.19 -21.62 49.11
CA LEU H 167 36.20 -20.22 49.39
C LEU H 167 37.57 -19.83 49.91
N PHE H 168 38.06 -20.60 50.86
CA PHE H 168 39.39 -20.41 51.44
C PHE H 168 40.48 -20.28 50.38
N VAL H 169 40.39 -21.12 49.35
CA VAL H 169 41.40 -21.11 48.30
C VAL H 169 41.21 -19.85 47.46
N ASN H 170 40.01 -19.70 46.92
CA ASN H 170 39.61 -18.50 46.19
C ASN H 170 40.05 -17.22 46.87
N LEU H 171 39.84 -17.15 48.17
CA LEU H 171 40.17 -15.95 48.90
C LEU H 171 41.66 -15.72 49.14
N CYS H 172 42.42 -16.79 49.31
CA CYS H 172 43.84 -16.67 49.56
C CYS H 172 44.68 -16.31 48.34
N VAL H 173 44.32 -16.89 47.20
CA VAL H 173 45.15 -16.82 46.03
C VAL H 173 44.39 -16.38 44.75
N THR H 174 43.15 -15.95 44.88
CA THR H 174 42.43 -15.31 43.77
C THR H 174 42.48 -16.14 42.53
N ALA H 175 42.35 -17.45 42.75
CA ALA H 175 42.31 -18.40 41.66
C ALA H 175 41.38 -19.54 42.02
N GLU H 176 41.02 -20.34 41.02
CA GLU H 176 40.16 -21.46 41.20
C GLU H 176 40.91 -22.67 41.71
N THR H 177 40.26 -23.56 42.45
CA THR H 177 41.00 -24.67 43.00
C THR H 177 41.52 -25.51 41.86
N HIS H 178 40.77 -25.59 40.77
CA HIS H 178 41.23 -26.37 39.64
C HIS H 178 42.35 -25.66 38.87
N GLU H 179 42.68 -24.43 39.25
CA GLU H 179 43.70 -23.71 38.51
C GLU H 179 45.07 -23.99 39.08
N VAL H 180 45.13 -24.32 40.35
CA VAL H 180 46.38 -24.27 41.09
C VAL H 180 46.90 -25.65 41.55
N SER H 181 48.22 -25.80 41.60
CA SER H 181 48.83 -27.02 42.08
C SER H 181 48.72 -27.13 43.59
N ALA H 182 48.35 -28.31 44.08
CA ALA H 182 48.25 -28.58 45.52
C ALA H 182 49.54 -28.29 46.26
N LEU H 183 50.65 -28.80 45.73
CA LEU H 183 51.94 -28.56 46.38
C LEU H 183 52.13 -27.07 46.62
N TRP H 184 51.96 -26.26 45.56
CA TRP H 184 52.17 -24.83 45.64
C TRP H 184 51.25 -24.17 46.66
N PHE H 185 49.96 -24.50 46.58
CA PHE H 185 49.01 -23.92 47.54
C PHE H 185 49.36 -24.31 48.98
N LEU H 186 49.69 -25.58 49.21
CA LEU H 186 50.01 -25.95 50.56
C LEU H 186 51.22 -25.18 51.07
N TRP H 187 52.18 -24.93 50.19
CA TRP H 187 53.39 -24.19 50.54
C TRP H 187 53.03 -22.77 50.92
N TYR H 188 52.19 -22.17 50.08
CA TYR H 188 51.74 -20.81 50.27
C TYR H 188 51.18 -20.58 51.66
N VAL H 189 50.22 -21.41 52.04
CA VAL H 189 49.56 -21.29 53.31
C VAL H 189 50.54 -21.47 54.43
N LYS H 190 51.37 -22.50 54.37
CA LYS H 190 52.33 -22.80 55.42
C LYS H 190 53.41 -21.72 55.61
N GLN H 191 53.86 -21.08 54.52
CA GLN H 191 54.89 -20.05 54.64
C GLN H 191 54.31 -18.79 55.23
N CYS H 192 53.03 -18.77 55.52
CA CYS H 192 52.44 -17.66 56.24
C CYS H 192 52.24 -18.00 57.71
N GLY H 193 52.32 -19.29 58.06
CA GLY H 193 52.19 -19.71 59.43
C GLY H 193 50.98 -20.56 59.66
N GLY H 194 50.48 -21.18 58.59
CA GLY H 194 49.39 -22.13 58.65
C GLY H 194 48.03 -21.45 58.56
N THR H 195 46.98 -22.27 58.55
CA THR H 195 45.61 -21.80 58.34
C THR H 195 45.12 -20.76 59.34
N THR H 196 45.25 -20.99 60.65
CA THR H 196 44.81 -19.97 61.62
C THR H 196 45.47 -18.63 61.37
N ARG H 197 46.77 -18.59 61.19
CA ARG H 197 47.40 -17.30 61.04
C ARG H 197 46.89 -16.59 59.79
N ILE H 198 46.77 -17.31 58.66
CA ILE H 198 46.42 -16.67 57.42
C ILE H 198 44.99 -16.16 57.44
N ILE H 199 44.08 -16.93 58.05
CA ILE H 199 42.67 -16.58 58.01
C ILE H 199 42.20 -15.65 59.09
N SER H 200 43.00 -15.44 60.12
CA SER H 200 42.61 -14.60 61.25
C SER H 200 42.75 -13.11 61.03
N THR H 201 41.75 -12.38 61.53
CA THR H 201 41.85 -10.91 61.67
C THR H 201 42.60 -10.55 62.98
N THR H 202 41.95 -10.73 64.13
CA THR H 202 42.60 -10.59 65.41
C THR H 202 43.62 -11.68 65.42
N ASN H 203 44.84 -11.32 65.77
CA ASN H 203 45.99 -12.22 65.85
C ASN H 203 46.36 -12.95 64.55
N GLY H 204 46.14 -12.32 63.41
CA GLY H 204 46.54 -12.91 62.16
C GLY H 204 46.82 -11.90 61.10
N GLY H 205 46.72 -12.35 59.85
CA GLY H 205 47.18 -11.58 58.71
C GLY H 205 46.41 -10.29 58.42
N GLN H 206 45.15 -10.24 58.83
CA GLN H 206 44.36 -9.07 58.53
C GLN H 206 44.08 -8.20 59.78
N GLU H 207 44.96 -8.28 60.79
CA GLU H 207 44.77 -7.58 62.05
C GLU H 207 44.77 -6.10 61.91
N ARG H 208 45.63 -5.53 61.07
CA ARG H 208 45.80 -4.08 61.06
C ARG H 208 45.99 -3.51 59.69
N LYS H 209 45.90 -2.18 59.62
CA LYS H 209 46.20 -1.41 58.40
C LYS H 209 47.04 -0.23 58.79
N PHE H 210 47.66 0.43 57.81
CA PHE H 210 48.49 1.59 58.06
C PHE H 210 47.62 2.82 58.06
N VAL H 211 47.71 3.61 59.11
CA VAL H 211 47.14 4.95 59.13
C VAL H 211 47.69 5.73 57.94
N GLY H 212 46.79 6.18 57.08
CA GLY H 212 47.17 7.05 55.99
C GLY H 212 47.45 6.30 54.70
N GLY H 213 47.45 4.97 54.79
CA GLY H 213 47.60 4.10 53.63
C GLY H 213 48.95 3.40 53.56
N SER H 214 49.09 2.44 52.67
CA SER H 214 50.36 1.76 52.54
C SER H 214 51.22 2.31 51.40
N GLY H 215 50.57 3.03 50.48
CA GLY H 215 51.27 3.70 49.40
C GLY H 215 52.35 4.54 50.03
N GLN H 216 52.08 4.96 51.25
CA GLN H 216 53.03 5.75 52.02
C GLN H 216 54.38 5.08 52.10
N VAL H 217 54.41 3.76 52.14
CA VAL H 217 55.66 3.03 52.35
C VAL H 217 56.66 3.31 51.24
N SER H 218 56.27 3.10 50.00
CA SER H 218 57.20 3.29 48.91
C SER H 218 57.34 4.74 48.53
N GLU H 219 56.30 5.51 48.82
CA GLU H 219 56.34 6.95 48.61
C GLU H 219 57.42 7.59 49.43
N ARG H 220 57.47 7.26 50.72
CA ARG H 220 58.39 7.88 51.66
C ARG H 220 59.82 7.51 51.35
N ILE H 221 60.01 6.29 50.82
CA ILE H 221 61.30 5.84 50.33
C ILE H 221 61.70 6.66 49.09
N MET H 222 60.73 6.96 48.23
CA MET H 222 61.03 7.80 47.08
C MET H 222 61.54 9.16 47.53
N ASP H 223 61.06 9.62 48.67
CA ASP H 223 61.49 10.91 49.21
C ASP H 223 62.96 10.83 49.63
N LEU H 224 63.34 9.76 50.33
CA LEU H 224 64.70 9.57 50.79
C LEU H 224 65.68 9.47 49.67
N LEU H 225 65.20 9.21 48.46
CA LEU H 225 66.10 8.94 47.34
C LEU H 225 66.19 10.11 46.40
N GLY H 226 65.49 11.20 46.70
CA GLY H 226 65.47 12.34 45.81
C GLY H 226 65.22 11.96 44.36
N ASP H 227 65.99 12.56 43.46
CA ASP H 227 65.85 12.38 42.01
C ASP H 227 66.20 10.98 41.49
N ARG H 228 66.61 10.05 42.38
CA ARG H 228 67.02 8.71 41.96
C ARG H 228 65.94 7.78 41.38
N VAL H 229 64.67 7.97 41.76
CA VAL H 229 63.59 7.16 41.22
C VAL H 229 63.14 7.85 39.96
N LYS H 230 63.13 7.12 38.86
CA LYS H 230 62.73 7.70 37.58
C LYS H 230 61.40 7.11 37.17
N LEU H 231 60.33 7.89 37.31
CA LEU H 231 58.99 7.43 36.96
C LEU H 231 58.82 7.41 35.44
N GLU H 232 57.73 6.83 34.98
CA GLU H 232 57.44 6.71 33.56
C GLU H 232 58.59 6.16 32.72
N ARG H 233 59.35 5.22 33.30
CA ARG H 233 60.50 4.58 32.63
C ARG H 233 60.40 3.05 32.55
N PRO H 234 59.55 2.49 31.70
CA PRO H 234 59.40 1.04 31.62
C PRO H 234 60.62 0.43 30.93
N VAL H 235 61.29 -0.51 31.60
CA VAL H 235 62.48 -1.15 31.01
C VAL H 235 62.05 -2.05 29.86
N ILE H 236 62.77 -2.01 28.73
CA ILE H 236 62.45 -2.88 27.59
C ILE H 236 63.57 -3.77 27.07
N TYR H 237 64.78 -3.60 27.59
CA TYR H 237 65.96 -4.23 27.02
C TYR H 237 67.05 -4.22 28.08
N ILE H 238 67.57 -5.39 28.40
CA ILE H 238 68.72 -5.47 29.25
C ILE H 238 69.78 -6.20 28.44
N ASP H 239 71.00 -5.68 28.41
CA ASP H 239 72.09 -6.19 27.59
C ASP H 239 73.28 -6.47 28.48
N GLN H 240 73.72 -7.73 28.52
CA GLN H 240 74.80 -8.16 29.40
C GLN H 240 76.06 -8.60 28.67
N THR H 241 76.16 -8.24 27.39
CA THR H 241 77.30 -8.63 26.55
C THR H 241 78.62 -8.05 27.01
N ARG H 242 78.61 -6.75 27.35
CA ARG H 242 79.82 -5.98 27.67
C ARG H 242 80.27 -6.19 29.13
N GLU H 243 81.18 -5.32 29.59
CA GLU H 243 81.64 -5.23 30.99
C GLU H 243 80.54 -4.69 31.96
N ASN H 244 79.91 -3.56 31.58
CA ASN H 244 78.75 -3.04 32.33
C ASN H 244 77.42 -3.46 31.71
N VAL H 245 76.40 -3.66 32.55
CA VAL H 245 75.09 -4.04 32.07
C VAL H 245 74.40 -2.79 31.58
N LEU H 246 73.86 -2.83 30.36
CA LEU H 246 73.07 -1.72 29.84
C LEU H 246 71.62 -2.03 30.02
N VAL H 247 70.85 -1.08 30.55
CA VAL H 247 69.40 -1.20 30.75
C VAL H 247 68.68 -0.08 29.98
N GLU H 248 67.76 -0.41 29.09
CA GLU H 248 67.15 0.58 28.21
C GLU H 248 65.65 0.67 28.41
N THR H 249 65.14 1.91 28.41
CA THR H 249 63.73 2.19 28.70
C THR H 249 62.93 2.49 27.45
N LEU H 250 61.60 2.48 27.58
CA LEU H 250 60.73 2.64 26.43
C LEU H 250 60.90 4.02 25.77
N ASN H 251 61.26 5.03 26.57
CA ASN H 251 61.43 6.37 26.04
C ASN H 251 62.84 6.63 25.55
N HIS H 252 63.71 5.63 25.62
CA HIS H 252 65.01 5.62 24.91
C HIS H 252 66.22 5.93 25.76
N GLU H 253 66.03 6.28 27.01
CA GLU H 253 67.15 6.49 27.90
C GLU H 253 67.98 5.22 28.14
N MET H 254 69.29 5.38 28.34
CA MET H 254 70.19 4.24 28.62
C MET H 254 70.78 4.37 29.99
N TYR H 255 70.78 3.28 30.75
CA TYR H 255 71.38 3.28 32.09
C TYR H 255 72.39 2.16 32.14
N GLU H 256 73.53 2.41 32.80
CA GLU H 256 74.63 1.46 32.83
C GLU H 256 74.92 1.08 34.26
N ALA H 257 75.15 -0.20 34.55
CA ALA H 257 75.35 -0.60 35.94
C ALA H 257 76.16 -1.87 36.14
N LYS H 258 76.83 -1.96 37.26
CA LYS H 258 77.56 -3.17 37.60
C LYS H 258 76.61 -4.32 37.81
N TYR H 259 75.42 -4.03 38.35
CA TYR H 259 74.44 -5.07 38.74
C TYR H 259 73.00 -4.62 38.48
N VAL H 260 72.07 -5.56 38.41
CA VAL H 260 70.65 -5.24 38.27
C VAL H 260 69.83 -6.08 39.27
N ILE H 261 68.91 -5.42 39.97
CA ILE H 261 67.84 -6.12 40.67
C ILE H 261 66.56 -6.02 39.85
N SER H 262 65.95 -7.15 39.55
CA SER H 262 64.64 -7.17 38.91
C SER H 262 63.60 -7.43 39.97
N ALA H 263 62.78 -6.44 40.24
CA ALA H 263 61.85 -6.53 41.33
C ALA H 263 60.43 -6.41 40.81
N ILE H 264 60.16 -7.01 39.66
CA ILE H 264 58.83 -7.00 39.05
C ILE H 264 58.32 -8.42 39.09
N PRO H 265 57.00 -8.60 38.97
CA PRO H 265 56.40 -9.94 39.05
C PRO H 265 57.06 -10.85 38.05
N PRO H 266 57.36 -12.10 38.42
CA PRO H 266 58.15 -12.98 37.58
C PRO H 266 57.74 -12.88 36.14
N THR H 267 56.47 -13.16 35.85
CA THR H 267 56.03 -13.25 34.47
C THR H 267 56.28 -11.99 33.70
N LEU H 268 56.41 -10.87 34.39
CA LEU H 268 56.44 -9.60 33.69
C LEU H 268 57.82 -9.32 33.18
N GLY H 269 58.73 -10.29 33.38
CA GLY H 269 60.05 -10.23 32.79
C GLY H 269 59.96 -10.41 31.29
N MET H 270 58.86 -11.04 30.87
CA MET H 270 58.57 -11.28 29.46
C MET H 270 58.61 -9.97 28.71
N LYS H 271 58.39 -8.86 29.43
CA LYS H 271 58.20 -7.55 28.82
C LYS H 271 59.54 -6.90 28.47
N ILE H 272 60.63 -7.59 28.83
CA ILE H 272 61.97 -7.10 28.61
C ILE H 272 62.62 -7.98 27.54
N HIS H 273 63.30 -7.39 26.56
CA HIS H 273 64.10 -8.16 25.61
C HIS H 273 65.55 -8.41 26.14
N PHE H 274 65.99 -9.66 26.16
CA PHE H 274 67.30 -9.97 26.75
C PHE H 274 68.43 -10.28 25.76
N ASN H 275 69.64 -9.86 26.09
CA ASN H 275 70.81 -10.15 25.28
C ASN H 275 72.03 -10.33 26.17
N PRO H 276 72.62 -11.54 26.21
CA PRO H 276 72.20 -12.69 25.40
C PRO H 276 70.84 -13.21 25.88
N PRO H 277 70.20 -14.06 25.09
CA PRO H 277 68.96 -14.70 25.53
C PRO H 277 69.06 -15.25 26.96
N LEU H 278 67.96 -15.33 27.69
CA LEU H 278 67.99 -15.91 29.02
C LEU H 278 68.24 -17.40 28.88
N PRO H 279 68.78 -18.01 29.93
CA PRO H 279 68.90 -19.46 30.02
C PRO H 279 67.56 -20.11 29.73
N MET H 280 67.60 -21.30 29.16
CA MET H 280 66.35 -21.98 28.83
C MET H 280 65.38 -21.98 30.01
N MET H 281 65.80 -22.43 31.19
CA MET H 281 64.88 -22.59 32.30
C MET H 281 64.10 -21.31 32.59
N ARG H 282 64.78 -20.18 32.71
CA ARG H 282 64.07 -18.93 32.99
C ARG H 282 63.19 -18.52 31.82
N ASN H 283 63.73 -18.55 30.61
CA ASN H 283 62.95 -18.20 29.44
C ASN H 283 61.61 -18.88 29.45
N GLN H 284 61.57 -20.14 29.85
CA GLN H 284 60.32 -20.86 29.84
C GLN H 284 59.54 -20.68 31.14
N MET H 285 60.26 -20.53 32.25
CA MET H 285 59.61 -20.35 33.54
C MET H 285 58.69 -19.15 33.54
N ILE H 286 59.13 -18.06 32.93
CA ILE H 286 58.42 -16.80 32.97
C ILE H 286 57.20 -16.78 32.05
N THR H 287 56.91 -17.89 31.37
CA THR H 287 55.62 -18.02 30.68
C THR H 287 54.66 -18.93 31.41
N ARG H 288 55.11 -19.54 32.51
CA ARG H 288 54.32 -20.55 33.18
C ARG H 288 53.81 -20.09 34.52
N VAL H 289 53.87 -18.79 34.78
CA VAL H 289 53.61 -18.25 36.12
C VAL H 289 52.67 -17.02 36.17
N PRO H 290 51.37 -17.29 36.03
CA PRO H 290 50.35 -16.22 35.96
C PRO H 290 50.02 -15.58 37.31
N LEU H 291 49.42 -14.39 37.26
CA LEU H 291 48.88 -13.77 38.46
C LEU H 291 47.37 -13.96 38.52
N GLY H 292 46.83 -13.91 39.72
CA GLY H 292 45.41 -14.13 39.96
C GLY H 292 44.51 -12.98 39.58
N SER H 293 43.21 -13.16 39.81
CA SER H 293 42.23 -12.19 39.36
C SER H 293 41.36 -11.73 40.52
N VAL H 294 41.27 -10.42 40.70
CA VAL H 294 40.51 -9.78 41.79
C VAL H 294 40.08 -8.34 41.45
N ILE H 295 38.91 -7.95 41.93
CA ILE H 295 38.49 -6.57 41.94
C ILE H 295 38.30 -6.19 43.39
N LYS H 296 38.96 -5.14 43.87
CA LYS H 296 38.76 -4.66 45.23
C LYS H 296 37.73 -3.55 45.18
N CYS H 297 36.72 -3.68 46.05
CA CYS H 297 35.58 -2.78 46.05
C CYS H 297 35.26 -2.27 47.43
N ILE H 298 35.10 -0.95 47.50
CA ILE H 298 34.77 -0.29 48.76
C ILE H 298 33.52 0.57 48.61
N VAL H 299 32.53 0.29 49.46
CA VAL H 299 31.27 1.02 49.50
C VAL H 299 31.22 1.82 50.78
N TYR H 300 31.01 3.13 50.62
CA TYR H 300 30.97 4.12 51.69
C TYR H 300 29.54 4.40 52.17
N TYR H 301 29.37 4.53 53.48
CA TYR H 301 28.07 4.78 54.09
C TYR H 301 28.12 5.94 55.07
N LYS H 302 26.98 6.61 55.28
CA LYS H 302 26.89 7.70 56.26
C LYS H 302 27.41 7.36 57.64
N GLU H 303 27.20 6.12 58.08
CA GLU H 303 27.58 5.69 59.43
C GLU H 303 27.87 4.19 59.41
N PRO H 304 28.72 3.72 60.32
CA PRO H 304 28.93 2.28 60.48
C PRO H 304 27.72 1.54 61.04
N PHE H 305 26.63 1.57 60.28
CA PHE H 305 25.37 1.04 60.77
C PHE H 305 25.38 -0.38 61.30
N TRP H 306 26.18 -1.23 60.68
CA TRP H 306 26.28 -2.63 61.08
C TRP H 306 26.57 -2.76 62.57
N ARG H 307 27.42 -1.88 63.10
CA ARG H 307 27.83 -1.99 64.52
C ARG H 307 26.63 -1.89 65.48
N LYS H 308 25.69 -1.00 65.19
CA LYS H 308 24.47 -0.84 65.99
C LYS H 308 23.70 -2.14 66.09
N LYS H 309 23.79 -3.00 65.07
CA LYS H 309 23.15 -4.33 65.09
C LYS H 309 24.07 -5.40 65.68
N ASP H 310 25.17 -4.99 66.28
CA ASP H 310 26.16 -5.90 66.85
C ASP H 310 26.90 -6.80 65.85
N TYR H 311 27.13 -6.26 64.65
CA TYR H 311 27.85 -6.94 63.58
C TYR H 311 29.11 -6.13 63.39
N CYS H 312 30.27 -6.76 63.27
CA CYS H 312 31.49 -5.98 63.14
C CYS H 312 31.79 -5.47 61.71
N GLY H 313 31.15 -6.09 60.71
CA GLY H 313 31.39 -5.77 59.30
C GLY H 313 31.92 -6.94 58.48
N THR H 314 32.44 -7.95 59.16
CA THR H 314 32.94 -9.16 58.51
C THR H 314 31.84 -10.07 58.02
N MET H 315 31.90 -10.44 56.75
CA MET H 315 30.93 -11.36 56.20
C MET H 315 31.66 -12.39 55.37
N ILE H 316 31.34 -13.66 55.62
CA ILE H 316 31.88 -14.77 54.83
C ILE H 316 30.65 -15.30 54.12
N ILE H 317 30.63 -15.19 52.80
CA ILE H 317 29.42 -15.46 52.02
C ILE H 317 29.57 -16.61 51.00
N ASP H 318 28.99 -17.75 51.33
CA ASP H 318 28.98 -18.93 50.49
C ASP H 318 28.10 -18.81 49.24
N GLY H 319 28.37 -19.61 48.24
CA GLY H 319 27.51 -19.63 47.08
C GLY H 319 27.98 -18.93 45.82
N GLU H 320 27.47 -19.37 44.69
CA GLU H 320 27.91 -18.87 43.42
C GLU H 320 27.29 -17.50 43.10
N GLU H 321 26.07 -17.25 43.57
CA GLU H 321 25.34 -16.06 43.11
C GLU H 321 25.93 -14.80 43.72
N ALA H 322 26.52 -14.91 44.90
CA ALA H 322 27.07 -13.73 45.60
C ALA H 322 28.30 -13.19 44.88
N PRO H 323 28.32 -11.92 44.50
CA PRO H 323 29.47 -11.34 43.80
C PRO H 323 30.68 -11.24 44.70
N VAL H 324 30.51 -11.26 46.02
CA VAL H 324 31.63 -11.05 46.90
C VAL H 324 31.52 -12.07 48.00
N ALA H 325 32.60 -12.80 48.29
CA ALA H 325 32.57 -13.85 49.31
C ALA H 325 33.02 -13.42 50.69
N TYR H 326 33.75 -12.31 50.75
CA TYR H 326 34.42 -11.89 51.97
C TYR H 326 34.50 -10.41 52.06
N THR H 327 34.04 -9.83 53.17
CA THR H 327 34.13 -8.41 53.43
C THR H 327 34.76 -8.18 54.75
N LEU H 328 35.38 -7.01 54.88
CA LEU H 328 35.88 -6.51 56.13
C LEU H 328 35.38 -5.09 56.34
N ASP H 329 35.37 -4.61 57.59
CA ASP H 329 35.00 -3.24 57.87
C ASP H 329 36.13 -2.31 57.53
N ASP H 330 35.88 -1.23 56.77
CA ASP H 330 36.93 -0.29 56.36
C ASP H 330 36.81 1.13 56.93
N THR H 331 35.99 1.29 57.96
CA THR H 331 35.87 2.56 58.66
C THR H 331 37.19 3.08 59.29
N LYS H 332 37.56 4.33 59.02
CA LYS H 332 38.80 4.88 59.55
C LYS H 332 38.78 4.73 61.07
N PRO H 333 39.94 4.75 61.71
CA PRO H 333 40.00 4.49 63.14
C PRO H 333 39.19 5.44 63.99
N GLU H 334 38.81 6.60 63.47
CA GLU H 334 38.03 7.59 64.21
C GLU H 334 36.55 7.20 64.40
N GLY H 335 35.94 6.65 63.35
CA GLY H 335 34.50 6.42 63.28
C GLY H 335 34.04 7.06 61.97
N ASN H 336 34.97 7.80 61.39
CA ASN H 336 34.82 8.51 60.14
C ASN H 336 34.68 7.66 58.92
N TYR H 337 34.16 8.26 57.86
CA TYR H 337 34.16 7.64 56.55
C TYR H 337 33.81 6.16 56.61
N ALA H 338 32.63 5.78 57.08
CA ALA H 338 32.35 4.37 57.26
C ALA H 338 32.35 3.72 55.91
N ALA H 339 32.72 2.44 55.87
CA ALA H 339 32.82 1.72 54.61
C ALA H 339 32.90 0.23 54.83
N ILE H 340 32.49 -0.54 53.81
CA ILE H 340 32.69 -1.98 53.77
C ILE H 340 33.62 -2.31 52.62
N MET H 341 34.64 -3.13 52.89
CA MET H 341 35.60 -3.60 51.88
C MET H 341 35.27 -5.01 51.43
N GLY H 342 35.37 -5.29 50.14
CA GLY H 342 35.11 -6.64 49.68
C GLY H 342 35.81 -6.97 48.39
N PHE H 343 36.06 -8.25 48.18
CA PHE H 343 36.82 -8.71 47.02
C PHE H 343 35.89 -9.40 46.04
N ILE H 344 36.05 -9.13 44.75
CA ILE H 344 35.39 -9.95 43.75
C ILE H 344 36.45 -10.88 43.18
N LEU H 345 36.36 -12.17 43.50
CA LEU H 345 37.49 -13.08 43.27
C LEU H 345 37.38 -13.97 42.04
N ALA H 346 38.55 -14.30 41.48
CA ALA H 346 38.74 -15.36 40.47
C ALA H 346 37.72 -15.30 39.37
N HIS H 347 37.06 -16.42 39.07
CA HIS H 347 36.19 -16.44 37.91
C HIS H 347 35.18 -15.34 37.88
N LYS H 348 34.80 -14.84 39.05
CA LYS H 348 33.77 -13.82 39.20
C LYS H 348 34.30 -12.47 38.86
N ALA H 349 35.58 -12.25 39.05
CA ALA H 349 36.20 -11.01 38.63
C ALA H 349 36.14 -10.87 37.12
N ARG H 350 36.19 -11.98 36.40
CA ARG H 350 36.06 -11.93 34.95
C ARG H 350 34.62 -11.71 34.51
N LYS H 351 33.67 -12.28 35.25
CA LYS H 351 32.27 -12.27 34.89
C LYS H 351 31.68 -10.89 35.10
N LEU H 352 32.06 -10.23 36.19
CA LEU H 352 31.42 -8.99 36.60
C LEU H 352 32.17 -7.79 36.09
N ALA H 353 33.28 -8.00 35.42
CA ALA H 353 33.98 -6.88 34.83
C ALA H 353 33.23 -6.42 33.64
N ARG H 354 32.32 -7.27 33.14
CA ARG H 354 31.49 -6.97 31.97
C ARG H 354 30.52 -5.87 32.27
N LEU H 355 30.00 -5.84 33.50
CA LEU H 355 29.08 -4.81 33.97
C LEU H 355 29.76 -3.44 34.12
N THR H 356 28.97 -2.41 34.43
CA THR H 356 29.49 -1.05 34.63
C THR H 356 29.75 -0.80 36.11
N LYS H 357 30.57 0.20 36.41
CA LYS H 357 30.80 0.63 37.78
C LYS H 357 29.50 0.59 38.61
N GLU H 358 28.43 1.15 38.05
CA GLU H 358 27.20 1.34 38.79
C GLU H 358 26.49 0.02 39.04
N GLU H 359 26.55 -0.87 38.06
CA GLU H 359 25.86 -2.15 38.17
C GLU H 359 26.47 -3.05 39.25
N ARG H 360 27.77 -2.87 39.43
CA ARG H 360 28.48 -3.59 40.48
C ARG H 360 28.11 -3.03 41.83
N LEU H 361 28.10 -1.70 41.95
CA LEU H 361 27.72 -1.04 43.19
C LEU H 361 26.37 -1.57 43.65
N LYS H 362 25.46 -1.65 42.69
CA LYS H 362 24.10 -2.11 42.94
C LYS H 362 24.06 -3.50 43.50
N LYS H 363 24.86 -4.37 42.90
CA LYS H 363 24.87 -5.76 43.24
C LYS H 363 25.51 -5.93 44.59
N LEU H 364 26.52 -5.12 44.89
CA LEU H 364 27.19 -5.24 46.16
C LEU H 364 26.26 -4.81 47.29
N CYS H 365 25.58 -3.68 47.07
CA CYS H 365 24.68 -3.11 48.04
C CYS H 365 23.54 -4.04 48.33
N GLU H 366 22.95 -4.62 47.28
CA GLU H 366 21.82 -5.54 47.44
C GLU H 366 22.25 -6.74 48.28
N LEU H 367 23.49 -7.19 48.08
CA LEU H 367 24.06 -8.31 48.81
C LEU H 367 24.27 -7.91 50.25
N TYR H 368 25.00 -6.84 50.43
CA TYR H 368 25.24 -6.35 51.79
C TYR H 368 23.96 -6.09 52.58
N ALA H 369 22.91 -5.63 51.88
CA ALA H 369 21.62 -5.42 52.51
C ALA H 369 21.01 -6.73 52.96
N LYS H 370 21.06 -7.74 52.11
CA LYS H 370 20.52 -9.01 52.50
C LYS H 370 21.31 -9.59 53.65
N VAL H 371 22.63 -9.50 53.58
CA VAL H 371 23.48 -10.26 54.51
C VAL H 371 23.40 -9.63 55.88
N LEU H 372 23.43 -8.30 55.87
CA LEU H 372 23.33 -7.56 57.12
C LEU H 372 21.88 -7.41 57.56
N GLY H 373 20.92 -7.72 56.67
CA GLY H 373 19.50 -7.45 56.93
C GLY H 373 19.21 -5.99 57.35
N SER H 374 19.63 -5.01 56.53
CA SER H 374 19.35 -3.61 56.80
C SER H 374 19.27 -2.84 55.55
N LEU H 375 18.10 -2.32 55.30
CA LEU H 375 17.82 -1.39 54.22
C LEU H 375 18.90 -0.34 54.06
N GLU H 376 19.59 0.01 55.14
CA GLU H 376 20.53 1.12 55.10
C GLU H 376 21.61 0.88 54.07
N ALA H 377 21.89 -0.41 53.81
CA ALA H 377 22.99 -0.81 52.95
C ALA H 377 22.68 -0.42 51.53
N LEU H 378 21.42 -0.12 51.27
CA LEU H 378 21.03 0.31 49.94
C LEU H 378 21.28 1.77 49.70
N GLU H 379 21.79 2.47 50.71
CA GLU H 379 22.01 3.92 50.59
C GLU H 379 23.51 4.35 50.65
N PRO H 380 24.30 4.01 49.64
CA PRO H 380 25.73 4.34 49.68
C PRO H 380 25.95 5.81 49.43
N VAL H 381 26.95 6.35 50.06
CA VAL H 381 27.22 7.74 50.03
C VAL H 381 28.34 7.98 49.00
N HIS H 382 29.09 6.91 48.71
CA HIS H 382 30.23 6.91 47.74
C HIS H 382 30.78 5.51 47.43
N TYR H 383 31.51 5.39 46.32
CA TYR H 383 32.07 4.10 45.90
C TYR H 383 33.46 4.17 45.23
N GLU H 384 34.36 3.27 45.62
CA GLU H 384 35.63 3.15 44.92
C GLU H 384 35.95 1.67 44.62
N GLU H 385 36.58 1.42 43.47
CA GLU H 385 36.94 0.05 43.05
C GLU H 385 38.20 0.00 42.20
N LYS H 386 39.00 -1.06 42.32
CA LYS H 386 40.07 -1.30 41.32
C LYS H 386 40.05 -2.74 40.82
N ASN H 387 40.12 -2.88 39.52
CA ASN H 387 40.19 -4.20 38.92
C ASN H 387 41.59 -4.47 38.44
N TRP H 388 42.40 -5.13 39.27
CA TRP H 388 43.82 -5.37 38.99
C TRP H 388 44.14 -6.22 37.70
N CYS H 389 43.15 -6.97 37.24
CA CYS H 389 43.25 -7.75 36.03
C CYS H 389 43.58 -6.95 34.82
N GLU H 390 43.39 -5.65 34.87
CA GLU H 390 43.64 -4.83 33.70
C GLU H 390 44.94 -4.10 33.81
N GLU H 391 45.70 -4.30 34.87
CA GLU H 391 46.97 -3.59 34.99
C GLU H 391 48.08 -4.28 34.18
N GLN H 392 48.66 -3.53 33.25
CA GLN H 392 49.71 -4.02 32.37
C GLN H 392 50.98 -4.28 33.09
N TYR H 393 51.34 -3.36 34.00
CA TYR H 393 52.56 -3.55 34.77
C TYR H 393 52.31 -4.23 36.09
N SER H 394 51.25 -5.03 36.13
CA SER H 394 51.04 -5.90 37.27
C SER H 394 50.67 -7.32 36.93
N GLY H 395 49.72 -7.48 36.01
CA GLY H 395 49.34 -8.79 35.54
C GLY H 395 48.19 -9.36 36.30
N GLY H 396 47.95 -8.88 37.53
CA GLY H 396 46.91 -9.42 38.38
C GLY H 396 47.13 -9.03 39.81
N CYS H 397 46.43 -9.68 40.73
CA CYS H 397 46.62 -9.52 42.17
C CYS H 397 45.99 -10.73 42.84
N TYR H 398 46.40 -11.06 44.06
CA TYR H 398 47.42 -10.36 44.80
C TYR H 398 48.86 -10.73 44.37
N THR H 399 49.03 -11.97 43.90
CA THR H 399 50.35 -12.56 43.67
C THR H 399 50.29 -13.56 42.53
N THR H 400 51.38 -14.30 42.36
CA THR H 400 51.55 -15.26 41.29
C THR H 400 51.15 -16.66 41.76
N TYR H 401 50.47 -17.41 40.91
CA TYR H 401 50.12 -18.76 41.29
C TYR H 401 50.75 -19.75 40.34
N PHE H 402 50.99 -20.97 40.81
CA PHE H 402 51.59 -22.01 39.99
C PHE H 402 50.60 -23.12 39.66
N PRO H 403 50.30 -23.31 38.38
CA PRO H 403 49.50 -24.45 37.89
C PRO H 403 50.18 -25.78 38.16
N PRO H 404 49.46 -26.91 38.09
CA PRO H 404 50.09 -28.22 38.37
C PRO H 404 51.39 -28.40 37.59
N GLY H 405 52.35 -29.03 38.21
CA GLY H 405 53.56 -29.39 37.53
C GLY H 405 54.67 -28.35 37.46
N ILE H 406 54.39 -27.11 37.80
CA ILE H 406 55.36 -26.08 37.46
C ILE H 406 56.32 -25.75 38.59
N LEU H 407 55.89 -25.95 39.82
CA LEU H 407 56.72 -25.58 40.95
C LEU H 407 57.90 -26.51 41.04
N THR H 408 57.68 -27.82 40.91
CA THR H 408 58.77 -28.79 40.95
C THR H 408 59.71 -28.61 39.79
N GLN H 409 59.19 -28.37 38.61
CA GLN H 409 60.03 -28.26 37.43
C GLN H 409 60.76 -26.94 37.34
N TYR H 410 60.07 -25.83 37.62
CA TYR H 410 60.63 -24.51 37.38
C TYR H 410 60.86 -23.71 38.65
N GLY H 411 60.55 -24.33 39.77
CA GLY H 411 60.70 -23.70 41.06
C GLY H 411 62.02 -23.03 41.31
N ARG H 412 63.12 -23.74 41.28
CA ARG H 412 64.36 -23.15 41.75
C ARG H 412 64.92 -22.11 40.83
N VAL H 413 64.21 -21.78 39.78
CA VAL H 413 64.69 -20.82 38.81
C VAL H 413 64.39 -19.41 39.28
N LEU H 414 63.39 -19.24 40.14
CA LEU H 414 62.76 -17.96 40.36
C LEU H 414 63.75 -16.99 40.94
N ARG H 415 64.55 -17.44 41.91
CA ARG H 415 65.56 -16.55 42.47
C ARG H 415 67.03 -16.91 42.21
N GLN H 416 67.28 -17.70 41.18
CA GLN H 416 68.62 -17.95 40.68
C GLN H 416 69.12 -16.77 39.83
N PRO H 417 70.26 -16.19 40.21
CA PRO H 417 70.85 -15.08 39.46
C PRO H 417 71.13 -15.41 38.02
N VAL H 418 70.94 -14.44 37.12
CA VAL H 418 71.32 -14.59 35.73
C VAL H 418 72.43 -13.61 35.44
N ASP H 419 73.65 -14.08 35.65
CA ASP H 419 74.89 -13.30 35.52
C ASP H 419 74.95 -12.21 36.56
N ARG H 420 74.60 -11.00 36.14
CA ARG H 420 74.62 -9.87 37.04
C ARG H 420 73.19 -9.39 37.39
N ILE H 421 72.15 -10.11 36.92
CA ILE H 421 70.75 -9.83 37.32
C ILE H 421 70.35 -10.67 38.52
N TYR H 422 69.83 -10.02 39.57
CA TYR H 422 69.41 -10.72 40.78
C TYR H 422 67.93 -10.47 40.93
N PHE H 423 67.25 -11.39 41.60
CA PHE H 423 65.78 -11.34 41.56
C PHE H 423 65.10 -11.10 42.87
N ALA H 424 64.40 -9.96 42.92
CA ALA H 424 63.57 -9.62 44.06
C ALA H 424 62.10 -9.83 43.74
N GLY H 425 61.24 -9.03 44.33
CA GLY H 425 59.81 -9.26 44.29
C GLY H 425 59.32 -10.23 45.36
N THR H 426 58.08 -10.05 45.80
CA THR H 426 57.52 -10.87 46.87
C THR H 426 57.39 -12.36 46.50
N GLU H 427 57.25 -12.67 45.22
CA GLU H 427 57.06 -14.06 44.82
C GLU H 427 58.33 -14.85 45.08
N THR H 428 59.42 -14.13 45.32
CA THR H 428 60.70 -14.75 45.75
C THR H 428 60.96 -14.81 47.24
N ALA H 429 60.10 -14.24 48.06
CA ALA H 429 60.21 -14.43 49.49
C ALA H 429 60.03 -15.88 49.94
N THR H 430 60.02 -16.05 51.25
CA THR H 430 60.19 -17.31 51.93
C THR H 430 59.25 -17.35 53.13
N HIS H 431 58.85 -16.15 53.56
CA HIS H 431 57.93 -15.93 54.68
C HIS H 431 56.97 -14.86 54.23
N TRP H 432 55.68 -15.18 54.24
CA TRP H 432 54.67 -14.25 53.76
C TRP H 432 54.99 -13.79 52.32
N SER H 433 55.44 -14.70 51.47
CA SER H 433 55.48 -14.42 50.07
C SER H 433 54.05 -14.23 49.64
N GLY H 434 53.83 -13.26 48.77
CA GLY H 434 52.50 -12.95 48.27
C GLY H 434 52.10 -11.62 48.84
N TYR H 435 52.78 -11.20 49.90
CA TYR H 435 52.33 -10.10 50.75
C TYR H 435 53.37 -8.99 50.71
N MET H 436 53.02 -7.83 51.25
CA MET H 436 53.97 -6.73 51.42
C MET H 436 55.18 -7.18 52.22
N GLU H 437 54.96 -8.00 53.23
CA GLU H 437 56.04 -8.57 54.03
C GLU H 437 57.04 -9.24 53.13
N GLY H 438 56.59 -10.23 52.39
CA GLY H 438 57.43 -10.87 51.41
C GLY H 438 58.18 -9.87 50.56
N ALA H 439 57.51 -8.84 50.06
CA ALA H 439 58.16 -7.84 49.23
C ALA H 439 59.39 -7.27 49.89
N VAL H 440 59.32 -7.07 51.19
CA VAL H 440 60.45 -6.56 51.94
C VAL H 440 61.55 -7.61 52.05
N GLU H 441 61.21 -8.79 52.56
CA GLU H 441 62.20 -9.88 52.65
C GLU H 441 63.06 -9.99 51.39
N ALA H 442 62.36 -10.14 50.27
CA ALA H 442 62.97 -10.37 48.98
C ALA H 442 63.77 -9.17 48.49
N GLY H 443 63.21 -7.98 48.65
CA GLY H 443 63.93 -6.76 48.30
C GLY H 443 65.32 -6.71 48.94
N GLU H 444 65.32 -6.92 50.25
CA GLU H 444 66.54 -6.75 51.02
C GLU H 444 67.51 -7.90 50.77
N ARG H 445 67.00 -9.12 50.62
CA ARG H 445 67.89 -10.24 50.34
C ARG H 445 68.61 -10.08 48.99
N ALA H 446 67.88 -9.74 47.94
CA ALA H 446 68.49 -9.40 46.68
C ALA H 446 69.56 -8.32 46.83
N ALA H 447 69.25 -7.26 47.55
CA ALA H 447 70.24 -6.21 47.75
C ALA H 447 71.51 -6.78 48.40
N ARG H 448 71.31 -7.55 49.45
CA ARG H 448 72.42 -8.17 50.16
C ARG H 448 73.16 -9.20 49.32
N GLU H 449 72.50 -9.83 48.36
CA GLU H 449 73.18 -10.71 47.43
C GLU H 449 74.23 -9.94 46.63
N ILE H 450 73.88 -8.74 46.18
CA ILE H 450 74.79 -7.90 45.41
C ILE H 450 75.91 -7.38 46.30
N LEU H 451 75.57 -6.95 47.52
CA LEU H 451 76.61 -6.55 48.49
C LEU H 451 77.65 -7.65 48.59
N HIS H 452 77.21 -8.89 48.77
CA HIS H 452 78.14 -10.02 48.87
C HIS H 452 78.96 -10.25 47.61
N ALA H 453 78.40 -9.95 46.46
CA ALA H 453 79.11 -10.19 45.20
C ALA H 453 80.25 -9.21 45.08
N MET H 454 80.06 -8.04 45.67
CA MET H 454 81.07 -7.00 45.65
C MET H 454 82.06 -7.22 46.80
N GLY H 455 81.88 -8.33 47.51
CA GLY H 455 82.72 -8.67 48.64
C GLY H 455 82.66 -7.65 49.77
N LYS H 456 81.48 -7.11 50.05
CA LYS H 456 81.33 -6.15 51.12
C LYS H 456 80.78 -6.77 52.40
N ILE H 457 80.21 -7.98 52.30
CA ILE H 457 79.67 -8.72 53.45
C ILE H 457 79.79 -10.20 53.13
N PRO H 458 79.88 -11.05 54.15
CA PRO H 458 80.02 -12.51 53.94
C PRO H 458 78.76 -13.20 53.41
N GLU H 459 78.87 -14.43 52.94
CA GLU H 459 77.70 -15.16 52.46
C GLU H 459 76.77 -15.39 53.64
N ASP H 460 77.38 -15.79 54.75
CA ASP H 460 76.84 -15.72 56.11
C ASP H 460 75.67 -14.74 56.34
N GLU H 461 75.79 -13.55 55.73
CA GLU H 461 74.95 -12.39 56.02
C GLU H 461 73.91 -12.03 54.96
N ILE H 462 73.70 -12.87 53.95
CA ILE H 462 72.75 -12.56 52.87
C ILE H 462 71.31 -12.70 53.34
N TRP H 463 71.00 -13.83 53.99
CA TRP H 463 69.72 -14.02 54.62
C TRP H 463 69.80 -13.56 56.05
N GLN H 464 69.09 -12.48 56.40
CA GLN H 464 69.02 -12.05 57.79
C GLN H 464 67.72 -12.39 58.50
N SER H 465 67.78 -12.87 59.75
CA SER H 465 66.56 -13.00 60.54
C SER H 465 66.09 -11.62 61.04
N GLU H 466 64.83 -11.50 61.47
CA GLU H 466 64.25 -10.21 61.89
C GLU H 466 63.71 -10.20 63.34
N PRO H 467 64.14 -9.23 64.16
CA PRO H 467 63.64 -9.12 65.53
C PRO H 467 62.13 -8.89 65.52
N GLU H 468 61.40 -9.58 66.39
CA GLU H 468 59.96 -9.40 66.53
C GLU H 468 59.57 -7.97 66.89
N SER H 469 58.44 -7.51 66.36
CA SER H 469 57.90 -6.17 66.64
C SER H 469 57.50 -6.03 68.08
N VAL H 470 57.70 -4.82 68.59
CA VAL H 470 57.30 -4.50 69.94
C VAL H 470 55.84 -4.05 69.94
N ASP H 471 55.45 -3.27 68.95
CA ASP H 471 54.07 -2.78 68.84
C ASP H 471 53.06 -3.81 68.40
N VAL H 472 53.50 -4.84 67.69
CA VAL H 472 52.60 -5.90 67.25
C VAL H 472 53.11 -7.30 67.63
N PRO H 473 53.16 -7.60 68.93
CA PRO H 473 53.72 -8.88 69.36
C PRO H 473 52.87 -10.03 68.86
N ALA H 474 53.49 -11.15 68.61
CA ALA H 474 52.77 -12.30 68.08
C ALA H 474 52.38 -13.25 69.20
N GLN H 475 51.08 -13.31 69.49
CA GLN H 475 50.53 -14.45 70.21
C GLN H 475 50.77 -15.72 69.39
N PRO H 476 51.29 -16.77 70.02
CA PRO H 476 51.52 -18.05 69.33
C PRO H 476 50.18 -18.76 69.05
N ILE H 477 50.17 -19.72 68.14
CA ILE H 477 48.94 -20.40 67.76
C ILE H 477 48.79 -21.69 68.55
N THR H 478 47.60 -21.91 69.10
CA THR H 478 47.37 -23.08 69.94
C THR H 478 46.17 -23.89 69.47
N THR H 479 46.17 -25.17 69.81
CA THR H 479 45.09 -26.07 69.43
C THR H 479 44.56 -26.85 70.63
N THR H 480 43.24 -27.08 70.64
CA THR H 480 42.53 -27.90 71.62
C THR H 480 43.00 -29.33 71.53
N PHE H 481 43.04 -30.04 72.65
CA PHE H 481 43.26 -31.48 72.65
C PHE H 481 42.28 -32.15 71.66
N LEU H 482 41.01 -31.74 71.72
CA LEU H 482 39.99 -32.35 70.89
C LEU H 482 40.26 -32.09 69.42
N GLU H 483 40.69 -30.87 69.10
CA GLU H 483 41.06 -30.51 67.73
C GLU H 483 42.15 -31.43 67.17
N ARG H 484 43.16 -31.71 67.99
CA ARG H 484 44.28 -32.51 67.62
C ARG H 484 43.93 -33.98 67.44
N HIS H 485 42.85 -34.44 68.06
CA HIS H 485 42.64 -35.91 68.16
C HIS H 485 41.32 -36.47 67.63
N LEU H 486 40.37 -35.61 67.32
CA LEU H 486 39.11 -36.12 66.83
C LEU H 486 39.39 -36.87 65.53
N PRO H 487 38.73 -38.01 65.29
CA PRO H 487 38.86 -38.72 64.02
C PRO H 487 38.41 -37.91 62.80
N SER H 488 38.91 -38.27 61.62
CA SER H 488 38.34 -37.80 60.35
C SER H 488 37.07 -38.57 60.07
N VAL H 489 36.31 -38.21 59.03
CA VAL H 489 35.10 -38.97 58.72
C VAL H 489 35.43 -40.42 58.39
N PRO H 490 36.38 -40.66 57.48
CA PRO H 490 36.82 -42.03 57.25
C PRO H 490 37.39 -42.63 58.53
N GLY H 491 38.16 -41.87 59.30
CA GLY H 491 38.75 -42.38 60.52
C GLY H 491 37.70 -42.93 61.47
N LEU H 492 36.55 -42.28 61.52
CA LEU H 492 35.47 -42.72 62.38
C LEU H 492 34.87 -43.97 61.78
N LEU H 493 34.68 -43.98 60.46
CA LEU H 493 34.14 -45.15 59.79
C LEU H 493 35.03 -46.34 60.10
N ARG H 494 36.32 -46.09 60.26
CA ARG H 494 37.25 -47.12 60.70
C ARG H 494 36.98 -47.50 62.18
N LEU H 495 37.05 -46.52 63.09
CA LEU H 495 36.92 -46.74 64.55
C LEU H 495 35.60 -47.36 65.03
N ILE H 496 34.54 -47.17 64.24
CA ILE H 496 33.24 -47.79 64.47
C ILE H 496 33.13 -49.21 63.82
N GLY H 497 33.68 -49.36 62.62
CA GLY H 497 33.62 -50.61 61.86
C GLY H 497 34.68 -51.64 62.19
N LEU H 498 35.55 -51.31 63.16
CA LEU H 498 36.55 -52.24 63.73
C LEU H 498 36.06 -52.75 65.10
N THR H 499 35.13 -51.99 65.69
CA THR H 499 34.32 -52.44 66.83
C THR H 499 33.40 -53.62 66.41
N THR H 500 32.92 -53.61 65.16
CA THR H 500 32.11 -54.69 64.56
C THR H 500 32.93 -55.76 63.80
N ILE H 501 34.26 -55.77 64.00
CA ILE H 501 35.13 -56.79 63.38
C ILE H 501 35.79 -57.73 64.40
N LYS I 4 -14.73 -20.12 -84.83
CA LYS I 4 -15.99 -20.84 -84.43
C LYS I 4 -15.81 -22.37 -84.31
N CYS I 5 -16.50 -22.89 -83.27
CA CYS I 5 -15.89 -23.86 -82.35
C CYS I 5 -16.86 -24.28 -81.14
N ASP I 6 -17.16 -25.57 -80.99
CA ASP I 6 -17.79 -26.20 -79.80
C ASP I 6 -16.89 -26.17 -78.54
N VAL I 7 -15.65 -26.62 -78.68
CA VAL I 7 -14.67 -26.64 -77.60
C VAL I 7 -13.43 -25.93 -78.10
N VAL I 8 -12.89 -25.01 -77.30
CA VAL I 8 -11.59 -24.42 -77.59
C VAL I 8 -10.60 -25.08 -76.67
N VAL I 9 -9.57 -25.68 -77.27
CA VAL I 9 -8.48 -26.30 -76.52
C VAL I 9 -7.35 -25.29 -76.41
N VAL I 10 -6.95 -24.94 -75.19
CA VAL I 10 -5.73 -24.19 -74.99
C VAL I 10 -4.61 -25.17 -74.70
N GLY I 11 -3.51 -25.05 -75.44
CA GLY I 11 -2.43 -25.97 -75.32
C GLY I 11 -2.33 -26.87 -76.52
N GLY I 12 -1.23 -26.72 -77.24
CA GLY I 12 -0.95 -27.51 -78.42
C GLY I 12 0.01 -28.70 -78.25
N GLY I 13 0.22 -29.15 -77.01
CA GLY I 13 1.07 -30.31 -76.76
C GLY I 13 0.37 -31.63 -76.95
N ILE I 14 0.99 -32.72 -76.48
CA ILE I 14 0.39 -34.05 -76.67
C ILE I 14 -1.00 -34.12 -76.01
N SER I 15 -1.14 -33.61 -74.80
CA SER I 15 -2.41 -33.65 -74.11
C SER I 15 -3.52 -32.90 -74.82
N GLY I 16 -3.31 -31.63 -75.12
CA GLY I 16 -4.20 -30.85 -75.97
C GLY I 16 -4.55 -31.54 -77.29
N MET I 17 -3.56 -31.98 -78.04
CA MET I 17 -3.84 -32.69 -79.29
C MET I 17 -4.64 -33.98 -79.10
N ALA I 18 -4.18 -34.87 -78.22
CA ALA I 18 -4.89 -36.08 -77.89
C ALA I 18 -6.38 -35.83 -77.66
N ALA I 19 -6.69 -34.75 -76.96
CA ALA I 19 -8.04 -34.29 -76.66
C ALA I 19 -8.72 -33.75 -77.88
N ALA I 20 -8.13 -32.72 -78.53
CA ALA I 20 -8.63 -32.16 -79.81
C ALA I 20 -9.08 -33.26 -80.78
N LYS I 21 -8.26 -34.30 -80.90
CA LYS I 21 -8.57 -35.42 -81.76
C LYS I 21 -9.76 -36.18 -81.28
N LEU I 22 -9.84 -36.46 -79.99
CA LEU I 22 -10.94 -37.30 -79.48
C LEU I 22 -12.27 -36.63 -79.77
N LEU I 23 -12.29 -35.32 -79.53
CA LEU I 23 -13.49 -34.57 -79.76
C LEU I 23 -13.79 -34.57 -81.24
N HIS I 24 -12.79 -34.26 -82.06
CA HIS I 24 -12.93 -34.21 -83.51
C HIS I 24 -13.47 -35.54 -84.05
N ASP I 25 -12.95 -36.64 -83.55
CA ASP I 25 -13.36 -37.96 -84.04
C ASP I 25 -14.83 -38.21 -83.69
N SER I 26 -15.34 -37.47 -82.70
CA SER I 26 -16.71 -37.67 -82.22
C SER I 26 -17.65 -36.65 -82.81
N GLY I 27 -17.23 -36.05 -83.93
CA GLY I 27 -18.03 -35.11 -84.68
C GLY I 27 -18.28 -33.78 -84.02
N LEU I 28 -17.36 -33.26 -83.22
CA LEU I 28 -17.48 -31.89 -82.73
C LEU I 28 -16.53 -30.95 -83.45
N ASN I 29 -16.87 -29.67 -83.46
CA ASN I 29 -15.97 -28.67 -84.08
C ASN I 29 -15.00 -28.14 -83.05
N VAL I 30 -13.72 -28.45 -83.18
CA VAL I 30 -12.76 -28.02 -82.17
C VAL I 30 -11.80 -27.01 -82.70
N VAL I 31 -11.00 -26.44 -81.81
CA VAL I 31 -9.93 -25.51 -82.19
C VAL I 31 -8.81 -25.59 -81.16
N VAL I 32 -7.57 -25.68 -81.63
CA VAL I 32 -6.45 -25.72 -80.74
C VAL I 32 -5.72 -24.42 -80.91
N LEU I 33 -5.59 -23.69 -79.82
CA LEU I 33 -4.87 -22.43 -79.82
C LEU I 33 -3.51 -22.66 -79.19
N GLU I 34 -2.45 -22.44 -79.96
CA GLU I 34 -1.12 -22.74 -79.48
C GLU I 34 -0.18 -21.51 -79.54
N ALA I 35 0.51 -21.25 -78.43
CA ALA I 35 1.29 -20.04 -78.27
C ALA I 35 2.52 -20.02 -79.14
N ARG I 36 3.21 -21.15 -79.22
CA ARG I 36 4.48 -21.30 -79.94
C ARG I 36 4.24 -21.44 -81.45
N ASP I 37 5.30 -21.36 -82.26
CA ASP I 37 5.17 -21.61 -83.70
C ASP I 37 5.28 -23.07 -84.08
N ARG I 38 4.96 -23.98 -83.15
CA ARG I 38 5.07 -25.45 -83.35
C ARG I 38 4.14 -26.16 -82.39
N VAL I 39 3.64 -27.33 -82.74
CA VAL I 39 2.98 -28.12 -81.71
C VAL I 39 4.03 -28.97 -81.01
N GLY I 40 3.65 -29.68 -79.95
CA GLY I 40 4.59 -30.57 -79.29
C GLY I 40 4.94 -30.19 -77.86
N GLY I 41 5.10 -28.90 -77.58
CA GLY I 41 5.38 -28.42 -76.24
C GLY I 41 6.67 -28.96 -75.64
N ARG I 42 6.51 -29.83 -74.67
CA ARG I 42 7.64 -30.36 -73.95
C ARG I 42 8.25 -31.55 -74.66
N THR I 43 7.67 -31.90 -75.82
CA THR I 43 8.32 -32.75 -76.82
C THR I 43 8.71 -31.86 -77.97
N TYR I 44 9.92 -32.02 -78.46
CA TYR I 44 10.44 -31.23 -79.59
C TYR I 44 11.44 -32.07 -80.32
N THR I 45 11.17 -32.38 -81.59
CA THR I 45 12.11 -33.15 -82.38
C THR I 45 12.87 -32.27 -83.39
N LEU I 46 14.14 -32.01 -83.11
CA LEU I 46 15.01 -31.25 -83.98
C LEU I 46 15.42 -32.06 -85.17
N ARG I 47 15.32 -31.44 -86.34
CA ARG I 47 15.69 -32.11 -87.57
C ARG I 47 16.71 -31.24 -88.24
N ASN I 48 17.87 -31.84 -88.52
CA ASN I 48 18.92 -31.22 -89.31
C ASN I 48 19.86 -32.30 -89.80
N GLN I 49 20.85 -31.89 -90.61
CA GLN I 49 21.66 -32.85 -91.39
C GLN I 49 22.68 -33.64 -90.57
N LYS I 50 23.24 -32.98 -89.57
CA LYS I 50 24.26 -33.57 -88.73
C LYS I 50 23.67 -34.60 -87.80
N VAL I 51 22.36 -34.53 -87.63
CA VAL I 51 21.65 -35.21 -86.56
C VAL I 51 20.55 -36.16 -87.08
N LYS I 52 20.16 -35.99 -88.33
CA LYS I 52 18.94 -36.55 -88.89
C LYS I 52 17.72 -36.04 -88.13
N TYR I 53 17.40 -36.68 -87.01
CA TYR I 53 16.41 -36.19 -86.04
C TYR I 53 16.93 -36.42 -84.60
N VAL I 54 16.54 -35.55 -83.66
CA VAL I 54 16.87 -35.74 -82.25
C VAL I 54 15.78 -35.23 -81.32
N ASP I 55 15.42 -36.04 -80.32
CA ASP I 55 14.48 -35.56 -79.31
C ASP I 55 15.20 -34.69 -78.29
N LEU I 56 14.95 -33.38 -78.36
CA LEU I 56 15.42 -32.45 -77.36
C LEU I 56 14.50 -32.35 -76.14
N GLY I 57 13.29 -32.92 -76.25
CA GLY I 57 12.32 -32.93 -75.18
C GLY I 57 11.98 -34.33 -74.75
N GLY I 58 10.70 -34.59 -74.54
CA GLY I 58 10.22 -35.87 -74.05
C GLY I 58 10.47 -36.92 -75.07
N SER I 59 10.87 -38.10 -74.65
CA SER I 59 11.42 -39.07 -75.58
C SER I 59 11.14 -40.55 -75.35
N TYR I 60 11.40 -41.08 -74.15
CA TYR I 60 11.30 -42.53 -73.90
C TYR I 60 9.89 -42.99 -73.58
N VAL I 61 9.56 -44.19 -74.00
CA VAL I 61 8.27 -44.82 -73.72
C VAL I 61 8.53 -46.26 -73.32
N GLY I 62 7.70 -46.83 -72.50
CA GLY I 62 7.97 -48.17 -72.01
C GLY I 62 6.73 -49.03 -71.83
N PRO I 63 6.92 -50.28 -71.44
CA PRO I 63 5.81 -51.16 -71.03
C PRO I 63 4.92 -50.50 -69.95
N THR I 64 3.63 -50.79 -70.01
CA THR I 64 2.57 -50.15 -69.20
C THR I 64 2.16 -48.74 -69.63
N GLN I 65 2.88 -48.16 -70.57
CA GLN I 65 2.50 -46.84 -71.06
C GLN I 65 1.67 -47.05 -72.30
N ASN I 66 0.54 -47.71 -72.11
CA ASN I 66 -0.26 -48.16 -73.23
C ASN I 66 -0.98 -47.10 -74.03
N ARG I 67 -1.34 -46.00 -73.40
CA ARG I 67 -2.06 -44.98 -74.13
C ARG I 67 -1.24 -44.28 -75.19
N ILE I 68 -0.04 -43.81 -74.83
CA ILE I 68 0.81 -43.14 -75.81
C ILE I 68 1.27 -44.13 -76.86
N LEU I 69 1.49 -45.37 -76.45
CA LEU I 69 1.87 -46.41 -77.37
C LEU I 69 0.81 -46.63 -78.44
N ARG I 70 -0.46 -46.68 -78.02
CA ARG I 70 -1.64 -46.82 -78.90
C ARG I 70 -1.80 -45.62 -79.81
N LEU I 71 -1.82 -44.41 -79.26
CA LEU I 71 -2.07 -43.24 -80.07
C LEU I 71 -0.95 -43.11 -81.11
N ALA I 72 0.24 -43.56 -80.73
CA ALA I 72 1.39 -43.46 -81.62
C ALA I 72 1.24 -44.44 -82.75
N LYS I 73 0.87 -45.68 -82.44
CA LYS I 73 0.67 -46.70 -83.45
C LYS I 73 -0.33 -46.26 -84.51
N GLU I 74 -1.53 -45.89 -84.08
CA GLU I 74 -2.61 -45.43 -84.94
C GLU I 74 -2.17 -44.29 -85.82
N LEU I 75 -1.28 -43.46 -85.29
CA LEU I 75 -0.81 -42.31 -86.04
C LEU I 75 0.24 -42.70 -87.05
N GLY I 76 0.63 -43.98 -87.02
CA GLY I 76 1.60 -44.51 -87.95
C GLY I 76 3.02 -44.76 -87.48
N LEU I 77 3.31 -44.38 -86.23
CA LEU I 77 4.68 -44.46 -85.70
C LEU I 77 5.13 -45.85 -85.21
N GLU I 78 6.45 -46.06 -85.14
CA GLU I 78 7.06 -47.30 -84.66
C GLU I 78 8.10 -47.02 -83.57
N THR I 79 8.34 -47.98 -82.68
CA THR I 79 9.38 -47.80 -81.68
C THR I 79 10.61 -48.66 -81.91
N TYR I 80 11.71 -48.29 -81.27
CA TYR I 80 12.88 -49.16 -81.25
C TYR I 80 13.44 -49.23 -79.85
N LYS I 81 14.11 -50.34 -79.51
CA LYS I 81 14.73 -50.45 -78.20
C LYS I 81 15.97 -49.55 -78.00
N VAL I 82 15.95 -48.78 -76.93
CA VAL I 82 17.14 -48.09 -76.43
C VAL I 82 18.21 -49.14 -76.17
N ASN I 83 19.45 -48.83 -76.50
CA ASN I 83 20.53 -49.84 -76.35
C ASN I 83 20.90 -50.24 -74.90
N GLU I 84 20.62 -51.47 -74.54
CA GLU I 84 21.16 -51.99 -73.29
C GLU I 84 21.81 -53.38 -73.44
N VAL I 85 22.44 -53.66 -74.58
CA VAL I 85 23.03 -54.98 -74.78
C VAL I 85 24.22 -55.20 -73.88
N GLU I 86 25.12 -54.22 -73.83
CA GLU I 86 26.40 -54.35 -73.11
C GLU I 86 26.28 -53.89 -71.66
N ARG I 87 27.40 -53.58 -71.00
CA ARG I 87 27.39 -53.41 -69.54
C ARG I 87 27.05 -51.97 -69.18
N LEU I 88 26.39 -51.75 -68.03
CA LEU I 88 26.19 -50.39 -67.53
C LEU I 88 27.36 -49.99 -66.65
N ILE I 89 27.53 -48.69 -66.40
CA ILE I 89 28.56 -48.21 -65.49
C ILE I 89 28.01 -47.37 -64.34
N HIS I 90 28.33 -47.82 -63.14
CA HIS I 90 28.21 -46.99 -61.97
C HIS I 90 29.60 -46.36 -61.70
N HIS I 91 29.69 -45.05 -61.78
CA HIS I 91 30.95 -44.37 -61.57
C HIS I 91 30.87 -43.72 -60.20
N VAL I 92 31.64 -44.27 -59.26
CA VAL I 92 31.62 -43.77 -57.88
C VAL I 92 33.00 -43.53 -57.22
N LYS I 93 33.11 -42.38 -56.56
CA LYS I 93 34.35 -41.89 -55.94
C LYS I 93 35.50 -41.95 -56.92
N GLY I 94 35.29 -41.37 -58.10
CA GLY I 94 36.30 -41.30 -59.14
C GLY I 94 36.66 -42.57 -59.90
N LYS I 95 35.93 -43.68 -59.69
CA LYS I 95 36.22 -44.96 -60.37
C LYS I 95 34.99 -45.60 -61.06
N SER I 96 35.19 -46.39 -62.12
CA SER I 96 34.07 -46.96 -62.89
C SER I 96 33.86 -48.45 -62.64
N TYR I 97 32.69 -48.83 -62.15
CA TYR I 97 32.37 -50.25 -61.92
C TYR I 97 31.22 -50.69 -62.82
N PRO I 98 31.52 -51.58 -63.75
CA PRO I 98 30.55 -52.08 -64.69
C PRO I 98 29.61 -53.04 -64.03
N PHE I 99 28.39 -53.17 -64.57
CA PHE I 99 27.38 -54.06 -64.02
C PHE I 99 26.25 -54.42 -65.01
N ARG I 100 25.40 -55.38 -64.60
CA ARG I 100 24.21 -55.74 -65.35
C ARG I 100 22.97 -55.58 -64.48
N GLY I 101 21.78 -55.61 -65.07
CA GLY I 101 20.55 -55.49 -64.29
C GLY I 101 20.25 -54.03 -63.99
N PRO I 102 19.13 -53.74 -63.35
CA PRO I 102 18.69 -52.34 -63.20
C PRO I 102 19.45 -51.54 -62.17
N PHE I 103 19.88 -52.22 -61.10
CA PHE I 103 20.46 -51.57 -59.93
C PHE I 103 21.94 -51.91 -59.88
N PRO I 104 22.78 -50.90 -59.63
CA PRO I 104 24.22 -51.12 -59.48
C PRO I 104 24.42 -51.94 -58.24
N PRO I 105 25.31 -52.91 -58.25
CA PRO I 105 25.44 -53.85 -57.13
C PRO I 105 26.25 -53.22 -56.00
N VAL I 106 25.96 -53.66 -54.80
CA VAL I 106 26.63 -53.14 -53.61
C VAL I 106 27.16 -54.35 -52.82
N TRP I 107 28.41 -54.28 -52.36
CA TRP I 107 29.09 -55.48 -51.86
C TRP I 107 29.13 -55.61 -50.35
N ASN I 108 29.41 -54.50 -49.67
CA ASN I 108 29.31 -54.43 -48.21
C ASN I 108 27.97 -54.93 -47.68
N PRO I 109 27.94 -55.90 -46.77
CA PRO I 109 26.65 -56.50 -46.40
C PRO I 109 25.75 -55.54 -45.63
N ILE I 110 26.34 -54.68 -44.79
CA ILE I 110 25.57 -53.66 -44.08
C ILE I 110 24.92 -52.73 -45.11
N THR I 111 25.73 -51.97 -45.85
CA THR I 111 25.22 -51.14 -46.94
C THR I 111 24.17 -51.85 -47.80
N TYR I 112 24.38 -53.10 -48.11
CA TYR I 112 23.41 -53.83 -48.92
C TYR I 112 22.03 -53.88 -48.25
N LEU I 113 21.99 -54.09 -46.94
CA LEU I 113 20.74 -54.21 -46.23
C LEU I 113 20.00 -52.87 -46.32
N ASP I 114 20.75 -51.80 -46.10
CA ASP I 114 20.27 -50.42 -46.13
C ASP I 114 19.70 -50.08 -47.49
N HIS I 115 20.47 -50.34 -48.55
CA HIS I 115 20.05 -50.07 -49.92
C HIS I 115 18.74 -50.77 -50.22
N ASN I 116 18.71 -52.07 -49.92
CA ASN I 116 17.57 -52.89 -50.29
C ASN I 116 16.34 -52.43 -49.51
N ASN I 117 16.56 -51.98 -48.29
CA ASN I 117 15.45 -51.49 -47.49
C ASN I 117 14.89 -50.18 -48.05
N PHE I 118 15.75 -49.24 -48.41
CA PHE I 118 15.30 -47.98 -49.00
C PHE I 118 14.36 -48.19 -50.20
N TRP I 119 14.81 -48.92 -51.21
CA TRP I 119 13.99 -49.12 -52.40
C TRP I 119 12.66 -49.74 -52.05
N ARG I 120 12.70 -50.60 -51.05
CA ARG I 120 11.56 -51.43 -50.68
C ARG I 120 10.55 -50.62 -49.92
N THR I 121 11.05 -49.69 -49.13
CA THR I 121 10.23 -48.80 -48.33
C THR I 121 9.55 -47.71 -49.16
N MET I 122 10.23 -47.19 -50.19
CA MET I 122 9.61 -46.27 -51.14
C MET I 122 8.37 -46.97 -51.62
N ASP I 123 8.50 -48.24 -51.98
CA ASP I 123 7.41 -48.96 -52.59
C ASP I 123 6.36 -49.30 -51.56
N ASP I 124 6.77 -49.64 -50.34
CA ASP I 124 5.87 -49.97 -49.20
C ASP I 124 4.96 -48.78 -48.89
N MET I 125 5.59 -47.62 -48.71
CA MET I 125 4.92 -46.36 -48.47
C MET I 125 4.00 -46.01 -49.61
N GLY I 126 4.37 -46.43 -50.81
CA GLY I 126 3.60 -46.05 -51.96
C GLY I 126 2.29 -46.80 -51.98
N ARG I 127 2.28 -48.03 -51.49
CA ARG I 127 1.09 -48.90 -51.62
C ARG I 127 -0.08 -48.29 -50.85
N GLU I 128 0.27 -47.35 -49.98
CA GLU I 128 -0.68 -46.70 -49.12
C GLU I 128 -1.25 -45.42 -49.76
N ILE I 129 -0.77 -45.04 -50.93
CA ILE I 129 -1.22 -43.80 -51.55
C ILE I 129 -2.02 -44.10 -52.77
N PRO I 130 -3.26 -43.63 -52.84
CA PRO I 130 -4.08 -43.79 -54.04
C PRO I 130 -3.72 -42.83 -55.20
N SER I 131 -3.61 -43.33 -56.43
CA SER I 131 -3.18 -42.52 -57.58
C SER I 131 -4.18 -41.42 -57.86
N ASP I 132 -5.41 -41.87 -58.09
CA ASP I 132 -6.69 -41.22 -57.85
C ASP I 132 -6.70 -39.96 -56.96
N ALA I 133 -6.18 -40.09 -55.73
CA ALA I 133 -6.24 -39.02 -54.74
C ALA I 133 -5.19 -39.19 -53.65
N PRO I 134 -3.94 -38.80 -53.91
CA PRO I 134 -2.86 -39.06 -52.97
C PRO I 134 -3.14 -38.46 -51.61
N TRP I 135 -3.91 -37.38 -51.55
CA TRP I 135 -4.19 -36.68 -50.31
C TRP I 135 -5.08 -37.47 -49.36
N LYS I 136 -5.59 -38.61 -49.82
CA LYS I 136 -6.44 -39.46 -49.00
C LYS I 136 -5.65 -40.56 -48.31
N ALA I 137 -4.34 -40.53 -48.49
CA ALA I 137 -3.45 -41.47 -47.83
C ALA I 137 -3.63 -41.39 -46.34
N PRO I 138 -3.59 -42.51 -45.64
CA PRO I 138 -3.69 -42.52 -44.19
C PRO I 138 -2.79 -41.52 -43.52
N LEU I 139 -1.57 -41.36 -44.03
CA LEU I 139 -0.63 -40.43 -43.40
C LEU I 139 -0.31 -39.24 -44.27
N ALA I 140 -1.26 -38.86 -45.10
CA ALA I 140 -1.13 -37.71 -45.97
C ALA I 140 -0.52 -36.49 -45.30
N GLU I 141 -1.10 -36.05 -44.19
CA GLU I 141 -0.59 -34.85 -43.51
C GLU I 141 0.88 -34.97 -43.18
N GLU I 142 1.24 -36.05 -42.51
CA GLU I 142 2.57 -36.19 -41.96
C GLU I 142 3.57 -36.26 -43.08
N TRP I 143 3.22 -37.02 -44.10
CA TRP I 143 4.10 -37.25 -45.22
C TRP I 143 4.24 -35.99 -46.07
N ASP I 144 3.11 -35.34 -46.35
CA ASP I 144 3.12 -34.10 -47.12
C ASP I 144 3.76 -32.92 -46.40
N ASN I 145 3.81 -32.98 -45.09
CA ASN I 145 4.40 -31.88 -44.29
C ASN I 145 5.92 -31.94 -44.18
N MET I 146 6.50 -32.87 -44.91
CA MET I 146 7.88 -33.28 -44.68
C MET I 146 8.55 -33.36 -46.06
N THR I 147 9.82 -32.97 -46.16
CA THR I 147 10.50 -33.00 -47.47
C THR I 147 11.11 -34.38 -47.75
N MET I 148 11.53 -34.60 -49.00
CA MET I 148 12.12 -35.90 -49.36
C MET I 148 13.47 -36.05 -48.70
N LYS I 149 14.13 -34.91 -48.48
CA LYS I 149 15.41 -34.85 -47.78
C LYS I 149 15.25 -35.33 -46.37
N GLU I 150 14.17 -34.92 -45.74
CA GLU I 150 13.86 -35.32 -44.40
C GLU I 150 13.63 -36.81 -44.33
N LEU I 151 12.76 -37.33 -45.20
CA LEU I 151 12.49 -38.77 -45.25
C LEU I 151 13.78 -39.59 -45.47
N LEU I 152 14.61 -39.11 -46.40
CA LEU I 152 15.89 -39.75 -46.68
C LEU I 152 16.79 -39.75 -45.44
N ASP I 153 16.95 -38.59 -44.78
CA ASP I 153 17.81 -38.49 -43.61
C ASP I 153 17.38 -39.49 -42.55
N LYS I 154 16.10 -39.86 -42.56
CA LYS I 154 15.53 -40.69 -41.52
C LYS I 154 15.69 -42.14 -41.89
N LEU I 155 15.55 -42.42 -43.17
CA LEU I 155 15.43 -43.80 -43.65
C LEU I 155 16.74 -44.50 -43.94
N CYS I 156 17.80 -43.71 -44.15
CA CYS I 156 19.06 -44.18 -44.72
C CYS I 156 20.17 -44.18 -43.68
N TRP I 157 20.66 -45.37 -43.34
CA TRP I 157 21.70 -45.48 -42.33
C TRP I 157 23.10 -45.38 -42.91
N THR I 158 23.24 -45.43 -44.23
CA THR I 158 24.54 -45.32 -44.87
C THR I 158 24.58 -44.14 -45.80
N GLU I 159 25.72 -43.47 -45.88
CA GLU I 159 25.90 -42.38 -46.84
C GLU I 159 25.75 -42.85 -48.29
N SER I 160 26.19 -44.07 -48.59
CA SER I 160 26.05 -44.60 -49.94
C SER I 160 24.58 -44.64 -50.41
N ALA I 161 23.66 -45.01 -49.51
CA ALA I 161 22.24 -45.07 -49.85
C ALA I 161 21.60 -43.69 -49.93
N LYS I 162 22.03 -42.78 -49.08
CA LYS I 162 21.47 -41.45 -49.11
C LYS I 162 21.76 -40.81 -50.46
N GLN I 163 22.95 -41.15 -50.99
CA GLN I 163 23.44 -40.52 -52.19
C GLN I 163 22.76 -41.06 -53.44
N LEU I 164 22.59 -42.38 -53.50
CA LEU I 164 21.87 -42.97 -54.62
C LEU I 164 20.43 -42.50 -54.63
N ALA I 165 19.81 -42.47 -53.45
CA ALA I 165 18.43 -42.06 -53.29
C ALA I 165 18.26 -40.63 -53.77
N THR I 166 19.11 -39.74 -53.30
CA THR I 166 19.17 -38.38 -53.82
C THR I 166 19.26 -38.31 -55.36
N LEU I 167 20.18 -39.05 -55.95
CA LEU I 167 20.32 -39.08 -57.39
C LEU I 167 19.04 -39.55 -57.99
N PHE I 168 18.48 -40.61 -57.45
CA PHE I 168 17.17 -41.09 -57.85
C PHE I 168 16.08 -40.01 -57.87
N VAL I 169 16.05 -39.18 -56.83
CA VAL I 169 15.08 -38.11 -56.75
C VAL I 169 15.39 -37.08 -57.78
N ASN I 170 16.62 -36.58 -57.79
CA ASN I 170 17.08 -35.60 -58.78
C ASN I 170 16.72 -36.00 -60.20
N LEU I 171 16.95 -37.27 -60.52
CA LEU I 171 16.72 -37.76 -61.86
C LEU I 171 15.28 -37.92 -62.24
N CYS I 172 14.43 -38.26 -61.27
CA CYS I 172 12.99 -38.47 -61.51
C CYS I 172 12.19 -37.22 -61.71
N VAL I 173 12.53 -36.19 -60.94
CA VAL I 173 11.69 -35.00 -60.87
C VAL I 173 12.47 -33.70 -61.00
N THR I 174 13.76 -33.77 -61.33
CA THR I 174 14.55 -32.58 -61.69
C THR I 174 14.41 -31.52 -60.66
N ALA I 175 14.43 -31.97 -59.41
CA ALA I 175 14.38 -31.05 -58.27
C ALA I 175 15.22 -31.61 -57.14
N GLU I 176 15.54 -30.78 -56.17
CA GLU I 176 16.31 -31.23 -55.04
C GLU I 176 15.43 -31.93 -54.01
N THR I 177 15.99 -32.84 -53.22
CA THR I 177 15.16 -33.53 -52.23
C THR I 177 14.57 -32.56 -51.23
N HIS I 178 15.32 -31.52 -50.88
CA HIS I 178 14.77 -30.55 -49.95
C HIS I 178 13.71 -29.65 -50.59
N GLU I 179 13.49 -29.76 -51.89
CA GLU I 179 12.55 -28.87 -52.56
C GLU I 179 11.14 -29.47 -52.53
N VAL I 180 11.05 -30.80 -52.42
CA VAL I 180 9.83 -31.49 -52.74
C VAL I 180 9.26 -32.19 -51.52
N SER I 181 7.92 -32.24 -51.48
CA SER I 181 7.19 -32.96 -50.46
C SER I 181 7.33 -34.46 -50.63
N ALA I 182 7.55 -35.16 -49.53
CA ALA I 182 7.64 -36.62 -49.50
C ALA I 182 6.40 -37.31 -50.04
N LEU I 183 5.22 -36.82 -49.64
CA LEU I 183 3.96 -37.45 -50.04
C LEU I 183 3.87 -37.39 -51.52
N TRP I 184 4.13 -36.22 -52.10
CA TRP I 184 4.05 -36.04 -53.54
C TRP I 184 5.06 -36.92 -54.26
N PHE I 185 6.30 -36.88 -53.83
CA PHE I 185 7.29 -37.72 -54.49
C PHE I 185 6.89 -39.23 -54.49
N LEU I 186 6.49 -39.74 -53.31
CA LEU I 186 6.12 -41.12 -53.18
C LEU I 186 4.97 -41.41 -54.09
N TRP I 187 4.03 -40.47 -54.23
CA TRP I 187 2.91 -40.64 -55.13
C TRP I 187 3.40 -40.76 -56.54
N TYR I 188 4.28 -39.85 -56.91
CA TYR I 188 4.84 -39.84 -58.26
C TYR I 188 5.44 -41.16 -58.73
N VAL I 189 6.27 -41.75 -57.89
CA VAL I 189 6.94 -42.98 -58.23
C VAL I 189 5.92 -44.08 -58.31
N LYS I 190 4.98 -44.13 -57.38
CA LYS I 190 4.05 -45.26 -57.36
C LYS I 190 3.05 -45.26 -58.50
N GLN I 191 2.70 -44.08 -59.01
CA GLN I 191 1.76 -43.97 -60.13
C GLN I 191 2.43 -44.30 -61.44
N CYS I 192 3.72 -44.60 -61.39
CA CYS I 192 4.44 -45.16 -62.54
C CYS I 192 4.66 -46.70 -62.41
N GLY I 193 4.46 -47.27 -61.23
CA GLY I 193 4.51 -48.72 -61.08
C GLY I 193 5.61 -49.11 -60.13
N GLY I 194 6.03 -48.13 -59.32
CA GLY I 194 7.06 -48.30 -58.31
C GLY I 194 8.48 -48.14 -58.84
N THR I 195 9.45 -48.37 -57.95
CA THR I 195 10.85 -48.06 -58.24
C THR I 195 11.43 -48.85 -59.42
N THR I 196 11.30 -50.17 -59.42
CA THR I 196 11.81 -50.95 -60.54
C THR I 196 11.32 -50.44 -61.88
N ARG I 197 10.01 -50.21 -62.02
CA ARG I 197 9.46 -49.82 -63.31
C ARG I 197 10.02 -48.46 -63.76
N ILE I 198 10.11 -47.54 -62.82
CA ILE I 198 10.47 -46.20 -63.18
C ILE I 198 11.93 -46.12 -63.53
N ILE I 199 12.78 -46.89 -62.87
CA ILE I 199 14.22 -46.76 -63.08
C ILE I 199 14.74 -47.64 -64.20
N SER I 200 13.97 -48.63 -64.62
CA SER I 200 14.45 -49.61 -65.59
C SER I 200 14.47 -49.14 -67.04
N THR I 201 15.54 -49.51 -67.75
CA THR I 201 15.59 -49.43 -69.20
C THR I 201 14.88 -50.63 -69.84
N THR I 202 15.54 -51.79 -69.86
CA THR I 202 14.86 -53.02 -70.25
C THR I 202 13.71 -53.27 -69.29
N ASN I 203 12.53 -53.50 -69.85
CA ASN I 203 11.30 -53.67 -69.09
C ASN I 203 10.88 -52.54 -68.14
N GLY I 204 11.14 -51.28 -68.51
CA GLY I 204 10.69 -50.16 -67.74
C GLY I 204 10.51 -48.92 -68.57
N GLY I 205 10.54 -47.78 -67.87
CA GLY I 205 10.19 -46.49 -68.41
C GLY I 205 11.03 -46.01 -69.57
N GLN I 206 12.27 -46.48 -69.64
CA GLN I 206 13.18 -45.98 -70.67
C GLN I 206 13.53 -47.04 -71.70
N GLU I 207 12.63 -47.99 -71.90
CA GLU I 207 12.89 -49.11 -72.81
C GLU I 207 13.03 -48.74 -74.26
N ARG I 208 12.23 -47.78 -74.72
CA ARG I 208 12.15 -47.49 -76.15
C ARG I 208 12.01 -46.03 -76.51
N LYS I 209 12.25 -45.72 -77.77
CA LYS I 209 12.02 -44.39 -78.32
C LYS I 209 11.25 -44.54 -79.60
N PHE I 210 10.63 -43.47 -80.08
CA PHE I 210 9.95 -43.46 -81.37
C PHE I 210 10.91 -43.22 -82.51
N VAL I 211 10.86 -44.09 -83.52
CA VAL I 211 11.60 -43.90 -84.74
C VAL I 211 11.14 -42.59 -85.39
N GLY I 212 12.06 -41.68 -85.61
CA GLY I 212 11.68 -40.45 -86.26
C GLY I 212 11.35 -39.31 -85.33
N GLY I 213 11.25 -39.60 -84.04
CA GLY I 213 11.06 -38.58 -83.02
C GLY I 213 9.67 -38.63 -82.41
N SER I 214 9.45 -37.94 -81.30
CA SER I 214 8.11 -37.96 -80.69
C SER I 214 7.30 -36.72 -81.05
N GLY I 215 7.98 -35.66 -81.47
CA GLY I 215 7.33 -34.50 -82.07
C GLY I 215 6.32 -34.98 -83.09
N GLN I 216 6.66 -36.05 -83.77
CA GLN I 216 5.78 -36.69 -84.75
C GLN I 216 4.37 -36.89 -84.23
N VAL I 217 4.23 -37.23 -82.95
CA VAL I 217 2.91 -37.52 -82.36
C VAL I 217 1.94 -36.34 -82.55
N SER I 218 2.29 -35.16 -82.06
CA SER I 218 1.38 -34.03 -82.13
C SER I 218 1.39 -33.38 -83.48
N GLU I 219 2.49 -33.51 -84.19
CA GLU I 219 2.57 -33.07 -85.59
C GLU I 219 1.49 -33.78 -86.43
N ARG I 220 1.51 -35.11 -86.40
CA ARG I 220 0.61 -35.88 -87.23
C ARG I 220 -0.86 -35.62 -86.87
N ILE I 221 -1.15 -35.30 -85.62
CA ILE I 221 -2.48 -34.93 -85.20
C ILE I 221 -2.80 -33.58 -85.80
N MET I 222 -1.82 -32.68 -85.87
CA MET I 222 -2.06 -31.36 -86.48
C MET I 222 -2.48 -31.57 -87.93
N ASP I 223 -1.90 -32.59 -88.58
CA ASP I 223 -2.22 -32.88 -89.96
C ASP I 223 -3.68 -33.28 -90.08
N LEU I 224 -4.16 -34.14 -89.17
CA LEU I 224 -5.53 -34.65 -89.23
C LEU I 224 -6.54 -33.56 -88.99
N LEU I 225 -6.09 -32.42 -88.49
CA LEU I 225 -7.02 -31.38 -88.10
C LEU I 225 -7.04 -30.21 -89.09
N GLY I 226 -6.31 -30.34 -90.19
CA GLY I 226 -6.15 -29.25 -91.12
C GLY I 226 -5.95 -27.92 -90.42
N ASP I 227 -6.66 -26.90 -90.89
CA ASP I 227 -6.50 -25.51 -90.46
C ASP I 227 -6.98 -25.23 -89.02
N ARG I 228 -7.41 -26.28 -88.30
CA ARG I 228 -7.94 -26.14 -86.94
C ARG I 228 -6.97 -25.79 -85.81
N VAL I 229 -5.70 -26.12 -85.97
CA VAL I 229 -4.66 -25.73 -85.00
C VAL I 229 -4.13 -24.36 -85.39
N LYS I 230 -4.20 -23.42 -84.47
CA LYS I 230 -3.76 -22.06 -84.76
C LYS I 230 -2.47 -21.76 -84.01
N LEU I 231 -1.34 -21.84 -84.73
CA LEU I 231 -0.03 -21.54 -84.14
C LEU I 231 0.11 -20.06 -83.84
N GLU I 232 1.12 -19.72 -83.06
CA GLU I 232 1.42 -18.34 -82.64
C GLU I 232 0.26 -17.60 -82.04
N ARG I 233 -0.57 -18.32 -81.29
CA ARG I 233 -1.79 -17.78 -80.65
C ARG I 233 -1.80 -18.02 -79.11
N PRO I 234 -1.02 -17.26 -78.35
CA PRO I 234 -1.02 -17.43 -76.91
C PRO I 234 -2.30 -16.85 -76.32
N VAL I 235 -3.07 -17.66 -75.60
CA VAL I 235 -4.29 -17.18 -74.94
C VAL I 235 -3.94 -16.25 -73.79
N ILE I 236 -4.66 -15.14 -73.66
CA ILE I 236 -4.39 -14.15 -72.60
C ILE I 236 -5.60 -13.78 -71.75
N TYR I 237 -6.78 -14.21 -72.16
CA TYR I 237 -7.99 -13.80 -71.49
C TYR I 237 -9.11 -14.79 -71.77
N ILE I 238 -9.70 -15.33 -70.71
CA ILE I 238 -10.88 -16.16 -70.85
C ILE I 238 -11.97 -15.48 -70.06
N ASP I 239 -13.14 -15.38 -70.68
CA ASP I 239 -14.30 -14.63 -70.16
C ASP I 239 -15.54 -15.52 -70.13
N GLN I 240 -16.05 -15.79 -68.94
CA GLN I 240 -17.15 -16.74 -68.79
C GLN I 240 -18.46 -16.10 -68.34
N THR I 241 -18.50 -14.75 -68.39
CA THR I 241 -19.67 -13.97 -67.98
C THR I 241 -20.96 -14.28 -68.78
N ARG I 242 -20.82 -14.38 -70.10
CA ARG I 242 -21.96 -14.56 -71.01
C ARG I 242 -22.40 -16.04 -71.16
N GLU I 243 -23.24 -16.29 -72.17
CA GLU I 243 -23.70 -17.63 -72.52
C GLU I 243 -22.54 -18.49 -73.10
N ASN I 244 -21.83 -17.95 -74.10
CA ASN I 244 -20.67 -18.64 -74.65
C ASN I 244 -19.39 -18.14 -74.01
N VAL I 245 -18.39 -19.01 -73.93
CA VAL I 245 -17.10 -18.63 -73.35
C VAL I 245 -16.30 -17.91 -74.43
N LEU I 246 -15.77 -16.74 -74.11
CA LEU I 246 -14.88 -16.02 -75.01
C LEU I 246 -13.45 -16.23 -74.58
N VAL I 247 -12.59 -16.59 -75.54
CA VAL I 247 -11.15 -16.82 -75.33
C VAL I 247 -10.39 -15.89 -76.28
N GLU I 248 -9.50 -15.07 -75.71
CA GLU I 248 -8.80 -14.06 -76.48
C GLU I 248 -7.29 -14.27 -76.49
N THR I 249 -6.68 -14.13 -77.66
CA THR I 249 -5.24 -14.35 -77.85
C THR I 249 -4.44 -13.04 -77.83
N LEU I 250 -3.12 -13.17 -77.74
CA LEU I 250 -2.23 -12.02 -77.64
C LEU I 250 -2.29 -11.13 -78.87
N ASN I 251 -2.52 -11.72 -80.03
CA ASN I 251 -2.60 -10.95 -81.27
C ASN I 251 -3.98 -10.35 -81.55
N HIS I 252 -4.94 -10.61 -80.66
CA HIS I 252 -6.24 -9.93 -80.61
C HIS I 252 -7.43 -10.67 -81.17
N GLU I 253 -7.21 -11.87 -81.71
CA GLU I 253 -8.31 -12.69 -82.22
C GLU I 253 -9.25 -13.16 -81.10
N MET I 254 -10.54 -13.27 -81.39
CA MET I 254 -11.52 -13.78 -80.42
C MET I 254 -12.10 -15.13 -80.84
N TYR I 255 -12.18 -16.06 -79.92
CA TYR I 255 -12.78 -17.36 -80.23
C TYR I 255 -13.88 -17.57 -79.20
N GLU I 256 -14.97 -18.20 -79.62
CA GLU I 256 -16.16 -18.35 -78.78
C GLU I 256 -16.48 -19.81 -78.70
N ALA I 257 -16.77 -20.33 -77.51
CA ALA I 257 -17.07 -21.77 -77.43
C ALA I 257 -17.98 -22.10 -76.29
N LYS I 258 -18.69 -23.23 -76.45
CA LYS I 258 -19.48 -23.82 -75.39
C LYS I 258 -18.62 -24.28 -74.23
N TYR I 259 -17.41 -24.77 -74.51
CA TYR I 259 -16.52 -25.33 -73.49
C TYR I 259 -15.05 -24.98 -73.76
N VAL I 260 -14.18 -25.16 -72.77
CA VAL I 260 -12.74 -25.00 -72.95
C VAL I 260 -12.00 -26.11 -72.23
N ILE I 261 -11.02 -26.71 -72.91
CA ILE I 261 -10.01 -27.56 -72.25
C ILE I 261 -8.73 -26.75 -72.07
N SER I 262 -8.22 -26.69 -70.84
CA SER I 262 -6.93 -26.05 -70.62
C SER I 262 -5.93 -27.17 -70.48
N ALA I 263 -5.01 -27.24 -71.43
CA ALA I 263 -4.05 -28.32 -71.45
C ALA I 263 -2.68 -27.74 -71.41
N ILE I 264 -2.47 -26.74 -70.57
CA ILE I 264 -1.16 -26.19 -70.32
C ILE I 264 -0.73 -26.52 -68.91
N PRO I 265 0.56 -26.41 -68.61
CA PRO I 265 1.05 -26.76 -67.29
C PRO I 265 0.32 -25.94 -66.25
N PRO I 266 -0.11 -26.55 -65.15
CA PRO I 266 -0.95 -25.86 -64.16
C PRO I 266 -0.56 -24.42 -63.95
N THR I 267 0.68 -24.19 -63.51
CA THR I 267 1.11 -22.87 -63.10
C THR I 267 1.04 -21.88 -64.23
N LEU I 268 0.95 -22.36 -65.47
CA LEU I 268 1.02 -21.45 -66.59
C LEU I 268 -0.33 -20.84 -66.89
N GLY I 269 -1.35 -21.18 -66.10
CA GLY I 269 -2.65 -20.55 -66.20
C GLY I 269 -2.57 -19.13 -65.65
N MET I 270 -1.52 -18.88 -64.88
CA MET I 270 -1.23 -17.55 -64.38
C MET I 270 -1.14 -16.55 -65.52
N LYS I 271 -0.80 -17.05 -66.71
CA LYS I 271 -0.58 -16.23 -67.90
C LYS I 271 -1.90 -15.85 -68.58
N ILE I 272 -3.01 -16.32 -68.05
CA ILE I 272 -4.29 -15.97 -68.61
C ILE I 272 -5.01 -15.09 -67.61
N HIS I 273 -5.73 -14.05 -68.07
CA HIS I 273 -6.52 -13.20 -67.19
C HIS I 273 -7.96 -13.68 -67.16
N PHE I 274 -8.52 -13.91 -65.97
CA PHE I 274 -9.85 -14.54 -65.86
C PHE I 274 -11.00 -13.61 -65.49
N ASN I 275 -12.16 -13.84 -66.09
CA ASN I 275 -13.37 -13.10 -65.73
C ASN I 275 -14.58 -14.04 -65.81
N PRO I 276 -15.26 -14.26 -64.69
CA PRO I 276 -14.96 -13.66 -63.39
C PRO I 276 -13.65 -14.23 -62.84
N PRO I 277 -13.07 -13.61 -61.83
CA PRO I 277 -11.89 -14.18 -61.19
C PRO I 277 -12.03 -15.68 -60.87
N LEU I 278 -10.94 -16.44 -60.89
CA LEU I 278 -11.01 -17.86 -60.55
C LEU I 278 -11.42 -17.98 -59.12
N PRO I 279 -11.99 -19.13 -58.75
CA PRO I 279 -12.21 -19.49 -57.35
C PRO I 279 -10.91 -19.37 -56.56
N MET I 280 -11.02 -18.94 -55.30
CA MET I 280 -9.84 -18.74 -54.46
C MET I 280 -8.87 -19.92 -54.55
N MET I 281 -9.35 -21.16 -54.36
CA MET I 281 -8.44 -22.30 -54.32
C MET I 281 -7.56 -22.36 -55.58
N ARG I 282 -8.15 -22.30 -56.76
CA ARG I 282 -7.36 -22.33 -57.99
C ARG I 282 -6.43 -21.12 -58.08
N ASN I 283 -6.98 -19.92 -57.97
CA ASN I 283 -6.18 -18.71 -57.99
C ASN I 283 -4.87 -18.84 -57.19
N GLN I 284 -4.95 -19.43 -56.01
CA GLN I 284 -3.76 -19.64 -55.20
C GLN I 284 -3.01 -20.92 -55.57
N MET I 285 -3.73 -21.98 -55.93
CA MET I 285 -3.08 -23.22 -56.33
C MET I 285 -2.04 -22.97 -57.40
N ILE I 286 -2.42 -22.24 -58.43
CA ILE I 286 -1.57 -22.01 -59.57
C ILE I 286 -0.36 -21.11 -59.29
N THR I 287 -0.16 -20.67 -58.06
CA THR I 287 1.12 -20.01 -57.73
C THR I 287 2.02 -20.91 -56.88
N ARG I 288 1.52 -22.09 -56.53
CA ARG I 288 2.23 -22.95 -55.62
C ARG I 288 2.78 -24.20 -56.29
N VAL I 289 2.79 -24.23 -57.64
CA VAL I 289 3.10 -25.48 -58.33
C VAL I 289 4.18 -25.39 -59.46
N PRO I 290 5.46 -25.26 -59.07
CA PRO I 290 6.55 -25.01 -60.02
C PRO I 290 6.96 -26.24 -60.86
N LEU I 291 7.64 -25.97 -61.98
CA LEU I 291 8.24 -27.04 -62.75
C LEU I 291 9.72 -27.15 -62.43
N GLY I 292 10.27 -28.35 -62.65
CA GLY I 292 11.67 -28.62 -62.39
C GLY I 292 12.64 -28.03 -63.40
N SER I 293 13.91 -28.36 -63.24
CA SER I 293 14.96 -27.69 -63.99
C SER I 293 15.91 -28.75 -64.53
N VAL I 294 16.12 -28.71 -65.85
CA VAL I 294 16.94 -29.69 -66.56
C VAL I 294 17.48 -29.08 -67.87
N ILE I 295 18.68 -29.50 -68.26
CA ILE I 295 19.19 -29.25 -69.60
C ILE I 295 19.41 -30.62 -70.22
N LYS I 296 18.80 -30.88 -71.37
CA LYS I 296 19.09 -32.12 -72.05
C LYS I 296 20.22 -31.88 -73.03
N CYS I 297 21.24 -32.74 -72.97
CA CYS I 297 22.45 -32.61 -73.79
C CYS I 297 22.82 -33.88 -74.54
N ILE I 298 23.07 -33.71 -75.84
CA ILE I 298 23.46 -34.84 -76.68
C ILE I 298 24.77 -34.57 -77.38
N VAL I 299 25.71 -35.52 -77.23
CA VAL I 299 27.04 -35.42 -77.83
C VAL I 299 27.18 -36.52 -78.83
N TYR I 300 27.53 -36.10 -80.06
CA TYR I 300 27.65 -36.97 -81.23
C TYR I 300 29.09 -37.39 -81.48
N TYR I 301 29.26 -38.66 -81.83
CA TYR I 301 30.56 -39.28 -82.07
C TYR I 301 30.60 -40.03 -83.41
N LYS I 302 31.80 -40.16 -83.99
CA LYS I 302 32.00 -40.86 -85.24
C LYS I 302 31.47 -42.28 -85.20
N GLU I 303 31.65 -42.94 -84.05
CA GLU I 303 31.22 -44.33 -83.87
C GLU I 303 30.76 -44.55 -82.44
N PRO I 304 29.87 -45.52 -82.20
CA PRO I 304 29.53 -45.95 -80.82
C PRO I 304 30.68 -46.67 -80.11
N PHE I 305 31.77 -45.95 -79.88
CA PHE I 305 32.99 -46.57 -79.40
C PHE I 305 32.84 -47.33 -78.11
N TRP I 306 31.96 -46.88 -77.23
CA TRP I 306 31.73 -47.52 -75.94
C TRP I 306 31.42 -48.99 -76.13
N ARG I 307 30.66 -49.34 -77.16
CA ARG I 307 30.25 -50.74 -77.33
C ARG I 307 31.45 -51.68 -77.52
N LYS I 308 32.45 -51.24 -78.26
CA LYS I 308 33.67 -52.02 -78.46
C LYS I 308 34.37 -52.35 -77.14
N LYS I 309 34.24 -51.48 -76.13
CA LYS I 309 34.75 -51.76 -74.79
C LYS I 309 33.74 -52.52 -73.92
N ASP I 310 32.66 -53.04 -74.51
CA ASP I 310 31.59 -53.74 -73.77
C ASP I 310 30.84 -52.88 -72.75
N TYR I 311 30.62 -51.62 -73.09
CA TYR I 311 29.81 -50.69 -72.31
C TYR I 311 28.65 -50.30 -73.18
N CYS I 312 27.44 -50.32 -72.66
CA CYS I 312 26.27 -50.07 -73.50
C CYS I 312 25.97 -48.57 -73.71
N GLY I 313 26.53 -47.74 -72.84
CA GLY I 313 26.36 -46.30 -72.92
C GLY I 313 25.75 -45.68 -71.66
N THR I 314 25.13 -46.53 -70.86
CA THR I 314 24.51 -46.09 -69.61
C THR I 314 25.55 -45.79 -68.57
N MET I 315 25.47 -44.61 -67.99
CA MET I 315 26.34 -44.27 -66.89
C MET I 315 25.48 -43.64 -65.79
N ILE I 316 25.65 -44.14 -64.56
CA ILE I 316 25.08 -43.49 -63.38
C ILE I 316 26.26 -42.86 -62.59
N ILE I 317 26.32 -41.54 -62.50
CA ILE I 317 27.50 -40.88 -61.97
C ILE I 317 27.22 -40.12 -60.69
N ASP I 318 27.73 -40.67 -59.59
CA ASP I 318 27.65 -40.04 -58.28
C ASP I 318 28.48 -38.75 -58.12
N GLY I 319 28.15 -37.92 -57.16
CA GLY I 319 29.04 -36.82 -56.85
C GLY I 319 28.64 -35.47 -57.36
N GLU I 320 29.11 -34.45 -56.65
CA GLU I 320 28.70 -33.08 -56.93
C GLU I 320 29.42 -32.48 -58.17
N GLU I 321 30.66 -32.89 -58.41
CA GLU I 321 31.49 -32.27 -59.44
C GLU I 321 31.02 -32.65 -60.84
N ALA I 322 30.45 -33.84 -61.00
CA ALA I 322 29.98 -34.28 -62.31
C ALA I 322 28.81 -33.44 -62.79
N PRO I 323 28.90 -32.81 -63.97
CA PRO I 323 27.78 -32.04 -64.52
C PRO I 323 26.57 -32.91 -64.85
N VAL I 324 26.76 -34.20 -65.03
CA VAL I 324 25.69 -35.02 -65.53
C VAL I 324 25.68 -36.28 -64.71
N ALA I 325 24.53 -36.68 -64.16
CA ALA I 325 24.50 -37.87 -63.32
C ALA I 325 24.06 -39.13 -64.03
N TYR I 326 23.40 -38.97 -65.18
CA TYR I 326 22.81 -40.12 -65.86
C TYR I 326 22.90 -39.95 -67.35
N THR I 327 23.40 -40.96 -68.04
CA THR I 327 23.43 -40.95 -69.49
C THR I 327 22.78 -42.20 -70.05
N LEU I 328 22.28 -42.09 -71.28
CA LEU I 328 21.85 -43.24 -72.06
C LEU I 328 22.47 -43.13 -73.48
N ASP I 329 22.54 -44.23 -74.17
CA ASP I 329 23.05 -44.29 -75.53
C ASP I 329 21.94 -43.85 -76.48
N ASP I 330 22.27 -42.92 -77.38
CA ASP I 330 21.29 -42.31 -78.29
C ASP I 330 21.52 -42.61 -79.77
N THR I 331 22.34 -43.59 -80.02
CA THR I 331 22.63 -44.01 -81.38
C THR I 331 21.36 -44.54 -82.10
N LYS I 332 21.11 -44.06 -83.31
CA LYS I 332 19.92 -44.47 -84.06
C LYS I 332 19.93 -45.99 -84.20
N PRO I 333 18.76 -46.60 -84.41
CA PRO I 333 18.66 -48.07 -84.44
C PRO I 333 19.56 -48.74 -85.49
N GLU I 334 20.05 -47.98 -86.47
CA GLU I 334 20.90 -48.53 -87.51
C GLU I 334 22.33 -48.84 -87.07
N GLY I 335 22.91 -47.96 -86.24
CA GLY I 335 24.34 -47.92 -85.91
C GLY I 335 24.82 -46.52 -86.25
N ASN I 336 23.99 -45.80 -86.99
CA ASN I 336 24.18 -44.43 -87.43
C ASN I 336 24.25 -43.38 -86.32
N TYR I 337 24.85 -42.24 -86.64
CA TYR I 337 24.76 -41.06 -85.80
C TYR I 337 24.92 -41.43 -84.33
N ALA I 338 26.08 -41.95 -83.95
CA ALA I 338 26.26 -42.39 -82.58
C ALA I 338 26.23 -41.19 -81.67
N ALA I 339 25.71 -41.36 -80.46
CA ALA I 339 25.60 -40.26 -79.54
C ALA I 339 25.38 -40.77 -78.13
N ILE I 340 25.67 -39.91 -77.16
CA ILE I 340 25.39 -40.11 -75.76
C ILE I 340 24.48 -38.99 -75.27
N MET I 341 23.36 -39.40 -74.66
CA MET I 341 22.35 -38.48 -74.09
C MET I 341 22.56 -38.33 -72.59
N GLY I 342 22.51 -37.10 -72.09
CA GLY I 342 22.66 -36.86 -70.67
C GLY I 342 21.85 -35.69 -70.16
N PHE I 343 21.48 -35.73 -68.89
CA PHE I 343 20.70 -34.66 -68.27
C PHE I 343 21.55 -33.85 -67.34
N ILE I 344 21.41 -32.52 -67.36
CA ILE I 344 22.04 -31.70 -66.36
C ILE I 344 20.90 -31.33 -65.44
N LEU I 345 20.90 -31.87 -64.21
CA LEU I 345 19.70 -31.79 -63.35
C LEU I 345 19.67 -30.72 -62.25
N ALA I 346 18.47 -30.27 -61.93
CA ALA I 346 18.21 -29.43 -60.76
C ALA I 346 19.25 -28.30 -60.54
N HIS I 347 19.76 -28.19 -59.32
CA HIS I 347 20.65 -27.08 -58.99
C HIS I 347 21.80 -26.90 -59.95
N LYS I 348 22.21 -27.98 -60.60
CA LYS I 348 23.28 -27.93 -61.57
C LYS I 348 22.85 -27.31 -62.88
N ALA I 349 21.59 -27.48 -63.26
CA ALA I 349 21.09 -26.85 -64.45
C ALA I 349 21.11 -25.33 -64.27
N ARG I 350 21.05 -24.85 -63.03
CA ARG I 350 21.15 -23.41 -62.82
C ARG I 350 22.60 -22.92 -62.85
N LYS I 351 23.50 -23.76 -62.35
CA LYS I 351 24.92 -23.42 -62.19
C LYS I 351 25.65 -23.35 -63.51
N LEU I 352 25.37 -24.33 -64.36
CA LEU I 352 26.09 -24.50 -65.62
C LEU I 352 25.44 -23.77 -66.78
N ALA I 353 24.27 -23.18 -66.56
CA ALA I 353 23.64 -22.34 -67.58
C ALA I 353 24.40 -21.06 -67.76
N ARG I 354 25.21 -20.72 -66.76
CA ARG I 354 26.08 -19.55 -66.80
C ARG I 354 27.16 -19.69 -67.90
N LEU I 355 27.65 -20.91 -68.11
CA LEU I 355 28.67 -21.22 -69.12
C LEU I 355 28.12 -21.16 -70.53
N THR I 356 29.03 -21.22 -71.52
CA THR I 356 28.62 -21.17 -72.93
C THR I 356 28.35 -22.59 -73.42
N LYS I 357 27.63 -22.71 -74.54
CA LYS I 357 27.42 -23.97 -75.23
C LYS I 357 28.72 -24.82 -75.28
N GLU I 358 29.84 -24.18 -75.65
CA GLU I 358 31.09 -24.91 -75.87
C GLU I 358 31.67 -25.42 -74.56
N GLU I 359 31.59 -24.59 -73.52
CA GLU I 359 32.17 -24.93 -72.21
C GLU I 359 31.50 -26.11 -71.58
N ARG I 360 30.19 -26.24 -71.87
CA ARG I 360 29.41 -27.37 -71.43
C ARG I 360 29.80 -28.59 -72.19
N LEU I 361 29.89 -28.50 -73.51
CA LEU I 361 30.39 -29.60 -74.34
C LEU I 361 31.69 -30.20 -73.79
N LYS I 362 32.60 -29.29 -73.43
CA LYS I 362 33.93 -29.63 -72.93
C LYS I 362 33.84 -30.41 -71.66
N LYS I 363 33.01 -29.92 -70.75
CA LYS I 363 32.83 -30.54 -69.46
C LYS I 363 32.20 -31.91 -69.60
N LEU I 364 31.25 -32.03 -70.54
CA LEU I 364 30.59 -33.29 -70.75
C LEU I 364 31.53 -34.31 -71.34
N CYS I 365 32.33 -33.88 -72.30
CA CYS I 365 33.30 -34.75 -72.95
C CYS I 365 34.38 -35.25 -71.98
N GLU I 366 34.93 -34.34 -71.20
CA GLU I 366 35.94 -34.70 -70.21
C GLU I 366 35.39 -35.69 -69.18
N LEU I 367 34.13 -35.54 -68.78
CA LEU I 367 33.48 -36.48 -67.91
C LEU I 367 33.31 -37.84 -68.59
N TYR I 368 32.67 -37.86 -69.75
CA TYR I 368 32.43 -39.11 -70.45
C TYR I 368 33.72 -39.83 -70.73
N ALA I 369 34.77 -39.06 -71.01
CA ALA I 369 36.11 -39.62 -71.25
C ALA I 369 36.63 -40.32 -70.02
N LYS I 370 36.50 -39.68 -68.86
CA LYS I 370 36.91 -40.29 -67.61
C LYS I 370 36.07 -41.50 -67.26
N VAL I 371 34.76 -41.40 -67.48
CA VAL I 371 33.85 -42.45 -67.05
C VAL I 371 33.99 -43.68 -67.93
N LEU I 372 34.05 -43.44 -69.23
CA LEU I 372 34.23 -44.54 -70.15
C LEU I 372 35.67 -44.99 -70.23
N GLY I 373 36.60 -44.20 -69.70
CA GLY I 373 38.03 -44.41 -69.90
C GLY I 373 38.43 -44.57 -71.37
N SER I 374 38.16 -43.56 -72.20
CA SER I 374 38.58 -43.57 -73.60
C SER I 374 38.69 -42.20 -74.11
N LEU I 375 39.90 -41.89 -74.55
CA LEU I 375 40.25 -40.67 -75.24
C LEU I 375 39.26 -40.31 -76.35
N GLU I 376 38.59 -41.31 -76.90
CA GLU I 376 37.74 -41.02 -78.03
C GLU I 376 36.66 -40.02 -77.67
N ALA I 377 36.23 -40.07 -76.41
CA ALA I 377 35.14 -39.22 -75.96
C ALA I 377 35.51 -37.74 -76.06
N LEU I 378 36.80 -37.45 -76.21
CA LEU I 378 37.23 -36.08 -76.33
C LEU I 378 37.12 -35.58 -77.75
N GLU I 379 36.60 -36.42 -78.65
CA GLU I 379 36.50 -36.06 -80.05
C GLU I 379 35.05 -36.04 -80.61
N PRO I 380 34.22 -35.11 -80.16
CA PRO I 380 32.85 -35.04 -80.63
C PRO I 380 32.78 -34.47 -82.03
N VAL I 381 31.83 -35.01 -82.78
CA VAL I 381 31.64 -34.73 -84.17
C VAL I 381 30.55 -33.68 -84.31
N HIS I 382 29.72 -33.54 -83.25
CA HIS I 382 28.59 -32.58 -83.16
C HIS I 382 27.95 -32.52 -81.77
N TYR I 383 27.14 -31.48 -81.52
CA TYR I 383 26.49 -31.29 -80.21
C TYR I 383 25.12 -30.58 -80.26
N GLU I 384 24.14 -31.14 -79.56
CA GLU I 384 22.85 -30.46 -79.39
C GLU I 384 22.42 -30.43 -77.94
N GLU I 385 21.79 -29.33 -77.53
CA GLU I 385 21.30 -29.16 -76.15
C GLU I 385 20.01 -28.34 -76.08
N LYS I 386 19.13 -28.64 -75.13
CA LYS I 386 18.06 -27.70 -74.78
C LYS I 386 17.94 -27.46 -73.28
N ASN I 387 17.87 -26.19 -72.90
CA ASN I 387 17.71 -25.82 -71.52
C ASN I 387 16.28 -25.39 -71.27
N TRP I 388 15.43 -26.32 -70.84
CA TRP I 388 13.98 -26.08 -70.66
C TRP I 388 13.59 -25.00 -69.61
N CYS I 389 14.52 -24.70 -68.69
CA CYS I 389 14.36 -23.61 -67.77
C CYS I 389 14.04 -22.29 -68.41
N GLU I 390 14.36 -22.09 -69.68
CA GLU I 390 14.19 -20.76 -70.26
C GLU I 390 12.95 -20.69 -71.11
N GLU I 391 12.19 -21.78 -71.15
CA GLU I 391 10.97 -21.78 -71.97
C GLU I 391 9.79 -21.12 -71.24
N GLN I 392 9.30 -20.02 -71.81
CA GLN I 392 8.20 -19.25 -71.25
C GLN I 392 6.93 -20.05 -71.24
N TYR I 393 6.63 -20.70 -72.35
CA TYR I 393 5.41 -21.46 -72.42
C TYR I 393 5.59 -22.91 -71.95
N SER I 394 6.58 -23.08 -71.08
CA SER I 394 6.75 -24.38 -70.47
C SER I 394 7.03 -24.33 -68.96
N GLY I 395 7.97 -23.46 -68.56
CA GLY I 395 8.23 -23.17 -67.18
C GLY I 395 9.32 -24.07 -66.66
N GLY I 396 9.64 -25.14 -67.38
CA GLY I 396 10.64 -26.12 -66.95
C GLY I 396 10.41 -27.50 -67.57
N CYS I 397 11.06 -28.51 -67.03
CA CYS I 397 10.85 -29.90 -67.44
C CYS I 397 11.42 -30.78 -66.33
N TYR I 398 10.98 -32.03 -66.24
CA TYR I 398 9.99 -32.60 -67.13
C TYR I 398 8.53 -32.19 -66.81
N THR I 399 8.23 -32.03 -65.53
CA THR I 399 6.86 -31.89 -65.06
C THR I 399 6.83 -30.97 -63.85
N THR I 400 5.65 -30.87 -63.21
CA THR I 400 5.41 -30.00 -62.06
C THR I 400 5.70 -30.73 -60.74
N TYR I 401 6.31 -30.04 -59.77
CA TYR I 401 6.54 -30.68 -58.49
C TYR I 401 5.85 -29.90 -57.42
N PHE I 402 5.49 -30.56 -56.33
CA PHE I 402 4.81 -29.94 -55.20
C PHE I 402 5.74 -29.83 -53.98
N PRO I 403 5.97 -28.60 -53.50
CA PRO I 403 6.69 -28.34 -52.24
C PRO I 403 5.91 -28.87 -51.06
N PRO I 404 6.53 -29.05 -49.90
CA PRO I 404 5.78 -29.55 -48.72
C PRO I 404 4.48 -28.78 -48.48
N GLY I 405 3.45 -29.52 -48.08
CA GLY I 405 2.21 -28.92 -47.67
C GLY I 405 1.22 -28.60 -48.76
N ILE I 406 1.62 -28.70 -50.03
CA ILE I 406 0.76 -28.17 -51.09
C ILE I 406 -0.18 -29.21 -51.70
N LEU I 407 0.29 -30.43 -51.78
CA LEU I 407 -0.55 -31.47 -52.36
C LEU I 407 -1.82 -31.71 -51.54
N THR I 408 -1.73 -31.89 -50.22
CA THR I 408 -2.92 -32.09 -49.38
C THR I 408 -3.87 -30.89 -49.41
N GLN I 409 -3.33 -29.69 -49.41
CA GLN I 409 -4.13 -28.49 -49.34
C GLN I 409 -4.75 -28.11 -50.67
N TYR I 410 -3.98 -28.22 -51.74
CA TYR I 410 -4.43 -27.72 -53.04
C TYR I 410 -4.61 -28.83 -54.06
N GLY I 411 -4.35 -30.06 -53.63
CA GLY I 411 -4.39 -31.19 -54.50
C GLY I 411 -5.65 -31.30 -55.34
N ARG I 412 -6.80 -31.35 -54.71
CA ARG I 412 -8.00 -31.72 -55.48
C ARG I 412 -8.44 -30.63 -56.42
N VAL I 413 -7.69 -29.56 -56.47
CA VAL I 413 -8.05 -28.40 -57.27
C VAL I 413 -7.66 -28.58 -58.73
N LEU I 414 -6.63 -29.40 -58.96
CA LEU I 414 -5.94 -29.43 -60.23
C LEU I 414 -6.89 -29.81 -61.34
N ARG I 415 -7.73 -30.82 -61.12
CA ARG I 415 -8.64 -31.22 -62.19
C ARG I 415 -10.14 -31.02 -61.93
N GLN I 416 -10.45 -30.14 -60.98
CA GLN I 416 -11.80 -29.64 -60.74
C GLN I 416 -12.18 -28.59 -61.77
N PRO I 417 -13.25 -28.86 -62.53
CA PRO I 417 -13.73 -27.93 -63.55
C PRO I 417 -14.00 -26.55 -63.00
N VAL I 418 -13.73 -25.51 -63.77
CA VAL I 418 -14.17 -24.17 -63.40
C VAL I 418 -15.22 -23.71 -64.40
N ASP I 419 -16.49 -23.98 -64.05
CA ASP I 419 -17.66 -23.69 -64.86
C ASP I 419 -17.64 -24.51 -66.16
N ARG I 420 -17.15 -23.89 -67.21
CA ARG I 420 -17.09 -24.57 -68.50
C ARG I 420 -15.63 -24.84 -68.93
N ILE I 421 -14.67 -24.51 -68.07
CA ILE I 421 -13.24 -24.86 -68.26
C ILE I 421 -12.93 -26.22 -67.64
N TYR I 422 -12.39 -27.14 -68.44
CA TYR I 422 -11.97 -28.46 -67.94
C TYR I 422 -10.44 -28.57 -68.06
N PHE I 423 -9.83 -29.43 -67.26
CA PHE I 423 -8.39 -29.39 -67.14
C PHE I 423 -7.72 -30.63 -67.57
N ALA I 424 -6.95 -30.53 -68.64
CA ALA I 424 -6.11 -31.63 -69.07
C ALA I 424 -4.63 -31.36 -68.69
N GLY I 425 -3.70 -31.87 -69.50
CA GLY I 425 -2.27 -31.78 -69.21
C GLY I 425 -1.82 -32.95 -68.33
N THR I 426 -0.55 -33.31 -68.43
CA THR I 426 -0.08 -34.57 -67.86
C THR I 426 -0.08 -34.53 -66.33
N GLU I 427 0.01 -33.33 -65.77
CA GLU I 427 0.08 -33.20 -64.35
C GLU I 427 -1.24 -33.63 -63.70
N THR I 428 -2.28 -33.76 -64.54
CA THR I 428 -3.59 -34.21 -64.08
C THR I 428 -3.83 -35.67 -64.31
N ALA I 429 -2.92 -36.39 -64.92
CA ALA I 429 -3.10 -37.83 -65.07
C ALA I 429 -3.02 -38.57 -63.75
N THR I 430 -3.08 -39.88 -63.84
CA THR I 430 -3.32 -40.75 -62.71
C THR I 430 -2.39 -41.96 -62.81
N HIS I 431 -1.86 -42.16 -64.01
CA HIS I 431 -0.93 -43.24 -64.35
C HIS I 431 0.12 -42.62 -65.24
N TRP I 432 1.37 -42.71 -64.85
CA TRP I 432 2.47 -42.07 -65.57
C TRP I 432 2.21 -40.58 -65.74
N SER I 433 1.65 -39.92 -64.73
CA SER I 433 1.59 -38.48 -64.80
C SER I 433 3.04 -38.05 -64.86
N GLY I 434 3.32 -37.04 -65.66
CA GLY I 434 4.65 -36.45 -65.74
C GLY I 434 5.27 -36.80 -67.06
N TYR I 435 4.64 -37.78 -67.71
CA TYR I 435 5.16 -38.38 -68.92
C TYR I 435 4.18 -38.15 -70.05
N MET I 436 4.62 -38.43 -71.28
CA MET I 436 3.76 -38.37 -72.48
C MET I 436 2.54 -39.25 -72.30
N GLU I 437 2.73 -40.42 -71.72
CA GLU I 437 1.60 -41.27 -71.35
C GLU I 437 0.51 -40.50 -70.56
N GLY I 438 0.87 -39.97 -69.41
CA GLY I 438 -0.04 -39.11 -68.70
C GLY I 438 -0.70 -38.08 -69.58
N ALA I 439 0.02 -37.45 -70.48
CA ALA I 439 -0.56 -36.37 -71.24
C ALA I 439 -1.72 -36.90 -72.08
N VAL I 440 -1.57 -38.10 -72.60
CA VAL I 440 -2.64 -38.74 -73.32
C VAL I 440 -3.82 -39.05 -72.39
N GLU I 441 -3.59 -39.78 -71.29
CA GLU I 441 -4.63 -40.04 -70.29
C GLU I 441 -5.46 -38.82 -70.02
N ALA I 442 -4.78 -37.76 -69.64
CA ALA I 442 -5.43 -36.56 -69.21
C ALA I 442 -6.18 -35.86 -70.34
N GLY I 443 -5.56 -35.77 -71.52
CA GLY I 443 -6.17 -35.15 -72.67
C GLY I 443 -7.50 -35.79 -73.03
N GLU I 444 -7.52 -37.12 -73.07
CA GLU I 444 -8.73 -37.82 -73.45
C GLU I 444 -9.79 -37.78 -72.35
N ARG I 445 -9.40 -37.91 -71.09
CA ARG I 445 -10.38 -37.80 -70.01
C ARG I 445 -11.09 -36.44 -69.99
N ALA I 446 -10.33 -35.36 -70.06
CA ALA I 446 -10.91 -34.04 -70.19
C ALA I 446 -11.87 -33.97 -71.35
N ALA I 447 -11.47 -34.48 -72.50
CA ALA I 447 -12.38 -34.45 -73.62
C ALA I 447 -13.70 -35.17 -73.29
N ARG I 448 -13.59 -36.37 -72.74
CA ARG I 448 -14.77 -37.15 -72.37
C ARG I 448 -15.58 -36.52 -71.21
N GLU I 449 -14.94 -35.72 -70.37
CA GLU I 449 -15.70 -34.96 -69.42
C GLU I 449 -16.69 -34.05 -70.16
N ILE I 450 -16.23 -33.32 -71.20
CA ILE I 450 -17.09 -32.44 -71.98
C ILE I 450 -18.17 -33.19 -72.75
N LEU I 451 -17.79 -34.30 -73.37
CA LEU I 451 -18.76 -35.17 -74.00
C LEU I 451 -19.88 -35.44 -73.03
N HIS I 452 -19.54 -35.84 -71.80
CA HIS I 452 -20.57 -36.16 -70.81
C HIS I 452 -21.44 -34.99 -70.41
N ALA I 453 -20.87 -33.81 -70.36
CA ALA I 453 -21.61 -32.63 -69.95
C ALA I 453 -22.65 -32.33 -70.99
N MET I 454 -22.34 -32.62 -72.25
CA MET I 454 -23.28 -32.40 -73.36
C MET I 454 -24.29 -33.53 -73.46
N GLY I 455 -24.23 -34.46 -72.52
CA GLY I 455 -25.12 -35.61 -72.50
C GLY I 455 -24.96 -36.55 -73.70
N LYS I 456 -23.72 -36.76 -74.15
CA LYS I 456 -23.44 -37.64 -75.28
C LYS I 456 -22.93 -39.01 -74.85
N ILE I 457 -22.43 -39.12 -73.62
CA ILE I 457 -21.98 -40.40 -73.04
C ILE I 457 -22.27 -40.34 -71.56
N PRO I 458 -22.45 -41.50 -70.92
CA PRO I 458 -22.70 -41.55 -69.47
C PRO I 458 -21.48 -41.18 -68.58
N GLU I 459 -21.70 -40.89 -67.30
CA GLU I 459 -20.59 -40.64 -66.36
C GLU I 459 -19.68 -41.88 -66.24
N ASP I 460 -20.31 -43.03 -66.12
CA ASP I 460 -19.77 -44.34 -66.41
C ASP I 460 -18.54 -44.38 -67.33
N GLU I 461 -18.54 -43.56 -68.38
CA GLU I 461 -17.60 -43.66 -69.50
C GLU I 461 -16.50 -42.60 -69.59
N ILE I 462 -16.38 -41.74 -68.57
CA ILE I 462 -15.41 -40.63 -68.58
C ILE I 462 -13.98 -41.13 -68.41
N TRP I 463 -13.79 -42.02 -67.43
CA TRP I 463 -12.50 -42.67 -67.24
C TRP I 463 -12.51 -44.02 -67.91
N GLN I 464 -11.72 -44.17 -68.98
CA GLN I 464 -11.63 -45.46 -69.68
C GLN I 464 -10.37 -46.23 -69.40
N SER I 465 -10.48 -47.52 -69.24
CA SER I 465 -9.28 -48.34 -69.13
C SER I 465 -8.71 -48.58 -70.53
N GLU I 466 -7.45 -49.04 -70.62
CA GLU I 466 -6.76 -49.20 -71.92
C GLU I 466 -6.21 -50.61 -72.11
N PRO I 467 -6.52 -51.23 -73.25
CA PRO I 467 -6.01 -52.58 -73.54
C PRO I 467 -4.51 -52.53 -73.64
N GLU I 468 -3.84 -53.55 -73.09
CA GLU I 468 -2.38 -53.64 -73.14
C GLU I 468 -1.86 -53.76 -74.57
N SER I 469 -0.74 -53.11 -74.86
CA SER I 469 -0.13 -53.16 -76.17
C SER I 469 0.32 -54.56 -76.52
N VAL I 470 0.27 -54.84 -77.81
CA VAL I 470 0.71 -56.13 -78.35
C VAL I 470 2.20 -56.06 -78.66
N ASP I 471 2.67 -54.91 -79.16
CA ASP I 471 4.08 -54.77 -79.52
C ASP I 471 5.01 -54.53 -78.34
N VAL I 472 4.47 -54.10 -77.22
CA VAL I 472 5.33 -53.87 -76.07
C VAL I 472 4.73 -54.46 -74.81
N PRO I 473 4.62 -55.77 -74.75
CA PRO I 473 3.93 -56.41 -73.63
C PRO I 473 4.65 -56.10 -72.33
N ALA I 474 3.94 -56.08 -71.21
CA ALA I 474 4.55 -55.78 -69.94
C ALA I 474 4.86 -57.05 -69.16
N GLN I 475 6.15 -57.37 -69.06
CA GLN I 475 6.63 -58.29 -68.04
C GLN I 475 6.27 -57.71 -66.68
N PRO I 476 5.67 -58.53 -65.81
CA PRO I 476 5.33 -58.09 -64.45
C PRO I 476 6.58 -58.01 -63.58
N ILE I 477 6.49 -57.24 -62.50
CA ILE I 477 7.66 -57.01 -61.62
C ILE I 477 7.68 -58.03 -60.50
N THR I 478 8.86 -58.58 -60.24
CA THR I 478 9.01 -59.64 -59.26
C THR I 478 10.12 -59.32 -58.28
N THR I 479 10.02 -59.91 -57.09
CA THR I 479 11.03 -59.75 -56.06
C THR I 479 11.51 -61.08 -55.49
N THR I 480 12.80 -61.13 -55.17
CA THR I 480 13.45 -62.24 -54.46
C THR I 480 12.87 -62.41 -53.06
N PHE I 481 12.75 -63.64 -52.60
CA PHE I 481 12.41 -63.90 -51.20
C PHE I 481 13.33 -63.07 -50.30
N LEU I 482 14.63 -63.06 -50.60
CA LEU I 482 15.59 -62.36 -49.76
C LEU I 482 15.35 -60.87 -49.76
N GLU I 483 15.04 -60.31 -50.94
CA GLU I 483 14.67 -58.90 -51.08
C GLU I 483 13.51 -58.49 -50.19
N ARG I 484 12.49 -59.36 -50.12
CA ARG I 484 11.28 -59.16 -49.33
C ARG I 484 11.51 -59.27 -47.84
N HIS I 485 12.55 -59.97 -47.41
CA HIS I 485 12.65 -60.34 -46.00
C HIS I 485 13.90 -59.95 -45.22
N LEU I 486 14.94 -59.53 -45.92
CA LEU I 486 16.14 -59.10 -45.23
C LEU I 486 15.78 -57.96 -44.31
N PRO I 487 16.36 -57.94 -43.11
CA PRO I 487 16.18 -56.81 -42.20
C PRO I 487 16.71 -55.46 -42.73
N SER I 488 16.17 -54.37 -42.19
CA SER I 488 16.76 -53.03 -42.35
C SER I 488 17.94 -52.92 -41.42
N VAL I 489 18.70 -51.82 -41.54
CA VAL I 489 19.85 -51.68 -40.67
C VAL I 489 19.38 -51.63 -39.23
N PRO I 490 18.40 -50.78 -38.90
CA PRO I 490 17.81 -50.80 -37.56
C PRO I 490 17.21 -52.16 -37.20
N GLY I 491 16.50 -52.77 -38.14
CA GLY I 491 15.89 -54.07 -37.91
C GLY I 491 16.91 -55.11 -37.48
N LEU I 492 18.12 -55.03 -38.04
CA LEU I 492 19.21 -55.95 -37.68
C LEU I 492 19.72 -55.62 -36.28
N LEU I 493 19.93 -54.33 -36.03
CA LEU I 493 20.31 -53.90 -34.71
C LEU I 493 19.33 -54.44 -33.67
N ARG I 494 18.11 -54.77 -34.10
CA ARG I 494 17.05 -55.29 -33.22
C ARG I 494 16.61 -56.77 -33.43
N LEU I 495 17.44 -57.56 -34.11
CA LEU I 495 17.39 -59.03 -33.99
C LEU I 495 18.59 -59.49 -33.12
N ILE I 496 19.52 -58.54 -32.92
CA ILE I 496 20.59 -58.66 -31.94
C ILE I 496 20.16 -57.95 -30.63
N GLY I 497 18.97 -57.33 -30.66
CA GLY I 497 18.34 -56.71 -29.50
C GLY I 497 17.42 -57.64 -28.74
N LEU I 498 17.02 -58.75 -29.38
CA LEU I 498 16.30 -59.88 -28.76
C LEU I 498 17.26 -60.75 -27.92
N THR I 499 18.57 -60.56 -28.08
CA THR I 499 19.65 -61.23 -27.29
C THR I 499 19.72 -60.79 -25.80
N THR I 500 19.85 -59.48 -25.56
CA THR I 500 19.91 -58.89 -24.21
C THR I 500 18.57 -58.24 -23.76
N LYS J 4 2.32 8.99 -72.89
CA LYS J 4 3.34 10.08 -73.08
C LYS J 4 4.22 10.18 -71.83
N CYS J 5 5.37 9.49 -71.91
CA CYS J 5 5.96 8.79 -70.74
C CYS J 5 7.51 8.44 -70.79
N ASP J 6 8.27 8.86 -69.76
CA ASP J 6 9.69 8.47 -69.49
C ASP J 6 9.78 7.09 -68.84
N VAL J 7 9.03 6.89 -67.75
CA VAL J 7 8.95 5.64 -67.03
C VAL J 7 7.49 5.19 -66.99
N VAL J 8 7.23 3.92 -67.27
CA VAL J 8 5.91 3.36 -67.04
C VAL J 8 5.98 2.48 -65.80
N VAL J 9 5.15 2.79 -64.81
CA VAL J 9 5.10 2.04 -63.57
C VAL J 9 3.95 1.08 -63.66
N VAL J 10 4.25 -0.22 -63.57
CA VAL J 10 3.21 -1.24 -63.46
C VAL J 10 2.97 -1.49 -61.98
N GLY J 11 1.71 -1.40 -61.58
CA GLY J 11 1.40 -1.56 -60.18
C GLY J 11 1.01 -0.28 -59.50
N GLY J 12 -0.26 -0.21 -59.13
CA GLY J 12 -0.80 0.99 -58.53
C GLY J 12 -0.92 1.02 -57.01
N GLY J 13 -0.23 0.10 -56.33
CA GLY J 13 -0.23 0.05 -54.87
C GLY J 13 0.74 1.07 -54.27
N ILE J 14 1.04 0.90 -52.98
CA ILE J 14 1.82 1.90 -52.25
C ILE J 14 3.18 2.01 -52.88
N SER J 15 3.77 0.86 -53.20
CA SER J 15 5.11 0.86 -53.81
C SER J 15 5.14 1.63 -55.17
N GLY J 16 4.25 1.27 -56.06
CA GLY J 16 4.21 1.86 -57.37
C GLY J 16 4.01 3.35 -57.24
N MET J 17 3.04 3.75 -56.40
CA MET J 17 2.74 5.17 -56.22
C MET J 17 3.97 5.89 -55.63
N ALA J 18 4.45 5.39 -54.50
CA ALA J 18 5.60 5.98 -53.85
C ALA J 18 6.67 6.32 -54.88
N ALA J 19 6.83 5.43 -55.86
CA ALA J 19 7.84 5.53 -56.91
C ALA J 19 7.37 6.54 -57.91
N ALA J 20 6.14 6.36 -58.40
CA ALA J 20 5.59 7.26 -59.40
C ALA J 20 5.81 8.71 -58.93
N LYS J 21 5.54 8.94 -57.66
CA LYS J 21 5.71 10.26 -57.08
C LYS J 21 7.16 10.69 -57.10
N LEU J 22 8.07 9.82 -56.68
CA LEU J 22 9.48 10.24 -56.55
C LEU J 22 10.02 10.74 -57.89
N LEU J 23 9.60 10.05 -58.96
CA LEU J 23 10.05 10.39 -60.29
C LEU J 23 9.37 11.66 -60.72
N HIS J 24 8.06 11.75 -60.45
CA HIS J 24 7.28 12.94 -60.79
C HIS J 24 7.84 14.21 -60.12
N ASP J 25 8.17 14.09 -58.84
CA ASP J 25 8.76 15.22 -58.09
C ASP J 25 10.10 15.64 -58.68
N SER J 26 10.77 14.71 -59.38
CA SER J 26 12.07 14.96 -60.02
C SER J 26 11.98 15.42 -61.50
N GLY J 27 10.78 15.82 -61.91
CA GLY J 27 10.56 16.38 -63.23
C GLY J 27 10.55 15.38 -64.38
N LEU J 28 10.15 14.15 -64.11
CA LEU J 28 9.98 13.18 -65.20
C LEU J 28 8.51 12.94 -65.53
N ASN J 29 8.20 12.62 -66.78
CA ASN J 29 6.83 12.26 -67.12
C ASN J 29 6.58 10.78 -66.86
N VAL J 30 5.76 10.49 -65.83
CA VAL J 30 5.48 9.08 -65.47
C VAL J 30 4.06 8.65 -65.81
N VAL J 31 3.80 7.35 -65.72
CA VAL J 31 2.45 6.82 -65.91
C VAL J 31 2.28 5.60 -65.03
N VAL J 32 1.15 5.54 -64.34
CA VAL J 32 0.89 4.36 -63.54
C VAL J 32 -0.24 3.61 -64.22
N LEU J 33 0.03 2.35 -64.55
CA LEU J 33 -0.96 1.47 -65.11
C LEU J 33 -1.42 0.49 -64.04
N GLU J 34 -2.70 0.56 -63.73
CA GLU J 34 -3.25 -0.22 -62.62
C GLU J 34 -4.46 -1.05 -63.05
N ALA J 35 -4.42 -2.34 -62.70
CA ALA J 35 -5.34 -3.35 -63.22
C ALA J 35 -6.74 -3.20 -62.68
N ARG J 36 -6.81 -2.89 -61.38
CA ARG J 36 -8.08 -2.76 -60.65
C ARG J 36 -8.74 -1.40 -60.91
N ASP J 37 -9.96 -1.22 -60.44
CA ASP J 37 -10.63 0.08 -60.51
C ASP J 37 -10.37 1.00 -59.30
N ARG J 38 -9.22 0.81 -58.65
CA ARG J 38 -8.85 1.55 -57.45
C ARG J 38 -7.35 1.40 -57.25
N VAL J 39 -6.69 2.42 -56.70
CA VAL J 39 -5.31 2.22 -56.31
C VAL J 39 -5.34 1.58 -54.95
N GLY J 40 -4.19 1.19 -54.41
CA GLY J 40 -4.10 0.72 -53.03
C GLY J 40 -3.64 -0.72 -52.90
N GLY J 41 -4.18 -1.57 -53.79
CA GLY J 41 -3.75 -2.96 -53.89
C GLY J 41 -4.01 -3.75 -52.64
N ARG J 42 -2.95 -4.07 -51.90
CA ARG J 42 -3.11 -4.85 -50.67
C ARG J 42 -3.51 -4.01 -49.44
N THR J 43 -3.64 -2.71 -49.65
CA THR J 43 -4.37 -1.85 -48.73
C THR J 43 -5.67 -1.51 -49.43
N TYR J 44 -6.77 -1.61 -48.69
CA TYR J 44 -8.08 -1.22 -49.18
C TYR J 44 -8.88 -0.67 -48.02
N THR J 45 -9.33 0.58 -48.11
CA THR J 45 -10.12 1.18 -47.04
C THR J 45 -11.59 1.31 -47.46
N LEU J 46 -12.41 0.48 -46.85
CA LEU J 46 -13.84 0.49 -47.12
C LEU J 46 -14.50 1.66 -46.39
N ARG J 47 -15.38 2.33 -47.12
CA ARG J 47 -16.11 3.45 -46.60
C ARG J 47 -17.57 3.16 -46.82
N ASN J 48 -18.30 3.18 -45.71
CA ASN J 48 -19.76 3.12 -45.71
C ASN J 48 -20.27 3.59 -44.34
N GLN J 49 -21.60 3.68 -44.24
CA GLN J 49 -22.25 4.39 -43.14
C GLN J 49 -22.19 3.65 -41.83
N LYS J 50 -22.28 2.31 -41.90
CA LYS J 50 -22.27 1.47 -40.71
C LYS J 50 -20.89 1.50 -40.07
N VAL J 51 -19.89 1.86 -40.85
CA VAL J 51 -18.51 1.56 -40.53
C VAL J 51 -17.65 2.81 -40.48
N LYS J 52 -18.20 3.90 -41.03
CA LYS J 52 -17.47 5.13 -41.36
C LYS J 52 -16.33 4.78 -42.34
N TYR J 53 -15.20 4.29 -41.84
CA TYR J 53 -14.12 3.74 -42.67
C TYR J 53 -13.52 2.48 -41.98
N VAL J 54 -13.03 1.52 -42.77
CA VAL J 54 -12.35 0.32 -42.21
C VAL J 54 -11.23 -0.17 -43.13
N ASP J 55 -10.11 -0.52 -42.55
CA ASP J 55 -9.06 -1.12 -43.34
C ASP J 55 -9.29 -2.62 -43.48
N LEU J 56 -9.75 -3.02 -44.65
CA LEU J 56 -9.84 -4.43 -45.01
C LEU J 56 -8.49 -5.06 -45.42
N GLY J 57 -7.48 -4.21 -45.67
CA GLY J 57 -6.17 -4.68 -46.03
C GLY J 57 -5.11 -4.23 -45.07
N GLY J 58 -4.00 -3.75 -45.60
CA GLY J 58 -2.86 -3.35 -44.81
C GLY J 58 -3.22 -2.18 -43.96
N SER J 59 -2.75 -2.20 -42.70
CA SER J 59 -3.31 -1.32 -41.66
C SER J 59 -2.36 -0.73 -40.63
N TYR J 60 -1.75 -1.58 -39.81
CA TYR J 60 -0.86 -1.10 -38.72
C TYR J 60 0.48 -0.53 -39.17
N VAL J 61 0.94 0.49 -38.45
CA VAL J 61 2.27 1.08 -38.62
C VAL J 61 2.88 1.26 -37.22
N GLY J 62 4.20 1.13 -37.12
CA GLY J 62 4.87 1.25 -35.82
C GLY J 62 6.17 2.04 -35.85
N PRO J 63 6.77 2.19 -34.67
CA PRO J 63 8.13 2.72 -34.55
C PRO J 63 9.12 1.94 -35.44
N THR J 64 10.10 2.66 -36.02
CA THR J 64 11.12 2.16 -37.00
C THR J 64 10.58 2.05 -38.41
N GLN J 65 9.29 2.27 -38.60
CA GLN J 65 8.72 2.22 -39.94
C GLN J 65 8.69 3.63 -40.49
N ASN J 66 9.86 4.25 -40.52
CA ASN J 66 9.92 5.69 -40.76
C ASN J 66 9.53 6.16 -42.16
N ARG J 67 9.74 5.34 -43.19
CA ARG J 67 9.41 5.76 -44.55
C ARG J 67 7.91 5.97 -44.77
N ILE J 68 7.10 4.97 -44.43
CA ILE J 68 5.66 5.09 -44.63
C ILE J 68 5.15 6.23 -43.75
N LEU J 69 5.72 6.31 -42.54
CA LEU J 69 5.32 7.33 -41.58
C LEU J 69 5.57 8.72 -42.18
N ARG J 70 6.74 8.89 -42.81
CA ARG J 70 7.09 10.16 -43.47
C ARG J 70 6.18 10.44 -44.68
N LEU J 71 6.06 9.46 -45.58
CA LEU J 71 5.29 9.66 -46.79
C LEU J 71 3.87 9.98 -46.39
N ALA J 72 3.41 9.37 -45.29
CA ALA J 72 2.04 9.56 -44.83
C ALA J 72 1.82 10.98 -44.31
N LYS J 73 2.75 11.45 -43.49
CA LYS J 73 2.71 12.81 -42.95
C LYS J 73 2.63 13.84 -44.08
N GLU J 74 3.63 13.83 -44.96
CA GLU J 74 3.68 14.76 -46.07
C GLU J 74 2.40 14.76 -46.89
N LEU J 75 1.71 13.63 -46.94
CA LEU J 75 0.47 13.56 -47.71
C LEU J 75 -0.74 14.08 -46.93
N GLY J 76 -0.49 14.56 -45.69
CA GLY J 76 -1.53 15.10 -44.84
C GLY J 76 -2.11 14.21 -43.71
N LEU J 77 -1.68 12.95 -43.62
CA LEU J 77 -2.34 11.99 -42.74
C LEU J 77 -1.81 11.97 -41.29
N GLU J 78 -2.62 11.41 -40.40
CA GLU J 78 -2.28 11.36 -38.98
C GLU J 78 -2.49 9.95 -38.45
N THR J 79 -1.74 9.55 -37.41
CA THR J 79 -1.97 8.24 -36.78
C THR J 79 -2.62 8.30 -35.42
N TYR J 80 -3.13 7.18 -34.96
CA TYR J 80 -3.60 7.09 -33.59
C TYR J 80 -3.19 5.77 -32.98
N LYS J 81 -3.03 5.73 -31.67
CA LYS J 81 -2.63 4.45 -31.02
C LYS J 81 -3.72 3.38 -31.03
N VAL J 82 -3.34 2.18 -31.48
CA VAL J 82 -4.19 1.01 -31.28
C VAL J 82 -4.40 0.80 -29.78
N ASN J 83 -5.60 0.42 -29.36
CA ASN J 83 -5.88 0.33 -27.94
C ASN J 83 -5.15 -0.81 -27.20
N GLU J 84 -4.27 -0.46 -26.28
CA GLU J 84 -3.70 -1.49 -25.41
C GLU J 84 -3.71 -1.10 -23.89
N VAL J 85 -4.67 -0.26 -23.47
CA VAL J 85 -4.65 0.27 -22.10
C VAL J 85 -4.90 -0.82 -21.07
N GLU J 86 -5.88 -1.68 -21.37
CA GLU J 86 -6.32 -2.75 -20.46
C GLU J 86 -5.53 -4.05 -20.70
N ARG J 87 -5.99 -5.15 -20.11
CA ARG J 87 -5.25 -6.42 -20.12
C ARG J 87 -5.41 -7.19 -21.45
N LEU J 88 -4.37 -7.90 -21.84
CA LEU J 88 -4.50 -8.80 -22.96
C LEU J 88 -4.95 -10.17 -22.41
N ILE J 89 -5.51 -11.01 -23.31
CA ILE J 89 -5.86 -12.40 -22.98
C ILE J 89 -5.08 -13.40 -23.82
N HIS J 90 -4.40 -14.30 -23.13
CA HIS J 90 -3.97 -15.56 -23.71
C HIS J 90 -5.07 -16.57 -23.36
N HIS J 91 -5.72 -17.14 -24.38
CA HIS J 91 -6.71 -18.20 -24.16
C HIS J 91 -6.09 -19.55 -24.53
N VAL J 92 -5.95 -20.43 -23.52
CA VAL J 92 -5.30 -21.71 -23.76
C VAL J 92 -5.97 -22.89 -23.04
N LYS J 93 -6.08 -23.98 -23.78
CA LYS J 93 -6.83 -25.19 -23.38
C LYS J 93 -8.18 -24.86 -22.76
N GLY J 94 -8.95 -24.06 -23.51
CA GLY J 94 -10.33 -23.69 -23.14
C GLY J 94 -10.51 -22.62 -22.07
N LYS J 95 -9.41 -22.04 -21.58
CA LYS J 95 -9.48 -21.06 -20.46
C LYS J 95 -8.78 -19.72 -20.78
N SER J 96 -9.26 -18.61 -20.21
CA SER J 96 -8.69 -17.29 -20.50
C SER J 96 -7.77 -16.76 -19.38
N TYR J 97 -6.51 -16.46 -19.68
CA TYR J 97 -5.62 -15.92 -18.67
C TYR J 97 -5.14 -14.55 -19.08
N PRO J 98 -5.56 -13.51 -18.33
CA PRO J 98 -5.24 -12.12 -18.66
C PRO J 98 -3.80 -11.83 -18.35
N PHE J 99 -3.19 -10.84 -19.01
CA PHE J 99 -1.80 -10.51 -18.75
C PHE J 99 -1.44 -9.14 -19.27
N ARG J 100 -0.21 -8.69 -18.96
CA ARG J 100 0.34 -7.44 -19.46
C ARG J 100 1.69 -7.67 -20.15
N GLY J 101 2.16 -6.66 -20.88
CA GLY J 101 3.42 -6.75 -21.63
C GLY J 101 3.22 -7.59 -22.89
N PRO J 102 4.28 -7.78 -23.68
CA PRO J 102 4.13 -8.34 -25.04
C PRO J 102 3.89 -9.85 -25.07
N PHE J 103 4.50 -10.56 -24.12
CA PHE J 103 4.52 -12.03 -24.14
C PHE J 103 3.67 -12.54 -23.01
N PRO J 104 2.80 -13.49 -23.32
CA PRO J 104 1.93 -14.07 -22.30
C PRO J 104 2.83 -14.81 -21.36
N PRO J 105 2.58 -14.75 -20.07
CA PRO J 105 3.54 -15.27 -19.09
C PRO J 105 3.38 -16.77 -18.98
N VAL J 106 4.45 -17.43 -18.55
CA VAL J 106 4.42 -18.88 -18.39
C VAL J 106 5.01 -19.20 -17.02
N TRP J 107 4.37 -20.12 -16.30
CA TRP J 107 4.66 -20.27 -14.87
C TRP J 107 5.55 -21.43 -14.52
N ASN J 108 5.32 -22.58 -15.17
CA ASN J 108 6.24 -23.73 -15.11
C ASN J 108 7.72 -23.37 -15.40
N PRO J 109 8.64 -23.68 -14.50
CA PRO J 109 10.02 -23.18 -14.70
C PRO J 109 10.70 -23.83 -15.91
N ILE J 110 10.43 -25.11 -16.15
CA ILE J 110 11.00 -25.84 -17.28
C ILE J 110 10.50 -25.20 -18.59
N THR J 111 9.19 -25.25 -18.78
CA THR J 111 8.54 -24.53 -19.88
C THR J 111 9.06 -23.11 -20.05
N TYR J 112 9.30 -22.41 -18.94
CA TYR J 112 9.77 -21.04 -19.01
C TYR J 112 11.14 -20.98 -19.71
N LEU J 113 12.02 -21.91 -19.37
CA LEU J 113 13.37 -21.89 -19.92
C LEU J 113 13.31 -22.08 -21.43
N ASP J 114 12.51 -23.07 -21.84
CA ASP J 114 12.26 -23.42 -23.23
C ASP J 114 11.71 -22.24 -24.05
N HIS J 115 10.68 -21.59 -23.53
CA HIS J 115 10.05 -20.46 -24.20
C HIS J 115 11.08 -19.36 -24.39
N ASN J 116 11.75 -19.00 -23.29
CA ASN J 116 12.68 -17.90 -23.36
C ASN J 116 13.83 -18.20 -24.34
N ASN J 117 14.31 -19.46 -24.33
CA ASN J 117 15.34 -19.85 -25.26
C ASN J 117 14.88 -19.78 -26.72
N PHE J 118 13.64 -20.22 -27.02
CA PHE J 118 13.11 -20.13 -28.38
C PHE J 118 13.19 -18.70 -28.95
N TRP J 119 12.53 -17.78 -28.29
CA TRP J 119 12.48 -16.41 -28.80
C TRP J 119 13.88 -15.88 -28.99
N ARG J 120 14.77 -16.32 -28.11
CA ARG J 120 16.11 -15.79 -28.05
C ARG J 120 16.97 -16.31 -29.21
N THR J 121 16.74 -17.59 -29.54
CA THR J 121 17.40 -18.28 -30.64
C THR J 121 16.93 -17.79 -32.01
N MET J 122 15.67 -17.41 -32.11
CA MET J 122 15.17 -16.82 -33.34
C MET J 122 16.05 -15.64 -33.61
N ASP J 123 16.27 -14.87 -32.56
CA ASP J 123 16.97 -13.61 -32.68
C ASP J 123 18.48 -13.83 -32.89
N ASP J 124 19.02 -14.84 -32.19
CA ASP J 124 20.44 -15.21 -32.30
C ASP J 124 20.72 -15.60 -33.74
N MET J 125 19.92 -16.54 -34.25
CA MET J 125 20.04 -17.00 -35.63
C MET J 125 19.91 -15.86 -36.64
N GLY J 126 19.12 -14.87 -36.27
CA GLY J 126 18.83 -13.81 -37.19
C GLY J 126 20.02 -12.91 -37.32
N ARG J 127 20.84 -12.82 -36.25
CA ARG J 127 21.94 -11.87 -36.25
C ARG J 127 23.00 -12.25 -37.28
N GLU J 128 22.93 -13.52 -37.71
CA GLU J 128 23.81 -14.10 -38.71
C GLU J 128 23.36 -13.87 -40.17
N ILE J 129 22.19 -13.27 -40.39
CA ILE J 129 21.63 -13.16 -41.72
C ILE J 129 21.52 -11.71 -42.15
N PRO J 130 22.22 -11.34 -43.20
CA PRO J 130 22.16 -9.97 -43.75
C PRO J 130 20.85 -9.61 -44.46
N SER J 131 20.24 -8.47 -44.12
CA SER J 131 18.95 -8.08 -44.71
C SER J 131 19.07 -7.98 -46.24
N ASP J 132 19.96 -7.06 -46.62
CA ASP J 132 20.75 -7.03 -47.85
C ASP J 132 20.74 -8.28 -48.76
N ALA J 133 21.16 -9.41 -48.20
CA ALA J 133 21.35 -10.64 -48.94
C ALA J 133 21.39 -11.85 -47.98
N PRO J 134 20.20 -12.36 -47.62
CA PRO J 134 20.08 -13.45 -46.65
C PRO J 134 20.78 -14.71 -47.10
N TRP J 135 20.96 -14.86 -48.41
CA TRP J 135 21.62 -16.03 -48.95
C TRP J 135 23.12 -16.06 -48.67
N LYS J 136 23.65 -14.97 -48.13
CA LYS J 136 25.07 -14.90 -47.78
C LYS J 136 25.33 -15.26 -46.32
N ALA J 137 24.29 -15.67 -45.63
CA ALA J 137 24.44 -16.18 -44.29
C ALA J 137 25.43 -17.36 -44.32
N PRO J 138 26.30 -17.44 -43.31
CA PRO J 138 27.19 -18.60 -43.13
C PRO J 138 26.50 -19.95 -43.29
N LEU J 139 25.29 -20.09 -42.78
CA LEU J 139 24.65 -21.39 -42.89
C LEU J 139 23.42 -21.40 -43.83
N ALA J 140 23.42 -20.45 -44.77
CA ALA J 140 22.32 -20.31 -45.72
C ALA J 140 21.81 -21.65 -46.26
N GLU J 141 22.68 -22.48 -46.82
CA GLU J 141 22.25 -23.76 -47.40
C GLU J 141 21.47 -24.58 -46.40
N GLU J 142 22.08 -24.84 -45.26
CA GLU J 142 21.52 -25.75 -44.28
C GLU J 142 20.17 -25.24 -43.81
N TRP J 143 20.10 -23.94 -43.57
CA TRP J 143 18.93 -23.29 -43.00
C TRP J 143 17.82 -23.22 -44.01
N ASP J 144 18.15 -22.81 -45.24
CA ASP J 144 17.20 -22.72 -46.34
C ASP J 144 16.73 -24.08 -46.83
N ASN J 145 17.52 -25.13 -46.62
CA ASN J 145 17.12 -26.50 -47.01
C ASN J 145 16.18 -27.18 -46.05
N MET J 146 15.70 -26.43 -45.07
CA MET J 146 14.96 -27.03 -43.95
C MET J 146 13.77 -26.11 -43.64
N THR J 147 12.65 -26.70 -43.25
CA THR J 147 11.41 -25.94 -43.07
C THR J 147 11.36 -25.37 -41.66
N MET J 148 10.41 -24.46 -41.43
CA MET J 148 10.28 -23.86 -40.10
C MET J 148 9.80 -24.89 -39.08
N LYS J 149 9.05 -25.87 -39.56
CA LYS J 149 8.49 -26.92 -38.72
C LYS J 149 9.60 -27.80 -38.19
N GLU J 150 10.60 -28.02 -39.05
CA GLU J 150 11.76 -28.83 -38.73
C GLU J 150 12.57 -28.15 -37.65
N LEU J 151 12.78 -26.85 -37.82
CA LEU J 151 13.57 -26.08 -36.89
C LEU J 151 12.88 -26.06 -35.53
N LEU J 152 11.58 -25.84 -35.54
CA LEU J 152 10.80 -25.87 -34.31
C LEU J 152 10.85 -27.25 -33.65
N ASP J 153 10.59 -28.31 -34.41
CA ASP J 153 10.67 -29.66 -33.85
C ASP J 153 11.99 -29.86 -33.13
N LYS J 154 13.05 -29.21 -33.60
CA LYS J 154 14.40 -29.43 -33.12
C LYS J 154 14.67 -28.58 -31.89
N LEU J 155 14.16 -27.37 -31.93
CA LEU J 155 14.48 -26.32 -30.98
C LEU J 155 13.64 -26.33 -29.70
N CYS J 156 12.42 -26.87 -29.77
CA CYS J 156 11.46 -26.74 -28.69
C CYS J 156 11.30 -28.06 -27.95
N TRP J 157 11.65 -28.05 -26.66
CA TRP J 157 11.54 -29.26 -25.85
C TRP J 157 10.15 -29.45 -25.22
N THR J 158 9.31 -28.40 -25.22
CA THR J 158 7.96 -28.45 -24.68
C THR J 158 6.91 -28.25 -25.76
N GLU J 159 5.80 -28.96 -25.64
CA GLU J 159 4.66 -28.71 -26.53
C GLU J 159 4.13 -27.29 -26.44
N SER J 160 4.09 -26.72 -25.24
CA SER J 160 3.58 -25.36 -25.09
C SER J 160 4.36 -24.34 -25.96
N ALA J 161 5.67 -24.57 -26.08
CA ALA J 161 6.49 -23.67 -26.88
C ALA J 161 6.32 -23.91 -28.39
N LYS J 162 6.19 -25.18 -28.78
CA LYS J 162 6.04 -25.53 -30.18
C LYS J 162 4.79 -24.84 -30.70
N GLN J 163 3.79 -24.82 -29.83
CA GLN J 163 2.49 -24.28 -30.19
C GLN J 163 2.45 -22.75 -30.36
N LEU J 164 3.10 -22.05 -29.44
CA LEU J 164 3.18 -20.61 -29.50
C LEU J 164 4.04 -20.19 -30.69
N ALA J 165 5.16 -20.90 -30.88
CA ALA J 165 6.04 -20.66 -32.04
C ALA J 165 5.30 -20.82 -33.36
N THR J 166 4.62 -21.96 -33.52
CA THR J 166 3.71 -22.15 -34.65
C THR J 166 2.73 -20.97 -34.85
N LEU J 167 2.03 -20.57 -33.78
CA LEU J 167 1.12 -19.47 -33.88
C LEU J 167 1.87 -18.27 -34.36
N PHE J 168 3.05 -18.09 -33.82
CA PHE J 168 3.87 -16.95 -34.20
C PHE J 168 4.17 -16.94 -35.69
N VAL J 169 4.48 -18.13 -36.20
CA VAL J 169 4.79 -18.24 -37.61
C VAL J 169 3.56 -17.98 -38.46
N ASN J 170 2.47 -18.73 -38.18
CA ASN J 170 1.16 -18.55 -38.83
C ASN J 170 0.76 -17.09 -38.90
N LEU J 171 1.01 -16.39 -37.81
CA LEU J 171 0.50 -15.04 -37.70
C LEU J 171 1.35 -14.06 -38.50
N CYS J 172 2.67 -14.28 -38.48
CA CYS J 172 3.60 -13.40 -39.21
C CYS J 172 3.53 -13.49 -40.71
N VAL J 173 3.37 -14.71 -41.20
CA VAL J 173 3.52 -14.95 -42.63
C VAL J 173 2.35 -15.69 -43.28
N THR J 174 1.28 -15.97 -42.55
CA THR J 174 0.05 -16.51 -43.12
C THR J 174 0.29 -17.78 -43.89
N ALA J 175 1.16 -18.60 -43.34
CA ALA J 175 1.57 -19.83 -43.97
C ALA J 175 1.91 -20.82 -42.86
N GLU J 176 1.92 -22.11 -43.19
CA GLU J 176 2.18 -23.11 -42.20
C GLU J 176 3.67 -23.18 -41.93
N THR J 177 4.08 -23.77 -40.81
CA THR J 177 5.51 -23.88 -40.59
C THR J 177 6.14 -24.85 -41.58
N HIS J 178 5.41 -25.90 -41.93
CA HIS J 178 5.92 -26.85 -42.90
C HIS J 178 5.92 -26.28 -44.32
N GLU J 179 5.34 -25.11 -44.52
CA GLU J 179 5.30 -24.55 -45.86
C GLU J 179 6.57 -23.75 -46.20
N VAL J 180 7.23 -23.24 -45.18
CA VAL J 180 8.20 -22.17 -45.36
C VAL J 180 9.62 -22.55 -44.98
N SER J 181 10.58 -22.00 -45.71
CA SER J 181 11.97 -22.24 -45.42
C SER J 181 12.42 -21.52 -44.16
N ALA J 182 13.12 -22.23 -43.29
CA ALA J 182 13.70 -21.63 -42.08
C ALA J 182 14.53 -20.38 -42.36
N LEU J 183 15.42 -20.46 -43.32
CA LEU J 183 16.30 -19.33 -43.59
C LEU J 183 15.44 -18.13 -43.92
N TRP J 184 14.48 -18.29 -44.82
CA TRP J 184 13.66 -17.15 -45.21
C TRP J 184 12.91 -16.60 -44.00
N PHE J 185 12.24 -17.48 -43.24
CA PHE J 185 11.51 -17.00 -42.07
C PHE J 185 12.37 -16.19 -41.10
N LEU J 186 13.56 -16.72 -40.82
CA LEU J 186 14.44 -16.05 -39.86
C LEU J 186 14.87 -14.71 -40.39
N TRP J 187 15.09 -14.62 -41.71
CA TRP J 187 15.38 -13.35 -42.35
C TRP J 187 14.24 -12.33 -42.16
N TYR J 188 13.03 -12.79 -42.49
CA TYR J 188 11.84 -11.99 -42.37
C TYR J 188 11.71 -11.29 -41.02
N VAL J 189 11.78 -12.10 -39.97
CA VAL J 189 11.63 -11.61 -38.60
C VAL J 189 12.76 -10.64 -38.27
N LYS J 190 13.99 -10.98 -38.63
CA LYS J 190 15.07 -10.10 -38.30
C LYS J 190 15.03 -8.77 -39.08
N GLN J 191 14.57 -8.78 -40.33
CA GLN J 191 14.55 -7.54 -41.09
C GLN J 191 13.46 -6.58 -40.61
N CYS J 192 12.71 -7.01 -39.59
CA CYS J 192 11.72 -6.11 -38.96
C CYS J 192 12.24 -5.59 -37.61
N GLY J 193 13.27 -6.23 -37.08
CA GLY J 193 13.89 -5.77 -35.84
C GLY J 193 13.83 -6.83 -34.76
N GLY J 194 13.67 -8.08 -35.19
CA GLY J 194 13.63 -9.22 -34.28
C GLY J 194 12.25 -9.46 -33.69
N THR J 195 12.16 -10.47 -32.83
CA THR J 195 10.86 -10.93 -32.32
C THR J 195 10.07 -9.88 -31.53
N THR J 196 10.67 -9.24 -30.53
CA THR J 196 9.94 -8.23 -29.77
C THR J 196 9.36 -7.14 -30.65
N ARG J 197 10.13 -6.62 -31.59
CA ARG J 197 9.60 -5.52 -32.39
C ARG J 197 8.40 -6.01 -33.21
N ILE J 198 8.53 -7.19 -33.81
CA ILE J 198 7.50 -7.66 -34.73
C ILE J 198 6.20 -8.00 -33.99
N ILE J 199 6.33 -8.58 -32.80
CA ILE J 199 5.15 -9.04 -32.07
C ILE J 199 4.46 -7.91 -31.29
N SER J 200 5.21 -6.87 -30.94
CA SER J 200 4.68 -5.83 -30.03
C SER J 200 3.61 -4.91 -30.62
N THR J 201 2.57 -4.67 -29.83
CA THR J 201 1.64 -3.56 -30.09
C THR J 201 2.29 -2.24 -29.66
N THR J 202 2.25 -1.94 -28.36
CA THR J 202 2.95 -0.77 -27.79
C THR J 202 4.41 -0.98 -28.12
N ASN J 203 5.02 0.07 -28.67
CA ASN J 203 6.43 0.05 -29.10
C ASN J 203 6.85 -1.05 -30.14
N GLY J 204 5.96 -1.39 -31.07
CA GLY J 204 6.27 -2.35 -32.11
C GLY J 204 5.40 -2.15 -33.34
N GLY J 205 5.32 -3.23 -34.14
CA GLY J 205 4.72 -3.20 -35.46
C GLY J 205 3.24 -2.83 -35.53
N GLN J 206 2.51 -3.14 -34.45
CA GLN J 206 1.08 -2.92 -34.42
C GLN J 206 0.68 -1.74 -33.48
N GLU J 207 1.64 -0.86 -33.18
CA GLU J 207 1.33 0.30 -32.33
C GLU J 207 0.16 1.15 -32.85
N ARG J 208 0.10 1.46 -34.15
CA ARG J 208 -0.78 2.53 -34.62
C ARG J 208 -1.48 2.23 -35.92
N LYS J 209 -2.48 3.05 -36.23
CA LYS J 209 -3.19 2.99 -37.51
C LYS J 209 -3.33 4.42 -38.03
N PHE J 210 -3.68 4.57 -39.29
CA PHE J 210 -3.88 5.91 -39.84
C PHE J 210 -5.31 6.33 -39.63
N VAL J 211 -5.50 7.52 -39.08
CA VAL J 211 -6.85 8.10 -39.05
C VAL J 211 -7.39 8.21 -40.49
N GLY J 212 -8.53 7.57 -40.74
CA GLY J 212 -9.19 7.74 -42.00
C GLY J 212 -8.86 6.61 -42.95
N GLY J 213 -7.88 5.79 -42.59
CA GLY J 213 -7.56 4.60 -43.38
C GLY J 213 -6.20 4.66 -44.06
N SER J 214 -5.72 3.55 -44.62
CA SER J 214 -4.43 3.60 -45.31
C SER J 214 -4.59 3.68 -46.83
N GLY J 215 -5.76 3.29 -47.31
CA GLY J 215 -6.09 3.54 -48.70
C GLY J 215 -5.77 4.98 -49.07
N GLN J 216 -5.96 5.86 -48.09
CA GLN J 216 -5.67 7.29 -48.21
C GLN J 216 -4.28 7.56 -48.80
N VAL J 217 -3.28 6.76 -48.39
CA VAL J 217 -1.89 6.96 -48.81
C VAL J 217 -1.75 6.96 -50.34
N SER J 218 -2.23 5.91 -50.99
CA SER J 218 -2.08 5.83 -52.44
C SER J 218 -3.13 6.68 -53.13
N GLU J 219 -4.27 6.86 -52.50
CA GLU J 219 -5.31 7.70 -53.06
C GLU J 219 -4.77 9.12 -53.24
N ARG J 220 -4.17 9.63 -52.17
CA ARG J 220 -3.80 11.02 -52.18
C ARG J 220 -2.70 11.27 -53.20
N ILE J 221 -1.82 10.26 -53.39
CA ILE J 221 -0.81 10.32 -54.44
C ILE J 221 -1.51 10.37 -55.79
N MET J 222 -2.58 9.60 -55.96
CA MET J 222 -3.26 9.59 -57.24
C MET J 222 -3.72 11.00 -57.56
N ASP J 223 -4.10 11.73 -56.50
CA ASP J 223 -4.61 13.11 -56.65
C ASP J 223 -3.49 14.02 -57.17
N LEU J 224 -2.29 13.88 -56.60
CA LEU J 224 -1.13 14.68 -56.99
C LEU J 224 -0.76 14.44 -58.43
N LEU J 225 -1.19 13.31 -58.99
CA LEU J 225 -0.76 12.90 -60.32
C LEU J 225 -1.78 13.21 -61.41
N GLY J 226 -2.93 13.72 -61.00
CA GLY J 226 -4.00 13.97 -61.94
C GLY J 226 -4.27 12.77 -62.82
N ASP J 227 -4.45 13.02 -64.12
CA ASP J 227 -4.82 11.98 -65.10
C ASP J 227 -3.76 10.89 -65.37
N ARG J 228 -2.60 10.98 -64.72
CA ARG J 228 -1.48 10.05 -64.98
C ARG J 228 -1.69 8.60 -64.51
N VAL J 229 -2.54 8.37 -63.50
CA VAL J 229 -2.84 7.01 -63.07
C VAL J 229 -4.00 6.53 -63.95
N LYS J 230 -3.81 5.38 -64.56
CA LYS J 230 -4.81 4.83 -65.47
C LYS J 230 -5.37 3.58 -64.82
N LEU J 231 -6.54 3.71 -64.22
CA LEU J 231 -7.25 2.56 -63.65
C LEU J 231 -7.79 1.60 -64.73
N GLU J 232 -8.18 0.40 -64.30
CA GLU J 232 -8.69 -0.66 -65.19
C GLU J 232 -7.78 -1.02 -66.35
N ARG J 233 -6.47 -0.95 -66.12
CA ARG J 233 -5.48 -1.17 -67.16
C ARG J 233 -4.48 -2.28 -66.73
N PRO J 234 -4.87 -3.55 -66.82
CA PRO J 234 -3.96 -4.63 -66.47
C PRO J 234 -2.93 -4.82 -67.60
N VAL J 235 -1.64 -4.71 -67.27
CA VAL J 235 -0.58 -4.95 -68.25
C VAL J 235 -0.55 -6.41 -68.66
N ILE J 236 -0.47 -6.69 -69.96
CA ILE J 236 -0.42 -8.09 -70.45
C ILE J 236 0.79 -8.46 -71.29
N TYR J 237 1.57 -7.47 -71.72
CA TYR J 237 2.68 -7.71 -72.63
C TYR J 237 3.70 -6.59 -72.47
N ILE J 238 4.96 -6.95 -72.27
CA ILE J 238 6.03 -5.98 -72.29
C ILE J 238 7.05 -6.42 -73.35
N ASP J 239 7.41 -5.47 -74.22
CA ASP J 239 8.23 -5.77 -75.39
C ASP J 239 9.47 -4.87 -75.38
N GLN J 240 10.65 -5.48 -75.33
CA GLN J 240 11.90 -4.75 -75.17
C GLN J 240 12.83 -4.87 -76.37
N THR J 241 12.27 -5.35 -77.49
CA THR J 241 13.04 -5.56 -78.73
C THR J 241 13.60 -4.26 -79.31
N ARG J 242 12.75 -3.21 -79.34
CA ARG J 242 13.08 -1.94 -79.97
C ARG J 242 13.97 -1.03 -79.07
N GLU J 243 14.11 0.24 -79.51
CA GLU J 243 14.73 1.34 -78.74
C GLU J 243 13.87 1.71 -77.49
N ASN J 244 12.58 1.96 -77.67
CA ASN J 244 11.68 2.19 -76.54
C ASN J 244 10.96 0.92 -76.10
N VAL J 245 10.70 0.80 -74.79
CA VAL J 245 9.95 -0.33 -74.25
C VAL J 245 8.46 -0.12 -74.49
N LEU J 246 7.83 -1.09 -75.17
CA LEU J 246 6.38 -1.07 -75.34
C LEU J 246 5.72 -1.88 -74.23
N VAL J 247 4.70 -1.30 -73.61
CA VAL J 247 3.91 -1.96 -72.58
C VAL J 247 2.44 -1.96 -73.05
N GLU J 248 1.80 -3.12 -73.08
CA GLU J 248 0.43 -3.22 -73.61
C GLU J 248 -0.58 -3.74 -72.57
N THR J 249 -1.75 -3.12 -72.50
CA THR J 249 -2.78 -3.50 -71.53
C THR J 249 -3.88 -4.37 -72.13
N LEU J 250 -4.70 -4.93 -71.24
CA LEU J 250 -5.69 -5.91 -71.64
C LEU J 250 -6.75 -5.35 -72.56
N ASN J 251 -7.04 -4.06 -72.38
CA ASN J 251 -8.01 -3.35 -73.24
C ASN J 251 -7.42 -2.82 -74.56
N HIS J 252 -6.11 -3.04 -74.77
CA HIS J 252 -5.44 -2.84 -76.07
C HIS J 252 -4.61 -1.58 -76.21
N GLU J 253 -4.66 -0.70 -75.21
CA GLU J 253 -3.80 0.49 -75.23
C GLU J 253 -2.30 0.19 -75.24
N MET J 254 -1.52 1.01 -75.95
CA MET J 254 -0.06 0.86 -75.97
C MET J 254 0.62 2.03 -75.29
N TYR J 255 1.63 1.75 -74.49
CA TYR J 255 2.39 2.78 -73.82
C TYR J 255 3.88 2.56 -74.10
N GLU J 256 4.61 3.64 -74.34
CA GLU J 256 6.00 3.52 -74.77
C GLU J 256 6.87 4.20 -73.74
N ALA J 257 7.99 3.61 -73.33
CA ALA J 257 8.81 4.30 -72.33
C ALA J 257 10.28 3.96 -72.36
N LYS J 258 11.09 4.86 -71.85
CA LYS J 258 12.50 4.59 -71.74
C LYS J 258 12.76 3.51 -70.72
N TYR J 259 11.90 3.41 -69.70
CA TYR J 259 12.12 2.49 -68.58
C TYR J 259 10.81 1.98 -68.01
N VAL J 260 10.90 0.92 -67.21
CA VAL J 260 9.71 0.39 -66.54
C VAL J 260 10.02 0.00 -65.11
N ILE J 261 9.12 0.38 -64.20
CA ILE J 261 9.12 -0.19 -62.85
C ILE J 261 7.96 -1.17 -62.75
N SER J 262 8.27 -2.41 -62.38
CA SER J 262 7.26 -3.42 -62.08
C SER J 262 7.12 -3.43 -60.58
N ALA J 263 5.97 -3.00 -60.10
CA ALA J 263 5.76 -2.92 -58.69
C ALA J 263 4.59 -3.83 -58.29
N ILE J 264 4.53 -4.99 -58.89
CA ILE J 264 3.50 -5.95 -58.56
C ILE J 264 4.14 -7.12 -57.89
N PRO J 265 3.39 -7.96 -57.19
CA PRO J 265 3.98 -9.06 -56.40
C PRO J 265 4.78 -9.97 -57.33
N PRO J 266 5.97 -10.42 -56.94
CA PRO J 266 6.86 -11.16 -57.82
C PRO J 266 6.09 -12.11 -58.68
N THR J 267 5.41 -13.07 -58.05
CA THR J 267 4.76 -14.10 -58.81
C THR J 267 3.77 -13.59 -59.84
N LEU J 268 3.29 -12.39 -59.67
CA LEU J 268 2.24 -11.93 -60.56
C LEU J 268 2.80 -11.38 -61.86
N GLY J 269 4.12 -11.46 -62.02
CA GLY J 269 4.76 -11.15 -63.30
C GLY J 269 4.35 -12.21 -64.32
N MET J 270 3.98 -13.37 -63.80
CA MET J 270 3.55 -14.47 -64.63
C MET J 270 2.46 -13.99 -65.54
N LYS J 271 1.77 -12.92 -65.12
CA LYS J 271 0.56 -12.46 -65.81
C LYS J 271 0.88 -11.58 -67.00
N ILE J 272 2.17 -11.36 -67.23
CA ILE J 272 2.63 -10.55 -68.34
C ILE J 272 3.35 -11.45 -69.32
N HIS J 273 3.13 -11.27 -70.61
CA HIS J 273 3.89 -12.01 -71.64
C HIS J 273 5.13 -11.20 -72.06
N PHE J 274 6.31 -11.79 -72.07
CA PHE J 274 7.54 -11.01 -72.29
C PHE J 274 8.25 -11.29 -73.60
N ASN J 275 8.87 -10.25 -74.16
CA ASN J 275 9.58 -10.35 -75.44
C ASN J 275 10.76 -9.37 -75.42
N PRO J 276 11.98 -9.89 -75.45
CA PRO J 276 12.27 -11.32 -75.56
C PRO J 276 11.88 -12.03 -74.28
N PRO J 277 11.81 -13.36 -74.26
CA PRO J 277 11.60 -14.13 -73.04
C PRO J 277 12.48 -13.64 -71.91
N LEU J 278 12.01 -13.79 -70.67
CA LEU J 278 12.82 -13.42 -69.51
C LEU J 278 14.02 -14.35 -69.42
N PRO J 279 15.12 -13.87 -68.82
CA PRO J 279 16.24 -14.72 -68.46
C PRO J 279 15.76 -15.94 -67.72
N MET J 280 16.42 -17.07 -67.92
CA MET J 280 15.99 -18.29 -67.25
C MET J 280 15.71 -18.10 -65.76
N MET J 281 16.63 -17.48 -65.03
CA MET J 281 16.46 -17.40 -63.58
C MET J 281 15.10 -16.78 -63.16
N ARG J 282 14.75 -15.64 -63.76
CA ARG J 282 13.52 -14.96 -63.39
C ARG J 282 12.36 -15.78 -63.85
N ASN J 283 12.34 -16.18 -65.11
CA ASN J 283 11.25 -16.99 -65.63
C ASN J 283 10.85 -18.10 -64.67
N GLN J 284 11.83 -18.76 -64.05
CA GLN J 284 11.51 -19.83 -63.11
C GLN J 284 11.28 -19.31 -61.68
N MET J 285 12.01 -18.28 -61.27
CA MET J 285 11.82 -17.68 -59.96
C MET J 285 10.37 -17.29 -59.73
N ILE J 286 9.75 -16.65 -60.70
CA ILE J 286 8.40 -16.18 -60.54
C ILE J 286 7.38 -17.32 -60.50
N THR J 287 7.80 -18.58 -60.57
CA THR J 287 6.81 -19.65 -60.36
C THR J 287 7.01 -20.28 -58.99
N ARG J 288 8.05 -19.84 -58.28
CA ARG J 288 8.45 -20.48 -57.07
C ARG J 288 8.14 -19.65 -55.84
N VAL J 289 7.34 -18.59 -56.00
CA VAL J 289 7.21 -17.62 -54.91
C VAL J 289 5.76 -17.22 -54.56
N PRO J 290 5.05 -18.09 -53.84
CA PRO J 290 3.61 -17.92 -53.57
C PRO J 290 3.30 -16.90 -52.48
N LEU J 291 2.06 -16.40 -52.44
CA LEU J 291 1.66 -15.52 -51.36
C LEU J 291 0.85 -16.33 -50.34
N GLY J 292 0.81 -15.82 -49.11
CA GLY J 292 0.09 -16.43 -48.00
C GLY J 292 -1.43 -16.35 -48.10
N SER J 293 -2.08 -16.89 -47.08
CA SER J 293 -3.54 -17.02 -47.12
C SER J 293 -4.12 -16.50 -45.81
N VAL J 294 -5.06 -15.55 -45.94
CA VAL J 294 -5.66 -14.90 -44.78
C VAL J 294 -7.03 -14.37 -45.10
N ILE J 295 -7.94 -14.38 -44.11
CA ILE J 295 -9.19 -13.63 -44.19
C ILE J 295 -9.18 -12.61 -43.09
N LYS J 296 -9.40 -11.34 -43.42
CA LYS J 296 -9.46 -10.30 -42.38
C LYS J 296 -10.91 -10.15 -42.03
N CYS J 297 -11.21 -10.20 -40.73
CA CYS J 297 -12.60 -10.11 -40.26
C CYS J 297 -12.79 -9.08 -39.13
N ILE J 298 -13.79 -8.22 -39.30
CA ILE J 298 -14.12 -7.22 -38.31
C ILE J 298 -15.58 -7.33 -37.93
N VAL J 299 -15.80 -7.57 -36.62
CA VAL J 299 -17.13 -7.61 -36.03
C VAL J 299 -17.35 -6.35 -35.19
N TYR J 300 -18.45 -5.67 -35.50
CA TYR J 300 -18.85 -4.42 -34.86
C TYR J 300 -19.82 -4.63 -33.72
N TYR J 301 -19.67 -3.82 -32.68
CA TYR J 301 -20.54 -3.93 -31.51
C TYR J 301 -21.01 -2.56 -31.06
N LYS J 302 -22.18 -2.54 -30.39
CA LYS J 302 -22.76 -1.30 -29.81
C LYS J 302 -21.77 -0.48 -28.96
N GLU J 303 -20.90 -1.17 -28.23
CA GLU J 303 -19.98 -0.51 -27.32
C GLU J 303 -18.71 -1.38 -27.15
N PRO J 304 -17.58 -0.77 -26.84
CA PRO J 304 -16.37 -1.53 -26.50
C PRO J 304 -16.48 -2.26 -25.16
N PHE J 305 -17.45 -3.16 -25.06
CA PHE J 305 -17.76 -3.84 -23.81
C PHE J 305 -16.56 -4.48 -23.10
N TRP J 306 -15.60 -4.98 -23.86
CA TRP J 306 -14.47 -5.67 -23.26
C TRP J 306 -13.78 -4.75 -22.26
N ARG J 307 -13.74 -3.45 -22.56
CA ARG J 307 -12.96 -2.51 -21.72
C ARG J 307 -13.52 -2.46 -20.29
N LYS J 308 -14.84 -2.47 -20.15
CA LYS J 308 -15.49 -2.48 -18.84
C LYS J 308 -15.04 -3.69 -18.01
N LYS J 309 -14.68 -4.79 -18.66
CA LYS J 309 -14.19 -5.98 -17.97
C LYS J 309 -12.68 -5.94 -17.79
N ASP J 310 -12.06 -4.80 -18.12
CA ASP J 310 -10.59 -4.60 -18.04
C ASP J 310 -9.79 -5.51 -19.01
N TYR J 311 -10.36 -5.73 -20.20
CA TYR J 311 -9.69 -6.42 -21.30
C TYR J 311 -9.52 -5.39 -22.38
N CYS J 312 -8.32 -5.31 -22.96
CA CYS J 312 -8.12 -4.28 -23.99
C CYS J 312 -8.66 -4.64 -25.38
N GLY J 313 -8.83 -5.93 -25.67
CA GLY J 313 -9.38 -6.38 -26.94
C GLY J 313 -8.46 -7.38 -27.62
N THR J 314 -7.24 -7.47 -27.13
CA THR J 314 -6.26 -8.38 -27.68
C THR J 314 -6.47 -9.78 -27.16
N MET J 315 -6.58 -10.72 -28.08
CA MET J 315 -6.70 -12.11 -27.70
C MET J 315 -5.70 -12.92 -28.51
N ILE J 316 -4.96 -13.80 -27.83
CA ILE J 316 -4.06 -14.74 -28.49
C ILE J 316 -4.66 -16.10 -28.20
N ILE J 317 -5.13 -16.77 -29.23
CA ILE J 317 -5.94 -17.97 -29.05
C ILE J 317 -5.34 -19.25 -29.63
N ASP J 318 -4.86 -20.09 -28.72
CA ASP J 318 -4.27 -21.38 -29.05
C ASP J 318 -5.26 -22.42 -29.59
N GLY J 319 -4.77 -23.41 -30.30
CA GLY J 319 -5.64 -24.50 -30.67
C GLY J 319 -6.18 -24.50 -32.09
N GLU J 320 -6.48 -25.71 -32.55
CA GLU J 320 -6.96 -25.93 -33.89
C GLU J 320 -8.43 -25.50 -34.09
N GLU J 321 -9.27 -25.68 -33.08
CA GLU J 321 -10.70 -25.46 -33.25
C GLU J 321 -11.06 -23.98 -33.42
N ALA J 322 -10.29 -23.09 -32.81
CA ALA J 322 -10.55 -21.65 -32.91
C ALA J 322 -10.31 -21.10 -34.32
N PRO J 323 -11.33 -20.53 -34.95
CA PRO J 323 -11.18 -19.98 -36.30
C PRO J 323 -10.21 -18.78 -36.37
N VAL J 324 -9.91 -18.15 -35.26
CA VAL J 324 -9.08 -16.97 -35.31
C VAL J 324 -8.12 -17.07 -34.16
N ALA J 325 -6.83 -16.85 -34.40
CA ALA J 325 -5.82 -17.01 -33.34
C ALA J 325 -5.45 -15.70 -32.65
N TYR J 326 -5.71 -14.59 -33.33
CA TYR J 326 -5.24 -13.30 -32.87
C TYR J 326 -6.25 -12.24 -33.18
N THR J 327 -6.61 -11.43 -32.17
CA THR J 327 -7.49 -10.28 -32.38
C THR J 327 -6.88 -9.03 -31.77
N LEU J 328 -7.25 -7.89 -32.35
CA LEU J 328 -6.92 -6.58 -31.80
C LEU J 328 -8.20 -5.74 -31.73
N ASP J 329 -8.18 -4.74 -30.86
CA ASP J 329 -9.31 -3.81 -30.76
C ASP J 329 -9.35 -2.82 -31.95
N ASP J 330 -10.50 -2.66 -32.61
CA ASP J 330 -10.60 -1.80 -33.81
C ASP J 330 -11.51 -0.59 -33.69
N THR J 331 -11.85 -0.28 -32.45
CA THR J 331 -12.64 0.90 -32.12
C THR J 331 -11.97 2.20 -32.54
N LYS J 332 -12.69 3.07 -33.25
CA LYS J 332 -12.13 4.34 -33.72
C LYS J 332 -11.65 5.12 -32.52
N PRO J 333 -10.69 6.05 -32.73
CA PRO J 333 -10.01 6.73 -31.60
C PRO J 333 -10.97 7.49 -30.67
N GLU J 334 -12.19 7.80 -31.16
CA GLU J 334 -13.18 8.48 -30.33
C GLU J 334 -13.77 7.60 -29.19
N GLY J 335 -14.05 6.32 -29.49
CA GLY J 335 -14.91 5.48 -28.67
C GLY J 335 -16.05 4.95 -29.56
N ASN J 336 -16.15 5.57 -30.73
CA ASN J 336 -17.11 5.24 -31.79
C ASN J 336 -16.93 3.88 -32.42
N TYR J 337 -18.02 3.38 -33.02
CA TYR J 337 -17.94 2.22 -33.89
C TYR J 337 -17.06 1.14 -33.28
N ALA J 338 -17.45 0.60 -32.12
CA ALA J 338 -16.57 -0.37 -31.47
C ALA J 338 -16.48 -1.63 -32.34
N ALA J 339 -15.30 -2.26 -32.32
CA ALA J 339 -15.12 -3.43 -33.16
C ALA J 339 -13.98 -4.29 -32.70
N ILE J 340 -13.97 -5.56 -33.12
CA ILE J 340 -12.85 -6.46 -32.86
C ILE J 340 -12.33 -6.95 -34.20
N MET J 341 -11.01 -6.84 -34.39
CA MET J 341 -10.35 -7.29 -35.62
C MET J 341 -9.68 -8.66 -35.41
N GLY J 342 -9.87 -9.58 -36.35
CA GLY J 342 -9.21 -10.86 -36.25
C GLY J 342 -8.87 -11.45 -37.59
N PHE J 343 -7.83 -12.28 -37.62
CA PHE J 343 -7.35 -12.89 -38.84
C PHE J 343 -7.75 -14.33 -38.86
N ILE J 344 -8.18 -14.83 -40.00
CA ILE J 344 -8.32 -16.28 -40.17
C ILE J 344 -7.14 -16.73 -41.04
N LEU J 345 -6.19 -17.44 -40.41
CA LEU J 345 -4.86 -17.66 -41.03
C LEU J 345 -4.63 -19.01 -41.70
N ALA J 346 -3.83 -18.97 -42.77
CA ALA J 346 -3.25 -20.16 -43.41
C ALA J 346 -4.29 -21.24 -43.71
N HIS J 347 -4.03 -22.48 -43.23
CA HIS J 347 -4.89 -23.58 -43.61
C HIS J 347 -6.31 -23.34 -43.26
N LYS J 348 -6.55 -22.52 -42.26
CA LYS J 348 -7.90 -22.22 -41.84
C LYS J 348 -8.58 -21.33 -42.82
N ALA J 349 -7.82 -20.42 -43.42
CA ALA J 349 -8.45 -19.52 -44.41
C ALA J 349 -9.00 -20.32 -45.57
N ARG J 350 -8.43 -21.48 -45.84
CA ARG J 350 -8.98 -22.36 -46.89
C ARG J 350 -10.17 -23.15 -46.38
N LYS J 351 -10.13 -23.58 -45.12
CA LYS J 351 -11.18 -24.42 -44.55
C LYS J 351 -12.50 -23.68 -44.39
N LEU J 352 -12.41 -22.42 -43.94
CA LEU J 352 -13.59 -21.67 -43.54
C LEU J 352 -14.15 -20.82 -44.67
N ALA J 353 -13.46 -20.80 -45.80
CA ALA J 353 -13.94 -20.07 -46.97
C ALA J 353 -15.10 -20.82 -47.56
N ARG J 354 -15.22 -22.09 -47.19
CA ARG J 354 -16.30 -22.92 -47.67
C ARG J 354 -17.62 -22.45 -47.14
N LEU J 355 -17.63 -21.95 -45.89
CA LEU J 355 -18.83 -21.45 -45.19
C LEU J 355 -19.33 -20.13 -45.81
N THR J 356 -20.49 -19.67 -45.35
CA THR J 356 -21.04 -18.41 -45.83
C THR J 356 -20.58 -17.27 -44.93
N LYS J 357 -20.73 -16.03 -45.40
CA LYS J 357 -20.47 -14.85 -44.59
C LYS J 357 -21.05 -14.96 -43.16
N GLU J 358 -22.32 -15.35 -43.07
CA GLU J 358 -23.02 -15.42 -41.80
C GLU J 358 -22.47 -16.50 -40.90
N GLU J 359 -22.18 -17.68 -41.45
CA GLU J 359 -21.64 -18.78 -40.65
C GLU J 359 -20.29 -18.46 -40.02
N ARG J 360 -19.49 -17.69 -40.73
CA ARG J 360 -18.24 -17.19 -40.17
C ARG J 360 -18.51 -16.21 -39.02
N LEU J 361 -19.36 -15.22 -39.26
CA LEU J 361 -19.74 -14.27 -38.23
C LEU J 361 -20.15 -15.00 -36.96
N LYS J 362 -20.99 -16.00 -37.10
CA LYS J 362 -21.46 -16.78 -35.96
C LYS J 362 -20.31 -17.46 -35.21
N LYS J 363 -19.36 -18.01 -35.95
CA LYS J 363 -18.29 -18.73 -35.34
C LYS J 363 -17.38 -17.75 -34.62
N LEU J 364 -17.24 -16.55 -35.17
CA LEU J 364 -16.32 -15.59 -34.62
C LEU J 364 -16.89 -15.12 -33.32
N CYS J 365 -18.21 -14.89 -33.34
CA CYS J 365 -18.91 -14.33 -32.19
C CYS J 365 -18.86 -15.30 -31.06
N GLU J 366 -19.16 -16.57 -31.34
CA GLU J 366 -19.19 -17.60 -30.31
C GLU J 366 -17.84 -17.70 -29.68
N LEU J 367 -16.79 -17.56 -30.50
CA LEU J 367 -15.41 -17.62 -29.99
C LEU J 367 -15.13 -16.43 -29.08
N TYR J 368 -15.46 -15.23 -29.59
CA TYR J 368 -15.19 -14.00 -28.89
C TYR J 368 -15.96 -13.98 -27.59
N ALA J 369 -17.16 -14.56 -27.62
CA ALA J 369 -17.95 -14.66 -26.40
C ALA J 369 -17.31 -15.59 -25.38
N LYS J 370 -16.78 -16.73 -25.83
CA LYS J 370 -16.13 -17.62 -24.89
C LYS J 370 -14.84 -16.99 -24.34
N VAL J 371 -14.09 -16.32 -25.21
CA VAL J 371 -12.76 -15.90 -24.81
C VAL J 371 -12.90 -14.75 -23.87
N LEU J 372 -13.80 -13.82 -24.21
CA LEU J 372 -14.03 -12.65 -23.37
C LEU J 372 -14.94 -12.97 -22.21
N GLY J 373 -15.61 -14.12 -22.23
CA GLY J 373 -16.61 -14.47 -21.23
C GLY J 373 -17.70 -13.40 -21.12
N SER J 374 -18.34 -13.03 -22.24
CA SER J 374 -19.47 -12.08 -22.20
C SER J 374 -20.47 -12.34 -23.28
N LEU J 375 -21.70 -12.55 -22.85
CA LEU J 375 -22.81 -12.72 -23.75
C LEU J 375 -22.84 -11.65 -24.80
N GLU J 376 -22.31 -10.48 -24.45
CA GLU J 376 -22.50 -9.34 -25.33
C GLU J 376 -21.91 -9.58 -26.70
N ALA J 377 -20.85 -10.38 -26.75
CA ALA J 377 -20.15 -10.67 -27.99
C ALA J 377 -21.06 -11.38 -28.97
N LEU J 378 -22.18 -11.96 -28.47
CA LEU J 378 -23.14 -12.65 -29.35
C LEU J 378 -24.08 -11.69 -30.00
N GLU J 379 -23.89 -10.40 -29.77
CA GLU J 379 -24.80 -9.40 -30.34
C GLU J 379 -24.11 -8.35 -31.27
N PRO J 380 -23.63 -8.79 -32.41
CA PRO J 380 -22.95 -7.88 -33.32
C PRO J 380 -23.95 -6.97 -34.02
N VAL J 381 -23.52 -5.75 -34.22
CA VAL J 381 -24.34 -4.74 -34.79
C VAL J 381 -24.05 -4.65 -36.31
N HIS J 382 -22.89 -5.17 -36.73
CA HIS J 382 -22.44 -5.19 -38.12
C HIS J 382 -21.17 -6.02 -38.33
N TYR J 383 -20.87 -6.37 -39.59
CA TYR J 383 -19.72 -7.24 -39.91
C TYR J 383 -19.10 -6.94 -41.29
N GLU J 384 -17.77 -6.88 -41.34
CA GLU J 384 -17.09 -6.77 -42.61
C GLU J 384 -15.95 -7.79 -42.69
N GLU J 385 -15.73 -8.38 -43.88
CA GLU J 385 -14.60 -9.32 -44.09
C GLU J 385 -13.98 -9.22 -45.48
N LYS J 386 -12.66 -9.46 -45.61
CA LYS J 386 -12.05 -9.68 -46.94
C LYS J 386 -11.20 -10.91 -46.96
N ASN J 387 -11.45 -11.75 -47.95
CA ASN J 387 -10.64 -12.94 -48.13
C ASN J 387 -9.67 -12.71 -49.31
N TRP J 388 -8.44 -12.32 -48.98
CA TRP J 388 -7.44 -11.98 -49.98
C TRP J 388 -7.01 -13.15 -50.87
N CYS J 389 -7.21 -14.38 -50.42
CA CYS J 389 -6.99 -15.52 -51.26
C CYS J 389 -7.65 -15.43 -52.64
N GLU J 390 -8.68 -14.63 -52.80
CA GLU J 390 -9.44 -14.71 -54.04
C GLU J 390 -9.09 -13.56 -54.97
N GLU J 391 -8.13 -12.77 -54.55
CA GLU J 391 -7.79 -11.60 -55.34
C GLU J 391 -6.79 -11.95 -56.46
N GLN J 392 -7.22 -11.75 -57.72
CA GLN J 392 -6.43 -12.12 -58.89
C GLN J 392 -5.16 -11.30 -59.01
N TYR J 393 -5.31 -10.00 -58.79
CA TYR J 393 -4.17 -9.12 -58.92
C TYR J 393 -3.50 -8.91 -57.57
N SER J 394 -3.63 -9.92 -56.71
CA SER J 394 -2.88 -9.93 -55.48
C SER J 394 -2.26 -11.28 -55.20
N GLY J 395 -3.06 -12.33 -55.35
CA GLY J 395 -2.57 -13.67 -55.14
C GLY J 395 -2.62 -14.15 -53.70
N GLY J 396 -2.75 -13.24 -52.74
CA GLY J 396 -2.79 -13.61 -51.34
C GLY J 396 -2.49 -12.43 -50.44
N CYS J 397 -2.23 -12.68 -49.17
CA CYS J 397 -1.80 -11.64 -48.22
C CYS J 397 -1.19 -12.34 -46.96
N TYR J 398 -0.31 -11.66 -46.22
CA TYR J 398 0.06 -10.26 -46.46
C TYR J 398 1.11 -10.12 -47.57
N THR J 399 2.02 -11.09 -47.66
CA THR J 399 3.19 -11.00 -48.55
C THR J 399 3.54 -12.35 -49.19
N THR J 400 4.72 -12.43 -49.83
CA THR J 400 5.20 -13.61 -50.54
C THR J 400 6.05 -14.44 -49.60
N TYR J 401 5.90 -15.76 -49.63
CA TYR J 401 6.76 -16.60 -48.80
C TYR J 401 7.63 -17.50 -49.66
N PHE J 402 8.79 -17.89 -49.14
CA PHE J 402 9.68 -18.81 -49.85
C PHE J 402 9.67 -20.22 -49.23
N PRO J 403 9.29 -21.22 -50.03
CA PRO J 403 9.43 -22.64 -49.67
C PRO J 403 10.87 -23.08 -49.54
N PRO J 404 11.17 -24.19 -48.87
CA PRO J 404 12.58 -24.61 -48.73
C PRO J 404 13.32 -24.56 -50.07
N GLY J 405 14.56 -24.10 -50.00
CA GLY J 405 15.49 -24.19 -51.12
C GLY J 405 15.42 -23.05 -52.13
N ILE J 406 14.42 -22.18 -52.04
CA ILE J 406 14.20 -21.22 -53.10
C ILE J 406 14.91 -19.89 -52.90
N LEU J 407 15.06 -19.45 -51.64
CA LEU J 407 15.73 -18.20 -51.35
C LEU J 407 17.21 -18.24 -51.77
N THR J 408 17.95 -19.28 -51.37
CA THR J 408 19.36 -19.39 -51.79
C THR J 408 19.52 -19.51 -53.30
N GLN J 409 18.67 -20.29 -53.95
CA GLN J 409 18.81 -20.49 -55.37
C GLN J 409 18.35 -19.32 -56.23
N TYR J 410 17.23 -18.68 -55.85
CA TYR J 410 16.55 -17.69 -56.69
C TYR J 410 16.48 -16.36 -56.00
N GLY J 411 17.05 -16.29 -54.81
CA GLY J 411 17.07 -15.06 -54.04
C GLY J 411 17.47 -13.81 -54.81
N ARG J 412 18.71 -13.76 -55.31
CA ARG J 412 19.23 -12.50 -55.86
C ARG J 412 18.58 -12.10 -57.17
N VAL J 413 17.56 -12.83 -57.58
CA VAL J 413 16.89 -12.55 -58.86
C VAL J 413 15.84 -11.44 -58.70
N LEU J 414 15.32 -11.35 -57.48
CA LEU J 414 14.09 -10.64 -57.23
C LEU J 414 14.23 -9.21 -57.61
N ARG J 415 15.35 -8.58 -57.25
CA ARG J 415 15.54 -7.17 -57.61
C ARG J 415 16.70 -6.85 -58.62
N GLN J 416 17.08 -7.85 -59.39
CA GLN J 416 18.02 -7.67 -60.50
C GLN J 416 17.27 -7.16 -61.71
N PRO J 417 17.69 -6.00 -62.26
CA PRO J 417 17.03 -5.38 -63.42
C PRO J 417 17.03 -6.32 -64.60
N VAL J 418 15.98 -6.31 -65.42
CA VAL J 418 15.94 -7.05 -66.68
C VAL J 418 15.91 -6.03 -67.84
N ASP J 419 17.12 -5.63 -68.26
CA ASP J 419 17.36 -4.63 -69.30
C ASP J 419 16.90 -3.25 -68.81
N ARG J 420 15.71 -2.84 -69.25
CA ARG J 420 15.13 -1.58 -68.81
C ARG J 420 13.95 -1.74 -67.80
N ILE J 421 13.66 -2.99 -67.38
CA ILE J 421 12.71 -3.24 -66.30
C ILE J 421 13.39 -3.21 -64.90
N TYR J 422 12.91 -2.37 -63.99
CA TYR J 422 13.41 -2.37 -62.62
C TYR J 422 12.31 -2.78 -61.66
N PHE J 423 12.70 -3.39 -60.53
CA PHE J 423 11.73 -4.09 -59.70
C PHE J 423 11.53 -3.51 -58.33
N ALA J 424 10.31 -3.05 -58.10
CA ALA J 424 9.89 -2.53 -56.80
C ALA J 424 9.05 -3.56 -56.04
N GLY J 425 8.05 -3.08 -55.32
CA GLY J 425 7.15 -3.90 -54.52
C GLY J 425 7.81 -4.25 -53.21
N THR J 426 7.00 -4.42 -52.17
CA THR J 426 7.51 -4.64 -50.81
C THR J 426 8.43 -5.86 -50.68
N GLU J 427 8.16 -6.90 -51.47
CA GLU J 427 8.92 -8.13 -51.32
C GLU J 427 10.40 -7.91 -51.71
N THR J 428 10.67 -6.77 -52.36
CA THR J 428 12.06 -6.40 -52.65
C THR J 428 12.69 -5.42 -51.66
N ALA J 429 11.97 -5.05 -50.62
CA ALA J 429 12.59 -4.22 -49.59
C ALA J 429 13.61 -5.01 -48.79
N THR J 430 14.13 -4.33 -47.77
CA THR J 430 15.29 -4.72 -47.01
C THR J 430 15.01 -4.52 -45.53
N HIS J 431 14.03 -3.66 -45.24
CA HIS J 431 13.63 -3.33 -43.86
C HIS J 431 12.11 -3.31 -43.90
N TRP J 432 11.51 -4.08 -43.00
CA TRP J 432 10.05 -4.26 -43.00
C TRP J 432 9.51 -4.68 -44.39
N SER J 433 10.23 -5.54 -45.10
CA SER J 433 9.66 -6.11 -46.30
C SER J 433 8.49 -6.93 -45.84
N GLY J 434 7.40 -6.92 -46.62
CA GLY J 434 6.18 -7.60 -46.24
C GLY J 434 5.12 -6.58 -45.83
N TYR J 435 5.58 -5.40 -45.47
CA TYR J 435 4.73 -4.35 -44.91
C TYR J 435 4.64 -3.13 -45.84
N MET J 436 3.72 -2.22 -45.53
CA MET J 436 3.60 -0.94 -46.23
C MET J 436 4.95 -0.21 -46.23
N GLU J 437 5.66 -0.23 -45.09
CA GLU J 437 7.01 0.33 -45.00
C GLU J 437 7.92 -0.18 -46.13
N GLY J 438 8.07 -1.49 -46.21
CA GLY J 438 8.81 -2.05 -47.31
C GLY J 438 8.35 -1.47 -48.62
N ALA J 439 7.04 -1.36 -48.83
CA ALA J 439 6.58 -1.01 -50.17
C ALA J 439 7.15 0.35 -50.53
N VAL J 440 7.34 1.19 -49.51
CA VAL J 440 7.87 2.54 -49.74
C VAL J 440 9.36 2.44 -50.04
N GLU J 441 10.11 1.78 -49.17
CA GLU J 441 11.55 1.60 -49.40
C GLU J 441 11.79 1.22 -50.86
N ALA J 442 11.11 0.15 -51.26
CA ALA J 442 11.34 -0.49 -52.55
C ALA J 442 10.93 0.42 -53.67
N GLY J 443 9.74 1.02 -53.54
CA GLY J 443 9.19 1.91 -54.57
C GLY J 443 10.22 2.99 -54.88
N GLU J 444 10.79 3.57 -53.82
CA GLU J 444 11.65 4.73 -54.01
C GLU J 444 12.99 4.29 -54.61
N ARG J 445 13.55 3.21 -54.05
CA ARG J 445 14.85 2.70 -54.51
C ARG J 445 14.81 2.40 -56.00
N ALA J 446 13.82 1.63 -56.42
CA ALA J 446 13.61 1.39 -57.83
C ALA J 446 13.58 2.71 -58.62
N ALA J 447 12.86 3.70 -58.12
CA ALA J 447 12.79 4.94 -58.89
C ALA J 447 14.19 5.56 -59.02
N ARG J 448 14.91 5.57 -57.91
CA ARG J 448 16.24 6.14 -57.90
C ARG J 448 17.19 5.35 -58.78
N GLU J 449 16.96 4.04 -58.91
CA GLU J 449 17.78 3.21 -59.80
C GLU J 449 17.68 3.77 -61.24
N ILE J 450 16.45 4.13 -61.64
CA ILE J 450 16.24 4.68 -62.97
C ILE J 450 16.87 6.06 -63.08
N LEU J 451 16.71 6.85 -62.02
CA LEU J 451 17.36 8.15 -62.00
C LEU J 451 18.84 7.95 -62.31
N HIS J 452 19.47 7.04 -61.58
CA HIS J 452 20.91 6.81 -61.77
C HIS J 452 21.29 6.36 -63.16
N ALA J 453 20.42 5.56 -63.78
CA ALA J 453 20.69 5.01 -65.11
C ALA J 453 20.70 6.14 -66.14
N MET J 454 19.89 7.16 -65.86
CA MET J 454 19.80 8.35 -66.72
C MET J 454 20.89 9.35 -66.42
N GLY J 455 21.80 8.96 -65.53
CA GLY J 455 22.90 9.80 -65.09
C GLY J 455 22.44 11.11 -64.45
N LYS J 456 21.39 11.06 -63.60
CA LYS J 456 20.90 12.24 -62.91
C LYS J 456 21.34 12.28 -61.48
N ILE J 457 21.73 11.14 -60.92
CA ILE J 457 22.28 11.05 -59.55
C ILE J 457 23.33 9.95 -59.49
N PRO J 458 24.28 10.04 -58.57
CA PRO J 458 25.34 9.00 -58.47
C PRO J 458 24.83 7.63 -57.95
N GLU J 459 25.60 6.56 -58.14
CA GLU J 459 25.27 5.26 -57.56
C GLU J 459 25.18 5.32 -56.03
N ASP J 460 26.17 6.01 -55.46
CA ASP J 460 26.15 6.61 -54.12
C ASP J 460 24.75 6.85 -53.49
N GLU J 461 23.83 7.33 -54.32
CA GLU J 461 22.56 7.89 -53.86
C GLU J 461 21.31 7.01 -54.08
N ILE J 462 21.51 5.77 -54.55
CA ILE J 462 20.39 4.87 -54.86
C ILE J 462 19.70 4.41 -53.60
N TRP J 463 20.46 3.85 -52.69
CA TRP J 463 19.94 3.49 -51.38
C TRP J 463 20.04 4.67 -50.40
N GLN J 464 18.92 5.23 -49.96
CA GLN J 464 18.98 6.33 -48.99
C GLN J 464 18.56 5.88 -47.61
N SER J 465 19.22 6.38 -46.58
CA SER J 465 18.76 6.11 -45.23
C SER J 465 17.65 7.12 -44.93
N GLU J 466 16.90 6.89 -43.85
CA GLU J 466 15.71 7.72 -43.53
C GLU J 466 15.75 8.29 -42.09
N PRO J 467 15.54 9.62 -41.97
CA PRO J 467 15.55 10.26 -40.63
C PRO J 467 14.42 9.67 -39.79
N GLU J 468 14.72 9.37 -38.51
CA GLU J 468 13.70 8.86 -37.56
C GLU J 468 12.51 9.82 -37.41
N SER J 469 11.31 9.28 -37.26
CA SER J 469 10.11 10.10 -37.10
C SER J 469 10.14 10.83 -35.77
N VAL J 470 9.61 12.05 -35.78
CA VAL J 470 9.47 12.87 -34.57
C VAL J 470 8.22 12.49 -33.78
N ASP J 471 7.11 12.26 -34.49
CA ASP J 471 5.83 11.84 -33.87
C ASP J 471 5.79 10.41 -33.35
N VAL J 472 6.61 9.51 -33.89
CA VAL J 472 6.63 8.14 -33.41
C VAL J 472 8.06 7.71 -33.15
N PRO J 473 8.69 8.25 -32.12
CA PRO J 473 10.09 7.90 -31.81
C PRO J 473 10.20 6.43 -31.40
N ALA J 474 11.32 5.79 -31.71
CA ALA J 474 11.52 4.38 -31.40
C ALA J 474 12.26 4.21 -30.10
N GLN J 475 11.54 3.74 -29.09
CA GLN J 475 12.15 3.15 -27.91
C GLN J 475 12.97 1.95 -28.35
N PRO J 476 14.24 1.87 -27.94
CA PRO J 476 15.09 0.72 -28.31
C PRO J 476 14.65 -0.53 -27.53
N ILE J 477 15.05 -1.69 -28.02
CA ILE J 477 14.64 -2.94 -27.40
C ILE J 477 15.70 -3.41 -26.41
N THR J 478 15.24 -3.85 -25.24
CA THR J 478 16.16 -4.25 -24.17
C THR J 478 15.82 -5.62 -23.64
N THR J 479 16.81 -6.26 -23.02
CA THR J 479 16.62 -7.58 -22.43
C THR J 479 17.18 -7.67 -21.02
N THR J 480 16.47 -8.42 -20.19
CA THR J 480 16.89 -8.77 -18.83
C THR J 480 18.19 -9.55 -18.82
N PHE J 481 19.01 -9.36 -17.80
CA PHE J 481 20.19 -10.20 -17.61
C PHE J 481 19.77 -11.67 -17.63
N LEU J 482 18.72 -11.99 -16.89
CA LEU J 482 18.22 -13.37 -16.82
C LEU J 482 17.76 -13.92 -18.19
N GLU J 483 17.09 -13.06 -18.97
CA GLU J 483 16.69 -13.42 -20.34
C GLU J 483 17.90 -13.85 -21.16
N ARG J 484 18.98 -13.08 -21.06
CA ARG J 484 20.19 -13.31 -21.83
C ARG J 484 20.97 -14.56 -21.40
N HIS J 485 20.75 -15.04 -20.17
CA HIS J 485 21.66 -16.04 -19.62
C HIS J 485 21.09 -17.33 -19.09
N LEU J 486 19.76 -17.38 -18.91
CA LEU J 486 19.14 -18.62 -18.46
C LEU J 486 19.46 -19.75 -19.46
N PRO J 487 19.73 -20.96 -18.97
CA PRO J 487 19.97 -22.12 -19.85
C PRO J 487 18.76 -22.50 -20.72
N SER J 488 19.01 -23.17 -21.85
CA SER J 488 17.97 -23.84 -22.60
C SER J 488 17.60 -25.12 -21.84
N VAL J 489 16.58 -25.83 -22.29
CA VAL J 489 16.25 -27.06 -21.58
C VAL J 489 17.42 -28.03 -21.70
N PRO J 490 17.96 -28.26 -22.92
CA PRO J 490 19.12 -29.13 -23.05
C PRO J 490 20.31 -28.57 -22.26
N GLY J 491 20.51 -27.26 -22.33
CA GLY J 491 21.58 -26.60 -21.60
C GLY J 491 21.55 -26.88 -20.11
N LEU J 492 20.35 -26.94 -19.53
CA LEU J 492 20.15 -27.30 -18.13
C LEU J 492 20.48 -28.77 -17.92
N LEU J 493 19.96 -29.62 -18.80
CA LEU J 493 20.27 -31.04 -18.74
C LEU J 493 21.77 -31.33 -18.77
N ARG J 494 22.52 -30.56 -19.56
CA ARG J 494 23.96 -30.73 -19.61
C ARG J 494 24.60 -30.63 -18.22
N LEU J 495 24.18 -29.61 -17.44
CA LEU J 495 24.69 -29.34 -16.08
C LEU J 495 24.65 -30.57 -15.15
N ILE J 496 23.50 -31.23 -15.13
CA ILE J 496 23.19 -32.36 -14.25
C ILE J 496 23.73 -33.72 -14.78
N GLY J 497 23.79 -33.87 -16.11
CA GLY J 497 24.29 -35.07 -16.76
C GLY J 497 25.81 -35.26 -16.71
N LEU J 498 26.51 -34.23 -16.25
CA LEU J 498 27.97 -34.25 -16.02
C LEU J 498 28.31 -34.72 -14.58
N THR J 499 27.41 -34.44 -13.63
CA THR J 499 27.54 -34.80 -12.19
C THR J 499 27.39 -36.32 -11.86
N THR J 500 26.55 -37.04 -12.63
CA THR J 500 26.15 -38.46 -12.37
C THR J 500 27.05 -39.30 -11.44
#